data_2KA4
#
_entry.id   2KA4
#
loop_
_entity.id
_entity.type
_entity.pdbx_description
1 polymer 'Crebbp protein'
2 polymer 'Signal transducer and activator of transcription 2'
3 non-polymer 'ZINC ION'
#
loop_
_entity_poly.entity_id
_entity_poly.type
_entity_poly.pdbx_seq_one_letter_code
_entity_poly.pdbx_strand_id
1 'polypeptide(L)'
;ATGPTADPEKRKLIQQQLVLLLHAHKCQRREQANGEVRACSLPHCRTMKNVLNHMTHCQAGKACQVAHCASSRQIISHWK
NCTRHDCPVCLPLKNASDKR
;
A
2 'polypeptide(L)' GSHMVPEPDLPHDLRHLNTEPMEIFRNSVKIEEIMPNGDPLLAGQNTVDEVYVSRPS B
#
loop_
_chem_comp.id
_chem_comp.type
_chem_comp.name
_chem_comp.formula
ZN non-polymer 'ZINC ION' 'Zn 2'
#
# COMPACT_ATOMS: atom_id res chain seq x y z
N ALA A 1 11.68 6.29 -18.83
CA ALA A 1 12.10 5.27 -17.88
C ALA A 1 12.74 5.86 -16.59
N THR A 2 12.97 7.17 -16.56
CA THR A 2 13.59 7.91 -15.43
C THR A 2 12.90 9.24 -15.10
N GLY A 3 12.04 9.77 -15.98
CA GLY A 3 11.27 11.00 -15.78
C GLY A 3 10.07 10.79 -14.84
N PRO A 4 9.32 11.86 -14.49
CA PRO A 4 8.15 11.78 -13.59
C PRO A 4 7.02 10.85 -14.06
N THR A 5 7.03 10.46 -15.34
CA THR A 5 6.08 9.52 -15.95
C THR A 5 6.35 8.05 -15.58
N ALA A 6 7.51 7.72 -15.02
CA ALA A 6 7.90 6.36 -14.62
C ALA A 6 8.62 6.28 -13.26
N ASP A 7 9.47 7.27 -12.98
CA ASP A 7 10.28 7.52 -11.76
C ASP A 7 10.52 6.29 -10.85
N PRO A 8 11.57 5.48 -11.12
CA PRO A 8 11.91 4.29 -10.35
C PRO A 8 11.94 4.46 -8.82
N GLU A 9 12.46 5.60 -8.35
CA GLU A 9 12.56 5.92 -6.91
C GLU A 9 11.16 6.11 -6.29
N LYS A 10 10.33 6.96 -6.93
CA LYS A 10 8.94 7.22 -6.50
C LYS A 10 8.07 5.97 -6.61
N ARG A 11 8.18 5.23 -7.72
CA ARG A 11 7.45 4.00 -8.00
C ARG A 11 7.58 3.00 -6.83
N LYS A 12 8.80 2.84 -6.30
CA LYS A 12 9.06 1.98 -5.12
C LYS A 12 8.43 2.56 -3.84
N LEU A 13 8.44 3.88 -3.63
CA LEU A 13 7.82 4.51 -2.46
C LEU A 13 6.29 4.27 -2.35
N ILE A 14 5.49 4.45 -3.42
CA ILE A 14 4.05 4.13 -3.33
C ILE A 14 3.84 2.62 -3.11
N GLN A 15 4.58 1.74 -3.81
CA GLN A 15 4.51 0.28 -3.61
C GLN A 15 4.73 -0.12 -2.15
N GLN A 16 5.78 0.42 -1.53
CA GLN A 16 6.17 0.13 -0.17
C GLN A 16 5.09 0.54 0.84
N GLN A 17 4.52 1.75 0.75
CA GLN A 17 3.42 2.17 1.64
C GLN A 17 2.17 1.29 1.41
N LEU A 18 1.81 1.02 0.15
CA LEU A 18 0.65 0.19 -0.21
C LEU A 18 0.73 -1.17 0.50
N VAL A 19 1.83 -1.89 0.29
CA VAL A 19 2.07 -3.20 0.93
C VAL A 19 2.12 -3.14 2.45
N LEU A 20 2.74 -2.11 3.04
CA LEU A 20 2.77 -1.94 4.49
C LEU A 20 1.35 -1.84 5.08
N LEU A 21 0.43 -1.13 4.42
CA LEU A 21 -0.98 -1.04 4.84
C LEU A 21 -1.67 -2.41 4.73
N LEU A 22 -1.45 -3.13 3.62
CA LEU A 22 -2.01 -4.48 3.42
C LEU A 22 -1.60 -5.44 4.54
N HIS A 23 -0.34 -5.39 4.95
CA HIS A 23 0.17 -6.18 6.08
C HIS A 23 -0.55 -5.76 7.36
N ALA A 24 -0.44 -4.49 7.72
CA ALA A 24 -1.00 -3.91 8.93
C ALA A 24 -2.52 -4.06 9.10
N HIS A 25 -3.32 -4.06 8.02
CA HIS A 25 -4.78 -4.25 8.10
C HIS A 25 -5.13 -5.56 8.82
N LYS A 26 -4.56 -6.69 8.38
CA LYS A 26 -4.76 -8.01 9.01
C LYS A 26 -3.92 -8.16 10.27
N CYS A 27 -2.72 -7.56 10.32
CA CYS A 27 -1.88 -7.61 11.52
C CYS A 27 -2.55 -6.92 12.72
N GLN A 28 -3.31 -5.84 12.50
CA GLN A 28 -4.10 -5.16 13.54
C GLN A 28 -5.15 -6.14 14.13
N ARG A 29 -5.80 -6.94 13.26
CA ARG A 29 -6.76 -7.98 13.66
C ARG A 29 -6.08 -9.09 14.47
N ARG A 30 -4.91 -9.57 14.02
CA ARG A 30 -4.04 -10.55 14.68
C ARG A 30 -3.61 -10.07 16.07
N GLU A 31 -3.19 -8.82 16.18
CA GLU A 31 -2.72 -8.18 17.41
C GLU A 31 -3.86 -8.00 18.43
N GLN A 32 -5.00 -7.44 17.99
CA GLN A 32 -6.20 -7.26 18.84
C GLN A 32 -6.78 -8.59 19.35
N ALA A 33 -6.68 -9.68 18.57
CA ALA A 33 -7.12 -11.02 18.98
C ALA A 33 -6.34 -11.57 20.20
N ASN A 34 -5.20 -10.96 20.55
CA ASN A 34 -4.35 -11.28 21.70
C ASN A 34 -3.98 -9.98 22.48
N GLY A 35 -4.91 -9.01 22.50
CA GLY A 35 -4.82 -7.72 23.17
C GLY A 35 -3.85 -6.72 22.50
N GLU A 36 -2.54 -6.92 22.69
CA GLU A 36 -1.47 -6.04 22.19
C GLU A 36 -0.13 -6.79 22.01
N VAL A 37 -0.17 -8.10 21.75
CA VAL A 37 1.02 -8.98 21.63
C VAL A 37 2.11 -8.41 20.69
N ARG A 38 3.38 -8.53 21.10
CA ARG A 38 4.57 -8.06 20.36
C ARG A 38 5.17 -9.14 19.43
N ALA A 39 4.33 -10.05 18.92
CA ALA A 39 4.73 -11.17 18.07
C ALA A 39 5.22 -10.80 16.64
N CYS A 40 4.97 -9.56 16.17
CA CYS A 40 5.36 -9.10 14.84
C CYS A 40 6.81 -8.59 14.74
N SER A 41 7.21 -8.11 13.56
CA SER A 41 8.56 -7.60 13.25
C SER A 41 8.66 -6.58 12.11
N LEU A 42 7.58 -6.23 11.39
CA LEU A 42 7.62 -5.24 10.30
C LEU A 42 8.06 -3.84 10.83
N PRO A 43 9.12 -3.20 10.28
CA PRO A 43 9.64 -1.88 10.68
C PRO A 43 8.63 -0.74 10.91
N HIS A 44 7.47 -0.79 10.24
CA HIS A 44 6.41 0.23 10.29
C HIS A 44 5.02 -0.36 10.57
N CYS A 45 4.92 -1.58 11.12
CA CYS A 45 3.65 -2.21 11.48
C CYS A 45 2.83 -1.27 12.38
N ARG A 46 3.46 -0.78 13.46
CA ARG A 46 2.93 0.22 14.40
C ARG A 46 2.54 1.53 13.73
N THR A 47 3.35 2.00 12.77
CA THR A 47 3.11 3.26 12.03
C THR A 47 1.81 3.15 11.25
N MET A 48 1.66 2.06 10.49
CA MET A 48 0.47 1.77 9.70
C MET A 48 -0.74 1.53 10.60
N LYS A 49 -0.64 0.74 11.68
CA LYS A 49 -1.74 0.49 12.64
C LYS A 49 -2.31 1.79 13.22
N ASN A 50 -1.45 2.74 13.56
CA ASN A 50 -1.88 4.08 14.02
C ASN A 50 -2.65 4.84 12.93
N VAL A 51 -2.14 4.85 11.68
CA VAL A 51 -2.77 5.50 10.52
C VAL A 51 -4.11 4.82 10.14
N LEU A 52 -4.17 3.49 10.18
CA LEU A 52 -5.34 2.67 9.84
C LEU A 52 -6.47 2.85 10.86
N ASN A 53 -6.17 2.77 12.15
CA ASN A 53 -7.16 3.02 13.21
C ASN A 53 -7.72 4.44 13.08
N HIS A 54 -6.87 5.42 12.76
CA HIS A 54 -7.27 6.81 12.50
C HIS A 54 -8.22 6.88 11.27
N MET A 55 -7.80 6.32 10.13
CA MET A 55 -8.56 6.26 8.86
C MET A 55 -9.97 5.69 9.02
N THR A 56 -10.12 4.71 9.91
CA THR A 56 -11.39 4.03 10.21
C THR A 56 -12.45 4.97 10.83
N HIS A 57 -12.04 6.17 11.29
CA HIS A 57 -12.94 7.19 11.86
C HIS A 57 -12.76 8.60 11.25
N CYS A 58 -11.65 8.88 10.58
CA CYS A 58 -11.35 10.18 9.96
C CYS A 58 -12.37 10.56 8.88
N GLN A 59 -12.81 11.83 8.90
CA GLN A 59 -13.81 12.41 8.00
C GLN A 59 -13.30 13.66 7.25
N ALA A 60 -12.06 14.10 7.49
CA ALA A 60 -11.45 15.24 6.81
C ALA A 60 -10.93 14.91 5.39
N GLY A 61 -10.70 13.62 5.10
CA GLY A 61 -10.24 13.08 3.82
C GLY A 61 -9.16 13.93 3.11
N LYS A 62 -9.50 14.49 1.95
CA LYS A 62 -8.61 15.34 1.12
C LYS A 62 -7.99 16.57 1.83
N ALA A 63 -8.47 16.93 3.03
CA ALA A 63 -8.01 18.06 3.83
C ALA A 63 -7.46 17.65 5.22
N CYS A 64 -7.29 16.34 5.48
CA CYS A 64 -6.78 15.81 6.74
C CYS A 64 -5.33 16.29 7.05
N GLN A 65 -5.02 16.42 8.35
CA GLN A 65 -3.71 16.81 8.86
C GLN A 65 -2.70 15.65 8.91
N VAL A 66 -3.14 14.38 8.82
CA VAL A 66 -2.28 13.19 8.82
C VAL A 66 -1.81 12.90 7.40
N ALA A 67 -0.51 13.12 7.14
CA ALA A 67 0.10 12.93 5.82
C ALA A 67 -0.15 11.53 5.19
N HIS A 68 -0.14 10.48 6.02
CA HIS A 68 -0.36 9.10 5.55
C HIS A 68 -1.84 8.73 5.34
N CYS A 69 -2.82 9.35 6.02
CA CYS A 69 -4.25 9.04 5.93
C CYS A 69 -4.83 9.14 4.51
N ALA A 70 -4.90 10.37 3.96
CA ALA A 70 -5.44 10.59 2.62
C ALA A 70 -4.66 9.83 1.54
N SER A 71 -3.33 9.73 1.72
CA SER A 71 -2.44 8.99 0.83
C SER A 71 -2.81 7.51 0.81
N SER A 72 -2.91 6.88 1.99
CA SER A 72 -3.32 5.49 2.18
C SER A 72 -4.72 5.21 1.62
N ARG A 73 -5.70 6.09 1.89
CA ARG A 73 -7.06 5.96 1.36
C ARG A 73 -7.07 5.87 -0.18
N GLN A 74 -6.27 6.70 -0.86
CA GLN A 74 -6.11 6.65 -2.33
C GLN A 74 -5.28 5.43 -2.78
N ILE A 75 -4.18 5.09 -2.10
CA ILE A 75 -3.28 3.98 -2.47
C ILE A 75 -3.98 2.61 -2.47
N ILE A 76 -4.84 2.33 -1.48
CA ILE A 76 -5.61 1.08 -1.36
C ILE A 76 -6.54 0.91 -2.57
N SER A 77 -7.27 1.98 -2.94
CA SER A 77 -8.21 2.00 -4.06
C SER A 77 -7.60 1.61 -5.43
N HIS A 78 -6.30 1.80 -5.64
CA HIS A 78 -5.64 1.39 -6.89
C HIS A 78 -5.59 -0.14 -6.98
N TRP A 79 -4.91 -0.79 -6.03
CA TRP A 79 -4.76 -2.26 -5.94
C TRP A 79 -6.12 -2.98 -5.87
N LYS A 80 -7.13 -2.35 -5.26
CA LYS A 80 -8.52 -2.85 -5.21
C LYS A 80 -9.16 -3.08 -6.59
N ASN A 81 -8.68 -2.42 -7.65
CA ASN A 81 -9.29 -2.44 -8.98
C ASN A 81 -8.35 -2.79 -10.16
N CYS A 82 -7.06 -2.51 -10.08
CA CYS A 82 -6.11 -2.78 -11.17
C CYS A 82 -5.91 -4.28 -11.45
N THR A 83 -5.83 -4.63 -12.74
CA THR A 83 -5.65 -6.00 -13.25
C THR A 83 -4.57 -6.11 -14.35
N ARG A 84 -4.00 -4.97 -14.80
CA ARG A 84 -2.94 -4.88 -15.81
C ARG A 84 -1.68 -5.64 -15.35
N HIS A 85 -1.30 -6.69 -16.08
CA HIS A 85 -0.15 -7.56 -15.78
C HIS A 85 1.23 -6.89 -15.88
N ASP A 86 1.32 -5.66 -16.39
CA ASP A 86 2.58 -4.89 -16.54
C ASP A 86 2.53 -3.49 -15.90
N CYS A 87 1.54 -3.24 -15.03
CA CYS A 87 1.43 -2.02 -14.25
C CYS A 87 2.75 -1.88 -13.43
N PRO A 88 3.47 -0.75 -13.47
CA PRO A 88 4.77 -0.62 -12.80
C PRO A 88 4.65 -0.83 -11.30
N VAL A 89 3.62 -0.23 -10.70
CA VAL A 89 3.36 -0.26 -9.26
C VAL A 89 2.79 -1.62 -8.83
N CYS A 90 1.75 -2.14 -9.46
CA CYS A 90 1.19 -3.43 -9.05
C CYS A 90 2.06 -4.65 -9.35
N LEU A 91 2.91 -4.67 -10.39
CA LEU A 91 3.68 -5.85 -10.79
C LEU A 91 4.29 -6.67 -9.62
N PRO A 92 5.08 -6.09 -8.68
CA PRO A 92 5.60 -6.85 -7.55
C PRO A 92 4.49 -7.48 -6.68
N LEU A 93 3.33 -6.83 -6.52
CA LEU A 93 2.18 -7.37 -5.77
C LEU A 93 1.46 -8.47 -6.57
N LYS A 94 1.25 -8.26 -7.87
CA LYS A 94 0.66 -9.22 -8.82
C LYS A 94 1.52 -10.49 -8.87
N ASN A 95 2.84 -10.35 -8.69
CA ASN A 95 3.81 -11.44 -8.58
C ASN A 95 3.75 -12.09 -7.16
N ALA A 96 3.70 -11.28 -6.10
CA ALA A 96 3.56 -11.70 -4.69
C ALA A 96 2.31 -12.58 -4.43
N SER A 97 1.29 -12.43 -5.29
CA SER A 97 0.00 -13.13 -5.23
C SER A 97 -0.23 -14.11 -6.40
N ASP A 98 0.80 -14.39 -7.20
CA ASP A 98 0.76 -15.36 -8.31
C ASP A 98 0.80 -16.82 -7.82
N LYS A 99 0.27 -17.77 -8.61
CA LYS A 99 0.24 -19.22 -8.30
C LYS A 99 1.61 -19.92 -8.39
N ARG A 100 2.60 -19.36 -9.11
CA ARG A 100 3.95 -19.93 -9.29
C ARG A 100 4.64 -20.26 -7.95
N GLY B 1 16.34 -2.17 -21.88
CA GLY B 1 16.38 -3.53 -22.40
C GLY B 1 17.78 -4.04 -22.75
N SER B 2 18.78 -3.15 -22.85
CA SER B 2 20.19 -3.48 -23.15
C SER B 2 20.92 -4.23 -22.02
N HIS B 3 20.43 -4.11 -20.78
CA HIS B 3 20.96 -4.76 -19.57
C HIS B 3 19.84 -5.09 -18.56
N MET B 4 18.80 -4.24 -18.48
CA MET B 4 17.63 -4.39 -17.61
C MET B 4 16.42 -3.68 -18.28
N VAL B 5 15.21 -4.21 -18.07
CA VAL B 5 13.98 -3.65 -18.65
C VAL B 5 13.69 -2.21 -18.15
N PRO B 6 13.09 -1.33 -18.99
CA PRO B 6 12.77 0.05 -18.59
C PRO B 6 11.58 0.10 -17.63
N GLU B 7 11.52 1.15 -16.81
CA GLU B 7 10.45 1.42 -15.84
C GLU B 7 9.12 1.73 -16.55
N PRO B 8 8.07 0.89 -16.40
CA PRO B 8 6.76 1.14 -17.00
C PRO B 8 6.11 2.47 -16.55
N ASP B 9 5.10 2.93 -17.28
CA ASP B 9 4.34 4.18 -17.04
C ASP B 9 3.58 4.20 -15.69
N LEU B 10 4.10 4.93 -14.70
CA LEU B 10 3.55 5.06 -13.32
C LEU B 10 2.07 5.49 -13.40
N PRO B 11 1.12 4.76 -12.79
CA PRO B 11 -0.31 5.11 -12.86
C PRO B 11 -0.59 6.54 -12.38
N HIS B 12 -1.19 7.37 -13.25
CA HIS B 12 -1.45 8.79 -12.98
C HIS B 12 -2.22 9.07 -11.68
N ASP B 13 -3.15 8.19 -11.30
CA ASP B 13 -3.89 8.31 -10.03
C ASP B 13 -2.98 8.15 -8.79
N LEU B 14 -1.85 7.44 -8.91
CA LEU B 14 -0.83 7.32 -7.85
C LEU B 14 0.23 8.43 -7.95
N ARG B 15 0.46 9.05 -9.12
CA ARG B 15 1.39 10.20 -9.25
C ARG B 15 0.97 11.36 -8.34
N HIS B 16 -0.33 11.53 -8.15
CA HIS B 16 -0.94 12.56 -7.30
C HIS B 16 -0.59 12.41 -5.80
N LEU B 17 -0.21 11.21 -5.35
CA LEU B 17 0.19 10.96 -3.96
C LEU B 17 1.56 11.62 -3.67
N ASN B 18 1.63 12.51 -2.67
CA ASN B 18 2.90 13.08 -2.25
C ASN B 18 3.72 11.96 -1.57
N THR B 19 4.88 11.62 -2.15
CA THR B 19 5.77 10.54 -1.69
C THR B 19 6.82 10.96 -0.66
N GLU B 20 6.93 12.24 -0.30
CA GLU B 20 7.87 12.69 0.75
C GLU B 20 7.64 11.98 2.10
N PRO B 21 6.40 11.81 2.60
CA PRO B 21 6.15 11.07 3.85
C PRO B 21 6.60 9.61 3.74
N MET B 22 6.43 8.99 2.57
CA MET B 22 6.79 7.60 2.30
C MET B 22 8.30 7.33 2.37
N GLU B 23 9.17 8.35 2.30
CA GLU B 23 10.63 8.18 2.37
C GLU B 23 11.11 7.35 3.58
N ILE B 24 10.35 7.31 4.68
CA ILE B 24 10.67 6.47 5.84
C ILE B 24 10.58 4.96 5.52
N PHE B 25 9.75 4.56 4.54
CA PHE B 25 9.53 3.18 4.08
C PHE B 25 10.52 2.71 3.01
N ARG B 26 11.34 3.61 2.44
CA ARG B 26 12.27 3.36 1.30
C ARG B 26 13.16 2.12 1.40
N ASN B 27 13.46 1.61 2.59
CA ASN B 27 14.28 0.41 2.80
C ASN B 27 13.74 -0.45 3.97
N SER B 28 12.41 -0.49 4.14
CA SER B 28 11.74 -1.14 5.29
C SER B 28 10.58 -2.09 4.94
N VAL B 29 10.50 -2.61 3.71
CA VAL B 29 9.40 -3.48 3.24
C VAL B 29 9.89 -4.59 2.30
N LYS B 30 9.10 -5.67 2.21
CA LYS B 30 9.28 -6.84 1.33
C LYS B 30 8.01 -7.04 0.49
N ILE B 31 7.90 -6.30 -0.62
CA ILE B 31 6.72 -6.26 -1.50
C ILE B 31 6.20 -7.66 -1.86
N GLU B 32 7.13 -8.60 -2.07
CA GLU B 32 6.86 -9.99 -2.47
C GLU B 32 6.65 -11.00 -1.32
N GLU B 33 7.09 -10.72 -0.09
CA GLU B 33 6.95 -11.67 1.03
C GLU B 33 5.82 -11.34 2.03
N ILE B 34 5.29 -10.10 2.03
CA ILE B 34 4.16 -9.68 2.88
C ILE B 34 2.86 -10.42 2.48
N MET B 35 2.61 -10.54 1.16
CA MET B 35 1.40 -11.11 0.57
C MET B 35 1.13 -12.57 0.97
N PRO B 36 -0.13 -12.97 1.28
CA PRO B 36 -0.51 -14.35 1.61
C PRO B 36 -0.53 -15.32 0.40
N ASN B 37 0.09 -14.94 -0.73
CA ASN B 37 0.20 -15.69 -2.00
C ASN B 37 -1.12 -16.31 -2.55
N GLY B 38 -2.28 -15.68 -2.29
CA GLY B 38 -3.59 -16.16 -2.72
C GLY B 38 -3.90 -15.85 -4.20
N ASP B 39 -4.32 -14.61 -4.48
CA ASP B 39 -4.66 -14.12 -5.83
C ASP B 39 -4.59 -12.58 -5.88
N PRO B 40 -4.30 -11.95 -7.03
CA PRO B 40 -4.29 -10.49 -7.14
C PRO B 40 -5.70 -9.88 -7.22
N LEU B 41 -6.58 -10.47 -8.06
CA LEU B 41 -7.96 -10.01 -8.30
C LEU B 41 -8.85 -10.04 -7.03
N LEU B 42 -8.47 -10.89 -6.07
CA LEU B 42 -9.05 -11.07 -4.74
C LEU B 42 -8.91 -9.79 -3.88
N ALA B 43 -8.07 -8.83 -4.28
CA ALA B 43 -7.86 -7.54 -3.63
C ALA B 43 -9.13 -6.69 -3.44
N GLY B 44 -10.21 -6.94 -4.21
CA GLY B 44 -11.49 -6.20 -4.10
C GLY B 44 -12.09 -6.18 -2.68
N GLN B 45 -11.84 -7.21 -1.86
CA GLN B 45 -12.36 -7.33 -0.48
C GLN B 45 -11.31 -7.75 0.56
N ASN B 46 -10.20 -8.39 0.17
CA ASN B 46 -9.15 -8.83 1.10
C ASN B 46 -8.29 -7.70 1.71
N THR B 47 -8.27 -6.54 1.04
CA THR B 47 -7.41 -5.38 1.36
C THR B 47 -7.87 -4.50 2.52
N VAL B 48 -9.10 -4.01 2.46
CA VAL B 48 -9.74 -3.07 3.40
C VAL B 48 -11.25 -2.95 3.06
N ASP B 49 -12.06 -2.25 3.86
CA ASP B 49 -13.49 -2.04 3.58
C ASP B 49 -13.99 -0.60 3.77
N GLU B 50 -15.20 -0.28 3.29
CA GLU B 50 -15.80 1.07 3.30
C GLU B 50 -15.82 1.75 4.69
N VAL B 51 -16.03 0.98 5.76
CA VAL B 51 -15.98 1.49 7.15
C VAL B 51 -14.54 1.83 7.56
N TYR B 52 -13.57 1.09 7.02
CA TYR B 52 -12.13 1.25 7.22
C TYR B 52 -11.56 2.54 6.63
N VAL B 53 -12.27 3.12 5.66
CA VAL B 53 -11.86 4.33 4.92
C VAL B 53 -12.87 5.49 5.05
N SER B 54 -13.89 5.30 5.88
CA SER B 54 -14.95 6.28 6.15
C SER B 54 -15.64 6.81 4.89
N ARG B 55 -16.13 5.89 4.05
CA ARG B 55 -16.84 6.17 2.78
C ARG B 55 -17.93 7.27 2.94
N PRO B 56 -17.82 8.43 2.25
CA PRO B 56 -18.76 9.54 2.40
C PRO B 56 -20.11 9.36 1.69
N SER B 57 -20.17 8.56 0.61
CA SER B 57 -21.39 8.32 -0.18
C SER B 57 -21.35 6.99 -0.96
ZN ZN C . 2.62 -7.00 11.48
ZN ZN D . -7.30 11.46 8.40
ZN ZN E . -2.04 -1.03 -11.07
N ALA A 1 7.91 6.63 -25.46
CA ALA A 1 6.50 6.37 -25.17
C ALA A 1 6.28 5.19 -24.19
N THR A 2 7.35 4.48 -23.81
CA THR A 2 7.33 3.33 -22.88
C THR A 2 7.10 3.72 -21.40
N GLY A 3 7.30 4.99 -21.05
CA GLY A 3 7.14 5.49 -19.67
C GLY A 3 7.12 7.02 -19.53
N PRO A 4 6.21 7.76 -20.20
CA PRO A 4 6.13 9.23 -20.13
C PRO A 4 5.90 9.82 -18.71
N THR A 5 5.46 8.99 -17.75
CA THR A 5 5.21 9.36 -16.33
C THR A 5 6.00 8.49 -15.34
N ALA A 6 6.99 7.73 -15.83
CA ALA A 6 7.82 6.84 -15.04
C ALA A 6 8.83 7.57 -14.12
N ASP A 7 9.08 6.99 -12.95
CA ASP A 7 10.09 7.42 -11.96
C ASP A 7 10.36 6.22 -11.01
N PRO A 8 11.44 5.45 -11.22
CA PRO A 8 11.74 4.25 -10.44
C PRO A 8 11.72 4.41 -8.90
N GLU A 9 12.29 5.49 -8.38
CA GLU A 9 12.34 5.75 -6.94
C GLU A 9 10.97 6.11 -6.36
N LYS A 10 10.26 7.05 -6.99
CA LYS A 10 8.91 7.46 -6.56
C LYS A 10 7.92 6.30 -6.69
N ARG A 11 8.01 5.51 -7.77
CA ARG A 11 7.21 4.29 -8.00
C ARG A 11 7.36 3.31 -6.84
N LYS A 12 8.58 3.07 -6.38
CA LYS A 12 8.86 2.18 -5.22
C LYS A 12 8.27 2.74 -3.93
N LEU A 13 8.26 4.06 -3.72
CA LEU A 13 7.69 4.66 -2.52
C LEU A 13 6.18 4.39 -2.36
N ILE A 14 5.34 4.58 -3.39
CA ILE A 14 3.91 4.21 -3.27
C ILE A 14 3.76 2.69 -3.09
N GLN A 15 4.55 1.86 -3.79
CA GLN A 15 4.51 0.39 -3.58
C GLN A 15 4.81 0.01 -2.12
N GLN A 16 5.86 0.60 -1.55
CA GLN A 16 6.30 0.33 -0.18
C GLN A 16 5.25 0.80 0.86
N GLN A 17 4.67 2.01 0.76
CA GLN A 17 3.59 2.43 1.68
C GLN A 17 2.36 1.52 1.52
N LEU A 18 1.95 1.22 0.27
CA LEU A 18 0.80 0.36 -0.02
C LEU A 18 0.94 -0.98 0.71
N VAL A 19 2.04 -1.71 0.47
CA VAL A 19 2.31 -3.00 1.12
C VAL A 19 2.39 -2.90 2.64
N LEU A 20 2.98 -1.84 3.20
CA LEU A 20 3.02 -1.66 4.66
C LEU A 20 1.60 -1.60 5.26
N LEU A 21 0.64 -0.96 4.57
CA LEU A 21 -0.76 -0.93 5.00
C LEU A 21 -1.39 -2.33 4.91
N LEU A 22 -1.14 -3.06 3.81
CA LEU A 22 -1.62 -4.45 3.64
C LEU A 22 -1.16 -5.34 4.80
N HIS A 23 0.12 -5.20 5.20
CA HIS A 23 0.67 -5.93 6.34
C HIS A 23 -0.02 -5.52 7.64
N ALA A 24 0.03 -4.23 7.97
CA ALA A 24 -0.53 -3.67 9.19
C ALA A 24 -2.01 -3.99 9.39
N HIS A 25 -2.81 -4.07 8.32
CA HIS A 25 -4.22 -4.47 8.39
C HIS A 25 -4.33 -5.87 9.04
N LYS A 26 -3.68 -6.88 8.44
CA LYS A 26 -3.63 -8.26 8.96
C LYS A 26 -2.97 -8.35 10.34
N CYS A 27 -1.89 -7.60 10.57
CA CYS A 27 -1.19 -7.56 11.84
C CYS A 27 -2.08 -7.01 12.98
N GLN A 28 -2.86 -5.96 12.69
CA GLN A 28 -3.85 -5.38 13.61
C GLN A 28 -5.00 -6.37 13.92
N ARG A 29 -5.20 -7.40 13.09
CA ARG A 29 -6.20 -8.48 13.28
C ARG A 29 -5.68 -9.67 14.10
N ARG A 30 -4.38 -9.79 14.42
CA ARG A 30 -3.84 -10.90 15.23
C ARG A 30 -4.62 -11.10 16.54
N GLU A 31 -4.94 -10.00 17.23
CA GLU A 31 -5.67 -10.04 18.50
C GLU A 31 -7.19 -10.27 18.35
N GLN A 32 -7.72 -10.12 17.13
CA GLN A 32 -9.12 -10.39 16.77
C GLN A 32 -9.30 -11.86 16.33
N ALA A 33 -8.34 -12.40 15.58
CA ALA A 33 -8.34 -13.76 15.02
C ALA A 33 -7.71 -14.85 15.93
N ASN A 34 -6.92 -14.49 16.94
CA ASN A 34 -6.24 -15.45 17.82
C ASN A 34 -6.24 -15.09 19.32
N GLY A 35 -5.63 -13.97 19.71
CA GLY A 35 -5.52 -13.53 21.10
C GLY A 35 -4.48 -12.44 21.32
N GLU A 36 -4.36 -11.96 22.56
CA GLU A 36 -3.47 -10.87 23.03
C GLU A 36 -1.95 -11.05 22.82
N VAL A 37 -1.51 -11.07 21.56
CA VAL A 37 -0.10 -11.18 21.12
C VAL A 37 0.18 -10.26 19.93
N ARG A 38 1.34 -9.58 19.97
CA ARG A 38 1.81 -8.60 18.97
C ARG A 38 3.33 -8.69 18.75
N ALA A 39 3.81 -9.94 18.60
CA ALA A 39 5.21 -10.35 18.42
C ALA A 39 5.90 -9.92 17.08
N CYS A 40 5.29 -9.01 16.32
CA CYS A 40 5.76 -8.53 15.02
C CYS A 40 7.13 -7.79 15.06
N SER A 41 7.69 -7.55 13.87
CA SER A 41 9.00 -6.92 13.61
C SER A 41 9.06 -6.00 12.38
N LEU A 42 7.95 -5.74 11.65
CA LEU A 42 7.96 -4.84 10.48
C LEU A 42 8.41 -3.41 10.92
N PRO A 43 9.46 -2.80 10.32
CA PRO A 43 10.01 -1.49 10.68
C PRO A 43 9.05 -0.33 10.97
N HIS A 44 7.88 -0.30 10.31
CA HIS A 44 6.87 0.77 10.44
C HIS A 44 5.46 0.23 10.71
N CYS A 45 5.34 -0.98 11.26
CA CYS A 45 4.06 -1.62 11.57
C CYS A 45 3.19 -0.70 12.47
N ARG A 46 3.80 -0.15 13.54
CA ARG A 46 3.16 0.81 14.45
C ARG A 46 2.72 2.10 13.76
N THR A 47 3.50 2.57 12.79
CA THR A 47 3.22 3.78 12.00
C THR A 47 1.92 3.61 11.23
N MET A 48 1.80 2.47 10.52
CA MET A 48 0.60 2.09 9.77
C MET A 48 -0.60 1.85 10.70
N LYS A 49 -0.45 1.09 11.79
CA LYS A 49 -1.52 0.82 12.78
C LYS A 49 -2.12 2.12 13.32
N ASN A 50 -1.29 3.11 13.65
CA ASN A 50 -1.76 4.43 14.10
C ASN A 50 -2.58 5.13 13.01
N VAL A 51 -2.08 5.15 11.77
CA VAL A 51 -2.76 5.75 10.60
C VAL A 51 -4.08 5.04 10.27
N LEU A 52 -4.13 3.71 10.42
CA LEU A 52 -5.30 2.86 10.14
C LEU A 52 -6.43 3.08 11.15
N ASN A 53 -6.11 3.07 12.44
CA ASN A 53 -7.07 3.39 13.50
C ASN A 53 -7.60 4.83 13.33
N HIS A 54 -6.73 5.80 12.98
CA HIS A 54 -7.11 7.18 12.68
C HIS A 54 -8.08 7.23 11.47
N MET A 55 -7.72 6.60 10.36
CA MET A 55 -8.51 6.50 9.12
C MET A 55 -9.92 5.98 9.34
N THR A 56 -10.09 5.08 10.30
CA THR A 56 -11.36 4.47 10.67
C THR A 56 -12.37 5.47 11.26
N HIS A 57 -11.95 6.70 11.56
CA HIS A 57 -12.79 7.79 12.07
C HIS A 57 -12.62 9.10 11.26
N CYS A 58 -11.48 9.31 10.60
CA CYS A 58 -11.19 10.47 9.77
C CYS A 58 -12.14 10.56 8.56
N GLN A 59 -12.54 11.79 8.21
CA GLN A 59 -13.50 12.12 7.14
C GLN A 59 -12.99 13.22 6.18
N ALA A 60 -11.72 13.63 6.29
CA ALA A 60 -11.10 14.69 5.47
C ALA A 60 -10.71 14.27 4.02
N GLY A 61 -11.01 13.03 3.60
CA GLY A 61 -10.72 12.52 2.25
C GLY A 61 -9.24 12.63 1.86
N LYS A 62 -8.96 13.00 0.62
CA LYS A 62 -7.59 13.17 0.06
C LYS A 62 -6.92 14.50 0.48
N ALA A 63 -7.41 15.17 1.52
CA ALA A 63 -6.92 16.47 2.01
C ALA A 63 -6.64 16.54 3.54
N CYS A 64 -6.57 15.40 4.23
CA CYS A 64 -6.28 15.32 5.67
C CYS A 64 -4.94 15.95 6.08
N GLN A 65 -4.87 16.43 7.32
CA GLN A 65 -3.68 16.98 7.96
C GLN A 65 -2.63 15.89 8.25
N VAL A 66 -3.04 14.63 8.44
CA VAL A 66 -2.13 13.49 8.65
C VAL A 66 -1.59 13.04 7.29
N ALA A 67 -0.31 13.29 7.05
CA ALA A 67 0.40 13.02 5.79
C ALA A 67 0.19 11.60 5.20
N HIS A 68 0.12 10.59 6.06
CA HIS A 68 -0.08 9.19 5.64
C HIS A 68 -1.55 8.76 5.50
N CYS A 69 -2.51 9.46 6.13
CA CYS A 69 -3.95 9.17 6.04
C CYS A 69 -4.48 9.41 4.62
N ALA A 70 -4.44 10.66 4.16
CA ALA A 70 -4.92 11.06 2.84
C ALA A 70 -4.27 10.27 1.70
N SER A 71 -2.98 9.93 1.82
CA SER A 71 -2.30 9.10 0.83
C SER A 71 -2.81 7.66 0.88
N SER A 72 -2.82 7.03 2.06
CA SER A 72 -3.34 5.67 2.26
C SER A 72 -4.76 5.50 1.70
N ARG A 73 -5.65 6.42 2.04
CA ARG A 73 -7.05 6.51 1.59
C ARG A 73 -7.19 6.34 0.07
N GLN A 74 -6.29 6.96 -0.69
CA GLN A 74 -6.19 6.84 -2.15
C GLN A 74 -5.38 5.59 -2.60
N ILE A 75 -4.26 5.27 -1.96
CA ILE A 75 -3.39 4.12 -2.33
C ILE A 75 -4.12 2.77 -2.28
N ILE A 76 -4.92 2.55 -1.23
CA ILE A 76 -5.75 1.35 -1.01
C ILE A 76 -6.72 1.16 -2.18
N SER A 77 -7.37 2.26 -2.60
CA SER A 77 -8.31 2.27 -3.73
C SER A 77 -7.73 1.79 -5.07
N HIS A 78 -6.41 1.86 -5.30
CA HIS A 78 -5.79 1.36 -6.53
C HIS A 78 -5.78 -0.19 -6.54
N TRP A 79 -5.21 -0.82 -5.51
CA TRP A 79 -5.14 -2.28 -5.35
C TRP A 79 -6.53 -2.95 -5.31
N LYS A 80 -7.55 -2.23 -4.79
CA LYS A 80 -8.96 -2.66 -4.77
C LYS A 80 -9.62 -2.77 -6.15
N ASN A 81 -9.01 -2.21 -7.22
CA ASN A 81 -9.61 -2.18 -8.56
C ASN A 81 -8.70 -2.63 -9.72
N CYS A 82 -7.39 -2.44 -9.64
CA CYS A 82 -6.45 -2.80 -10.71
C CYS A 82 -6.31 -4.33 -10.91
N THR A 83 -6.26 -4.75 -12.17
CA THR A 83 -6.10 -6.14 -12.64
C THR A 83 -5.02 -6.29 -13.73
N ARG A 84 -4.41 -5.18 -14.15
CA ARG A 84 -3.34 -5.06 -15.15
C ARG A 84 -2.09 -5.82 -14.69
N HIS A 85 -1.80 -6.97 -15.30
CA HIS A 85 -0.65 -7.84 -14.97
C HIS A 85 0.74 -7.24 -15.22
N ASP A 86 0.82 -6.01 -15.75
CA ASP A 86 2.07 -5.30 -16.07
C ASP A 86 2.09 -3.85 -15.52
N CYS A 87 1.18 -3.55 -14.57
CA CYS A 87 1.05 -2.26 -13.92
C CYS A 87 2.38 -1.88 -13.22
N PRO A 88 2.98 -0.70 -13.48
CA PRO A 88 4.25 -0.29 -12.90
C PRO A 88 4.29 -0.45 -11.37
N VAL A 89 3.20 -0.10 -10.68
CA VAL A 89 3.07 -0.18 -9.23
C VAL A 89 2.56 -1.55 -8.77
N CYS A 90 1.48 -2.11 -9.31
CA CYS A 90 1.00 -3.40 -8.80
C CYS A 90 1.87 -4.61 -9.13
N LEU A 91 2.68 -4.62 -10.21
CA LEU A 91 3.48 -5.79 -10.65
C LEU A 91 4.11 -6.60 -9.50
N PRO A 92 4.91 -6.02 -8.57
CA PRO A 92 5.46 -6.76 -7.44
C PRO A 92 4.39 -7.35 -6.52
N LEU A 93 3.25 -6.69 -6.29
CA LEU A 93 2.13 -7.23 -5.49
C LEU A 93 1.41 -8.37 -6.24
N LYS A 94 1.22 -8.21 -7.55
CA LYS A 94 0.62 -9.22 -8.45
C LYS A 94 1.55 -10.45 -8.52
N ASN A 95 2.86 -10.28 -8.38
CA ASN A 95 3.82 -11.38 -8.22
C ASN A 95 3.69 -11.98 -6.81
N ALA A 96 3.65 -11.15 -5.76
CA ALA A 96 3.48 -11.53 -4.34
C ALA A 96 2.23 -12.39 -4.07
N SER A 97 1.28 -12.44 -5.01
CA SER A 97 0.00 -13.14 -4.88
C SER A 97 -0.41 -14.04 -6.07
N ASP A 98 0.38 -14.11 -7.15
CA ASP A 98 0.09 -14.94 -8.33
C ASP A 98 1.36 -15.37 -9.13
N LYS A 99 2.49 -15.61 -8.45
CA LYS A 99 3.76 -16.05 -9.09
C LYS A 99 3.69 -17.45 -9.75
N ARG A 100 2.59 -18.19 -9.51
CA ARG A 100 2.25 -19.53 -10.00
C ARG A 100 2.56 -19.72 -11.50
N GLY B 1 7.40 -2.97 -13.60
CA GLY B 1 7.71 -2.77 -12.18
C GLY B 1 8.98 -3.47 -11.69
N SER B 2 9.85 -3.92 -12.62
CA SER B 2 11.12 -4.63 -12.34
C SER B 2 12.21 -4.19 -13.33
N HIS B 3 13.48 -4.29 -12.92
CA HIS B 3 14.67 -3.91 -13.70
C HIS B 3 14.84 -4.64 -15.05
N MET B 4 14.18 -5.79 -15.24
CA MET B 4 14.26 -6.60 -16.48
C MET B 4 13.59 -5.94 -17.70
N VAL B 5 12.87 -4.84 -17.50
CA VAL B 5 12.13 -4.04 -18.50
C VAL B 5 12.25 -2.54 -18.19
N PRO B 6 12.06 -1.62 -19.17
CA PRO B 6 12.07 -0.19 -18.90
C PRO B 6 10.88 0.18 -17.99
N GLU B 7 11.09 1.12 -17.06
CA GLU B 7 10.09 1.57 -16.08
C GLU B 7 8.74 1.97 -16.71
N PRO B 8 7.66 1.20 -16.53
CA PRO B 8 6.35 1.50 -17.10
C PRO B 8 5.76 2.84 -16.57
N ASP B 9 4.76 3.39 -17.28
CA ASP B 9 4.06 4.64 -16.95
C ASP B 9 3.22 4.59 -15.66
N LEU B 10 3.80 5.07 -14.55
CA LEU B 10 3.23 5.12 -13.19
C LEU B 10 1.76 5.61 -13.21
N PRO B 11 0.78 4.88 -12.63
CA PRO B 11 -0.63 5.25 -12.66
C PRO B 11 -0.92 6.68 -12.19
N HIS B 12 -1.61 7.46 -13.02
CA HIS B 12 -1.92 8.89 -12.78
C HIS B 12 -2.65 9.14 -11.45
N ASP B 13 -3.50 8.22 -10.99
CA ASP B 13 -4.18 8.34 -9.70
C ASP B 13 -3.20 8.22 -8.52
N LEU B 14 -2.09 7.49 -8.69
CA LEU B 14 -1.00 7.39 -7.70
C LEU B 14 0.08 8.47 -7.90
N ARG B 15 0.25 9.05 -9.10
CA ARG B 15 1.20 10.16 -9.37
C ARG B 15 1.01 11.33 -8.39
N HIS B 16 -0.26 11.65 -8.13
CA HIS B 16 -0.70 12.73 -7.24
C HIS B 16 -0.42 12.49 -5.74
N LEU B 17 -0.08 11.26 -5.32
CA LEU B 17 0.24 10.96 -3.92
C LEU B 17 1.58 11.58 -3.52
N ASN B 18 1.58 12.29 -2.38
CA ASN B 18 2.79 12.90 -1.81
C ASN B 18 3.73 11.81 -1.26
N THR B 19 4.82 11.54 -1.98
CA THR B 19 5.83 10.53 -1.62
C THR B 19 6.96 11.04 -0.72
N GLU B 20 7.07 12.35 -0.47
CA GLU B 20 8.10 12.90 0.45
C GLU B 20 8.03 12.31 1.88
N PRO B 21 6.85 12.20 2.54
CA PRO B 21 6.77 11.59 3.87
C PRO B 21 7.00 10.07 3.79
N MET B 22 6.75 9.44 2.63
CA MET B 22 6.98 8.01 2.40
C MET B 22 8.46 7.62 2.40
N GLU B 23 9.39 8.58 2.25
CA GLU B 23 10.84 8.32 2.23
C GLU B 23 11.36 7.48 3.40
N ILE B 24 10.68 7.48 4.56
CA ILE B 24 11.04 6.62 5.70
C ILE B 24 10.92 5.12 5.36
N PHE B 25 10.00 4.75 4.47
CA PHE B 25 9.74 3.36 4.03
C PHE B 25 10.68 2.86 2.92
N ARG B 26 11.45 3.75 2.26
CA ARG B 26 12.33 3.46 1.10
C ARG B 26 13.25 2.23 1.23
N ASN B 27 13.66 1.84 2.44
CA ASN B 27 14.53 0.68 2.69
C ASN B 27 14.00 -0.18 3.86
N SER B 28 12.67 -0.29 4.01
CA SER B 28 12.03 -0.95 5.17
C SER B 28 10.87 -1.90 4.85
N VAL B 29 10.75 -2.40 3.61
CA VAL B 29 9.64 -3.28 3.19
C VAL B 29 10.09 -4.36 2.19
N LYS B 30 9.32 -5.46 2.14
CA LYS B 30 9.47 -6.62 1.24
C LYS B 30 8.17 -6.82 0.47
N ILE B 31 8.03 -6.13 -0.66
CA ILE B 31 6.80 -6.10 -1.48
C ILE B 31 6.25 -7.51 -1.77
N GLU B 32 7.14 -8.48 -1.99
CA GLU B 32 6.79 -9.87 -2.31
C GLU B 32 6.65 -10.84 -1.13
N GLU B 33 7.21 -10.55 0.06
CA GLU B 33 7.16 -11.48 1.21
C GLU B 33 6.08 -11.15 2.26
N ILE B 34 5.54 -9.92 2.27
CA ILE B 34 4.46 -9.49 3.17
C ILE B 34 3.13 -10.22 2.88
N MET B 35 2.82 -10.37 1.59
CA MET B 35 1.55 -10.89 1.06
C MET B 35 1.24 -12.35 1.47
N PRO B 36 -0.04 -12.70 1.78
CA PRO B 36 -0.47 -14.08 2.09
C PRO B 36 -0.27 -15.10 0.94
N ASN B 37 0.11 -14.64 -0.27
CA ASN B 37 0.31 -15.43 -1.49
C ASN B 37 -0.93 -16.28 -1.90
N GLY B 38 -2.13 -15.73 -1.71
CA GLY B 38 -3.40 -16.39 -2.04
C GLY B 38 -3.90 -16.04 -3.45
N ASP B 39 -4.17 -14.75 -3.71
CA ASP B 39 -4.63 -14.19 -4.99
C ASP B 39 -4.52 -12.65 -5.01
N PRO B 40 -4.40 -11.99 -6.18
CA PRO B 40 -4.45 -10.53 -6.24
C PRO B 40 -5.88 -9.99 -6.01
N LEU B 41 -6.88 -10.73 -6.51
CA LEU B 41 -8.32 -10.43 -6.41
C LEU B 41 -8.85 -10.47 -4.96
N LEU B 42 -8.03 -11.00 -4.04
CA LEU B 42 -8.23 -11.10 -2.59
C LEU B 42 -8.33 -9.72 -1.91
N ALA B 43 -8.01 -8.63 -2.62
CA ALA B 43 -8.03 -7.24 -2.17
C ALA B 43 -9.26 -6.85 -1.31
N GLY B 44 -10.44 -7.43 -1.59
CA GLY B 44 -11.68 -7.24 -0.83
C GLY B 44 -11.60 -7.63 0.66
N GLN B 45 -10.68 -8.54 1.02
CA GLN B 45 -10.47 -9.03 2.39
C GLN B 45 -9.00 -8.89 2.87
N ASN B 46 -8.04 -8.78 1.93
CA ASN B 46 -6.62 -8.58 2.20
C ASN B 46 -6.31 -7.26 2.94
N THR B 47 -7.13 -6.22 2.74
CA THR B 47 -6.92 -4.89 3.33
C THR B 47 -8.23 -4.10 3.52
N VAL B 48 -8.10 -2.95 4.21
CA VAL B 48 -9.07 -1.87 4.51
C VAL B 48 -10.34 -1.92 3.66
N ASP B 49 -11.50 -2.17 4.28
CA ASP B 49 -12.78 -2.34 3.57
C ASP B 49 -13.97 -1.63 4.26
N GLU B 50 -15.21 -2.16 4.18
CA GLU B 50 -16.42 -1.57 4.78
C GLU B 50 -16.33 -1.25 6.28
N VAL B 51 -15.41 -1.90 7.03
CA VAL B 51 -15.17 -1.66 8.46
C VAL B 51 -14.07 -0.62 8.73
N TYR B 52 -13.58 0.06 7.69
CA TYR B 52 -12.51 1.05 7.72
C TYR B 52 -12.85 2.43 7.12
N VAL B 53 -13.80 2.49 6.19
CA VAL B 53 -14.18 3.72 5.46
C VAL B 53 -14.92 4.72 6.36
N SER B 54 -14.13 5.44 7.18
CA SER B 54 -14.51 6.44 8.20
C SER B 54 -15.50 6.01 9.29
N ARG B 55 -15.92 4.73 9.27
CA ARG B 55 -16.87 4.09 10.18
C ARG B 55 -16.50 2.62 10.41
N PRO B 56 -16.91 2.01 11.54
CA PRO B 56 -16.70 0.58 11.82
C PRO B 56 -17.64 -0.34 11.02
N SER B 57 -18.56 0.22 10.22
CA SER B 57 -19.57 -0.48 9.39
C SER B 57 -19.03 -1.72 8.68
ZN ZN C . 3.11 -6.44 11.67
ZN ZN D . -7.07 11.60 8.37
ZN ZN E . -2.37 -1.08 -10.81
N ALA A 1 12.35 3.23 -18.32
CA ALA A 1 12.94 3.84 -19.51
C ALA A 1 11.89 4.49 -20.46
N THR A 2 10.59 4.43 -20.12
CA THR A 2 9.51 5.00 -20.94
C THR A 2 9.51 6.54 -21.02
N GLY A 3 10.02 7.21 -19.99
CA GLY A 3 10.09 8.67 -19.87
C GLY A 3 10.40 9.14 -18.44
N PRO A 4 10.44 10.46 -18.18
CA PRO A 4 10.70 11.01 -16.84
C PRO A 4 9.60 10.66 -15.82
N THR A 5 8.38 10.37 -16.29
CA THR A 5 7.22 9.96 -15.48
C THR A 5 7.36 8.56 -14.86
N ALA A 6 8.34 7.76 -15.31
CA ALA A 6 8.59 6.41 -14.80
C ALA A 6 9.10 6.38 -13.34
N ASP A 7 9.87 7.41 -12.96
CA ASP A 7 10.51 7.66 -11.65
C ASP A 7 10.68 6.40 -10.75
N PRO A 8 11.73 5.60 -10.98
CA PRO A 8 12.02 4.36 -10.25
C PRO A 8 11.93 4.48 -8.71
N GLU A 9 12.46 5.57 -8.14
CA GLU A 9 12.44 5.82 -6.70
C GLU A 9 11.03 6.11 -6.19
N LYS A 10 10.28 6.99 -6.85
CA LYS A 10 8.88 7.28 -6.49
C LYS A 10 8.02 6.03 -6.63
N ARG A 11 8.15 5.30 -7.75
CA ARG A 11 7.45 4.04 -8.04
C ARG A 11 7.61 3.07 -6.87
N LYS A 12 8.83 2.91 -6.34
CA LYS A 12 9.12 2.07 -5.17
C LYS A 12 8.38 2.57 -3.92
N LEU A 13 8.36 3.87 -3.66
CA LEU A 13 7.70 4.47 -2.48
C LEU A 13 6.19 4.18 -2.38
N ILE A 14 5.39 4.42 -3.44
CA ILE A 14 3.96 4.06 -3.36
C ILE A 14 3.77 2.55 -3.19
N GLN A 15 4.55 1.70 -3.87
CA GLN A 15 4.48 0.24 -3.69
C GLN A 15 4.72 -0.15 -2.22
N GLN A 16 5.75 0.42 -1.60
CA GLN A 16 6.14 0.15 -0.23
C GLN A 16 5.05 0.58 0.78
N GLN A 17 4.48 1.80 0.67
CA GLN A 17 3.38 2.21 1.55
C GLN A 17 2.14 1.31 1.35
N LEU A 18 1.78 0.99 0.10
CA LEU A 18 0.63 0.12 -0.21
C LEU A 18 0.78 -1.23 0.49
N VAL A 19 1.91 -1.92 0.30
CA VAL A 19 2.18 -3.21 0.95
C VAL A 19 2.24 -3.13 2.47
N LEU A 20 2.83 -2.08 3.04
CA LEU A 20 2.86 -1.91 4.50
C LEU A 20 1.44 -1.83 5.07
N LEU A 21 0.51 -1.13 4.39
CA LEU A 21 -0.90 -1.08 4.78
C LEU A 21 -1.54 -2.47 4.65
N LEU A 22 -1.29 -3.19 3.54
CA LEU A 22 -1.79 -4.56 3.33
C LEU A 22 -1.31 -5.53 4.43
N HIS A 23 -0.09 -5.37 4.95
CA HIS A 23 0.40 -6.18 6.07
C HIS A 23 -0.36 -5.81 7.36
N ALA A 24 -0.29 -4.52 7.75
CA ALA A 24 -0.92 -3.98 8.95
C ALA A 24 -2.44 -4.25 9.02
N HIS A 25 -3.14 -4.22 7.89
CA HIS A 25 -4.57 -4.52 7.74
C HIS A 25 -4.99 -5.77 8.53
N LYS A 26 -4.31 -6.90 8.34
CA LYS A 26 -4.57 -8.16 9.05
C LYS A 26 -3.75 -8.29 10.33
N CYS A 27 -2.55 -7.70 10.40
CA CYS A 27 -1.73 -7.70 11.61
C CYS A 27 -2.47 -7.04 12.81
N GLN A 28 -3.23 -5.99 12.54
CA GLN A 28 -4.11 -5.29 13.50
C GLN A 28 -5.18 -6.23 14.07
N ARG A 29 -5.59 -7.25 13.29
CA ARG A 29 -6.64 -8.23 13.62
C ARG A 29 -6.07 -9.46 14.34
N ARG A 30 -4.89 -9.98 13.95
CA ARG A 30 -4.23 -11.09 14.67
C ARG A 30 -3.88 -10.68 16.11
N GLU A 31 -3.50 -9.42 16.32
CA GLU A 31 -3.24 -8.85 17.65
C GLU A 31 -4.53 -8.76 18.49
N GLN A 32 -5.65 -8.35 17.89
CA GLN A 32 -6.95 -8.30 18.58
C GLN A 32 -7.41 -9.71 19.02
N ALA A 33 -7.05 -10.75 18.27
CA ALA A 33 -7.34 -12.15 18.57
C ALA A 33 -6.31 -12.82 19.51
N ASN A 34 -5.18 -12.14 19.78
CA ASN A 34 -4.07 -12.64 20.60
C ASN A 34 -3.54 -11.52 21.52
N GLY A 35 -4.22 -11.28 22.64
CA GLY A 35 -3.90 -10.24 23.63
C GLY A 35 -2.43 -10.18 24.11
N GLU A 36 -1.67 -11.27 24.00
CA GLU A 36 -0.26 -11.36 24.39
C GLU A 36 0.76 -10.75 23.42
N VAL A 37 0.29 -10.10 22.34
CA VAL A 37 1.13 -9.42 21.33
C VAL A 37 0.51 -8.12 20.81
N ARG A 38 1.36 -7.11 20.57
CA ARG A 38 0.96 -5.78 20.05
C ARG A 38 1.96 -5.20 19.01
N ALA A 39 2.92 -6.01 18.55
CA ALA A 39 3.91 -5.67 17.53
C ALA A 39 4.61 -6.92 16.96
N CYS A 40 5.22 -6.77 15.78
CA CYS A 40 5.96 -7.81 15.05
C CYS A 40 7.22 -7.24 14.33
N SER A 41 7.88 -8.07 13.53
CA SER A 41 9.13 -7.77 12.83
C SER A 41 9.09 -6.64 11.77
N LEU A 42 7.92 -6.22 11.27
CA LEU A 42 7.83 -5.17 10.25
C LEU A 42 8.24 -3.78 10.80
N PRO A 43 9.26 -3.10 10.23
CA PRO A 43 9.76 -1.78 10.65
C PRO A 43 8.74 -0.67 10.92
N HIS A 44 7.56 -0.70 10.27
CA HIS A 44 6.51 0.34 10.37
C HIS A 44 5.11 -0.23 10.65
N CYS A 45 5.01 -1.44 11.22
CA CYS A 45 3.72 -2.06 11.50
C CYS A 45 2.81 -1.18 12.38
N ARG A 46 3.32 -0.67 13.52
CA ARG A 46 2.53 0.22 14.40
C ARG A 46 2.23 1.59 13.78
N THR A 47 3.08 2.06 12.85
CA THR A 47 2.91 3.31 12.09
C THR A 47 1.65 3.18 11.22
N MET A 48 1.55 2.07 10.47
CA MET A 48 0.40 1.75 9.64
C MET A 48 -0.87 1.47 10.47
N LYS A 49 -0.78 0.71 11.57
CA LYS A 49 -1.92 0.42 12.47
C LYS A 49 -2.54 1.70 13.03
N ASN A 50 -1.71 2.66 13.46
CA ASN A 50 -2.16 3.96 13.95
C ASN A 50 -2.82 4.79 12.81
N VAL A 51 -2.25 4.77 11.61
CA VAL A 51 -2.78 5.47 10.42
C VAL A 51 -4.15 4.89 10.02
N LEU A 52 -4.29 3.57 9.98
CA LEU A 52 -5.54 2.88 9.64
C LEU A 52 -6.63 3.14 10.69
N ASN A 53 -6.30 3.00 11.98
CA ASN A 53 -7.24 3.32 13.06
C ASN A 53 -7.73 4.78 12.96
N HIS A 54 -6.82 5.72 12.68
CA HIS A 54 -7.16 7.13 12.46
C HIS A 54 -8.13 7.27 11.25
N MET A 55 -7.75 6.72 10.09
CA MET A 55 -8.54 6.74 8.85
C MET A 55 -9.97 6.22 9.03
N THR A 56 -10.12 5.17 9.86
CA THR A 56 -11.41 4.55 10.19
C THR A 56 -12.39 5.52 10.90
N HIS A 57 -11.92 6.67 11.40
CA HIS A 57 -12.75 7.69 12.06
C HIS A 57 -12.57 9.12 11.50
N CYS A 58 -11.52 9.37 10.72
CA CYS A 58 -11.21 10.66 10.09
C CYS A 58 -12.25 11.09 9.04
N GLN A 59 -12.77 12.32 9.17
CA GLN A 59 -13.76 12.92 8.26
C GLN A 59 -13.19 14.02 7.35
N ALA A 60 -11.94 14.46 7.57
CA ALA A 60 -11.29 15.51 6.76
C ALA A 60 -10.80 15.02 5.39
N GLY A 61 -10.54 13.72 5.24
CA GLY A 61 -10.10 13.04 4.02
C GLY A 61 -9.14 13.83 3.13
N LYS A 62 -9.63 14.35 1.99
CA LYS A 62 -8.87 15.15 1.01
C LYS A 62 -8.17 16.41 1.57
N ALA A 63 -8.50 16.83 2.79
CA ALA A 63 -7.96 18.00 3.49
C ALA A 63 -7.35 17.67 4.88
N CYS A 64 -7.18 16.38 5.22
CA CYS A 64 -6.62 15.90 6.47
C CYS A 64 -5.16 16.38 6.72
N GLN A 65 -4.82 16.58 8.00
CA GLN A 65 -3.50 16.98 8.48
C GLN A 65 -2.51 15.80 8.56
N VAL A 66 -2.99 14.55 8.66
CA VAL A 66 -2.15 13.35 8.73
C VAL A 66 -1.69 12.96 7.32
N ALA A 67 -0.41 13.17 7.03
CA ALA A 67 0.20 12.94 5.71
C ALA A 67 -0.02 11.53 5.14
N HIS A 68 -0.04 10.50 6.00
CA HIS A 68 -0.25 9.11 5.57
C HIS A 68 -1.74 8.71 5.42
N CYS A 69 -2.69 9.42 6.03
CA CYS A 69 -4.12 9.12 5.97
C CYS A 69 -4.70 9.25 4.55
N ALA A 70 -4.69 10.47 4.00
CA ALA A 70 -5.23 10.76 2.67
C ALA A 70 -4.54 9.98 1.55
N SER A 71 -3.21 9.78 1.64
CA SER A 71 -2.47 8.98 0.67
C SER A 71 -2.90 7.53 0.71
N SER A 72 -2.90 6.91 1.90
CA SER A 72 -3.36 5.54 2.12
C SER A 72 -4.78 5.29 1.58
N ARG A 73 -5.72 6.20 1.88
CA ARG A 73 -7.12 6.17 1.38
C ARG A 73 -7.21 6.11 -0.17
N GLN A 74 -6.23 6.65 -0.89
CA GLN A 74 -6.13 6.56 -2.35
C GLN A 74 -5.33 5.32 -2.81
N ILE A 75 -4.18 5.02 -2.18
CA ILE A 75 -3.26 3.93 -2.52
C ILE A 75 -3.91 2.54 -2.52
N ILE A 76 -4.73 2.24 -1.50
CA ILE A 76 -5.45 0.97 -1.32
C ILE A 76 -6.41 0.74 -2.49
N SER A 77 -7.19 1.77 -2.84
CA SER A 77 -8.15 1.74 -3.94
C SER A 77 -7.56 1.40 -5.32
N HIS A 78 -6.27 1.62 -5.57
CA HIS A 78 -5.65 1.20 -6.84
C HIS A 78 -5.60 -0.33 -6.92
N TRP A 79 -4.99 -0.99 -5.92
CA TRP A 79 -4.87 -2.45 -5.83
C TRP A 79 -6.24 -3.15 -5.81
N LYS A 80 -7.26 -2.57 -5.15
CA LYS A 80 -8.64 -3.08 -5.12
C LYS A 80 -9.33 -3.17 -6.50
N ASN A 81 -8.79 -2.51 -7.54
CA ASN A 81 -9.43 -2.42 -8.87
C ASN A 81 -8.54 -2.81 -10.06
N CYS A 82 -7.20 -2.63 -9.99
CA CYS A 82 -6.29 -2.94 -11.09
C CYS A 82 -6.23 -4.44 -11.44
N THR A 83 -6.13 -4.74 -12.74
CA THR A 83 -6.06 -6.09 -13.32
C THR A 83 -4.91 -6.26 -14.32
N ARG A 84 -4.20 -5.17 -14.65
CA ARG A 84 -3.05 -5.07 -15.55
C ARG A 84 -1.85 -5.87 -15.02
N HIS A 85 -1.57 -7.03 -15.61
CA HIS A 85 -0.47 -7.93 -15.20
C HIS A 85 0.96 -7.37 -15.35
N ASP A 86 1.11 -6.14 -15.86
CA ASP A 86 2.39 -5.46 -16.08
C ASP A 86 2.37 -4.01 -15.55
N CYS A 87 1.44 -3.71 -14.63
CA CYS A 87 1.24 -2.41 -14.01
C CYS A 87 2.53 -1.90 -13.33
N PRO A 88 2.99 -0.67 -13.62
CA PRO A 88 4.22 -0.13 -13.04
C PRO A 88 4.29 -0.19 -11.50
N VAL A 89 3.14 -0.16 -10.81
CA VAL A 89 3.09 -0.23 -9.35
C VAL A 89 2.58 -1.58 -8.87
N CYS A 90 1.49 -2.15 -9.40
CA CYS A 90 1.03 -3.45 -8.92
C CYS A 90 1.95 -4.62 -9.28
N LEU A 91 2.78 -4.58 -10.35
CA LEU A 91 3.59 -5.73 -10.79
C LEU A 91 4.23 -6.55 -9.65
N PRO A 92 5.02 -5.98 -8.71
CA PRO A 92 5.54 -6.74 -7.57
C PRO A 92 4.44 -7.39 -6.72
N LEU A 93 3.32 -6.71 -6.45
CA LEU A 93 2.17 -7.28 -5.70
C LEU A 93 1.48 -8.40 -6.51
N LYS A 94 1.33 -8.23 -7.82
CA LYS A 94 0.75 -9.23 -8.73
C LYS A 94 1.63 -10.47 -8.75
N ASN A 95 2.97 -10.30 -8.76
CA ASN A 95 3.94 -11.39 -8.62
C ASN A 95 3.86 -12.04 -7.22
N ALA A 96 3.79 -11.23 -6.16
CA ALA A 96 3.67 -11.61 -4.74
C ALA A 96 2.51 -12.57 -4.43
N SER A 97 1.52 -12.64 -5.32
CA SER A 97 0.36 -13.54 -5.18
C SER A 97 0.09 -14.43 -6.40
N ASP A 98 1.06 -14.54 -7.30
CA ASP A 98 1.03 -15.43 -8.49
C ASP A 98 2.22 -16.41 -8.53
N LYS A 99 3.28 -16.16 -7.74
CA LYS A 99 4.49 -17.01 -7.62
C LYS A 99 4.18 -18.48 -7.29
N ARG A 100 3.13 -18.73 -6.48
CA ARG A 100 2.64 -20.06 -6.08
C ARG A 100 2.56 -21.05 -7.27
N GLY B 1 22.67 -6.29 -22.81
CA GLY B 1 22.97 -5.56 -24.05
C GLY B 1 22.85 -4.03 -23.96
N SER B 2 22.51 -3.51 -22.77
CA SER B 2 22.35 -2.07 -22.47
C SER B 2 22.57 -1.75 -20.99
N HIS B 3 22.48 -0.47 -20.62
CA HIS B 3 22.66 0.06 -19.26
C HIS B 3 21.46 0.93 -18.83
N MET B 4 20.28 0.69 -19.43
CA MET B 4 19.05 1.46 -19.23
C MET B 4 17.87 0.52 -18.93
N VAL B 5 17.82 0.02 -17.68
CA VAL B 5 16.78 -0.91 -17.19
C VAL B 5 15.35 -0.37 -17.39
N PRO B 6 14.36 -1.23 -17.71
CA PRO B 6 12.99 -0.80 -17.94
C PRO B 6 12.27 -0.37 -16.65
N GLU B 7 11.39 0.62 -16.80
CA GLU B 7 10.54 1.18 -15.74
C GLU B 7 9.26 1.75 -16.40
N PRO B 8 8.13 1.01 -16.40
CA PRO B 8 6.87 1.46 -16.98
C PRO B 8 6.38 2.80 -16.38
N ASP B 9 5.52 3.52 -17.11
CA ASP B 9 4.96 4.83 -16.72
C ASP B 9 3.95 4.75 -15.56
N LEU B 10 4.40 5.11 -14.34
CA LEU B 10 3.68 5.15 -13.05
C LEU B 10 2.19 5.56 -13.20
N PRO B 11 1.21 4.79 -12.66
CA PRO B 11 -0.22 5.11 -12.81
C PRO B 11 -0.60 6.53 -12.37
N HIS B 12 -1.32 7.25 -13.24
CA HIS B 12 -1.76 8.64 -13.06
C HIS B 12 -2.40 8.95 -11.70
N ASP B 13 -3.27 8.07 -11.21
CA ASP B 13 -3.94 8.22 -9.91
C ASP B 13 -2.97 8.10 -8.70
N LEU B 14 -1.86 7.36 -8.85
CA LEU B 14 -0.79 7.25 -7.86
C LEU B 14 0.31 8.32 -8.02
N ARG B 15 0.53 8.87 -9.23
CA ARG B 15 1.51 9.96 -9.47
C ARG B 15 1.23 11.17 -8.58
N HIS B 16 -0.05 11.44 -8.33
CA HIS B 16 -0.52 12.56 -7.51
C HIS B 16 -0.36 12.35 -5.98
N LEU B 17 -0.02 11.14 -5.51
CA LEU B 17 0.21 10.89 -4.09
C LEU B 17 1.51 11.56 -3.62
N ASN B 18 1.49 12.21 -2.45
CA ASN B 18 2.67 12.82 -1.85
C ASN B 18 3.59 11.73 -1.28
N THR B 19 4.72 11.49 -1.94
CA THR B 19 5.71 10.45 -1.58
C THR B 19 6.80 10.93 -0.62
N GLU B 20 6.93 12.22 -0.32
CA GLU B 20 7.94 12.71 0.64
C GLU B 20 7.80 12.08 2.05
N PRO B 21 6.59 11.99 2.65
CA PRO B 21 6.39 11.30 3.93
C PRO B 21 6.75 9.81 3.84
N MET B 22 6.50 9.17 2.69
CA MET B 22 6.77 7.76 2.43
C MET B 22 8.25 7.40 2.48
N GLU B 23 9.18 8.37 2.38
CA GLU B 23 10.62 8.10 2.40
C GLU B 23 11.10 7.30 3.63
N ILE B 24 10.36 7.32 4.75
CA ILE B 24 10.69 6.48 5.92
C ILE B 24 10.61 4.97 5.58
N PHE B 25 9.76 4.59 4.60
CA PHE B 25 9.56 3.22 4.13
C PHE B 25 10.55 2.79 3.02
N ARG B 26 11.32 3.73 2.41
CA ARG B 26 12.20 3.51 1.25
C ARG B 26 13.15 2.29 1.33
N ASN B 27 13.53 1.86 2.53
CA ASN B 27 14.40 0.71 2.79
C ASN B 27 13.87 -0.18 3.94
N SER B 28 12.54 -0.25 4.11
CA SER B 28 11.88 -0.95 5.24
C SER B 28 10.78 -1.95 4.86
N VAL B 29 10.71 -2.39 3.60
CA VAL B 29 9.66 -3.32 3.11
C VAL B 29 10.17 -4.28 2.04
N LYS B 30 9.57 -5.48 2.01
CA LYS B 30 9.78 -6.54 1.01
C LYS B 30 8.43 -6.77 0.33
N ILE B 31 8.14 -5.98 -0.70
CA ILE B 31 6.87 -5.91 -1.44
C ILE B 31 6.21 -7.29 -1.64
N GLU B 32 7.03 -8.25 -2.07
CA GLU B 32 6.57 -9.59 -2.43
C GLU B 32 6.51 -10.62 -1.28
N GLU B 33 7.22 -10.43 -0.16
CA GLU B 33 7.25 -11.41 0.93
C GLU B 33 6.10 -11.27 1.95
N ILE B 34 5.54 -10.07 2.09
CA ILE B 34 4.42 -9.72 2.99
C ILE B 34 3.11 -10.46 2.67
N MET B 35 2.83 -10.53 1.36
CA MET B 35 1.59 -10.97 0.72
C MET B 35 1.18 -12.45 0.96
N PRO B 36 -0.15 -12.76 0.89
CA PRO B 36 -0.70 -14.11 1.10
C PRO B 36 -0.20 -15.24 0.18
N ASN B 37 0.33 -14.89 -0.99
CA ASN B 37 0.80 -15.82 -2.04
C ASN B 37 -0.24 -16.89 -2.45
N GLY B 38 -1.36 -16.44 -3.04
CA GLY B 38 -2.47 -17.28 -3.51
C GLY B 38 -3.03 -16.83 -4.87
N ASP B 39 -3.59 -15.63 -4.94
CA ASP B 39 -4.10 -14.98 -6.16
C ASP B 39 -4.09 -13.45 -6.01
N PRO B 40 -3.66 -12.65 -7.02
CA PRO B 40 -3.68 -11.20 -6.94
C PRO B 40 -4.99 -10.56 -7.45
N LEU B 41 -5.67 -11.14 -8.47
CA LEU B 41 -6.95 -10.65 -9.02
C LEU B 41 -8.09 -10.69 -7.98
N LEU B 42 -7.87 -11.49 -6.93
CA LEU B 42 -8.67 -11.69 -5.72
C LEU B 42 -8.74 -10.39 -4.86
N ALA B 43 -7.89 -9.38 -5.13
CA ALA B 43 -7.96 -8.07 -4.48
C ALA B 43 -9.37 -7.46 -4.61
N GLY B 44 -9.86 -6.81 -3.54
CA GLY B 44 -11.22 -6.29 -3.42
C GLY B 44 -12.05 -7.14 -2.44
N GLN B 45 -11.79 -8.45 -2.42
CA GLN B 45 -12.42 -9.45 -1.55
C GLN B 45 -11.50 -9.91 -0.39
N ASN B 46 -10.21 -9.56 -0.43
CA ASN B 46 -9.22 -9.90 0.61
C ASN B 46 -8.45 -8.65 1.10
N THR B 47 -9.10 -7.48 0.98
CA THR B 47 -8.57 -6.15 1.31
C THR B 47 -9.48 -5.41 2.31
N VAL B 48 -9.00 -4.25 2.79
CA VAL B 48 -9.68 -3.41 3.79
C VAL B 48 -11.05 -2.82 3.43
N ASP B 49 -11.53 -3.01 2.20
CA ASP B 49 -12.75 -2.47 1.56
C ASP B 49 -13.90 -1.91 2.43
N GLU B 50 -14.32 -2.59 3.49
CA GLU B 50 -15.42 -2.16 4.38
C GLU B 50 -15.06 -2.30 5.89
N VAL B 51 -13.75 -2.33 6.20
CA VAL B 51 -13.19 -2.52 7.55
C VAL B 51 -12.12 -1.48 7.97
N TYR B 52 -11.99 -0.38 7.20
CA TYR B 52 -11.07 0.75 7.45
C TYR B 52 -11.59 2.14 7.06
N VAL B 53 -12.74 2.18 6.37
CA VAL B 53 -13.36 3.42 5.86
C VAL B 53 -13.83 4.33 6.99
N SER B 54 -13.95 5.63 6.71
CA SER B 54 -14.38 6.70 7.63
C SER B 54 -15.81 6.57 8.19
N ARG B 55 -16.59 5.57 7.74
CA ARG B 55 -17.97 5.28 8.14
C ARG B 55 -18.15 3.76 8.43
N PRO B 56 -17.57 3.27 9.53
CA PRO B 56 -17.60 1.86 9.94
C PRO B 56 -18.98 1.39 10.44
N SER B 57 -19.88 2.32 10.79
CA SER B 57 -21.24 2.06 11.29
C SER B 57 -22.20 3.22 11.00
ZN ZN C . 2.73 -6.83 11.48
ZN ZN D . -7.18 11.65 8.39
ZN ZN E . -2.25 -1.19 -11.03
N ALA A 1 10.96 5.49 -19.15
CA ALA A 1 11.83 4.75 -18.24
C ALA A 1 13.06 5.55 -17.75
N THR A 2 13.23 6.78 -18.25
CA THR A 2 14.36 7.68 -17.96
C THR A 2 13.93 9.11 -17.58
N GLY A 3 12.67 9.29 -17.14
CA GLY A 3 12.09 10.56 -16.73
C GLY A 3 11.18 10.46 -15.48
N PRO A 4 10.64 11.59 -14.98
CA PRO A 4 9.80 11.62 -13.78
C PRO A 4 8.50 10.80 -13.88
N THR A 5 8.00 10.57 -15.09
CA THR A 5 6.82 9.74 -15.39
C THR A 5 7.00 8.25 -15.05
N ALA A 6 8.25 7.81 -14.82
CA ALA A 6 8.63 6.44 -14.50
C ALA A 6 9.72 6.37 -13.41
N ASP A 7 9.89 7.42 -12.60
CA ASP A 7 10.94 7.51 -11.56
C ASP A 7 11.02 6.24 -10.68
N PRO A 8 12.09 5.43 -10.78
CA PRO A 8 12.22 4.16 -10.03
C PRO A 8 12.05 4.31 -8.52
N GLU A 9 12.62 5.35 -7.92
CA GLU A 9 12.56 5.57 -6.47
C GLU A 9 11.16 5.98 -6.01
N LYS A 10 10.48 6.88 -6.73
CA LYS A 10 9.09 7.23 -6.42
C LYS A 10 8.20 5.99 -6.60
N ARG A 11 8.36 5.26 -7.70
CA ARG A 11 7.65 4.00 -8.01
C ARG A 11 7.74 3.03 -6.81
N LYS A 12 8.94 2.84 -6.24
CA LYS A 12 9.17 2.03 -5.03
C LYS A 12 8.52 2.61 -3.77
N LEU A 13 8.41 3.93 -3.59
CA LEU A 13 7.78 4.53 -2.41
C LEU A 13 6.28 4.24 -2.33
N ILE A 14 5.49 4.49 -3.39
CA ILE A 14 4.07 4.10 -3.34
C ILE A 14 3.91 2.58 -3.24
N GLN A 15 4.74 1.77 -3.93
CA GLN A 15 4.70 0.31 -3.78
C GLN A 15 4.88 -0.13 -2.32
N GLN A 16 5.88 0.44 -1.64
CA GLN A 16 6.21 0.08 -0.25
C GLN A 16 5.15 0.54 0.76
N GLN A 17 4.62 1.76 0.68
CA GLN A 17 3.53 2.19 1.59
C GLN A 17 2.28 1.31 1.39
N LEU A 18 1.91 1.05 0.13
CA LEU A 18 0.76 0.20 -0.24
C LEU A 18 0.85 -1.18 0.42
N VAL A 19 1.99 -1.86 0.28
CA VAL A 19 2.22 -3.17 0.90
C VAL A 19 2.25 -3.11 2.43
N LEU A 20 2.86 -2.08 3.01
CA LEU A 20 2.89 -1.90 4.45
C LEU A 20 1.45 -1.78 5.03
N LEU A 21 0.54 -1.06 4.36
CA LEU A 21 -0.87 -0.96 4.76
C LEU A 21 -1.54 -2.34 4.67
N LEU A 22 -1.36 -3.04 3.54
CA LEU A 22 -1.93 -4.39 3.32
C LEU A 22 -1.48 -5.39 4.41
N HIS A 23 -0.22 -5.32 4.85
CA HIS A 23 0.27 -6.14 5.96
C HIS A 23 -0.45 -5.77 7.26
N ALA A 24 -0.35 -4.48 7.65
CA ALA A 24 -0.93 -3.93 8.87
C ALA A 24 -2.45 -4.14 9.01
N HIS A 25 -3.21 -4.12 7.91
CA HIS A 25 -4.66 -4.34 7.89
C HIS A 25 -5.03 -5.68 8.55
N LYS A 26 -4.29 -6.76 8.25
CA LYS A 26 -4.47 -8.11 8.84
C LYS A 26 -3.67 -8.27 10.13
N CYS A 27 -2.48 -7.67 10.24
CA CYS A 27 -1.66 -7.75 11.43
C CYS A 27 -2.36 -7.15 12.68
N GLN A 28 -3.13 -6.05 12.49
CA GLN A 28 -3.96 -5.46 13.55
C GLN A 28 -4.99 -6.48 14.09
N ARG A 29 -5.54 -7.33 13.20
CA ARG A 29 -6.50 -8.39 13.54
C ARG A 29 -5.89 -9.45 14.48
N ARG A 30 -4.56 -9.65 14.43
CA ARG A 30 -3.82 -10.54 15.35
C ARG A 30 -3.76 -9.90 16.74
N GLU A 31 -3.32 -8.65 16.80
CA GLU A 31 -3.14 -7.87 18.02
C GLU A 31 -4.42 -7.69 18.82
N GLN A 32 -5.54 -7.31 18.19
CA GLN A 32 -6.82 -7.13 18.88
C GLN A 32 -7.33 -8.39 19.59
N ALA A 33 -6.95 -9.57 19.11
CA ALA A 33 -7.27 -10.86 19.73
C ALA A 33 -6.21 -11.31 20.76
N ASN A 34 -4.92 -11.05 20.48
CA ASN A 34 -3.79 -11.43 21.33
C ASN A 34 -3.69 -10.63 22.65
N GLY A 35 -3.93 -9.31 22.61
CA GLY A 35 -3.84 -8.46 23.82
C GLY A 35 -3.88 -6.94 23.59
N GLU A 36 -4.36 -6.46 22.44
CA GLU A 36 -4.45 -5.04 22.06
C GLU A 36 -3.12 -4.27 22.18
N VAL A 37 -2.01 -4.90 21.80
CA VAL A 37 -0.65 -4.32 21.83
C VAL A 37 0.20 -4.71 20.63
N ARG A 38 1.15 -3.85 20.26
CA ARG A 38 2.10 -4.08 19.16
C ARG A 38 2.89 -5.38 19.39
N ALA A 39 2.67 -6.35 18.50
CA ALA A 39 3.20 -7.72 18.59
C ALA A 39 3.73 -8.24 17.24
N CYS A 40 4.49 -7.40 16.51
CA CYS A 40 5.06 -7.71 15.19
C CYS A 40 6.55 -7.30 15.08
N SER A 41 7.10 -7.44 13.87
CA SER A 41 8.50 -7.18 13.50
C SER A 41 8.70 -6.38 12.21
N LEU A 42 7.65 -6.08 11.43
CA LEU A 42 7.75 -5.24 10.22
C LEU A 42 8.20 -3.81 10.65
N PRO A 43 9.30 -3.25 10.10
CA PRO A 43 9.85 -1.92 10.46
C PRO A 43 8.89 -0.75 10.75
N HIS A 44 7.72 -0.72 10.10
CA HIS A 44 6.71 0.34 10.25
C HIS A 44 5.29 -0.19 10.52
N CYS A 45 5.15 -1.42 11.02
CA CYS A 45 3.86 -2.05 11.31
C CYS A 45 3.00 -1.15 12.23
N ARG A 46 3.59 -0.68 13.34
CA ARG A 46 2.93 0.25 14.30
C ARG A 46 2.52 1.58 13.64
N THR A 47 3.33 2.09 12.71
CA THR A 47 3.06 3.34 11.97
C THR A 47 1.80 3.18 11.12
N MET A 48 1.72 2.09 10.36
CA MET A 48 0.54 1.77 9.56
C MET A 48 -0.68 1.50 10.43
N LYS A 49 -0.55 0.70 11.50
CA LYS A 49 -1.65 0.39 12.44
C LYS A 49 -2.25 1.65 13.04
N ASN A 50 -1.41 2.61 13.43
CA ASN A 50 -1.85 3.91 13.96
C ASN A 50 -2.61 4.72 12.89
N VAL A 51 -2.10 4.78 11.65
CA VAL A 51 -2.75 5.46 10.52
C VAL A 51 -4.08 4.79 10.13
N LEU A 52 -4.13 3.47 10.17
CA LEU A 52 -5.28 2.65 9.80
C LEU A 52 -6.43 2.79 10.80
N ASN A 53 -6.12 2.72 12.09
CA ASN A 53 -7.10 2.97 13.15
C ASN A 53 -7.61 4.43 13.09
N HIS A 54 -6.73 5.40 12.78
CA HIS A 54 -7.12 6.80 12.58
C HIS A 54 -8.12 6.88 11.40
N MET A 55 -7.78 6.27 10.26
CA MET A 55 -8.64 6.18 9.07
C MET A 55 -10.04 5.65 9.40
N THR A 56 -10.16 4.67 10.30
CA THR A 56 -11.45 4.11 10.74
C THR A 56 -12.36 5.07 11.52
N HIS A 57 -11.89 6.29 11.83
CA HIS A 57 -12.66 7.35 12.50
C HIS A 57 -12.59 8.70 11.77
N CYS A 58 -11.60 8.88 10.88
CA CYS A 58 -11.41 10.07 10.06
C CYS A 58 -12.59 10.28 9.09
N GLN A 59 -12.91 11.55 8.84
CA GLN A 59 -14.01 12.04 8.01
C GLN A 59 -13.60 13.22 7.09
N ALA A 60 -12.31 13.60 7.07
CA ALA A 60 -11.77 14.72 6.28
C ALA A 60 -11.43 14.39 4.81
N GLY A 61 -11.52 13.13 4.40
CA GLY A 61 -11.24 12.68 3.02
C GLY A 61 -9.87 13.11 2.49
N LYS A 62 -9.82 13.57 1.24
CA LYS A 62 -8.61 14.04 0.55
C LYS A 62 -7.92 15.30 1.15
N ALA A 63 -8.52 15.92 2.17
CA ALA A 63 -8.03 17.14 2.81
C ALA A 63 -7.55 16.94 4.27
N CYS A 64 -7.43 15.69 4.74
CA CYS A 64 -6.97 15.35 6.09
C CYS A 64 -5.56 15.89 6.41
N GLN A 65 -5.34 16.26 7.69
CA GLN A 65 -4.08 16.76 8.22
C GLN A 65 -3.04 15.65 8.45
N VAL A 66 -3.44 14.39 8.58
CA VAL A 66 -2.54 13.24 8.77
C VAL A 66 -1.92 12.87 7.41
N ALA A 67 -0.60 13.08 7.28
CA ALA A 67 0.17 12.90 6.05
C ALA A 67 -0.01 11.54 5.33
N HIS A 68 -0.17 10.45 6.09
CA HIS A 68 -0.36 9.11 5.52
C HIS A 68 -1.83 8.72 5.26
N CYS A 69 -2.79 9.31 5.97
CA CYS A 69 -4.23 9.01 5.86
C CYS A 69 -4.80 9.24 4.45
N ALA A 70 -4.82 10.49 3.98
CA ALA A 70 -5.33 10.84 2.65
C ALA A 70 -4.59 10.08 1.53
N SER A 71 -3.29 9.84 1.68
CA SER A 71 -2.50 9.06 0.72
C SER A 71 -2.94 7.59 0.71
N SER A 72 -3.07 6.95 1.88
CA SER A 72 -3.55 5.56 2.05
C SER A 72 -4.94 5.37 1.43
N ARG A 73 -5.86 6.30 1.69
CA ARG A 73 -7.22 6.32 1.11
C ARG A 73 -7.20 6.17 -0.42
N GLN A 74 -6.30 6.89 -1.11
CA GLN A 74 -6.12 6.78 -2.56
C GLN A 74 -5.31 5.54 -2.97
N ILE A 75 -4.21 5.23 -2.26
CA ILE A 75 -3.33 4.08 -2.57
C ILE A 75 -4.09 2.75 -2.61
N ILE A 76 -4.97 2.51 -1.62
CA ILE A 76 -5.83 1.32 -1.54
C ILE A 76 -6.63 1.18 -2.84
N SER A 77 -7.43 2.19 -3.20
CA SER A 77 -8.32 2.13 -4.36
C SER A 77 -7.64 1.76 -5.68
N HIS A 78 -6.35 2.06 -5.86
CA HIS A 78 -5.62 1.66 -7.06
C HIS A 78 -5.48 0.12 -7.13
N TRP A 79 -4.78 -0.48 -6.16
CA TRP A 79 -4.54 -1.94 -6.10
C TRP A 79 -5.83 -2.76 -6.11
N LYS A 80 -6.84 -2.29 -5.39
CA LYS A 80 -8.16 -2.89 -5.26
C LYS A 80 -8.98 -2.92 -6.56
N ASN A 81 -8.54 -2.23 -7.63
CA ASN A 81 -9.24 -2.17 -8.93
C ASN A 81 -8.37 -2.46 -10.18
N CYS A 82 -7.06 -2.19 -10.15
CA CYS A 82 -6.14 -2.38 -11.29
C CYS A 82 -6.03 -3.86 -11.72
N THR A 83 -6.51 -4.17 -12.93
CA THR A 83 -6.48 -5.52 -13.52
C THR A 83 -5.23 -5.79 -14.37
N ARG A 84 -4.42 -4.76 -14.65
CA ARG A 84 -3.19 -4.83 -15.46
C ARG A 84 -2.12 -5.73 -14.85
N HIS A 85 -1.78 -6.83 -15.53
CA HIS A 85 -0.68 -7.72 -15.14
C HIS A 85 0.71 -7.07 -15.32
N ASP A 86 0.79 -5.86 -15.88
CA ASP A 86 2.03 -5.13 -16.17
C ASP A 86 2.07 -3.70 -15.57
N CYS A 87 1.18 -3.38 -14.62
CA CYS A 87 1.12 -2.08 -13.94
C CYS A 87 2.47 -1.74 -13.25
N PRO A 88 3.03 -0.53 -13.44
CA PRO A 88 4.28 -0.11 -12.82
C PRO A 88 4.30 -0.15 -11.29
N VAL A 89 3.15 -0.17 -10.60
CA VAL A 89 3.07 -0.18 -9.14
C VAL A 89 2.44 -1.46 -8.61
N CYS A 90 1.40 -2.02 -9.25
CA CYS A 90 0.85 -3.29 -8.80
C CYS A 90 1.72 -4.51 -9.14
N LEU A 91 2.53 -4.51 -10.22
CA LEU A 91 3.30 -5.68 -10.65
C LEU A 91 3.97 -6.49 -9.52
N PRO A 92 4.78 -5.91 -8.61
CA PRO A 92 5.36 -6.68 -7.51
C PRO A 92 4.29 -7.31 -6.59
N LEU A 93 3.13 -6.68 -6.37
CA LEU A 93 2.02 -7.25 -5.60
C LEU A 93 1.28 -8.34 -6.39
N LYS A 94 1.10 -8.14 -7.70
CA LYS A 94 0.48 -9.11 -8.62
C LYS A 94 1.34 -10.38 -8.69
N ASN A 95 2.67 -10.24 -8.54
CA ASN A 95 3.58 -11.37 -8.37
C ASN A 95 3.36 -11.98 -6.96
N ALA A 96 3.48 -11.16 -5.91
CA ALA A 96 3.32 -11.53 -4.50
C ALA A 96 2.08 -12.36 -4.17
N SER A 97 0.93 -12.01 -4.75
CA SER A 97 -0.35 -12.68 -4.50
C SER A 97 -0.58 -13.94 -5.37
N ASP A 98 0.43 -14.44 -6.09
CA ASP A 98 0.31 -15.64 -6.94
C ASP A 98 1.59 -16.51 -6.97
N LYS A 99 2.75 -15.91 -7.28
CA LYS A 99 4.08 -16.53 -7.34
C LYS A 99 5.15 -15.50 -6.95
N ARG A 100 5.59 -15.53 -5.68
CA ARG A 100 6.60 -14.61 -5.11
C ARG A 100 7.89 -14.53 -5.96
N GLY B 1 25.33 4.05 -25.20
CA GLY B 1 24.26 4.89 -24.60
C GLY B 1 22.84 4.42 -24.92
N SER B 2 22.68 3.42 -25.80
CA SER B 2 21.39 2.85 -26.22
C SER B 2 20.68 1.99 -25.15
N HIS B 3 21.33 1.74 -24.01
CA HIS B 3 20.80 0.94 -22.89
C HIS B 3 19.53 1.54 -22.26
N MET B 4 18.71 0.67 -21.64
CA MET B 4 17.44 1.00 -20.97
C MET B 4 17.26 0.17 -19.68
N VAL B 5 16.22 0.48 -18.90
CA VAL B 5 15.87 -0.20 -17.62
C VAL B 5 14.36 -0.49 -17.55
N PRO B 6 13.93 -1.55 -16.82
CA PRO B 6 12.52 -1.93 -16.70
C PRO B 6 11.73 -1.01 -15.74
N GLU B 7 11.32 0.14 -16.26
CA GLU B 7 10.57 1.19 -15.56
C GLU B 7 9.33 1.63 -16.36
N PRO B 8 8.20 0.91 -16.24
CA PRO B 8 6.93 1.29 -16.86
C PRO B 8 6.45 2.65 -16.32
N ASP B 9 5.61 3.36 -17.08
CA ASP B 9 5.09 4.70 -16.72
C ASP B 9 4.07 4.70 -15.56
N LEU B 10 4.54 5.03 -14.35
CA LEU B 10 3.83 5.13 -13.05
C LEU B 10 2.37 5.59 -13.21
N PRO B 11 1.35 4.88 -12.68
CA PRO B 11 -0.06 5.27 -12.82
C PRO B 11 -0.37 6.70 -12.32
N HIS B 12 -1.05 7.48 -13.16
CA HIS B 12 -1.40 8.89 -12.93
C HIS B 12 -2.08 9.18 -11.58
N ASP B 13 -3.01 8.33 -11.12
CA ASP B 13 -3.68 8.51 -9.82
C ASP B 13 -2.73 8.33 -8.62
N LEU B 14 -1.63 7.59 -8.79
CA LEU B 14 -0.57 7.42 -7.78
C LEU B 14 0.53 8.49 -7.90
N ARG B 15 0.77 9.09 -9.09
CA ARG B 15 1.75 10.19 -9.24
C ARG B 15 1.43 11.37 -8.32
N HIS B 16 0.14 11.64 -8.14
CA HIS B 16 -0.39 12.71 -7.28
C HIS B 16 -0.21 12.47 -5.77
N LEU B 17 0.12 11.24 -5.33
CA LEU B 17 0.35 10.94 -3.92
C LEU B 17 1.65 11.58 -3.43
N ASN B 18 1.61 12.17 -2.22
CA ASN B 18 2.77 12.77 -1.58
C ASN B 18 3.72 11.66 -1.07
N THR B 19 4.82 11.44 -1.78
CA THR B 19 5.83 10.42 -1.45
C THR B 19 6.89 10.89 -0.47
N GLU B 20 6.96 12.19 -0.12
CA GLU B 20 7.90 12.71 0.86
C GLU B 20 7.80 12.05 2.26
N PRO B 21 6.61 11.91 2.89
CA PRO B 21 6.52 11.24 4.18
C PRO B 21 6.77 9.73 4.04
N MET B 22 6.56 9.16 2.85
CA MET B 22 6.82 7.73 2.55
C MET B 22 8.30 7.37 2.60
N GLU B 23 9.22 8.34 2.53
CA GLU B 23 10.67 8.09 2.55
C GLU B 23 11.19 7.26 3.73
N ILE B 24 10.42 7.14 4.82
CA ILE B 24 10.76 6.24 5.94
C ILE B 24 10.66 4.76 5.52
N PHE B 25 9.74 4.40 4.61
CA PHE B 25 9.50 3.05 4.08
C PHE B 25 10.48 2.63 2.96
N ARG B 26 11.19 3.60 2.37
CA ARG B 26 12.07 3.48 1.18
C ARG B 26 12.99 2.25 1.10
N ASN B 27 13.41 1.68 2.23
CA ASN B 27 14.26 0.48 2.30
C ASN B 27 13.87 -0.43 3.49
N SER B 28 12.56 -0.52 3.81
CA SER B 28 12.04 -1.22 5.00
C SER B 28 10.93 -2.23 4.73
N VAL B 29 10.78 -2.70 3.48
CA VAL B 29 9.69 -3.59 3.06
C VAL B 29 10.17 -4.63 2.03
N LYS B 30 9.47 -5.77 1.98
CA LYS B 30 9.65 -6.87 1.02
C LYS B 30 8.35 -7.10 0.28
N ILE B 31 8.14 -6.33 -0.80
CA ILE B 31 6.89 -6.26 -1.58
C ILE B 31 6.29 -7.64 -1.89
N GLU B 32 7.14 -8.61 -2.26
CA GLU B 32 6.72 -9.97 -2.60
C GLU B 32 6.57 -10.93 -1.41
N GLU B 33 7.18 -10.67 -0.25
CA GLU B 33 7.10 -11.58 0.93
C GLU B 33 5.96 -11.27 1.92
N ILE B 34 5.40 -10.06 1.90
CA ILE B 34 4.28 -9.65 2.77
C ILE B 34 2.98 -10.42 2.43
N MET B 35 2.67 -10.59 1.14
CA MET B 35 1.42 -11.21 0.67
C MET B 35 1.36 -12.74 0.89
N PRO B 36 0.23 -13.31 1.37
CA PRO B 36 0.05 -14.75 1.58
C PRO B 36 -0.22 -15.56 0.28
N ASN B 37 0.15 -15.01 -0.89
CA ASN B 37 -0.02 -15.60 -2.23
C ASN B 37 -1.41 -16.22 -2.55
N GLY B 38 -2.49 -15.51 -2.21
CA GLY B 38 -3.87 -15.94 -2.48
C GLY B 38 -4.26 -15.73 -3.95
N ASP B 39 -4.67 -14.51 -4.30
CA ASP B 39 -4.98 -14.06 -5.68
C ASP B 39 -4.93 -12.52 -5.79
N PRO B 40 -4.45 -11.94 -6.91
CA PRO B 40 -4.44 -10.48 -7.11
C PRO B 40 -5.80 -9.90 -7.54
N LEU B 41 -6.49 -10.55 -8.49
CA LEU B 41 -7.78 -10.08 -9.03
C LEU B 41 -8.90 -10.05 -7.96
N LEU B 42 -8.71 -10.81 -6.89
CA LEU B 42 -9.52 -10.89 -5.68
C LEU B 42 -9.50 -9.56 -4.89
N ALA B 43 -8.56 -8.64 -5.18
CA ALA B 43 -8.47 -7.34 -4.53
C ALA B 43 -9.78 -6.49 -4.55
N GLY B 44 -10.66 -6.64 -5.54
CA GLY B 44 -11.96 -5.94 -5.57
C GLY B 44 -13.05 -6.63 -4.75
N GLN B 45 -12.97 -7.95 -4.63
CA GLN B 45 -13.81 -8.71 -3.70
C GLN B 45 -13.38 -8.33 -2.26
N ASN B 46 -12.08 -8.01 -2.09
CA ASN B 46 -11.47 -7.46 -0.88
C ASN B 46 -11.66 -5.92 -0.76
N THR B 47 -12.32 -5.30 -1.77
CA THR B 47 -12.71 -3.88 -2.02
C THR B 47 -11.72 -2.75 -1.71
N VAL B 48 -12.06 -1.50 -2.06
CA VAL B 48 -11.32 -0.25 -1.73
C VAL B 48 -11.28 0.08 -0.22
N ASP B 49 -11.42 -0.93 0.63
CA ASP B 49 -11.55 -0.90 2.08
C ASP B 49 -12.58 0.13 2.58
N GLU B 50 -13.64 0.31 1.80
CA GLU B 50 -14.76 1.26 1.95
C GLU B 50 -15.35 1.38 3.39
N VAL B 51 -15.36 0.28 4.14
CA VAL B 51 -15.84 0.17 5.53
C VAL B 51 -14.76 0.53 6.58
N TYR B 52 -13.55 0.83 6.12
CA TYR B 52 -12.33 1.02 6.90
C TYR B 52 -11.61 2.36 6.69
N VAL B 53 -11.65 2.89 5.46
CA VAL B 53 -11.03 4.18 5.07
C VAL B 53 -11.68 5.41 5.73
N SER B 54 -12.84 5.23 6.37
CA SER B 54 -13.65 6.26 7.00
C SER B 54 -14.45 5.70 8.19
N ARG B 55 -15.11 6.59 8.94
CA ARG B 55 -16.02 6.29 10.05
C ARG B 55 -17.19 5.39 9.56
N PRO B 56 -17.38 4.15 10.08
CA PRO B 56 -18.47 3.26 9.70
C PRO B 56 -19.88 3.89 9.81
N SER B 57 -20.81 3.42 8.97
CA SER B 57 -22.22 3.88 8.94
C SER B 57 -23.16 2.81 8.39
ZN ZN C . 2.79 -6.87 11.31
ZN ZN D . -7.43 11.23 8.35
ZN ZN E . -2.05 -0.90 -10.87
N ALA A 1 12.97 5.22 -16.00
CA ALA A 1 13.78 6.05 -16.91
C ALA A 1 13.25 6.08 -18.36
N THR A 2 12.17 5.35 -18.65
CA THR A 2 11.52 5.24 -19.98
C THR A 2 11.04 6.59 -20.55
N GLY A 3 10.66 7.52 -19.67
CA GLY A 3 10.17 8.86 -19.99
C GLY A 3 9.70 9.61 -18.73
N PRO A 4 9.11 10.81 -18.86
CA PRO A 4 8.63 11.59 -17.72
C PRO A 4 7.48 10.92 -16.94
N THR A 5 6.85 9.90 -17.52
CA THR A 5 5.76 9.09 -16.93
C THR A 5 6.25 7.99 -15.99
N ALA A 6 7.56 7.75 -15.87
CA ALA A 6 8.14 6.69 -15.02
C ALA A 6 9.27 7.23 -14.12
N ASP A 7 9.37 6.73 -12.88
CA ASP A 7 10.41 7.11 -11.91
C ASP A 7 10.69 5.94 -10.93
N PRO A 8 11.77 5.16 -11.12
CA PRO A 8 12.11 3.99 -10.30
C PRO A 8 12.13 4.18 -8.78
N GLU A 9 12.42 5.38 -8.26
CA GLU A 9 12.48 5.63 -6.81
C GLU A 9 11.11 6.03 -6.25
N LYS A 10 10.41 6.97 -6.89
CA LYS A 10 9.06 7.37 -6.48
C LYS A 10 8.08 6.20 -6.59
N ARG A 11 8.22 5.36 -7.63
CA ARG A 11 7.44 4.13 -7.85
C ARG A 11 7.55 3.16 -6.68
N LYS A 12 8.75 2.94 -6.13
CA LYS A 12 8.93 2.08 -4.93
C LYS A 12 8.22 2.66 -3.72
N LEU A 13 8.24 3.97 -3.52
CA LEU A 13 7.60 4.59 -2.35
C LEU A 13 6.09 4.32 -2.25
N ILE A 14 5.29 4.50 -3.33
CA ILE A 14 3.87 4.13 -3.26
C ILE A 14 3.70 2.61 -3.05
N GLN A 15 4.50 1.76 -3.72
CA GLN A 15 4.44 0.30 -3.49
C GLN A 15 4.68 -0.09 -2.02
N GLN A 16 5.70 0.52 -1.41
CA GLN A 16 6.13 0.26 -0.06
C GLN A 16 5.05 0.69 0.98
N GLN A 17 4.49 1.91 0.90
CA GLN A 17 3.40 2.30 1.81
C GLN A 17 2.17 1.41 1.61
N LEU A 18 1.78 1.14 0.35
CA LEU A 18 0.64 0.28 0.00
C LEU A 18 0.75 -1.09 0.68
N VAL A 19 1.88 -1.79 0.49
CA VAL A 19 2.10 -3.10 1.10
C VAL A 19 2.17 -3.05 2.62
N LEU A 20 2.77 -2.02 3.21
CA LEU A 20 2.82 -1.86 4.66
C LEU A 20 1.40 -1.78 5.26
N LEU A 21 0.46 -1.10 4.59
CA LEU A 21 -0.95 -1.04 5.01
C LEU A 21 -1.64 -2.41 4.90
N LEU A 22 -1.44 -3.09 3.77
CA LEU A 22 -1.98 -4.44 3.51
C LEU A 22 -1.52 -5.44 4.58
N HIS A 23 -0.29 -5.30 5.08
CA HIS A 23 0.23 -6.11 6.18
C HIS A 23 -0.46 -5.71 7.50
N ALA A 24 -0.29 -4.44 7.88
CA ALA A 24 -0.77 -3.90 9.15
C ALA A 24 -2.27 -4.11 9.42
N HIS A 25 -3.15 -4.10 8.42
CA HIS A 25 -4.58 -4.36 8.63
C HIS A 25 -4.81 -5.76 9.24
N LYS A 26 -4.37 -6.82 8.56
CA LYS A 26 -4.49 -8.20 9.08
C LYS A 26 -3.63 -8.42 10.33
N CYS A 27 -2.49 -7.75 10.44
CA CYS A 27 -1.63 -7.79 11.62
C CYS A 27 -2.34 -7.22 12.86
N GLN A 28 -3.09 -6.12 12.70
CA GLN A 28 -3.90 -5.54 13.78
C GLN A 28 -4.97 -6.54 14.25
N ARG A 29 -5.51 -7.37 13.32
CA ARG A 29 -6.43 -8.48 13.67
C ARG A 29 -5.68 -9.57 14.46
N ARG A 30 -4.44 -9.94 14.05
CA ARG A 30 -3.59 -10.91 14.79
C ARG A 30 -3.34 -10.44 16.22
N GLU A 31 -3.04 -9.15 16.40
CA GLU A 31 -2.81 -8.53 17.70
C GLU A 31 -4.08 -8.58 18.57
N GLN A 32 -5.23 -8.13 18.04
CA GLN A 32 -6.51 -8.16 18.75
C GLN A 32 -6.98 -9.58 19.14
N ALA A 33 -6.61 -10.59 18.36
CA ALA A 33 -6.92 -12.01 18.63
C ALA A 33 -6.20 -12.61 19.85
N ASN A 34 -5.21 -11.90 20.43
CA ASN A 34 -4.43 -12.38 21.59
C ASN A 34 -4.26 -11.31 22.70
N GLY A 35 -3.85 -10.09 22.34
CA GLY A 35 -3.69 -8.96 23.25
C GLY A 35 -2.28 -8.75 23.83
N GLU A 36 -1.36 -9.73 23.75
CA GLU A 36 0.00 -9.64 24.32
C GLU A 36 1.15 -10.04 23.38
N VAL A 37 0.82 -10.43 22.14
CA VAL A 37 1.76 -10.80 21.06
C VAL A 37 1.06 -10.72 19.69
N ARG A 38 1.82 -10.47 18.62
CA ARG A 38 1.32 -10.33 17.22
C ARG A 38 2.11 -11.08 16.13
N ALA A 39 3.17 -11.79 16.50
CA ALA A 39 3.99 -12.66 15.63
C ALA A 39 4.64 -12.06 14.35
N CYS A 40 5.22 -10.85 14.43
CA CYS A 40 6.03 -10.23 13.36
C CYS A 40 6.95 -9.09 13.88
N SER A 41 7.77 -8.55 12.97
CA SER A 41 8.79 -7.52 13.24
C SER A 41 8.90 -6.45 12.12
N LEU A 42 7.83 -6.18 11.36
CA LEU A 42 7.83 -5.19 10.27
C LEU A 42 8.32 -3.79 10.77
N PRO A 43 9.34 -3.16 10.16
CA PRO A 43 9.92 -1.87 10.56
C PRO A 43 8.96 -0.71 10.90
N HIS A 44 7.77 -0.65 10.27
CA HIS A 44 6.77 0.42 10.45
C HIS A 44 5.36 -0.12 10.73
N CYS A 45 5.27 -1.35 11.24
CA CYS A 45 4.01 -2.04 11.53
C CYS A 45 3.09 -1.18 12.42
N ARG A 46 3.65 -0.59 13.49
CA ARG A 46 2.95 0.33 14.42
C ARG A 46 2.54 1.65 13.78
N THR A 47 3.34 2.16 12.85
CA THR A 47 3.07 3.42 12.10
C THR A 47 1.79 3.25 11.30
N MET A 48 1.69 2.14 10.58
CA MET A 48 0.50 1.79 9.80
C MET A 48 -0.73 1.54 10.70
N LYS A 49 -0.60 0.76 11.80
CA LYS A 49 -1.71 0.50 12.76
C LYS A 49 -2.34 1.79 13.28
N ASN A 50 -1.52 2.80 13.60
CA ASN A 50 -1.98 4.12 14.03
C ASN A 50 -2.74 4.85 12.90
N VAL A 51 -2.19 4.88 11.68
CA VAL A 51 -2.81 5.51 10.50
C VAL A 51 -4.12 4.82 10.12
N LEU A 52 -4.19 3.49 10.22
CA LEU A 52 -5.34 2.66 9.91
C LEU A 52 -6.50 2.89 10.89
N ASN A 53 -6.22 2.86 12.20
CA ASN A 53 -7.23 3.17 13.22
C ASN A 53 -7.76 4.61 13.04
N HIS A 54 -6.88 5.57 12.76
CA HIS A 54 -7.26 6.96 12.45
C HIS A 54 -8.20 7.00 11.23
N MET A 55 -7.79 6.40 10.11
CA MET A 55 -8.55 6.29 8.86
C MET A 55 -9.96 5.72 9.04
N THR A 56 -10.11 4.79 9.96
CA THR A 56 -11.39 4.13 10.27
C THR A 56 -12.42 5.08 10.93
N HIS A 57 -12.00 6.28 11.34
CA HIS A 57 -12.84 7.33 11.94
C HIS A 57 -12.74 8.70 11.23
N CYS A 58 -11.66 8.94 10.47
CA CYS A 58 -11.42 10.17 9.71
C CYS A 58 -12.49 10.39 8.60
N GLN A 59 -12.80 11.66 8.32
CA GLN A 59 -13.80 12.10 7.33
C GLN A 59 -13.32 13.30 6.48
N ALA A 60 -12.06 13.72 6.61
CA ALA A 60 -11.48 14.84 5.85
C ALA A 60 -11.08 14.50 4.40
N GLY A 61 -11.17 13.22 3.99
CA GLY A 61 -10.85 12.75 2.64
C GLY A 61 -9.44 13.12 2.16
N LYS A 62 -9.34 13.58 0.91
CA LYS A 62 -8.09 14.01 0.25
C LYS A 62 -7.42 15.25 0.89
N ALA A 63 -8.08 15.92 1.84
CA ALA A 63 -7.61 17.14 2.51
C ALA A 63 -7.17 16.92 3.98
N CYS A 64 -7.12 15.67 4.46
CA CYS A 64 -6.70 15.36 5.83
C CYS A 64 -5.27 15.86 6.13
N GLN A 65 -5.08 16.36 7.35
CA GLN A 65 -3.81 16.90 7.84
C GLN A 65 -2.80 15.80 8.25
N VAL A 66 -3.24 14.55 8.43
CA VAL A 66 -2.35 13.41 8.73
C VAL A 66 -1.73 12.94 7.40
N ALA A 67 -0.42 13.18 7.23
CA ALA A 67 0.34 12.92 6.00
C ALA A 67 0.13 11.52 5.37
N HIS A 68 0.01 10.47 6.18
CA HIS A 68 -0.18 9.10 5.70
C HIS A 68 -1.67 8.69 5.53
N CYS A 69 -2.64 9.42 6.08
CA CYS A 69 -4.06 9.12 5.97
C CYS A 69 -4.58 9.35 4.53
N ALA A 70 -4.57 10.60 4.07
CA ALA A 70 -5.03 10.98 2.73
C ALA A 70 -4.34 10.19 1.61
N SER A 71 -3.05 9.84 1.80
CA SER A 71 -2.33 9.01 0.84
C SER A 71 -2.84 7.56 0.87
N SER A 72 -2.87 6.93 2.05
CA SER A 72 -3.39 5.56 2.24
C SER A 72 -4.79 5.37 1.64
N ARG A 73 -5.69 6.31 1.94
CA ARG A 73 -7.08 6.39 1.46
C ARG A 73 -7.21 6.29 -0.06
N GLN A 74 -6.23 6.85 -0.77
CA GLN A 74 -6.12 6.80 -2.24
C GLN A 74 -5.32 5.58 -2.73
N ILE A 75 -4.20 5.24 -2.08
CA ILE A 75 -3.31 4.13 -2.45
C ILE A 75 -4.04 2.77 -2.47
N ILE A 76 -4.84 2.49 -1.45
CA ILE A 76 -5.64 1.27 -1.30
C ILE A 76 -6.57 1.07 -2.49
N SER A 77 -7.35 2.11 -2.84
CA SER A 77 -8.33 2.06 -3.95
C SER A 77 -7.74 1.67 -5.31
N HIS A 78 -6.48 2.00 -5.59
CA HIS A 78 -5.83 1.62 -6.86
C HIS A 78 -5.72 0.09 -6.97
N TRP A 79 -5.07 -0.55 -5.98
CA TRP A 79 -4.86 -2.00 -5.90
C TRP A 79 -6.19 -2.80 -5.92
N LYS A 80 -7.27 -2.22 -5.35
CA LYS A 80 -8.62 -2.82 -5.38
C LYS A 80 -9.31 -2.80 -6.75
N ASN A 81 -8.78 -2.10 -7.75
CA ASN A 81 -9.40 -1.97 -9.09
C ASN A 81 -8.48 -2.31 -10.27
N CYS A 82 -7.16 -2.13 -10.16
CA CYS A 82 -6.21 -2.42 -11.24
C CYS A 82 -6.08 -3.93 -11.52
N THR A 83 -5.97 -4.27 -12.81
CA THR A 83 -5.83 -5.66 -13.32
C THR A 83 -4.71 -5.81 -14.35
N ARG A 84 -4.08 -4.71 -14.79
CA ARG A 84 -2.96 -4.67 -15.74
C ARG A 84 -1.74 -5.36 -15.12
N HIS A 85 -1.27 -6.45 -15.71
CA HIS A 85 -0.08 -7.16 -15.22
C HIS A 85 1.21 -6.33 -15.35
N ASP A 86 1.26 -5.34 -16.26
CA ASP A 86 2.46 -4.52 -16.49
C ASP A 86 2.38 -3.11 -15.85
N CYS A 87 1.40 -2.91 -14.96
CA CYS A 87 1.31 -1.71 -14.13
C CYS A 87 2.63 -1.68 -13.31
N PRO A 88 3.41 -0.59 -13.32
CA PRO A 88 4.72 -0.57 -12.67
C PRO A 88 4.58 -0.75 -11.15
N VAL A 89 3.54 -0.13 -10.58
CA VAL A 89 3.26 -0.16 -9.14
C VAL A 89 2.67 -1.50 -8.72
N CYS A 90 1.61 -1.99 -9.36
CA CYS A 90 1.01 -3.25 -8.96
C CYS A 90 1.85 -4.51 -9.24
N LEU A 91 2.68 -4.56 -10.30
CA LEU A 91 3.42 -5.78 -10.69
C LEU A 91 4.02 -6.59 -9.53
N PRO A 92 4.83 -6.03 -8.60
CA PRO A 92 5.33 -6.79 -7.46
C PRO A 92 4.21 -7.37 -6.58
N LEU A 93 3.09 -6.67 -6.34
CA LEU A 93 1.94 -7.19 -5.58
C LEU A 93 1.19 -8.28 -6.37
N LYS A 94 1.00 -8.07 -7.68
CA LYS A 94 0.37 -9.04 -8.59
C LYS A 94 1.22 -10.33 -8.63
N ASN A 95 2.54 -10.20 -8.57
CA ASN A 95 3.47 -11.34 -8.46
C ASN A 95 3.33 -11.99 -7.07
N ALA A 96 3.36 -11.20 -5.99
CA ALA A 96 3.20 -11.61 -4.57
C ALA A 96 1.92 -12.42 -4.28
N SER A 97 0.93 -12.34 -5.18
CA SER A 97 -0.39 -12.97 -5.04
C SER A 97 -0.79 -13.89 -6.21
N ASP A 98 0.12 -14.18 -7.16
CA ASP A 98 -0.17 -15.07 -8.30
C ASP A 98 1.05 -15.84 -8.90
N LYS A 99 2.29 -15.33 -8.73
CA LYS A 99 3.51 -15.91 -9.31
C LYS A 99 4.59 -16.33 -8.28
N ARG A 100 4.68 -15.63 -7.14
CA ARG A 100 5.68 -15.88 -6.07
C ARG A 100 5.20 -15.38 -4.70
N GLY B 1 6.46 -9.30 -22.36
CA GLY B 1 7.06 -10.00 -21.22
C GLY B 1 8.11 -11.06 -21.59
N SER B 2 8.34 -11.30 -22.88
CA SER B 2 9.32 -12.25 -23.42
C SER B 2 10.79 -11.86 -23.21
N HIS B 3 11.05 -10.60 -22.85
CA HIS B 3 12.37 -10.00 -22.63
C HIS B 3 12.30 -8.85 -21.61
N MET B 4 13.47 -8.42 -21.12
CA MET B 4 13.59 -7.31 -20.15
C MET B 4 13.17 -5.96 -20.76
N VAL B 5 12.55 -5.09 -19.96
CA VAL B 5 12.06 -3.76 -20.35
C VAL B 5 12.29 -2.72 -19.23
N PRO B 6 12.44 -1.42 -19.55
CA PRO B 6 12.63 -0.35 -18.57
C PRO B 6 11.34 -0.04 -17.78
N GLU B 7 11.44 0.85 -16.78
CA GLU B 7 10.37 1.26 -15.85
C GLU B 7 9.02 1.60 -16.53
N PRO B 8 7.96 0.77 -16.37
CA PRO B 8 6.64 1.06 -16.92
C PRO B 8 6.05 2.42 -16.44
N ASP B 9 5.08 2.93 -17.17
CA ASP B 9 4.38 4.21 -16.88
C ASP B 9 3.57 4.20 -15.58
N LEU B 10 3.99 5.01 -14.59
CA LEU B 10 3.39 5.11 -13.25
C LEU B 10 1.91 5.53 -13.36
N PRO B 11 0.95 4.81 -12.75
CA PRO B 11 -0.47 5.16 -12.84
C PRO B 11 -0.78 6.58 -12.36
N HIS B 12 -1.48 7.35 -13.20
CA HIS B 12 -1.84 8.77 -12.98
C HIS B 12 -2.44 9.06 -11.59
N ASP B 13 -3.38 8.24 -11.13
CA ASP B 13 -4.02 8.41 -9.81
C ASP B 13 -3.05 8.25 -8.62
N LEU B 14 -1.94 7.52 -8.79
CA LEU B 14 -0.87 7.39 -7.78
C LEU B 14 0.22 8.46 -7.93
N ARG B 15 0.44 9.07 -9.10
CA ARG B 15 1.44 10.15 -9.29
C ARG B 15 1.20 11.31 -8.33
N HIS B 16 -0.07 11.66 -8.13
CA HIS B 16 -0.53 12.73 -7.24
C HIS B 16 -0.28 12.48 -5.73
N LEU B 17 0.02 11.23 -5.32
CA LEU B 17 0.32 10.92 -3.92
C LEU B 17 1.66 11.53 -3.49
N ASN B 18 1.66 12.27 -2.38
CA ASN B 18 2.86 12.88 -1.81
C ASN B 18 3.77 11.79 -1.22
N THR B 19 4.86 11.47 -1.93
CA THR B 19 5.85 10.45 -1.55
C THR B 19 6.93 10.94 -0.58
N GLU B 20 7.05 12.25 -0.32
CA GLU B 20 8.03 12.79 0.62
C GLU B 20 7.96 12.16 2.04
N PRO B 21 6.80 12.07 2.71
CA PRO B 21 6.74 11.45 4.03
C PRO B 21 6.94 9.92 3.95
N MET B 22 6.70 9.30 2.79
CA MET B 22 6.91 7.87 2.55
C MET B 22 8.38 7.46 2.59
N GLU B 23 9.33 8.40 2.48
CA GLU B 23 10.77 8.09 2.48
C GLU B 23 11.25 7.26 3.67
N ILE B 24 10.53 7.25 4.80
CA ILE B 24 10.87 6.37 5.93
C ILE B 24 10.75 4.88 5.55
N PHE B 25 9.86 4.53 4.62
CA PHE B 25 9.60 3.18 4.11
C PHE B 25 10.55 2.75 2.95
N ARG B 26 11.33 3.69 2.38
CA ARG B 26 12.19 3.49 1.18
C ARG B 26 13.10 2.25 1.15
N ASN B 27 13.43 1.67 2.30
CA ASN B 27 14.25 0.46 2.44
C ASN B 27 13.77 -0.46 3.59
N SER B 28 12.45 -0.51 3.84
CA SER B 28 11.86 -1.22 5.00
C SER B 28 10.69 -2.16 4.71
N VAL B 29 10.54 -2.65 3.46
CA VAL B 29 9.39 -3.50 3.07
C VAL B 29 9.80 -4.63 2.09
N LYS B 30 9.05 -5.74 2.15
CA LYS B 30 9.17 -6.93 1.29
C LYS B 30 7.88 -7.10 0.49
N ILE B 31 7.78 -6.36 -0.63
CA ILE B 31 6.58 -6.28 -1.48
C ILE B 31 6.00 -7.66 -1.83
N GLU B 32 6.88 -8.65 -2.02
CA GLU B 32 6.52 -10.03 -2.40
C GLU B 32 6.34 -11.03 -1.23
N GLU B 33 6.89 -10.77 -0.04
CA GLU B 33 6.79 -11.72 1.09
C GLU B 33 5.68 -11.37 2.12
N ILE B 34 5.18 -10.13 2.12
CA ILE B 34 4.08 -9.68 3.00
C ILE B 34 2.75 -10.39 2.65
N MET B 35 2.48 -10.53 1.34
CA MET B 35 1.23 -11.05 0.77
C MET B 35 0.92 -12.53 1.14
N PRO B 36 -0.34 -12.91 1.41
CA PRO B 36 -0.74 -14.29 1.73
C PRO B 36 -0.78 -15.24 0.51
N ASN B 37 -0.21 -14.86 -0.63
CA ASN B 37 -0.10 -15.62 -1.89
C ASN B 37 -1.40 -16.28 -2.43
N GLY B 38 -2.58 -15.68 -2.18
CA GLY B 38 -3.88 -16.19 -2.63
C GLY B 38 -4.24 -15.77 -4.06
N ASP B 39 -4.74 -14.54 -4.23
CA ASP B 39 -5.13 -13.92 -5.51
C ASP B 39 -5.09 -12.38 -5.39
N PRO B 40 -4.83 -11.60 -6.46
CA PRO B 40 -4.82 -10.14 -6.37
C PRO B 40 -6.21 -9.51 -6.23
N LEU B 41 -7.16 -9.90 -7.08
CA LEU B 41 -8.53 -9.36 -7.12
C LEU B 41 -9.31 -9.60 -5.82
N LEU B 42 -8.96 -10.68 -5.10
CA LEU B 42 -9.47 -11.09 -3.79
C LEU B 42 -9.23 -9.99 -2.73
N ALA B 43 -8.16 -9.21 -2.85
CA ALA B 43 -7.85 -8.11 -1.94
C ALA B 43 -8.92 -7.01 -1.85
N GLY B 44 -9.84 -6.95 -2.82
CA GLY B 44 -10.99 -6.03 -2.81
C GLY B 44 -11.85 -6.17 -1.53
N GLN B 45 -11.91 -7.38 -0.97
CA GLN B 45 -12.65 -7.71 0.26
C GLN B 45 -11.79 -8.39 1.35
N ASN B 46 -10.60 -8.91 1.02
CA ASN B 46 -9.70 -9.58 1.99
C ASN B 46 -9.12 -8.63 3.07
N THR B 47 -9.14 -7.32 2.82
CA THR B 47 -8.51 -6.30 3.69
C THR B 47 -9.08 -4.89 3.46
N VAL B 48 -8.79 -3.95 4.36
CA VAL B 48 -9.13 -2.51 4.34
C VAL B 48 -10.45 -2.14 3.63
N ASP B 49 -11.57 -2.56 4.20
CA ASP B 49 -12.94 -2.35 3.68
C ASP B 49 -13.39 -0.88 3.56
N GLU B 50 -14.52 -0.62 2.89
CA GLU B 50 -15.09 0.73 2.69
C GLU B 50 -15.23 1.53 4.00
N VAL B 51 -15.74 0.89 5.05
CA VAL B 51 -15.86 1.49 6.40
C VAL B 51 -14.47 1.72 7.05
N TYR B 52 -13.50 0.89 6.69
CA TYR B 52 -12.10 0.95 7.15
C TYR B 52 -11.37 2.19 6.66
N VAL B 53 -11.65 2.58 5.41
CA VAL B 53 -11.00 3.70 4.72
C VAL B 53 -11.87 4.95 4.70
N SER B 54 -13.12 4.85 5.16
CA SER B 54 -14.16 5.89 5.24
C SER B 54 -14.66 6.44 3.90
N ARG B 55 -13.75 6.68 2.93
CA ARG B 55 -13.96 7.20 1.57
C ARG B 55 -15.12 8.23 1.42
N PRO B 56 -14.98 9.42 2.03
CA PRO B 56 -15.97 10.50 1.93
C PRO B 56 -15.99 11.19 0.55
N SER B 57 -14.97 10.97 -0.29
CA SER B 57 -14.85 11.49 -1.66
C SER B 57 -14.02 10.59 -2.58
ZN ZN C . 2.79 -6.89 11.53
ZN ZN D . -7.35 11.43 8.25
ZN ZN E . -2.11 -0.84 -10.92
N ALA A 1 13.72 14.87 -16.07
CA ALA A 1 14.64 15.16 -17.19
C ALA A 1 14.92 13.94 -18.09
N THR A 2 14.39 12.77 -17.73
CA THR A 2 14.56 11.50 -18.46
C THR A 2 13.34 10.56 -18.36
N GLY A 3 12.58 10.62 -17.25
CA GLY A 3 11.37 9.81 -17.03
C GLY A 3 10.57 10.16 -15.78
N PRO A 4 10.17 11.44 -15.55
CA PRO A 4 9.40 11.84 -14.36
C PRO A 4 8.02 11.16 -14.27
N THR A 5 7.47 10.70 -15.41
CA THR A 5 6.21 9.96 -15.52
C THR A 5 6.35 8.48 -15.11
N ALA A 6 7.56 8.00 -14.80
CA ALA A 6 7.84 6.61 -14.43
C ALA A 6 8.65 6.46 -13.12
N ASP A 7 9.57 7.40 -12.86
CA ASP A 7 10.47 7.55 -11.70
C ASP A 7 10.61 6.29 -10.78
N PRO A 8 11.60 5.41 -11.04
CA PRO A 8 11.83 4.17 -10.29
C PRO A 8 11.78 4.29 -8.77
N GLU A 9 12.36 5.34 -8.18
CA GLU A 9 12.39 5.54 -6.73
C GLU A 9 11.01 5.96 -6.18
N LYS A 10 10.35 6.95 -6.81
CA LYS A 10 8.99 7.37 -6.40
C LYS A 10 8.02 6.20 -6.54
N ARG A 11 8.14 5.43 -7.62
CA ARG A 11 7.39 4.18 -7.88
C ARG A 11 7.56 3.19 -6.72
N LYS A 12 8.78 2.98 -6.22
CA LYS A 12 9.06 2.12 -5.05
C LYS A 12 8.42 2.67 -3.76
N LEU A 13 8.33 4.00 -3.58
CA LEU A 13 7.71 4.59 -2.40
C LEU A 13 6.20 4.33 -2.28
N ILE A 14 5.39 4.51 -3.34
CA ILE A 14 3.96 4.15 -3.25
C ILE A 14 3.78 2.62 -3.07
N GLN A 15 4.57 1.79 -3.76
CA GLN A 15 4.52 0.32 -3.59
C GLN A 15 4.70 -0.11 -2.15
N GLN A 16 5.74 0.45 -1.50
CA GLN A 16 6.08 0.10 -0.12
C GLN A 16 5.02 0.55 0.90
N GLN A 17 4.46 1.76 0.78
CA GLN A 17 3.35 2.18 1.66
C GLN A 17 2.12 1.29 1.45
N LEU A 18 1.75 1.01 0.19
CA LEU A 18 0.60 0.15 -0.15
C LEU A 18 0.73 -1.20 0.57
N VAL A 19 1.82 -1.91 0.35
CA VAL A 19 2.10 -3.22 0.99
C VAL A 19 2.15 -3.14 2.51
N LEU A 20 2.74 -2.10 3.09
CA LEU A 20 2.77 -1.91 4.55
C LEU A 20 1.35 -1.81 5.14
N LEU A 21 0.41 -1.12 4.47
CA LEU A 21 -1.00 -1.04 4.89
C LEU A 21 -1.66 -2.43 4.81
N LEU A 22 -1.44 -3.16 3.69
CA LEU A 22 -1.98 -4.52 3.50
C LEU A 22 -1.56 -5.45 4.64
N HIS A 23 -0.29 -5.40 5.06
CA HIS A 23 0.22 -6.17 6.20
C HIS A 23 -0.47 -5.72 7.50
N ALA A 24 -0.32 -4.44 7.83
CA ALA A 24 -0.83 -3.82 9.04
C ALA A 24 -2.32 -4.05 9.33
N HIS A 25 -3.20 -4.05 8.32
CA HIS A 25 -4.63 -4.30 8.53
C HIS A 25 -4.86 -5.67 9.18
N LYS A 26 -4.43 -6.76 8.52
CA LYS A 26 -4.58 -8.11 9.06
C LYS A 26 -3.72 -8.36 10.29
N CYS A 27 -2.53 -7.72 10.38
CA CYS A 27 -1.68 -7.79 11.55
C CYS A 27 -2.40 -7.22 12.79
N GLN A 28 -3.13 -6.11 12.64
CA GLN A 28 -3.95 -5.55 13.72
C GLN A 28 -4.99 -6.59 14.16
N ARG A 29 -5.64 -7.33 13.23
CA ARG A 29 -6.56 -8.43 13.56
C ARG A 29 -5.85 -9.55 14.35
N ARG A 30 -4.61 -9.93 13.99
CA ARG A 30 -3.81 -10.94 14.73
C ARG A 30 -3.62 -10.53 16.19
N GLU A 31 -3.17 -9.30 16.41
CA GLU A 31 -2.91 -8.75 17.74
C GLU A 31 -4.20 -8.44 18.54
N GLN A 32 -5.27 -8.04 17.87
CA GLN A 32 -6.61 -7.82 18.47
C GLN A 32 -7.12 -9.14 19.07
N ALA A 33 -6.93 -10.26 18.37
CA ALA A 33 -7.29 -11.59 18.86
C ALA A 33 -6.32 -12.10 19.96
N ASN A 34 -5.06 -11.65 19.96
CA ASN A 34 -4.05 -12.02 20.96
C ASN A 34 -4.33 -11.45 22.37
N GLY A 35 -5.01 -10.30 22.45
CA GLY A 35 -5.38 -9.62 23.70
C GLY A 35 -4.28 -8.72 24.30
N GLU A 36 -3.03 -8.89 23.87
CA GLU A 36 -1.84 -8.11 24.28
C GLU A 36 -0.93 -7.88 23.06
N VAL A 37 -0.22 -6.75 23.03
CA VAL A 37 0.66 -6.35 21.91
C VAL A 37 1.68 -5.27 22.33
N ARG A 38 2.84 -5.24 21.66
CA ARG A 38 3.90 -4.23 21.85
C ARG A 38 4.67 -3.87 20.57
N ALA A 39 4.89 -4.83 19.66
CA ALA A 39 5.59 -4.66 18.39
C ALA A 39 5.31 -5.82 17.40
N CYS A 40 5.88 -5.72 16.19
CA CYS A 40 5.83 -6.71 15.10
C CYS A 40 7.20 -6.75 14.37
N SER A 41 7.38 -7.73 13.48
CA SER A 41 8.59 -7.93 12.67
C SER A 41 8.77 -6.86 11.58
N LEU A 42 7.68 -6.21 11.13
CA LEU A 42 7.73 -5.17 10.10
C LEU A 42 8.22 -3.82 10.69
N PRO A 43 9.29 -3.20 10.13
CA PRO A 43 9.87 -1.92 10.56
C PRO A 43 8.90 -0.76 10.90
N HIS A 44 7.74 -0.70 10.25
CA HIS A 44 6.74 0.37 10.41
C HIS A 44 5.31 -0.14 10.65
N CYS A 45 5.13 -1.38 11.11
CA CYS A 45 3.82 -1.98 11.39
C CYS A 45 2.98 -1.07 12.31
N ARG A 46 3.58 -0.59 13.41
CA ARG A 46 2.95 0.35 14.37
C ARG A 46 2.55 1.68 13.73
N THR A 47 3.33 2.17 12.76
CA THR A 47 3.07 3.43 12.03
C THR A 47 1.78 3.28 11.23
N MET A 48 1.70 2.20 10.46
CA MET A 48 0.54 1.88 9.63
C MET A 48 -0.70 1.60 10.49
N LYS A 49 -0.59 0.83 11.57
CA LYS A 49 -1.70 0.54 12.51
C LYS A 49 -2.31 1.81 13.08
N ASN A 50 -1.49 2.80 13.45
CA ASN A 50 -1.95 4.10 13.93
C ASN A 50 -2.68 4.89 12.82
N VAL A 51 -2.13 4.92 11.60
CA VAL A 51 -2.73 5.59 10.43
C VAL A 51 -4.07 4.94 10.05
N LEU A 52 -4.14 3.62 10.08
CA LEU A 52 -5.33 2.81 9.77
C LEU A 52 -6.46 3.03 10.78
N ASN A 53 -6.14 2.95 12.07
CA ASN A 53 -7.11 3.23 13.14
C ASN A 53 -7.67 4.66 13.01
N HIS A 54 -6.80 5.64 12.73
CA HIS A 54 -7.20 7.03 12.47
C HIS A 54 -8.16 7.10 11.26
N MET A 55 -7.76 6.54 10.11
CA MET A 55 -8.53 6.47 8.87
C MET A 55 -9.93 5.88 9.03
N THR A 56 -10.07 4.91 9.93
CA THR A 56 -11.33 4.23 10.22
C THR A 56 -12.39 5.15 10.85
N HIS A 57 -11.99 6.33 11.35
CA HIS A 57 -12.88 7.35 11.93
C HIS A 57 -12.80 8.70 11.21
N CYS A 58 -11.64 9.02 10.62
CA CYS A 58 -11.38 10.22 9.83
C CYS A 58 -12.32 10.32 8.61
N GLN A 59 -12.84 11.52 8.36
CA GLN A 59 -13.77 11.83 7.25
C GLN A 59 -13.33 13.04 6.41
N ALA A 60 -12.23 13.72 6.78
CA ALA A 60 -11.68 14.86 6.05
C ALA A 60 -10.98 14.43 4.75
N GLY A 61 -10.47 13.20 4.69
CA GLY A 61 -9.77 12.58 3.53
C GLY A 61 -8.83 13.53 2.78
N LYS A 62 -9.26 14.01 1.59
CA LYS A 62 -8.52 14.96 0.73
C LYS A 62 -8.13 16.29 1.40
N ALA A 63 -8.70 16.61 2.56
CA ALA A 63 -8.50 17.83 3.34
C ALA A 63 -7.99 17.56 4.79
N CYS A 64 -7.55 16.32 5.10
CA CYS A 64 -7.01 15.93 6.41
C CYS A 64 -5.67 16.64 6.73
N GLN A 65 -5.14 16.34 7.92
CA GLN A 65 -3.88 16.86 8.47
C GLN A 65 -2.84 15.75 8.76
N VAL A 66 -3.24 14.48 8.75
CA VAL A 66 -2.32 13.33 8.94
C VAL A 66 -1.70 13.01 7.58
N ALA A 67 -0.37 13.14 7.46
CA ALA A 67 0.38 12.98 6.21
C ALA A 67 0.15 11.66 5.46
N HIS A 68 0.08 10.52 6.18
CA HIS A 68 -0.13 9.21 5.57
C HIS A 68 -1.59 8.86 5.28
N CYS A 69 -2.55 9.43 6.03
CA CYS A 69 -3.99 9.17 5.91
C CYS A 69 -4.52 9.40 4.48
N ALA A 70 -4.47 10.65 3.99
CA ALA A 70 -4.99 11.01 2.67
C ALA A 70 -4.34 10.20 1.54
N SER A 71 -3.02 9.98 1.61
CA SER A 71 -2.30 9.17 0.61
C SER A 71 -2.74 7.71 0.66
N SER A 72 -2.83 7.11 1.84
CA SER A 72 -3.28 5.72 2.06
C SER A 72 -4.70 5.50 1.52
N ARG A 73 -5.62 6.44 1.81
CA ARG A 73 -7.01 6.47 1.34
C ARG A 73 -7.11 6.28 -0.19
N GLN A 74 -6.19 6.88 -0.94
CA GLN A 74 -6.10 6.74 -2.40
C GLN A 74 -5.27 5.50 -2.82
N ILE A 75 -4.16 5.19 -2.16
CA ILE A 75 -3.29 4.04 -2.48
C ILE A 75 -4.06 2.70 -2.46
N ILE A 76 -4.93 2.51 -1.46
CA ILE A 76 -5.81 1.35 -1.30
C ILE A 76 -6.71 1.16 -2.53
N SER A 77 -7.34 2.26 -2.98
CA SER A 77 -8.24 2.26 -4.14
C SER A 77 -7.60 1.72 -5.43
N HIS A 78 -6.29 1.86 -5.64
CA HIS A 78 -5.61 1.34 -6.83
C HIS A 78 -5.59 -0.21 -6.86
N TRP A 79 -4.98 -0.85 -5.85
CA TRP A 79 -4.90 -2.31 -5.75
C TRP A 79 -6.29 -2.98 -5.69
N LYS A 80 -7.28 -2.28 -5.11
CA LYS A 80 -8.69 -2.70 -5.05
C LYS A 80 -9.40 -2.74 -6.42
N ASN A 81 -8.83 -2.17 -7.49
CA ASN A 81 -9.46 -2.08 -8.81
C ASN A 81 -8.59 -2.46 -10.03
N CYS A 82 -7.26 -2.33 -9.95
CA CYS A 82 -6.35 -2.62 -11.06
C CYS A 82 -6.34 -4.12 -11.48
N THR A 83 -6.09 -4.35 -12.77
CA THR A 83 -6.02 -5.66 -13.43
C THR A 83 -4.84 -5.83 -14.40
N ARG A 84 -4.03 -4.77 -14.61
CA ARG A 84 -2.84 -4.78 -15.48
C ARG A 84 -1.77 -5.74 -14.97
N HIS A 85 -1.49 -6.81 -15.72
CA HIS A 85 -0.41 -7.75 -15.38
C HIS A 85 1.01 -7.14 -15.55
N ASP A 86 1.10 -5.91 -16.06
CA ASP A 86 2.34 -5.16 -16.33
C ASP A 86 2.36 -3.74 -15.71
N CYS A 87 1.45 -3.46 -14.75
CA CYS A 87 1.38 -2.20 -14.04
C CYS A 87 2.73 -1.92 -13.33
N PRO A 88 3.37 -0.74 -13.48
CA PRO A 88 4.69 -0.47 -12.85
C PRO A 88 4.63 -0.68 -11.34
N VAL A 89 3.58 -0.16 -10.70
CA VAL A 89 3.36 -0.24 -9.25
C VAL A 89 2.84 -1.61 -8.83
N CYS A 90 1.76 -2.15 -9.41
CA CYS A 90 1.22 -3.42 -8.95
C CYS A 90 2.06 -4.66 -9.25
N LEU A 91 2.90 -4.69 -10.30
CA LEU A 91 3.66 -5.88 -10.70
C LEU A 91 4.29 -6.67 -9.53
N PRO A 92 5.08 -6.08 -8.62
CA PRO A 92 5.61 -6.81 -7.46
C PRO A 92 4.51 -7.45 -6.60
N LEU A 93 3.34 -6.82 -6.41
CA LEU A 93 2.20 -7.38 -5.65
C LEU A 93 1.48 -8.49 -6.46
N LYS A 94 1.29 -8.28 -7.77
CA LYS A 94 0.69 -9.26 -8.70
C LYS A 94 1.57 -10.51 -8.81
N ASN A 95 2.88 -10.35 -8.61
CA ASN A 95 3.85 -11.45 -8.50
C ASN A 95 3.80 -12.05 -7.08
N ALA A 96 3.79 -11.21 -6.03
CA ALA A 96 3.73 -11.62 -4.61
C ALA A 96 2.58 -12.57 -4.31
N SER A 97 1.42 -12.29 -4.90
CA SER A 97 0.18 -13.03 -4.73
C SER A 97 0.06 -14.32 -5.58
N ASP A 98 1.10 -14.73 -6.32
CA ASP A 98 1.05 -15.95 -7.16
C ASP A 98 2.37 -16.73 -7.28
N LYS A 99 3.52 -16.05 -7.36
CA LYS A 99 4.86 -16.66 -7.56
C LYS A 99 6.00 -15.84 -6.95
N ARG A 100 5.85 -15.41 -5.68
CA ARG A 100 6.83 -14.61 -4.93
C ARG A 100 8.28 -15.12 -5.02
N GLY B 1 20.80 -2.61 -26.26
CA GLY B 1 19.95 -2.58 -25.06
C GLY B 1 18.50 -3.03 -25.28
N SER B 2 18.12 -3.34 -26.53
CA SER B 2 16.77 -3.80 -26.95
C SER B 2 16.28 -5.09 -26.27
N HIS B 3 17.19 -5.86 -25.65
CA HIS B 3 16.88 -7.09 -24.89
C HIS B 3 16.13 -6.82 -23.57
N MET B 4 16.00 -5.56 -23.15
CA MET B 4 15.34 -5.10 -21.93
C MET B 4 14.48 -3.84 -22.18
N VAL B 5 13.61 -3.47 -21.22
CA VAL B 5 12.71 -2.31 -21.29
C VAL B 5 12.80 -1.44 -20.02
N PRO B 6 12.57 -0.12 -20.12
CA PRO B 6 12.62 0.80 -18.98
C PRO B 6 11.38 0.73 -18.07
N GLU B 7 11.43 1.47 -16.95
CA GLU B 7 10.36 1.64 -15.96
C GLU B 7 9.01 2.03 -16.62
N PRO B 8 7.96 1.20 -16.51
CA PRO B 8 6.64 1.51 -17.06
C PRO B 8 6.06 2.83 -16.51
N ASP B 9 5.16 3.46 -17.27
CA ASP B 9 4.51 4.73 -16.91
C ASP B 9 3.61 4.60 -15.66
N LEU B 10 4.09 5.17 -14.54
CA LEU B 10 3.47 5.17 -13.21
C LEU B 10 2.00 5.65 -13.28
N PRO B 11 1.01 4.89 -12.74
CA PRO B 11 -0.41 5.26 -12.82
C PRO B 11 -0.69 6.68 -12.34
N HIS B 12 -1.33 7.49 -13.18
CA HIS B 12 -1.64 8.91 -12.90
C HIS B 12 -2.33 9.17 -11.56
N ASP B 13 -3.25 8.29 -11.14
CA ASP B 13 -3.93 8.38 -9.84
C ASP B 13 -2.97 8.22 -8.65
N LEU B 14 -1.86 7.47 -8.82
CA LEU B 14 -0.79 7.33 -7.83
C LEU B 14 0.32 8.40 -7.99
N ARG B 15 0.56 8.94 -9.21
CA ARG B 15 1.58 10.00 -9.42
C ARG B 15 1.32 11.23 -8.54
N HIS B 16 0.04 11.57 -8.36
CA HIS B 16 -0.43 12.68 -7.53
C HIS B 16 -0.25 12.47 -6.02
N LEU B 17 0.05 11.24 -5.55
CA LEU B 17 0.28 10.97 -4.12
C LEU B 17 1.59 11.63 -3.64
N ASN B 18 1.51 12.33 -2.51
CA ASN B 18 2.67 12.95 -1.87
C ASN B 18 3.56 11.85 -1.25
N THR B 19 4.68 11.53 -1.90
CA THR B 19 5.64 10.50 -1.48
C THR B 19 6.71 10.96 -0.49
N GLU B 20 6.79 12.24 -0.14
CA GLU B 20 7.77 12.75 0.83
C GLU B 20 7.68 12.09 2.22
N PRO B 21 6.50 11.84 2.83
CA PRO B 21 6.43 11.16 4.13
C PRO B 21 6.72 9.66 3.98
N MET B 22 6.44 9.05 2.81
CA MET B 22 6.76 7.64 2.51
C MET B 22 8.27 7.35 2.53
N GLU B 23 9.14 8.36 2.44
CA GLU B 23 10.60 8.19 2.44
C GLU B 23 11.14 7.32 3.59
N ILE B 24 10.42 7.21 4.71
CA ILE B 24 10.81 6.33 5.83
C ILE B 24 10.68 4.83 5.47
N PHE B 25 9.75 4.47 4.57
CA PHE B 25 9.49 3.10 4.08
C PHE B 25 10.41 2.65 2.94
N ARG B 26 11.20 3.57 2.34
CA ARG B 26 12.03 3.37 1.13
C ARG B 26 12.86 2.08 1.03
N ASN B 27 13.26 1.47 2.14
CA ASN B 27 13.98 0.20 2.15
C ASN B 27 13.63 -0.64 3.41
N SER B 28 12.36 -0.59 3.83
CA SER B 28 11.86 -1.22 5.07
C SER B 28 10.70 -2.20 4.84
N VAL B 29 10.55 -2.72 3.61
CA VAL B 29 9.44 -3.58 3.20
C VAL B 29 9.90 -4.67 2.23
N LYS B 30 9.17 -5.79 2.20
CA LYS B 30 9.35 -6.92 1.28
C LYS B 30 8.07 -7.07 0.47
N ILE B 31 7.98 -6.32 -0.63
CA ILE B 31 6.79 -6.24 -1.50
C ILE B 31 6.24 -7.63 -1.86
N GLU B 32 7.15 -8.60 -2.06
CA GLU B 32 6.83 -9.98 -2.42
C GLU B 32 6.62 -10.96 -1.24
N GLU B 33 7.11 -10.68 -0.03
CA GLU B 33 6.99 -11.61 1.11
C GLU B 33 5.84 -11.31 2.09
N ILE B 34 5.29 -10.09 2.07
CA ILE B 34 4.13 -9.70 2.90
C ILE B 34 2.86 -10.47 2.48
N MET B 35 2.67 -10.67 1.18
CA MET B 35 1.50 -11.34 0.58
C MET B 35 1.47 -12.87 0.85
N PRO B 36 0.31 -13.47 1.15
CA PRO B 36 0.15 -14.92 1.40
C PRO B 36 0.15 -15.79 0.11
N ASN B 37 0.61 -15.25 -1.03
CA ASN B 37 0.68 -15.89 -2.35
C ASN B 37 -0.59 -16.64 -2.85
N GLY B 38 -1.78 -16.13 -2.51
CA GLY B 38 -3.06 -16.73 -2.91
C GLY B 38 -3.62 -16.17 -4.23
N ASP B 39 -4.00 -14.88 -4.25
CA ASP B 39 -4.57 -14.18 -5.42
C ASP B 39 -4.42 -12.65 -5.37
N PRO B 40 -4.49 -11.92 -6.51
CA PRO B 40 -4.57 -10.46 -6.46
C PRO B 40 -5.97 -10.03 -5.95
N LEU B 41 -7.00 -10.80 -6.33
CA LEU B 41 -8.42 -10.61 -5.99
C LEU B 41 -8.73 -10.84 -4.48
N LEU B 42 -7.80 -11.43 -3.73
CA LEU B 42 -7.84 -11.64 -2.28
C LEU B 42 -8.18 -10.35 -1.51
N ALA B 43 -7.81 -9.19 -2.08
CA ALA B 43 -8.06 -7.85 -1.57
C ALA B 43 -9.52 -7.60 -1.12
N GLY B 44 -10.49 -8.35 -1.63
CA GLY B 44 -11.90 -8.28 -1.24
C GLY B 44 -12.17 -8.63 0.23
N GLN B 45 -11.29 -9.44 0.87
CA GLN B 45 -11.42 -9.88 2.27
C GLN B 45 -10.09 -9.87 3.07
N ASN B 46 -8.93 -9.90 2.40
CA ASN B 46 -7.60 -9.92 3.02
C ASN B 46 -7.18 -8.59 3.69
N THR B 47 -7.91 -7.50 3.45
CA THR B 47 -7.56 -6.14 3.91
C THR B 47 -8.79 -5.21 4.10
N VAL B 48 -8.52 -3.91 4.21
CA VAL B 48 -9.40 -2.73 4.34
C VAL B 48 -10.71 -2.76 3.56
N ASP B 49 -11.70 -1.98 4.00
CA ASP B 49 -13.05 -1.90 3.42
C ASP B 49 -13.65 -0.48 3.43
N GLU B 50 -14.80 -0.26 2.81
CA GLU B 50 -15.49 1.04 2.69
C GLU B 50 -15.62 1.79 4.03
N VAL B 51 -16.00 1.08 5.10
CA VAL B 51 -16.10 1.64 6.47
C VAL B 51 -14.72 1.95 7.08
N TYR B 52 -13.69 1.23 6.64
CA TYR B 52 -12.29 1.37 7.02
C TYR B 52 -11.64 2.65 6.47
N VAL B 53 -12.20 3.16 5.37
CA VAL B 53 -11.74 4.35 4.63
C VAL B 53 -12.84 5.43 4.60
N SER B 54 -13.88 5.24 5.43
CA SER B 54 -15.09 6.03 5.62
C SER B 54 -15.89 6.50 4.39
N ARG B 55 -15.55 6.04 3.18
CA ARG B 55 -16.20 6.41 1.89
C ARG B 55 -16.36 5.18 0.97
N PRO B 56 -17.36 5.17 0.07
CA PRO B 56 -17.61 4.06 -0.85
C PRO B 56 -16.58 3.91 -1.98
N SER B 57 -15.74 4.93 -2.21
CA SER B 57 -14.69 4.97 -3.25
C SER B 57 -13.54 5.90 -2.88
ZN ZN C . 2.74 -6.79 11.50
ZN ZN D . -7.28 11.57 8.32
ZN ZN E . -2.18 -1.02 -11.08
N ALA A 1 12.63 5.05 -17.03
CA ALA A 1 13.08 6.07 -16.08
C ALA A 1 13.41 7.44 -16.75
N THR A 2 13.06 7.60 -18.03
CA THR A 2 13.31 8.80 -18.85
C THR A 2 12.55 10.07 -18.41
N GLY A 3 11.64 9.98 -17.43
CA GLY A 3 10.87 11.12 -16.91
C GLY A 3 10.15 10.80 -15.59
N PRO A 4 9.49 11.80 -14.95
CA PRO A 4 8.78 11.63 -13.68
C PRO A 4 7.62 10.63 -13.76
N THR A 5 7.02 10.47 -14.95
CA THR A 5 5.96 9.49 -15.25
C THR A 5 6.42 8.03 -15.21
N ALA A 6 7.71 7.78 -15.02
CA ALA A 6 8.33 6.45 -14.92
C ALA A 6 9.44 6.43 -13.84
N ASP A 7 9.45 7.33 -12.85
CA ASP A 7 10.52 7.42 -11.83
C ASP A 7 10.61 6.16 -10.93
N PRO A 8 11.68 5.33 -11.03
CA PRO A 8 11.85 4.10 -10.24
C PRO A 8 11.79 4.28 -8.71
N GLU A 9 12.43 5.31 -8.15
CA GLU A 9 12.45 5.56 -6.70
C GLU A 9 11.06 5.94 -6.17
N LYS A 10 10.39 6.88 -6.85
CA LYS A 10 9.02 7.30 -6.48
C LYS A 10 8.05 6.11 -6.61
N ARG A 11 8.19 5.31 -7.67
CA ARG A 11 7.42 4.06 -7.89
C ARG A 11 7.56 3.11 -6.70
N LYS A 12 8.78 2.88 -6.21
CA LYS A 12 9.06 2.05 -5.01
C LYS A 12 8.42 2.63 -3.73
N LEU A 13 8.28 3.95 -3.61
CA LEU A 13 7.67 4.58 -2.42
C LEU A 13 6.15 4.34 -2.32
N ILE A 14 5.35 4.53 -3.37
CA ILE A 14 3.92 4.19 -3.28
C ILE A 14 3.74 2.68 -3.05
N GLN A 15 4.54 1.82 -3.70
CA GLN A 15 4.50 0.36 -3.48
C GLN A 15 4.72 -0.03 -2.02
N GLN A 16 5.75 0.55 -1.40
CA GLN A 16 6.12 0.22 -0.02
C GLN A 16 5.06 0.70 1.00
N GLN A 17 4.53 1.93 0.89
CA GLN A 17 3.46 2.37 1.78
C GLN A 17 2.20 1.50 1.59
N LEU A 18 1.80 1.24 0.34
CA LEU A 18 0.66 0.41 -0.01
C LEU A 18 0.74 -0.94 0.71
N VAL A 19 1.81 -1.70 0.48
CA VAL A 19 2.04 -3.00 1.12
C VAL A 19 2.10 -2.93 2.65
N LEU A 20 2.74 -1.91 3.21
CA LEU A 20 2.80 -1.74 4.66
C LEU A 20 1.38 -1.61 5.28
N LEU A 21 0.44 -0.95 4.60
CA LEU A 21 -0.96 -0.86 5.02
C LEU A 21 -1.64 -2.25 4.92
N LEU A 22 -1.40 -2.97 3.82
CA LEU A 22 -1.95 -4.33 3.62
C LEU A 22 -1.54 -5.25 4.78
N HIS A 23 -0.27 -5.19 5.19
CA HIS A 23 0.24 -5.96 6.31
C HIS A 23 -0.42 -5.52 7.63
N ALA A 24 -0.32 -4.24 7.97
CA ALA A 24 -0.85 -3.67 9.21
C ALA A 24 -2.34 -3.95 9.44
N HIS A 25 -3.16 -3.95 8.38
CA HIS A 25 -4.58 -4.29 8.45
C HIS A 25 -4.78 -5.69 9.07
N LYS A 26 -4.13 -6.72 8.51
CA LYS A 26 -4.20 -8.10 9.03
C LYS A 26 -3.44 -8.24 10.35
N CYS A 27 -2.32 -7.55 10.56
CA CYS A 27 -1.55 -7.57 11.79
C CYS A 27 -2.38 -7.08 13.00
N GLN A 28 -3.18 -6.03 12.80
CA GLN A 28 -4.13 -5.51 13.80
C GLN A 28 -5.14 -6.60 14.23
N ARG A 29 -5.53 -7.48 13.29
CA ARG A 29 -6.40 -8.64 13.51
C ARG A 29 -5.63 -9.80 14.15
N ARG A 30 -4.37 -10.04 13.75
CA ARG A 30 -3.45 -11.10 14.25
C ARG A 30 -3.32 -11.09 15.78
N GLU A 31 -3.20 -9.90 16.37
CA GLU A 31 -3.14 -9.70 17.83
C GLU A 31 -4.40 -10.28 18.52
N GLN A 32 -5.59 -9.89 18.07
CA GLN A 32 -6.87 -10.36 18.64
C GLN A 32 -7.11 -11.85 18.34
N ALA A 33 -6.73 -12.32 17.14
CA ALA A 33 -6.87 -13.72 16.73
C ALA A 33 -6.04 -14.68 17.60
N ASN A 34 -4.78 -14.31 17.92
CA ASN A 34 -3.91 -15.12 18.79
C ASN A 34 -4.28 -14.95 20.28
N GLY A 35 -4.78 -13.77 20.67
CA GLY A 35 -5.26 -13.42 22.01
C GLY A 35 -4.26 -13.37 23.17
N GLU A 36 -2.99 -13.75 22.97
CA GLU A 36 -1.97 -13.82 24.03
C GLU A 36 -0.59 -13.23 23.63
N VAL A 37 -0.54 -12.51 22.50
CA VAL A 37 0.69 -11.87 21.98
C VAL A 37 0.37 -10.68 21.05
N ARG A 38 1.25 -9.68 21.08
CA ARG A 38 1.18 -8.43 20.27
C ARG A 38 2.45 -8.14 19.45
N ALA A 39 3.40 -9.07 19.44
CA ALA A 39 4.67 -8.97 18.75
C ALA A 39 4.53 -9.02 17.21
N CYS A 40 5.49 -8.39 16.52
CA CYS A 40 5.63 -8.33 15.06
C CYS A 40 7.11 -8.08 14.68
N SER A 41 7.38 -7.90 13.38
CA SER A 41 8.71 -7.70 12.80
C SER A 41 8.81 -6.62 11.72
N LEU A 42 7.69 -6.06 11.22
CA LEU A 42 7.73 -5.02 10.19
C LEU A 42 8.25 -3.66 10.76
N PRO A 43 9.31 -3.06 10.17
CA PRO A 43 9.93 -1.79 10.60
C PRO A 43 8.99 -0.62 10.97
N HIS A 44 7.81 -0.53 10.34
CA HIS A 44 6.85 0.56 10.55
C HIS A 44 5.41 0.06 10.79
N CYS A 45 5.25 -1.18 11.26
CA CYS A 45 3.94 -1.78 11.51
C CYS A 45 3.04 -0.90 12.41
N ARG A 46 3.60 -0.43 13.54
CA ARG A 46 2.90 0.48 14.49
C ARG A 46 2.49 1.81 13.83
N THR A 47 3.30 2.32 12.90
CA THR A 47 3.03 3.57 12.16
C THR A 47 1.76 3.40 11.34
N MET A 48 1.70 2.31 10.59
CA MET A 48 0.56 1.96 9.74
C MET A 48 -0.70 1.67 10.56
N LYS A 49 -0.61 0.89 11.66
CA LYS A 49 -1.75 0.61 12.55
C LYS A 49 -2.38 1.90 13.08
N ASN A 50 -1.56 2.86 13.50
CA ASN A 50 -2.03 4.18 13.98
C ASN A 50 -2.70 4.99 12.86
N VAL A 51 -2.14 5.00 11.65
CA VAL A 51 -2.71 5.69 10.48
C VAL A 51 -4.04 5.06 10.07
N LEU A 52 -4.13 3.73 10.10
CA LEU A 52 -5.32 2.95 9.75
C LEU A 52 -6.46 3.20 10.74
N ASN A 53 -6.20 3.10 12.04
CA ASN A 53 -7.21 3.41 13.06
C ASN A 53 -7.68 4.87 13.00
N HIS A 54 -6.77 5.82 12.72
CA HIS A 54 -7.13 7.22 12.51
C HIS A 54 -8.09 7.33 11.31
N MET A 55 -7.73 6.70 10.20
CA MET A 55 -8.55 6.61 8.98
C MET A 55 -9.94 6.06 9.28
N THR A 56 -10.08 5.09 10.20
CA THR A 56 -11.36 4.52 10.61
C THR A 56 -12.29 5.48 11.36
N HIS A 57 -11.89 6.73 11.57
CA HIS A 57 -12.70 7.81 12.18
C HIS A 57 -12.68 9.11 11.34
N CYS A 58 -11.63 9.33 10.54
CA CYS A 58 -11.43 10.49 9.69
C CYS A 58 -12.50 10.64 8.56
N GLN A 59 -12.69 11.88 8.09
CA GLN A 59 -13.65 12.28 7.04
C GLN A 59 -13.09 13.39 6.12
N ALA A 60 -11.81 13.76 6.25
CA ALA A 60 -11.19 14.85 5.47
C ALA A 60 -10.76 14.48 4.03
N GLY A 61 -11.02 13.24 3.57
CA GLY A 61 -10.68 12.77 2.22
C GLY A 61 -9.21 12.97 1.83
N LYS A 62 -8.96 13.52 0.64
CA LYS A 62 -7.62 13.80 0.08
C LYS A 62 -6.95 15.05 0.67
N ALA A 63 -7.56 15.71 1.66
CA ALA A 63 -7.08 16.97 2.26
C ALA A 63 -6.82 16.90 3.78
N CYS A 64 -6.70 15.70 4.35
CA CYS A 64 -6.43 15.49 5.78
C CYS A 64 -5.10 16.11 6.27
N GLN A 65 -5.07 16.50 7.55
CA GLN A 65 -3.91 17.04 8.25
C GLN A 65 -2.86 15.94 8.53
N VAL A 66 -3.27 14.68 8.65
CA VAL A 66 -2.37 13.53 8.86
C VAL A 66 -1.78 13.14 7.50
N ALA A 67 -0.47 13.35 7.33
CA ALA A 67 0.25 13.16 6.07
C ALA A 67 0.05 11.78 5.40
N HIS A 68 0.04 10.70 6.18
CA HIS A 68 -0.15 9.35 5.65
C HIS A 68 -1.63 8.99 5.37
N CYS A 69 -2.59 9.55 6.10
CA CYS A 69 -4.03 9.28 5.94
C CYS A 69 -4.53 9.55 4.52
N ALA A 70 -4.50 10.81 4.07
CA ALA A 70 -4.96 11.21 2.74
C ALA A 70 -4.30 10.42 1.60
N SER A 71 -2.98 10.16 1.70
CA SER A 71 -2.27 9.38 0.68
C SER A 71 -2.69 7.90 0.73
N SER A 72 -2.78 7.28 1.91
CA SER A 72 -3.21 5.90 2.10
C SER A 72 -4.63 5.67 1.57
N ARG A 73 -5.54 6.57 1.94
CA ARG A 73 -6.95 6.62 1.51
C ARG A 73 -7.09 6.51 -0.02
N GLN A 74 -6.18 7.13 -0.77
CA GLN A 74 -6.10 7.01 -2.23
C GLN A 74 -5.33 5.75 -2.67
N ILE A 75 -4.19 5.40 -2.04
CA ILE A 75 -3.35 4.24 -2.38
C ILE A 75 -4.11 2.90 -2.37
N ILE A 76 -4.92 2.66 -1.34
CA ILE A 76 -5.73 1.45 -1.16
C ILE A 76 -6.69 1.23 -2.33
N SER A 77 -7.41 2.28 -2.73
CA SER A 77 -8.37 2.24 -3.84
C SER A 77 -7.79 1.75 -5.18
N HIS A 78 -6.48 1.93 -5.43
CA HIS A 78 -5.84 1.46 -6.65
C HIS A 78 -5.76 -0.09 -6.66
N TRP A 79 -5.05 -0.68 -5.69
CA TRP A 79 -4.86 -2.13 -5.54
C TRP A 79 -6.19 -2.91 -5.46
N LYS A 80 -7.20 -2.33 -4.80
CA LYS A 80 -8.54 -2.91 -4.66
C LYS A 80 -9.33 -3.00 -5.99
N ASN A 81 -8.84 -2.40 -7.08
CA ASN A 81 -9.52 -2.38 -8.39
C ASN A 81 -8.65 -2.72 -9.63
N CYS A 82 -7.33 -2.47 -9.60
CA CYS A 82 -6.43 -2.72 -10.74
C CYS A 82 -6.31 -4.22 -11.12
N THR A 83 -6.12 -4.46 -12.42
CA THR A 83 -5.97 -5.80 -13.04
C THR A 83 -4.88 -5.87 -14.13
N ARG A 84 -4.26 -4.74 -14.50
CA ARG A 84 -3.19 -4.64 -15.51
C ARG A 84 -1.95 -5.43 -15.08
N HIS A 85 -1.59 -6.46 -15.85
CA HIS A 85 -0.45 -7.35 -15.56
C HIS A 85 0.95 -6.70 -15.69
N ASP A 86 1.06 -5.46 -16.17
CA ASP A 86 2.32 -4.72 -16.33
C ASP A 86 2.30 -3.33 -15.67
N CYS A 87 1.32 -3.10 -14.78
CA CYS A 87 1.21 -1.90 -13.96
C CYS A 87 2.54 -1.77 -13.16
N PRO A 88 3.28 -0.65 -13.19
CA PRO A 88 4.59 -0.55 -12.55
C PRO A 88 4.50 -0.77 -11.03
N VAL A 89 3.49 -0.16 -10.41
CA VAL A 89 3.26 -0.22 -8.96
C VAL A 89 2.71 -1.58 -8.55
N CYS A 90 1.63 -2.07 -9.15
CA CYS A 90 1.06 -3.35 -8.76
C CYS A 90 1.93 -4.58 -9.10
N LEU A 91 2.77 -4.57 -10.14
CA LEU A 91 3.54 -5.75 -10.58
C LEU A 91 4.16 -6.58 -9.43
N PRO A 92 4.95 -6.03 -8.48
CA PRO A 92 5.45 -6.81 -7.35
C PRO A 92 4.33 -7.40 -6.49
N LEU A 93 3.19 -6.72 -6.28
CA LEU A 93 2.03 -7.26 -5.54
C LEU A 93 1.31 -8.36 -6.35
N LYS A 94 1.24 -8.20 -7.68
CA LYS A 94 0.69 -9.17 -8.64
C LYS A 94 1.62 -10.40 -8.77
N ASN A 95 2.92 -10.24 -8.46
CA ASN A 95 3.91 -11.31 -8.37
C ASN A 95 3.84 -11.98 -6.97
N ALA A 96 3.53 -11.20 -5.93
CA ALA A 96 3.21 -11.64 -4.57
C ALA A 96 1.90 -12.46 -4.66
N SER A 97 1.40 -12.97 -3.53
CA SER A 97 0.24 -13.88 -3.48
C SER A 97 0.47 -15.20 -4.24
N ASP A 98 1.75 -15.53 -4.50
CA ASP A 98 2.23 -16.69 -5.27
C ASP A 98 1.72 -16.78 -6.73
N LYS A 99 1.13 -15.68 -7.26
CA LYS A 99 0.64 -15.63 -8.65
C LYS A 99 1.74 -15.37 -9.69
N ARG A 100 2.93 -14.96 -9.23
CA ARG A 100 4.19 -14.73 -9.99
C ARG A 100 3.98 -14.19 -11.41
N GLY B 1 16.28 5.24 -28.08
CA GLY B 1 16.56 4.76 -26.72
C GLY B 1 17.62 5.58 -25.97
N SER B 2 17.90 5.19 -24.73
CA SER B 2 18.90 5.82 -23.83
C SER B 2 19.44 4.85 -22.78
N HIS B 3 20.41 5.29 -21.98
CA HIS B 3 21.02 4.51 -20.90
C HIS B 3 20.10 4.35 -19.66
N MET B 4 18.96 5.03 -19.61
CA MET B 4 18.00 4.98 -18.49
C MET B 4 17.38 3.57 -18.32
N VAL B 5 17.23 3.13 -17.06
CA VAL B 5 16.65 1.82 -16.72
C VAL B 5 15.16 1.68 -17.12
N PRO B 6 14.67 0.50 -17.50
CA PRO B 6 13.27 0.29 -17.86
C PRO B 6 12.35 0.37 -16.62
N GLU B 7 11.26 1.12 -16.75
CA GLU B 7 10.24 1.33 -15.71
C GLU B 7 8.89 1.67 -16.37
N PRO B 8 7.84 0.83 -16.23
CA PRO B 8 6.53 1.11 -16.80
C PRO B 8 5.92 2.46 -16.34
N ASP B 9 4.94 2.96 -17.10
CA ASP B 9 4.22 4.22 -16.86
C ASP B 9 3.40 4.24 -15.54
N LEU B 10 3.87 5.02 -14.57
CA LEU B 10 3.29 5.16 -13.22
C LEU B 10 1.81 5.62 -13.29
N PRO B 11 0.85 4.86 -12.71
CA PRO B 11 -0.57 5.21 -12.75
C PRO B 11 -0.86 6.65 -12.33
N HIS B 12 -1.61 7.39 -13.16
CA HIS B 12 -1.92 8.81 -12.96
C HIS B 12 -2.54 9.14 -11.59
N ASP B 13 -3.38 8.24 -11.05
CA ASP B 13 -4.01 8.38 -9.75
C ASP B 13 -3.02 8.20 -8.58
N LEU B 14 -1.94 7.42 -8.77
CA LEU B 14 -0.88 7.24 -7.77
C LEU B 14 0.26 8.24 -7.88
N ARG B 15 0.70 8.64 -9.09
CA ARG B 15 1.79 9.64 -9.24
C ARG B 15 1.45 11.00 -8.61
N HIS B 16 0.16 11.28 -8.48
CA HIS B 16 -0.41 12.46 -7.81
C HIS B 16 -0.19 12.45 -6.28
N LEU B 17 0.02 11.28 -5.65
CA LEU B 17 0.30 11.14 -4.22
C LEU B 17 1.65 11.78 -3.86
N ASN B 18 1.69 12.62 -2.82
CA ASN B 18 2.95 13.17 -2.33
C ASN B 18 3.72 12.06 -1.59
N THR B 19 4.88 11.67 -2.14
CA THR B 19 5.75 10.59 -1.64
C THR B 19 6.79 11.01 -0.61
N GLU B 20 6.90 12.30 -0.24
CA GLU B 20 7.86 12.76 0.78
C GLU B 20 7.68 12.07 2.15
N PRO B 21 6.45 11.91 2.70
CA PRO B 21 6.25 11.17 3.96
C PRO B 21 6.68 9.70 3.82
N MET B 22 6.44 9.09 2.66
CA MET B 22 6.78 7.69 2.38
C MET B 22 8.28 7.40 2.43
N GLU B 23 9.17 8.40 2.35
CA GLU B 23 10.62 8.17 2.40
C GLU B 23 11.10 7.37 3.63
N ILE B 24 10.35 7.37 4.75
CA ILE B 24 10.69 6.54 5.91
C ILE B 24 10.60 5.03 5.59
N PHE B 25 9.74 4.64 4.64
CA PHE B 25 9.52 3.26 4.15
C PHE B 25 10.46 2.84 3.01
N ARG B 26 11.25 3.77 2.43
CA ARG B 26 12.08 3.58 1.22
C ARG B 26 12.90 2.28 1.10
N ASN B 27 13.28 1.63 2.20
CA ASN B 27 13.96 0.34 2.18
C ASN B 27 13.63 -0.52 3.43
N SER B 28 12.34 -0.51 3.83
CA SER B 28 11.85 -1.16 5.06
C SER B 28 10.69 -2.14 4.85
N VAL B 29 10.53 -2.67 3.63
CA VAL B 29 9.40 -3.53 3.24
C VAL B 29 9.83 -4.66 2.28
N LYS B 30 9.07 -5.76 2.27
CA LYS B 30 9.24 -6.92 1.38
C LYS B 30 7.95 -7.15 0.60
N ILE B 31 7.79 -6.38 -0.48
CA ILE B 31 6.59 -6.28 -1.33
C ILE B 31 5.99 -7.65 -1.68
N GLU B 32 6.86 -8.63 -1.98
CA GLU B 32 6.48 -9.99 -2.37
C GLU B 32 6.25 -10.98 -1.20
N GLU B 33 6.78 -10.72 -0.01
CA GLU B 33 6.68 -11.63 1.15
C GLU B 33 5.55 -11.30 2.13
N ILE B 34 5.10 -10.04 2.18
CA ILE B 34 4.01 -9.57 3.07
C ILE B 34 2.68 -10.29 2.77
N MET B 35 2.38 -10.43 1.47
CA MET B 35 1.14 -11.00 0.93
C MET B 35 0.86 -12.44 1.42
N PRO B 36 -0.40 -12.82 1.74
CA PRO B 36 -0.77 -14.16 2.22
C PRO B 36 -0.67 -15.33 1.20
N ASN B 37 0.19 -15.20 0.18
CA ASN B 37 0.53 -16.18 -0.86
C ASN B 37 -0.65 -16.99 -1.50
N GLY B 38 -1.85 -16.40 -1.62
CA GLY B 38 -3.04 -17.07 -2.17
C GLY B 38 -3.51 -16.53 -3.54
N ASP B 39 -3.97 -15.28 -3.60
CA ASP B 39 -4.46 -14.58 -4.80
C ASP B 39 -4.34 -13.05 -4.66
N PRO B 40 -4.16 -12.28 -5.76
CA PRO B 40 -4.04 -10.82 -5.68
C PRO B 40 -5.40 -10.08 -5.68
N LEU B 41 -6.31 -10.39 -6.62
CA LEU B 41 -7.66 -9.78 -6.75
C LEU B 41 -8.54 -10.00 -5.51
N LEU B 42 -8.16 -10.98 -4.69
CA LEU B 42 -8.71 -11.37 -3.39
C LEU B 42 -8.73 -10.18 -2.39
N ALA B 43 -7.96 -9.10 -2.65
CA ALA B 43 -7.96 -7.83 -1.90
C ALA B 43 -9.36 -7.28 -1.60
N GLY B 44 -10.33 -7.48 -2.50
CA GLY B 44 -11.74 -7.10 -2.33
C GLY B 44 -12.42 -7.64 -1.06
N GLN B 45 -11.88 -8.70 -0.46
CA GLN B 45 -12.36 -9.34 0.77
C GLN B 45 -11.22 -9.70 1.75
N ASN B 46 -10.03 -9.11 1.60
CA ASN B 46 -8.85 -9.46 2.42
C ASN B 46 -8.11 -8.30 3.09
N THR B 47 -8.41 -7.05 2.73
CA THR B 47 -7.69 -5.87 3.25
C THR B 47 -8.58 -4.62 3.31
N VAL B 48 -7.98 -3.47 3.68
CA VAL B 48 -8.59 -2.14 3.89
C VAL B 48 -9.72 -1.82 2.89
N ASP B 49 -10.81 -1.25 3.39
CA ASP B 49 -12.06 -1.07 2.63
C ASP B 49 -12.74 0.32 2.73
N GLU B 50 -13.86 0.53 2.03
CA GLU B 50 -14.65 1.77 2.02
C GLU B 50 -15.14 2.15 3.44
N VAL B 51 -15.56 1.13 4.20
CA VAL B 51 -16.00 1.23 5.60
C VAL B 51 -14.80 1.33 6.58
N TYR B 52 -13.58 1.42 6.06
CA TYR B 52 -12.32 1.44 6.79
C TYR B 52 -11.55 2.77 6.63
N VAL B 53 -11.50 3.32 5.41
CA VAL B 53 -10.83 4.60 5.10
C VAL B 53 -11.55 5.82 5.68
N SER B 54 -12.71 5.60 6.30
CA SER B 54 -13.56 6.57 6.98
C SER B 54 -14.35 5.89 8.11
N ARG B 55 -15.19 6.65 8.84
CA ARG B 55 -16.06 6.15 9.92
C ARG B 55 -16.93 4.94 9.50
N PRO B 56 -17.14 3.94 10.39
CA PRO B 56 -17.93 2.75 10.07
C PRO B 56 -19.43 3.06 9.92
N SER B 57 -20.17 2.09 9.34
CA SER B 57 -21.62 2.15 9.10
C SER B 57 -22.28 0.78 9.29
ZN ZN C . 2.75 -6.55 11.57
ZN ZN D . -7.31 11.60 8.26
ZN ZN E . -2.30 -0.98 -10.81
N ALA A 1 6.81 7.03 -19.07
CA ALA A 1 7.01 7.04 -20.51
C ALA A 1 8.03 8.10 -21.02
N THR A 2 8.43 9.03 -20.16
CA THR A 2 9.36 10.15 -20.46
C THR A 2 10.40 10.42 -19.36
N GLY A 3 10.08 10.12 -18.09
CA GLY A 3 10.97 10.30 -16.94
C GLY A 3 10.18 10.47 -15.63
N PRO A 4 9.66 11.67 -15.32
CA PRO A 4 8.84 11.91 -14.12
C PRO A 4 7.51 11.14 -14.16
N THR A 5 7.07 10.75 -15.36
CA THR A 5 5.90 9.91 -15.64
C THR A 5 6.08 8.44 -15.24
N ALA A 6 7.30 8.00 -14.92
CA ALA A 6 7.62 6.62 -14.52
C ALA A 6 8.40 6.52 -13.20
N ASP A 7 9.29 7.49 -12.94
CA ASP A 7 10.15 7.71 -11.77
C ASP A 7 10.40 6.45 -10.87
N PRO A 8 11.43 5.65 -11.17
CA PRO A 8 11.78 4.43 -10.44
C PRO A 8 11.84 4.56 -8.91
N GLU A 9 12.36 5.69 -8.40
CA GLU A 9 12.47 5.95 -6.96
C GLU A 9 11.08 6.14 -6.32
N LYS A 10 10.26 7.01 -6.91
CA LYS A 10 8.88 7.27 -6.46
C LYS A 10 8.03 6.00 -6.58
N ARG A 11 8.13 5.28 -7.69
CA ARG A 11 7.42 4.02 -7.97
C ARG A 11 7.59 3.02 -6.82
N LYS A 12 8.80 2.88 -6.27
CA LYS A 12 9.05 2.01 -5.10
C LYS A 12 8.36 2.52 -3.83
N LEU A 13 8.36 3.83 -3.58
CA LEU A 13 7.72 4.43 -2.40
C LEU A 13 6.22 4.14 -2.29
N ILE A 14 5.41 4.35 -3.34
CA ILE A 14 3.98 3.99 -3.27
C ILE A 14 3.81 2.47 -3.08
N GLN A 15 4.57 1.63 -3.79
CA GLN A 15 4.51 0.17 -3.59
C GLN A 15 4.73 -0.24 -2.13
N GLN A 16 5.77 0.33 -1.52
CA GLN A 16 6.18 0.06 -0.14
C GLN A 16 5.10 0.50 0.87
N GLN A 17 4.54 1.72 0.75
CA GLN A 17 3.44 2.15 1.64
C GLN A 17 2.19 1.27 1.45
N LEU A 18 1.80 0.95 0.20
CA LEU A 18 0.63 0.13 -0.11
C LEU A 18 0.74 -1.23 0.62
N VAL A 19 1.84 -1.96 0.40
CA VAL A 19 2.09 -3.26 1.04
C VAL A 19 2.14 -3.16 2.57
N LEU A 20 2.75 -2.11 3.12
CA LEU A 20 2.79 -1.91 4.57
C LEU A 20 1.37 -1.80 5.17
N LEU A 21 0.44 -1.10 4.50
CA LEU A 21 -0.97 -1.01 4.94
C LEU A 21 -1.63 -2.40 4.87
N LEU A 22 -1.41 -3.14 3.77
CA LEU A 22 -1.94 -4.51 3.60
C LEU A 22 -1.50 -5.42 4.76
N HIS A 23 -0.22 -5.36 5.14
CA HIS A 23 0.31 -6.13 6.28
C HIS A 23 -0.39 -5.69 7.58
N ALA A 24 -0.24 -4.41 7.93
CA ALA A 24 -0.75 -3.79 9.14
C ALA A 24 -2.25 -4.03 9.42
N HIS A 25 -3.11 -3.98 8.39
CA HIS A 25 -4.55 -4.20 8.55
C HIS A 25 -4.85 -5.61 9.11
N LYS A 26 -4.29 -6.66 8.49
CA LYS A 26 -4.42 -8.04 8.97
C LYS A 26 -3.63 -8.27 10.27
N CYS A 27 -2.49 -7.60 10.45
CA CYS A 27 -1.73 -7.68 11.69
C CYS A 27 -2.52 -7.09 12.88
N GLN A 28 -3.34 -6.06 12.67
CA GLN A 28 -4.21 -5.51 13.71
C GLN A 28 -5.28 -6.57 14.09
N ARG A 29 -5.74 -7.40 13.14
CA ARG A 29 -6.63 -8.55 13.39
C ARG A 29 -5.89 -9.63 14.19
N ARG A 30 -4.64 -9.97 13.82
CA ARG A 30 -3.75 -10.92 14.50
C ARG A 30 -3.55 -10.56 15.98
N GLU A 31 -3.28 -9.28 16.27
CA GLU A 31 -3.11 -8.77 17.63
C GLU A 31 -4.37 -8.98 18.48
N GLN A 32 -5.55 -8.63 17.95
CA GLN A 32 -6.84 -8.82 18.64
C GLN A 32 -7.21 -10.30 18.81
N ALA A 33 -6.91 -11.14 17.80
CA ALA A 33 -7.16 -12.58 17.85
C ALA A 33 -6.30 -13.28 18.92
N ASN A 34 -5.03 -12.86 19.07
CA ASN A 34 -4.12 -13.36 20.09
C ASN A 34 -4.52 -12.87 21.50
N GLY A 35 -4.83 -11.57 21.64
CA GLY A 35 -5.29 -10.92 22.87
C GLY A 35 -4.20 -10.60 23.92
N GLU A 36 -2.96 -11.07 23.73
CA GLU A 36 -1.83 -10.86 24.66
C GLU A 36 -0.48 -10.76 23.91
N VAL A 37 -0.51 -10.11 22.74
CA VAL A 37 0.63 -9.94 21.82
C VAL A 37 1.88 -9.33 22.49
N ARG A 38 3.07 -9.79 22.07
CA ARG A 38 4.38 -9.30 22.54
C ARG A 38 5.05 -8.35 21.52
N ALA A 39 5.11 -8.73 20.24
CA ALA A 39 5.76 -7.96 19.17
C ALA A 39 5.30 -8.38 17.75
N CYS A 40 5.98 -7.81 16.74
CA CYS A 40 5.84 -8.06 15.31
C CYS A 40 7.26 -8.10 14.65
N SER A 41 7.31 -8.08 13.33
CA SER A 41 8.55 -8.13 12.52
C SER A 41 8.67 -7.02 11.46
N LEU A 42 7.64 -6.19 11.25
CA LEU A 42 7.66 -5.10 10.26
C LEU A 42 8.10 -3.75 10.87
N PRO A 43 9.16 -3.08 10.35
CA PRO A 43 9.67 -1.77 10.81
C PRO A 43 8.63 -0.67 11.06
N HIS A 44 7.54 -0.66 10.30
CA HIS A 44 6.49 0.37 10.34
C HIS A 44 5.08 -0.19 10.61
N CYS A 45 4.97 -1.42 11.14
CA CYS A 45 3.69 -2.02 11.47
C CYS A 45 2.87 -1.10 12.39
N ARG A 46 3.50 -0.59 13.46
CA ARG A 46 2.90 0.38 14.39
C ARG A 46 2.56 1.72 13.74
N THR A 47 3.35 2.15 12.75
CA THR A 47 3.16 3.41 12.01
C THR A 47 1.86 3.34 11.23
N MET A 48 1.72 2.25 10.46
CA MET A 48 0.53 1.94 9.66
C MET A 48 -0.69 1.73 10.55
N LYS A 49 -0.60 0.95 11.64
CA LYS A 49 -1.72 0.71 12.57
C LYS A 49 -2.27 2.01 13.15
N ASN A 50 -1.40 2.96 13.51
CA ASN A 50 -1.80 4.29 14.00
C ASN A 50 -2.54 5.10 12.89
N VAL A 51 -2.02 5.08 11.65
CA VAL A 51 -2.62 5.77 10.50
C VAL A 51 -3.97 5.14 10.12
N LEU A 52 -4.07 3.81 10.20
CA LEU A 52 -5.25 3.03 9.84
C LEU A 52 -6.39 3.25 10.83
N ASN A 53 -6.11 3.14 12.13
CA ASN A 53 -7.11 3.43 13.16
C ASN A 53 -7.60 4.88 13.08
N HIS A 54 -6.73 5.83 12.72
CA HIS A 54 -7.12 7.22 12.46
C HIS A 54 -8.08 7.29 11.26
N MET A 55 -7.70 6.69 10.12
CA MET A 55 -8.51 6.62 8.91
C MET A 55 -9.91 6.03 9.15
N THR A 56 -10.05 5.06 10.07
CA THR A 56 -11.34 4.44 10.41
C THR A 56 -12.37 5.41 11.01
N HIS A 57 -11.95 6.61 11.44
CA HIS A 57 -12.80 7.66 12.01
C HIS A 57 -12.68 9.01 11.27
N CYS A 58 -11.56 9.26 10.58
CA CYS A 58 -11.33 10.45 9.77
C CYS A 58 -12.29 10.51 8.57
N GLN A 59 -12.83 11.70 8.29
CA GLN A 59 -13.76 11.96 7.19
C GLN A 59 -13.32 13.16 6.30
N ALA A 60 -12.19 13.79 6.61
CA ALA A 60 -11.63 14.90 5.83
C ALA A 60 -11.01 14.46 4.50
N GLY A 61 -10.58 13.18 4.39
CA GLY A 61 -9.97 12.60 3.19
C GLY A 61 -8.87 13.48 2.58
N LYS A 62 -9.08 13.97 1.35
CA LYS A 62 -8.17 14.86 0.62
C LYS A 62 -7.80 16.14 1.39
N ALA A 63 -8.66 16.60 2.30
CA ALA A 63 -8.46 17.80 3.13
C ALA A 63 -7.85 17.52 4.53
N CYS A 64 -7.54 16.26 4.87
CA CYS A 64 -6.94 15.90 6.16
C CYS A 64 -5.55 16.55 6.36
N GLN A 65 -5.08 16.51 7.60
CA GLN A 65 -3.81 17.06 8.06
C GLN A 65 -2.79 15.97 8.45
N VAL A 66 -3.19 14.70 8.52
CA VAL A 66 -2.28 13.57 8.77
C VAL A 66 -1.65 13.15 7.43
N ALA A 67 -0.32 13.26 7.33
CA ALA A 67 0.44 13.05 6.09
C ALA A 67 0.22 11.70 5.37
N HIS A 68 0.09 10.60 6.12
CA HIS A 68 -0.10 9.26 5.54
C HIS A 68 -1.57 8.89 5.28
N CYS A 69 -2.51 9.47 6.03
CA CYS A 69 -3.96 9.21 5.96
C CYS A 69 -4.55 9.40 4.54
N ALA A 70 -4.49 10.63 4.02
CA ALA A 70 -5.05 10.97 2.71
C ALA A 70 -4.43 10.13 1.58
N SER A 71 -3.11 9.92 1.61
CA SER A 71 -2.41 9.11 0.62
C SER A 71 -2.84 7.65 0.69
N SER A 72 -2.90 7.06 1.89
CA SER A 72 -3.35 5.68 2.12
C SER A 72 -4.77 5.44 1.58
N ARG A 73 -5.68 6.38 1.86
CA ARG A 73 -7.08 6.40 1.39
C ARG A 73 -7.20 6.18 -0.13
N GLN A 74 -6.26 6.72 -0.91
CA GLN A 74 -6.18 6.56 -2.37
C GLN A 74 -5.34 5.33 -2.78
N ILE A 75 -4.21 5.06 -2.11
CA ILE A 75 -3.32 3.94 -2.43
C ILE A 75 -4.04 2.57 -2.36
N ILE A 76 -4.90 2.39 -1.36
CA ILE A 76 -5.72 1.19 -1.14
C ILE A 76 -6.65 0.96 -2.34
N SER A 77 -7.35 2.00 -2.79
CA SER A 77 -8.26 1.95 -3.93
C SER A 77 -7.62 1.53 -5.27
N HIS A 78 -6.32 1.72 -5.47
CA HIS A 78 -5.64 1.31 -6.70
C HIS A 78 -5.57 -0.23 -6.81
N TRP A 79 -5.02 -0.90 -5.78
CA TRP A 79 -4.89 -2.37 -5.73
C TRP A 79 -6.26 -3.08 -5.81
N LYS A 80 -7.33 -2.44 -5.29
CA LYS A 80 -8.72 -2.91 -5.38
C LYS A 80 -9.30 -2.94 -6.81
N ASN A 81 -8.68 -2.26 -7.79
CA ASN A 81 -9.23 -2.11 -9.14
C ASN A 81 -8.28 -2.40 -10.32
N CYS A 82 -6.96 -2.28 -10.16
CA CYS A 82 -5.99 -2.49 -11.24
C CYS A 82 -5.88 -3.96 -11.69
N THR A 83 -6.49 -4.29 -12.83
CA THR A 83 -6.47 -5.63 -13.45
C THR A 83 -5.26 -5.85 -14.38
N ARG A 84 -4.48 -4.80 -14.66
CA ARG A 84 -3.30 -4.82 -15.54
C ARG A 84 -2.19 -5.74 -15.04
N HIS A 85 -1.78 -6.70 -15.87
CA HIS A 85 -0.64 -7.56 -15.58
C HIS A 85 0.71 -6.84 -15.80
N ASP A 86 0.71 -5.60 -16.29
CA ASP A 86 1.89 -4.80 -16.63
C ASP A 86 1.99 -3.42 -15.96
N CYS A 87 1.12 -3.12 -14.98
CA CYS A 87 1.17 -1.90 -14.16
C CYS A 87 2.55 -1.81 -13.47
N PRO A 88 3.27 -0.67 -13.49
CA PRO A 88 4.60 -0.55 -12.87
C PRO A 88 4.55 -0.80 -11.35
N VAL A 89 3.54 -0.21 -10.70
CA VAL A 89 3.33 -0.28 -9.25
C VAL A 89 2.79 -1.65 -8.84
N CYS A 90 1.72 -2.16 -9.43
CA CYS A 90 1.19 -3.45 -9.02
C CYS A 90 2.09 -4.66 -9.31
N LEU A 91 2.99 -4.63 -10.31
CA LEU A 91 3.81 -5.78 -10.70
C LEU A 91 4.35 -6.62 -9.51
N PRO A 92 5.14 -6.06 -8.57
CA PRO A 92 5.62 -6.81 -7.41
C PRO A 92 4.48 -7.45 -6.59
N LEU A 93 3.34 -6.77 -6.39
CA LEU A 93 2.18 -7.35 -5.68
C LEU A 93 1.52 -8.48 -6.48
N LYS A 94 1.37 -8.30 -7.80
CA LYS A 94 0.82 -9.30 -8.73
C LYS A 94 1.75 -10.53 -8.82
N ASN A 95 3.05 -10.34 -8.55
CA ASN A 95 4.05 -11.41 -8.46
C ASN A 95 3.98 -12.08 -7.05
N ALA A 96 3.85 -11.27 -5.99
CA ALA A 96 3.68 -11.66 -4.58
C ALA A 96 2.43 -12.53 -4.30
N SER A 97 1.51 -12.58 -5.27
CA SER A 97 0.23 -13.28 -5.20
C SER A 97 -0.11 -14.06 -6.48
N ASP A 98 0.91 -14.36 -7.30
CA ASP A 98 0.88 -15.11 -8.57
C ASP A 98 0.17 -14.40 -9.75
N LYS A 99 0.85 -14.37 -10.90
CA LYS A 99 0.38 -13.74 -12.16
C LYS A 99 -0.95 -14.31 -12.71
N ARG A 100 -1.29 -15.56 -12.38
CA ARG A 100 -2.49 -16.32 -12.79
C ARG A 100 -3.09 -15.89 -14.15
N GLY B 1 19.10 0.24 -19.07
CA GLY B 1 20.14 -0.29 -18.20
C GLY B 1 21.50 0.41 -18.33
N SER B 2 21.76 1.11 -19.45
CA SER B 2 23.01 1.84 -19.72
C SER B 2 23.25 3.05 -18.80
N HIS B 3 22.20 3.54 -18.13
CA HIS B 3 22.22 4.65 -17.18
C HIS B 3 21.16 4.48 -16.07
N MET B 4 19.97 3.99 -16.44
CA MET B 4 18.84 3.71 -15.54
C MET B 4 18.02 2.53 -16.09
N VAL B 5 17.42 1.74 -15.20
CA VAL B 5 16.58 0.57 -15.56
C VAL B 5 15.26 0.99 -16.27
N PRO B 6 14.66 0.13 -17.11
CA PRO B 6 13.37 0.43 -17.75
C PRO B 6 12.26 0.51 -16.69
N GLU B 7 11.27 1.38 -16.90
CA GLU B 7 10.19 1.64 -15.94
C GLU B 7 8.86 1.99 -16.63
N PRO B 8 7.81 1.16 -16.52
CA PRO B 8 6.48 1.47 -17.06
C PRO B 8 5.91 2.78 -16.48
N ASP B 9 4.98 3.42 -17.19
CA ASP B 9 4.34 4.69 -16.80
C ASP B 9 3.50 4.55 -15.50
N LEU B 10 3.98 5.19 -14.43
CA LEU B 10 3.40 5.22 -13.08
C LEU B 10 1.91 5.64 -13.15
N PRO B 11 0.95 4.85 -12.64
CA PRO B 11 -0.49 5.17 -12.71
C PRO B 11 -0.81 6.60 -12.26
N HIS B 12 -1.48 7.36 -13.12
CA HIS B 12 -1.81 8.78 -12.90
C HIS B 12 -2.47 9.08 -11.55
N ASP B 13 -3.35 8.19 -11.08
CA ASP B 13 -4.02 8.30 -9.77
C ASP B 13 -3.05 8.13 -8.58
N LEU B 14 -1.93 7.40 -8.76
CA LEU B 14 -0.85 7.27 -7.76
C LEU B 14 0.22 8.35 -7.92
N ARG B 15 0.42 8.94 -9.12
CA ARG B 15 1.39 10.04 -9.33
C ARG B 15 1.11 11.24 -8.41
N HIS B 16 -0.16 11.52 -8.15
CA HIS B 16 -0.62 12.60 -7.26
C HIS B 16 -0.34 12.37 -5.77
N LEU B 17 -0.03 11.14 -5.33
CA LEU B 17 0.22 10.84 -3.92
C LEU B 17 1.52 11.49 -3.40
N ASN B 18 1.47 12.04 -2.18
CA ASN B 18 2.62 12.65 -1.53
C ASN B 18 3.59 11.56 -1.03
N THR B 19 4.68 11.35 -1.77
CA THR B 19 5.72 10.34 -1.47
C THR B 19 6.83 10.86 -0.56
N GLU B 20 6.91 12.16 -0.26
CA GLU B 20 7.93 12.70 0.64
C GLU B 20 7.90 12.09 2.07
N PRO B 21 6.74 11.95 2.74
CA PRO B 21 6.70 11.30 4.05
C PRO B 21 6.91 9.77 3.94
N MET B 22 6.63 9.18 2.76
CA MET B 22 6.85 7.75 2.50
C MET B 22 8.33 7.37 2.49
N GLU B 23 9.27 8.33 2.38
CA GLU B 23 10.72 8.08 2.36
C GLU B 23 11.23 7.22 3.54
N ILE B 24 10.53 7.21 4.68
CA ILE B 24 10.88 6.34 5.82
C ILE B 24 10.74 4.84 5.47
N PHE B 25 9.83 4.49 4.55
CA PHE B 25 9.56 3.11 4.08
C PHE B 25 10.53 2.62 3.00
N ARG B 26 11.32 3.51 2.39
CA ARG B 26 12.22 3.23 1.24
C ARG B 26 13.13 2.00 1.37
N ASN B 27 13.49 1.58 2.58
CA ASN B 27 14.32 0.40 2.84
C ASN B 27 13.79 -0.42 4.05
N SER B 28 12.46 -0.45 4.22
CA SER B 28 11.79 -1.09 5.39
C SER B 28 10.62 -2.02 5.05
N VAL B 29 10.56 -2.54 3.81
CA VAL B 29 9.47 -3.43 3.34
C VAL B 29 9.97 -4.50 2.35
N LYS B 30 9.25 -5.63 2.32
CA LYS B 30 9.44 -6.76 1.39
C LYS B 30 8.13 -6.93 0.60
N ILE B 31 7.99 -6.19 -0.50
CA ILE B 31 6.78 -6.12 -1.34
C ILE B 31 6.19 -7.51 -1.65
N GLU B 32 7.05 -8.50 -1.86
CA GLU B 32 6.64 -9.87 -2.22
C GLU B 32 6.50 -10.88 -1.07
N GLU B 33 7.11 -10.65 0.10
CA GLU B 33 7.06 -11.63 1.22
C GLU B 33 5.92 -11.39 2.24
N ILE B 34 5.39 -10.16 2.30
CA ILE B 34 4.26 -9.76 3.18
C ILE B 34 2.95 -10.50 2.82
N MET B 35 2.73 -10.62 1.51
CA MET B 35 1.52 -11.07 0.82
C MET B 35 1.15 -12.55 1.01
N PRO B 36 -0.15 -12.93 0.82
CA PRO B 36 -0.65 -14.29 1.03
C PRO B 36 -0.23 -15.34 -0.01
N ASN B 37 0.42 -14.94 -1.12
CA ASN B 37 0.91 -15.83 -2.19
C ASN B 37 -0.12 -16.86 -2.71
N GLY B 38 -1.29 -16.36 -3.19
CA GLY B 38 -2.37 -17.19 -3.73
C GLY B 38 -3.11 -16.58 -4.93
N ASP B 39 -3.62 -15.34 -4.80
CA ASP B 39 -4.35 -14.63 -5.88
C ASP B 39 -4.28 -13.10 -5.73
N PRO B 40 -4.18 -12.30 -6.83
CA PRO B 40 -4.21 -10.85 -6.75
C PRO B 40 -5.65 -10.29 -6.73
N LEU B 41 -6.58 -10.85 -7.53
CA LEU B 41 -8.01 -10.44 -7.58
C LEU B 41 -8.74 -10.62 -6.23
N LEU B 42 -8.19 -11.49 -5.38
CA LEU B 42 -8.58 -11.76 -3.99
C LEU B 42 -8.54 -10.49 -3.12
N ALA B 43 -7.87 -9.42 -3.57
CA ALA B 43 -7.84 -8.11 -2.93
C ALA B 43 -9.22 -7.61 -2.47
N GLY B 44 -10.28 -7.85 -3.27
CA GLY B 44 -11.68 -7.52 -2.96
C GLY B 44 -12.23 -8.09 -1.63
N GLN B 45 -11.54 -9.07 -1.04
CA GLN B 45 -11.88 -9.74 0.21
C GLN B 45 -10.68 -9.82 1.18
N ASN B 46 -9.57 -9.14 0.87
CA ASN B 46 -8.34 -9.18 1.67
C ASN B 46 -7.74 -7.80 2.00
N THR B 47 -8.34 -6.70 1.51
CA THR B 47 -7.89 -5.32 1.71
C THR B 47 -8.68 -4.55 2.77
N VAL B 48 -8.15 -3.37 3.12
CA VAL B 48 -8.71 -2.38 4.04
C VAL B 48 -10.14 -2.03 3.60
N ASP B 49 -11.14 -2.49 4.37
CA ASP B 49 -12.58 -2.46 4.03
C ASP B 49 -13.25 -1.10 3.72
N GLU B 50 -14.41 -1.13 3.06
CA GLU B 50 -15.21 0.04 2.65
C GLU B 50 -15.51 1.02 3.79
N VAL B 51 -15.90 0.50 4.97
CA VAL B 51 -16.15 1.32 6.17
C VAL B 51 -14.83 1.82 6.78
N TYR B 52 -13.73 1.10 6.54
CA TYR B 52 -12.39 1.41 7.00
C TYR B 52 -11.79 2.63 6.27
N VAL B 53 -12.08 2.73 4.97
CA VAL B 53 -11.64 3.81 4.08
C VAL B 53 -12.63 4.98 4.03
N SER B 54 -13.50 5.05 5.04
CA SER B 54 -14.57 6.03 5.34
C SER B 54 -15.19 6.79 4.16
N ARG B 55 -14.49 7.79 3.59
CA ARG B 55 -14.89 8.62 2.45
C ARG B 55 -13.73 8.72 1.44
N PRO B 56 -13.96 8.40 0.14
CA PRO B 56 -12.92 8.49 -0.89
C PRO B 56 -12.63 9.94 -1.36
N SER B 57 -13.47 10.90 -0.96
CA SER B 57 -13.39 12.33 -1.30
C SER B 57 -12.00 12.94 -1.16
ZN ZN C . 2.69 -6.75 11.69
ZN ZN D . -7.25 11.74 8.33
ZN ZN E . -1.89 -1.01 -10.82
N ALA A 1 12.02 5.13 -15.77
CA ALA A 1 13.20 6.00 -15.86
C ALA A 1 13.16 6.95 -17.08
N THR A 2 12.13 6.86 -17.92
CA THR A 2 11.93 7.70 -19.12
C THR A 2 11.61 9.17 -18.80
N GLY A 3 11.16 9.46 -17.58
CA GLY A 3 10.79 10.80 -17.10
C GLY A 3 10.18 10.75 -15.68
N PRO A 4 9.69 11.89 -15.15
CA PRO A 4 9.08 11.95 -13.82
C PRO A 4 7.81 11.09 -13.70
N THR A 5 7.13 10.85 -14.82
CA THR A 5 5.95 9.96 -14.95
C THR A 5 6.28 8.47 -14.76
N ALA A 6 7.56 8.11 -14.62
CA ALA A 6 8.06 6.76 -14.41
C ALA A 6 9.25 6.72 -13.44
N ASP A 7 9.40 7.71 -12.54
CA ASP A 7 10.52 7.80 -11.59
C ASP A 7 10.64 6.50 -10.74
N PRO A 8 11.68 5.68 -10.92
CA PRO A 8 11.86 4.40 -10.21
C PRO A 8 11.77 4.49 -8.68
N GLU A 9 12.36 5.53 -8.07
CA GLU A 9 12.36 5.74 -6.61
C GLU A 9 10.95 6.08 -6.10
N LYS A 10 10.23 7.00 -6.77
CA LYS A 10 8.84 7.33 -6.44
C LYS A 10 7.96 6.09 -6.58
N ARG A 11 8.08 5.38 -7.70
CA ARG A 11 7.36 4.12 -7.98
C ARG A 11 7.54 3.12 -6.84
N LYS A 12 8.75 2.96 -6.29
CA LYS A 12 9.03 2.11 -5.13
C LYS A 12 8.26 2.58 -3.89
N LEU A 13 8.24 3.88 -3.60
CA LEU A 13 7.56 4.46 -2.43
C LEU A 13 6.05 4.17 -2.36
N ILE A 14 5.26 4.40 -3.43
CA ILE A 14 3.82 4.04 -3.36
C ILE A 14 3.64 2.53 -3.18
N GLN A 15 4.43 1.69 -3.87
CA GLN A 15 4.36 0.22 -3.69
C GLN A 15 4.58 -0.17 -2.21
N GLN A 16 5.59 0.45 -1.58
CA GLN A 16 5.97 0.19 -0.20
C GLN A 16 4.88 0.63 0.80
N GLN A 17 4.31 1.85 0.69
CA GLN A 17 3.21 2.27 1.59
C GLN A 17 1.98 1.37 1.39
N LEU A 18 1.62 1.03 0.14
CA LEU A 18 0.47 0.16 -0.18
C LEU A 18 0.62 -1.18 0.54
N VAL A 19 1.73 -1.89 0.31
CA VAL A 19 2.01 -3.18 0.94
C VAL A 19 2.07 -3.11 2.46
N LEU A 20 2.65 -2.06 3.05
CA LEU A 20 2.68 -1.89 4.49
C LEU A 20 1.27 -1.82 5.09
N LEU A 21 0.32 -1.13 4.43
CA LEU A 21 -1.08 -1.08 4.88
C LEU A 21 -1.72 -2.48 4.78
N LEU A 22 -1.49 -3.18 3.65
CA LEU A 22 -1.99 -4.56 3.43
C LEU A 22 -1.50 -5.53 4.52
N HIS A 23 -0.25 -5.38 4.99
CA HIS A 23 0.27 -6.17 6.10
C HIS A 23 -0.44 -5.78 7.40
N ALA A 24 -0.39 -4.50 7.76
CA ALA A 24 -0.94 -3.93 8.98
C ALA A 24 -2.42 -4.23 9.24
N HIS A 25 -3.28 -4.25 8.21
CA HIS A 25 -4.69 -4.57 8.38
C HIS A 25 -4.87 -5.98 9.00
N LYS A 26 -4.37 -7.03 8.33
CA LYS A 26 -4.46 -8.40 8.85
C LYS A 26 -3.61 -8.59 10.11
N CYS A 27 -2.48 -7.90 10.25
CA CYS A 27 -1.67 -7.94 11.46
C CYS A 27 -2.47 -7.39 12.68
N GLN A 28 -3.30 -6.36 12.47
CA GLN A 28 -4.18 -5.82 13.51
C GLN A 28 -5.30 -6.81 13.88
N ARG A 29 -5.56 -7.84 13.05
CA ARG A 29 -6.47 -8.97 13.32
C ARG A 29 -5.72 -10.12 14.00
N ARG A 30 -4.47 -10.40 13.62
CA ARG A 30 -3.55 -11.36 14.24
C ARG A 30 -3.41 -11.10 15.74
N GLU A 31 -3.21 -9.82 16.11
CA GLU A 31 -3.13 -9.38 17.51
C GLU A 31 -4.41 -9.73 18.31
N GLN A 32 -5.59 -9.43 17.76
CA GLN A 32 -6.88 -9.73 18.38
C GLN A 32 -7.18 -11.24 18.45
N ALA A 33 -6.86 -11.99 17.39
CA ALA A 33 -7.08 -13.43 17.30
C ALA A 33 -6.21 -14.22 18.29
N ASN A 34 -4.94 -13.82 18.48
CA ASN A 34 -4.02 -14.45 19.42
C ASN A 34 -4.37 -14.15 20.90
N GLY A 35 -5.06 -13.04 21.17
CA GLY A 35 -5.46 -12.61 22.51
C GLY A 35 -4.30 -12.20 23.44
N GLU A 36 -3.09 -12.05 22.89
CA GLU A 36 -1.85 -11.70 23.56
C GLU A 36 -0.88 -11.07 22.53
N VAL A 37 -0.11 -10.05 22.91
CA VAL A 37 0.81 -9.34 22.00
C VAL A 37 2.10 -8.90 22.73
N ARG A 38 3.23 -9.04 22.03
CA ARG A 38 4.56 -8.59 22.48
C ARG A 38 5.38 -7.93 21.36
N ALA A 39 5.30 -8.44 20.13
CA ALA A 39 6.04 -7.91 18.97
C ALA A 39 5.45 -8.31 17.60
N CYS A 40 6.12 -7.86 16.54
CA CYS A 40 5.89 -8.11 15.12
C CYS A 40 7.26 -8.24 14.41
N SER A 41 7.29 -8.13 13.08
CA SER A 41 8.49 -8.22 12.23
C SER A 41 8.63 -7.12 11.18
N LEU A 42 7.65 -6.21 11.08
CA LEU A 42 7.64 -5.09 10.12
C LEU A 42 8.08 -3.76 10.77
N PRO A 43 9.13 -3.08 10.24
CA PRO A 43 9.65 -1.79 10.73
C PRO A 43 8.63 -0.68 11.06
N HIS A 44 7.50 -0.63 10.36
CA HIS A 44 6.47 0.42 10.49
C HIS A 44 5.04 -0.13 10.67
N CYS A 45 4.88 -1.37 11.14
CA CYS A 45 3.57 -1.98 11.39
C CYS A 45 2.71 -1.09 12.30
N ARG A 46 3.27 -0.62 13.42
CA ARG A 46 2.62 0.31 14.36
C ARG A 46 2.23 1.65 13.71
N THR A 47 3.03 2.13 12.74
CA THR A 47 2.79 3.39 12.01
C THR A 47 1.51 3.23 11.19
N MET A 48 1.42 2.15 10.43
CA MET A 48 0.26 1.81 9.61
C MET A 48 -1.00 1.55 10.45
N LYS A 49 -0.90 0.79 11.55
CA LYS A 49 -2.01 0.51 12.48
C LYS A 49 -2.60 1.81 13.05
N ASN A 50 -1.75 2.75 13.46
CA ASN A 50 -2.18 4.07 13.93
C ASN A 50 -2.81 4.91 12.80
N VAL A 51 -2.25 4.87 11.59
CA VAL A 51 -2.77 5.58 10.41
C VAL A 51 -4.16 5.06 10.02
N LEU A 52 -4.34 3.74 9.98
CA LEU A 52 -5.62 3.08 9.69
C LEU A 52 -6.69 3.39 10.74
N ASN A 53 -6.32 3.31 12.02
CA ASN A 53 -7.22 3.67 13.13
C ASN A 53 -7.65 5.15 13.00
N HIS A 54 -6.72 6.06 12.70
CA HIS A 54 -7.00 7.48 12.45
C HIS A 54 -7.98 7.63 11.26
N MET A 55 -7.66 7.04 10.11
CA MET A 55 -8.46 7.05 8.88
C MET A 55 -9.91 6.61 9.11
N THR A 56 -10.12 5.65 10.01
CA THR A 56 -11.44 5.10 10.36
C THR A 56 -12.34 6.12 11.09
N HIS A 57 -11.78 7.22 11.61
CA HIS A 57 -12.51 8.28 12.31
C HIS A 57 -12.33 9.68 11.68
N CYS A 58 -11.30 9.87 10.83
CA CYS A 58 -11.01 11.10 10.10
C CYS A 58 -12.14 11.50 9.13
N GLN A 59 -12.41 12.80 9.01
CA GLN A 59 -13.44 13.38 8.12
C GLN A 59 -12.96 14.67 7.42
N ALA A 60 -11.65 14.97 7.46
CA ALA A 60 -11.05 16.15 6.84
C ALA A 60 -10.87 16.07 5.31
N GLY A 61 -11.19 14.92 4.68
CA GLY A 61 -11.08 14.72 3.24
C GLY A 61 -9.65 14.90 2.72
N LYS A 62 -9.50 15.60 1.58
CA LYS A 62 -8.20 15.89 0.94
C LYS A 62 -7.35 16.93 1.70
N ALA A 63 -7.92 17.62 2.69
CA ALA A 63 -7.27 18.65 3.49
C ALA A 63 -6.71 18.15 4.84
N CYS A 64 -6.73 16.83 5.08
CA CYS A 64 -6.25 16.19 6.31
C CYS A 64 -4.79 16.56 6.68
N GLN A 65 -4.56 16.78 7.98
CA GLN A 65 -3.27 17.11 8.57
C GLN A 65 -2.32 15.89 8.66
N VAL A 66 -2.85 14.65 8.63
CA VAL A 66 -2.04 13.42 8.69
C VAL A 66 -1.63 13.03 7.27
N ALA A 67 -0.36 13.29 6.94
CA ALA A 67 0.21 13.05 5.61
C ALA A 67 0.00 11.62 5.06
N HIS A 68 -0.03 10.61 5.93
CA HIS A 68 -0.26 9.21 5.52
C HIS A 68 -1.75 8.83 5.38
N CYS A 69 -2.69 9.58 5.97
CA CYS A 69 -4.13 9.29 5.91
C CYS A 69 -4.69 9.43 4.48
N ALA A 70 -4.70 10.66 3.95
CA ALA A 70 -5.22 10.95 2.62
C ALA A 70 -4.53 10.15 1.50
N SER A 71 -3.22 9.88 1.63
CA SER A 71 -2.50 9.05 0.67
C SER A 71 -2.96 7.60 0.74
N SER A 72 -2.95 7.01 1.93
CA SER A 72 -3.42 5.63 2.18
C SER A 72 -4.85 5.39 1.67
N ARG A 73 -5.77 6.32 1.95
CA ARG A 73 -7.16 6.32 1.46
C ARG A 73 -7.27 6.16 -0.07
N GLN A 74 -6.34 6.77 -0.82
CA GLN A 74 -6.26 6.63 -2.29
C GLN A 74 -5.46 5.38 -2.71
N ILE A 75 -4.34 5.07 -2.07
CA ILE A 75 -3.45 3.94 -2.41
C ILE A 75 -4.15 2.57 -2.35
N ILE A 76 -4.99 2.35 -1.33
CA ILE A 76 -5.75 1.11 -1.11
C ILE A 76 -6.67 0.83 -2.31
N SER A 77 -7.40 1.85 -2.75
CA SER A 77 -8.32 1.76 -3.90
C SER A 77 -7.68 1.32 -5.23
N HIS A 78 -6.37 1.49 -5.45
CA HIS A 78 -5.72 1.03 -6.68
C HIS A 78 -5.67 -0.51 -6.74
N TRP A 79 -5.11 -1.18 -5.72
CA TRP A 79 -5.01 -2.64 -5.66
C TRP A 79 -6.39 -3.33 -5.66
N LYS A 80 -7.43 -2.66 -5.13
CA LYS A 80 -8.83 -3.15 -5.14
C LYS A 80 -9.48 -3.16 -6.54
N ASN A 81 -8.87 -2.54 -7.56
CA ASN A 81 -9.44 -2.42 -8.91
C ASN A 81 -8.53 -2.84 -10.07
N CYS A 82 -7.21 -2.65 -9.98
CA CYS A 82 -6.26 -3.00 -11.04
C CYS A 82 -6.11 -4.53 -11.23
N THR A 83 -5.85 -4.95 -12.48
CA THR A 83 -5.69 -6.35 -12.90
C THR A 83 -4.56 -6.58 -13.92
N ARG A 84 -4.03 -5.53 -14.57
CA ARG A 84 -2.97 -5.61 -15.59
C ARG A 84 -1.67 -6.20 -15.03
N HIS A 85 -1.23 -7.33 -15.60
CA HIS A 85 -0.04 -8.10 -15.20
C HIS A 85 1.33 -7.39 -15.29
N ASP A 86 1.42 -6.21 -15.91
CA ASP A 86 2.67 -5.44 -16.07
C ASP A 86 2.56 -3.98 -15.56
N CYS A 87 1.52 -3.68 -14.77
CA CYS A 87 1.28 -2.39 -14.13
C CYS A 87 2.54 -1.93 -13.33
N PRO A 88 3.08 -0.71 -13.57
CA PRO A 88 4.31 -0.22 -12.95
C PRO A 88 4.37 -0.27 -11.41
N VAL A 89 3.22 -0.31 -10.72
CA VAL A 89 3.14 -0.33 -9.25
C VAL A 89 2.55 -1.66 -8.75
N CYS A 90 1.55 -2.25 -9.41
CA CYS A 90 1.05 -3.54 -8.96
C CYS A 90 2.01 -4.72 -9.24
N LEU A 91 2.88 -4.65 -10.27
CA LEU A 91 3.76 -5.77 -10.67
C LEU A 91 4.37 -6.54 -9.50
N PRO A 92 5.14 -5.94 -8.56
CA PRO A 92 5.70 -6.68 -7.44
C PRO A 92 4.65 -7.37 -6.58
N LEU A 93 3.43 -6.82 -6.41
CA LEU A 93 2.34 -7.47 -5.67
C LEU A 93 1.73 -8.62 -6.49
N LYS A 94 1.47 -8.40 -7.79
CA LYS A 94 0.96 -9.40 -8.74
C LYS A 94 1.94 -10.59 -8.85
N ASN A 95 3.24 -10.34 -8.60
CA ASN A 95 4.31 -11.32 -8.55
C ASN A 95 4.39 -11.99 -7.15
N ALA A 96 4.27 -11.20 -6.06
CA ALA A 96 4.20 -11.65 -4.66
C ALA A 96 3.06 -12.66 -4.41
N SER A 97 1.99 -12.55 -5.22
CA SER A 97 0.77 -13.34 -5.16
C SER A 97 0.56 -14.30 -6.34
N ASP A 98 1.59 -14.48 -7.18
CA ASP A 98 1.57 -15.42 -8.30
C ASP A 98 1.45 -16.89 -7.80
N LYS A 99 1.10 -17.82 -8.71
CA LYS A 99 0.94 -19.27 -8.47
C LYS A 99 2.29 -20.00 -8.26
N ARG A 100 3.18 -19.42 -7.45
CA ARG A 100 4.54 -19.90 -7.11
C ARG A 100 4.54 -21.37 -6.61
N GLY B 1 23.13 -8.17 -20.93
CA GLY B 1 24.31 -8.27 -20.07
C GLY B 1 25.03 -6.93 -19.79
N SER B 2 24.52 -5.83 -20.35
CA SER B 2 25.08 -4.47 -20.24
C SER B 2 24.03 -3.35 -20.06
N HIS B 3 22.74 -3.69 -20.17
CA HIS B 3 21.60 -2.76 -20.08
C HIS B 3 20.30 -3.47 -19.68
N MET B 4 19.27 -2.70 -19.35
CA MET B 4 17.94 -3.18 -18.94
C MET B 4 16.85 -2.17 -19.33
N VAL B 5 15.61 -2.64 -19.56
CA VAL B 5 14.45 -1.80 -19.92
C VAL B 5 14.07 -0.80 -18.80
N PRO B 6 13.56 0.40 -19.13
CA PRO B 6 13.17 1.39 -18.13
C PRO B 6 11.84 1.04 -17.43
N GLU B 7 11.56 1.74 -16.34
CA GLU B 7 10.34 1.63 -15.54
C GLU B 7 9.09 2.02 -16.37
N PRO B 8 8.04 1.18 -16.39
CA PRO B 8 6.76 1.52 -17.02
C PRO B 8 6.17 2.81 -16.41
N ASP B 9 5.31 3.51 -17.16
CA ASP B 9 4.71 4.79 -16.72
C ASP B 9 3.69 4.62 -15.57
N LEU B 10 4.13 4.99 -14.35
CA LEU B 10 3.43 4.99 -13.05
C LEU B 10 1.92 5.30 -13.20
N PRO B 11 0.98 4.53 -12.62
CA PRO B 11 -0.46 4.81 -12.77
C PRO B 11 -0.85 6.23 -12.35
N HIS B 12 -1.54 6.94 -13.24
CA HIS B 12 -1.97 8.34 -13.10
C HIS B 12 -2.62 8.69 -11.75
N ASP B 13 -3.48 7.83 -11.22
CA ASP B 13 -4.15 8.00 -9.93
C ASP B 13 -3.18 7.95 -8.73
N LEU B 14 -2.05 7.23 -8.86
CA LEU B 14 -0.98 7.16 -7.85
C LEU B 14 0.09 8.24 -8.04
N ARG B 15 0.29 8.81 -9.24
CA ARG B 15 1.26 9.92 -9.48
C ARG B 15 1.02 11.10 -8.55
N HIS B 16 -0.26 11.40 -8.32
CA HIS B 16 -0.76 12.50 -7.49
C HIS B 16 -0.53 12.32 -5.97
N LEU B 17 -0.16 11.12 -5.50
CA LEU B 17 0.12 10.87 -4.08
C LEU B 17 1.43 11.54 -3.65
N ASN B 18 1.42 12.22 -2.50
CA ASN B 18 2.61 12.84 -1.91
C ASN B 18 3.51 11.74 -1.33
N THR B 19 4.64 11.47 -1.99
CA THR B 19 5.60 10.42 -1.61
C THR B 19 6.69 10.89 -0.65
N GLU B 20 6.84 12.19 -0.37
CA GLU B 20 7.85 12.68 0.59
C GLU B 20 7.71 12.08 2.00
N PRO B 21 6.50 11.98 2.61
CA PRO B 21 6.33 11.31 3.90
C PRO B 21 6.69 9.81 3.84
N MET B 22 6.42 9.16 2.69
CA MET B 22 6.70 7.74 2.47
C MET B 22 8.19 7.39 2.51
N GLU B 23 9.10 8.36 2.38
CA GLU B 23 10.54 8.13 2.40
C GLU B 23 11.04 7.34 3.63
N ILE B 24 10.30 7.33 4.75
CA ILE B 24 10.62 6.50 5.93
C ILE B 24 10.54 5.00 5.60
N PHE B 25 9.68 4.59 4.66
CA PHE B 25 9.46 3.21 4.22
C PHE B 25 10.43 2.73 3.12
N ARG B 26 11.20 3.64 2.50
CA ARG B 26 12.06 3.40 1.31
C ARG B 26 13.00 2.19 1.37
N ASN B 27 13.41 1.76 2.56
CA ASN B 27 14.26 0.59 2.78
C ASN B 27 13.74 -0.26 3.97
N SER B 28 12.42 -0.29 4.17
CA SER B 28 11.76 -0.95 5.32
C SER B 28 10.60 -1.90 4.95
N VAL B 29 10.53 -2.36 3.70
CA VAL B 29 9.48 -3.28 3.21
C VAL B 29 10.03 -4.26 2.17
N LYS B 30 9.49 -5.48 2.18
CA LYS B 30 9.76 -6.56 1.22
C LYS B 30 8.46 -6.84 0.48
N ILE B 31 8.22 -6.08 -0.59
CA ILE B 31 6.98 -6.08 -1.40
C ILE B 31 6.47 -7.50 -1.72
N GLU B 32 7.40 -8.41 -2.00
CA GLU B 32 7.12 -9.80 -2.36
C GLU B 32 6.94 -10.78 -1.19
N GLU B 33 7.43 -10.48 0.01
CA GLU B 33 7.38 -11.40 1.16
C GLU B 33 6.19 -11.17 2.12
N ILE B 34 5.58 -9.97 2.11
CA ILE B 34 4.40 -9.62 2.93
C ILE B 34 3.18 -10.48 2.52
N MET B 35 3.04 -10.74 1.22
CA MET B 35 1.93 -11.48 0.60
C MET B 35 1.99 -13.00 0.93
N PRO B 36 0.84 -13.68 1.15
CA PRO B 36 0.80 -15.13 1.44
C PRO B 36 1.12 -16.05 0.23
N ASN B 37 1.46 -15.49 -0.94
CA ASN B 37 1.83 -16.15 -2.20
C ASN B 37 0.94 -17.31 -2.71
N GLY B 38 -0.37 -17.25 -2.42
CA GLY B 38 -1.35 -18.25 -2.87
C GLY B 38 -2.16 -17.82 -4.10
N ASP B 39 -2.68 -16.59 -4.12
CA ASP B 39 -3.50 -16.00 -5.19
C ASP B 39 -3.47 -14.46 -5.15
N PRO B 40 -3.72 -13.73 -6.26
CA PRO B 40 -3.87 -12.26 -6.23
C PRO B 40 -5.32 -11.84 -5.90
N LEU B 41 -6.32 -12.69 -6.23
CA LEU B 41 -7.76 -12.52 -5.93
C LEU B 41 -8.04 -12.41 -4.41
N LEU B 42 -7.04 -12.86 -3.65
CA LEU B 42 -6.80 -12.81 -2.22
C LEU B 42 -7.09 -11.42 -1.62
N ALA B 43 -6.97 -10.36 -2.43
CA ALA B 43 -7.33 -8.99 -2.08
C ALA B 43 -8.73 -8.90 -1.45
N GLY B 44 -9.69 -9.71 -1.91
CA GLY B 44 -11.06 -9.82 -1.37
C GLY B 44 -11.14 -10.29 0.11
N GLN B 45 -10.02 -10.72 0.68
CA GLN B 45 -9.84 -11.20 2.05
C GLN B 45 -8.58 -10.60 2.71
N ASN B 46 -8.01 -9.54 2.14
CA ASN B 46 -6.83 -8.87 2.67
C ASN B 46 -6.94 -7.32 2.66
N THR B 47 -7.70 -6.75 1.72
CA THR B 47 -7.95 -5.30 1.62
C THR B 47 -9.07 -4.86 2.57
N VAL B 48 -9.44 -3.58 2.52
CA VAL B 48 -10.43 -2.96 3.38
C VAL B 48 -11.41 -2.06 2.61
N ASP B 49 -12.64 -1.97 3.11
CA ASP B 49 -13.71 -1.14 2.55
C ASP B 49 -14.62 -0.60 3.69
N GLU B 50 -15.82 -1.14 3.89
CA GLU B 50 -16.73 -0.73 5.00
C GLU B 50 -16.10 -0.82 6.41
N VAL B 51 -15.05 -1.62 6.56
CA VAL B 51 -14.30 -1.82 7.81
C VAL B 51 -13.24 -0.73 8.09
N TYR B 52 -12.97 0.20 7.16
CA TYR B 52 -11.98 1.28 7.34
C TYR B 52 -12.41 2.67 6.87
N VAL B 53 -13.36 2.80 5.92
CA VAL B 53 -13.78 4.12 5.43
C VAL B 53 -14.39 4.98 6.56
N SER B 54 -14.28 6.30 6.40
CA SER B 54 -14.75 7.29 7.37
C SER B 54 -16.25 7.28 7.67
N ARG B 55 -17.08 6.87 6.68
CA ARG B 55 -18.56 6.80 6.76
C ARG B 55 -19.08 5.51 6.09
N PRO B 56 -19.03 4.35 6.77
CA PRO B 56 -19.48 3.04 6.25
C PRO B 56 -20.93 3.01 5.73
N SER B 57 -21.81 3.87 6.25
CA SER B 57 -23.23 3.98 5.88
C SER B 57 -23.80 5.39 6.10
ZN ZN C . 2.68 -6.72 11.51
ZN ZN D . -7.00 11.86 8.28
ZN ZN E . -2.19 -1.36 -10.92
N ALA A 1 11.37 7.21 -26.28
CA ALA A 1 11.65 5.99 -25.51
C ALA A 1 11.64 6.21 -23.98
N THR A 2 11.44 7.46 -23.53
CA THR A 2 11.39 7.87 -22.10
C THR A 2 10.56 9.14 -21.92
N GLY A 3 10.24 9.50 -20.67
CA GLY A 3 9.46 10.69 -20.30
C GLY A 3 9.19 10.81 -18.79
N PRO A 4 8.51 11.88 -18.35
CA PRO A 4 8.19 12.13 -16.93
C PRO A 4 7.16 11.14 -16.33
N THR A 5 6.55 10.29 -17.15
CA THR A 5 5.56 9.26 -16.76
C THR A 5 6.17 8.12 -15.93
N ALA A 6 7.49 7.97 -15.93
CA ALA A 6 8.26 6.94 -15.24
C ALA A 6 9.28 7.56 -14.26
N ASP A 7 9.29 7.08 -13.00
CA ASP A 7 10.23 7.53 -11.95
C ASP A 7 10.50 6.36 -10.97
N PRO A 8 11.61 5.61 -11.14
CA PRO A 8 11.94 4.43 -10.34
C PRO A 8 11.85 4.59 -8.81
N GLU A 9 12.32 5.71 -8.26
CA GLU A 9 12.31 5.95 -6.81
C GLU A 9 10.90 6.23 -6.29
N LYS A 10 10.14 7.14 -6.92
CA LYS A 10 8.76 7.41 -6.53
C LYS A 10 7.91 6.14 -6.66
N ARG A 11 8.06 5.42 -7.78
CA ARG A 11 7.40 4.15 -8.08
C ARG A 11 7.54 3.15 -6.93
N LYS A 12 8.74 2.96 -6.36
CA LYS A 12 8.87 2.08 -5.17
C LYS A 12 8.28 2.70 -3.89
N LEU A 13 8.31 4.01 -3.69
CA LEU A 13 7.70 4.63 -2.49
C LEU A 13 6.20 4.31 -2.36
N ILE A 14 5.38 4.49 -3.42
CA ILE A 14 3.97 4.06 -3.33
C ILE A 14 3.86 2.54 -3.19
N GLN A 15 4.66 1.73 -3.89
CA GLN A 15 4.62 0.25 -3.72
C GLN A 15 4.81 -0.15 -2.24
N GLN A 16 5.84 0.42 -1.61
CA GLN A 16 6.25 0.14 -0.23
C GLN A 16 5.17 0.58 0.79
N GLN A 17 4.61 1.79 0.67
CA GLN A 17 3.52 2.22 1.58
C GLN A 17 2.28 1.32 1.41
N LEU A 18 1.90 1.01 0.16
CA LEU A 18 0.73 0.16 -0.13
C LEU A 18 0.86 -1.19 0.60
N VAL A 19 1.96 -1.91 0.37
CA VAL A 19 2.23 -3.21 1.02
C VAL A 19 2.31 -3.11 2.54
N LEU A 20 2.89 -2.05 3.10
CA LEU A 20 2.94 -1.86 4.55
C LEU A 20 1.52 -1.79 5.16
N LEU A 21 0.55 -1.15 4.48
CA LEU A 21 -0.85 -1.13 4.92
C LEU A 21 -1.45 -2.55 4.86
N LEU A 22 -1.19 -3.29 3.77
CA LEU A 22 -1.64 -4.68 3.61
C LEU A 22 -1.18 -5.56 4.79
N HIS A 23 0.10 -5.45 5.16
CA HIS A 23 0.66 -6.18 6.29
C HIS A 23 -0.04 -5.76 7.58
N ALA A 24 0.05 -4.48 7.92
CA ALA A 24 -0.48 -3.88 9.13
C ALA A 24 -1.96 -4.19 9.38
N HIS A 25 -2.82 -4.16 8.36
CA HIS A 25 -4.24 -4.47 8.53
C HIS A 25 -4.45 -5.90 9.05
N LYS A 26 -3.89 -6.92 8.37
CA LYS A 26 -3.98 -8.32 8.83
C LYS A 26 -3.28 -8.53 10.16
N CYS A 27 -2.15 -7.87 10.38
CA CYS A 27 -1.41 -7.91 11.63
C CYS A 27 -2.27 -7.34 12.80
N GLN A 28 -3.04 -6.29 12.54
CA GLN A 28 -4.00 -5.72 13.49
C GLN A 28 -5.09 -6.76 13.83
N ARG A 29 -5.57 -7.52 12.83
CA ARG A 29 -6.53 -8.63 13.04
C ARG A 29 -5.95 -9.70 13.99
N ARG A 30 -4.65 -10.04 13.88
CA ARG A 30 -3.97 -11.01 14.78
C ARG A 30 -4.08 -10.57 16.24
N GLU A 31 -3.83 -9.30 16.51
CA GLU A 31 -3.90 -8.71 17.86
C GLU A 31 -5.36 -8.60 18.34
N GLN A 32 -6.27 -8.05 17.52
CA GLN A 32 -7.69 -7.89 17.87
C GLN A 32 -8.41 -9.22 18.18
N ALA A 33 -7.99 -10.32 17.55
CA ALA A 33 -8.57 -11.66 17.77
C ALA A 33 -8.31 -12.26 19.17
N ASN A 34 -7.40 -11.68 19.97
CA ASN A 34 -7.05 -12.23 21.30
C ASN A 34 -6.73 -11.16 22.39
N GLY A 35 -6.44 -9.91 22.00
CA GLY A 35 -6.04 -8.80 22.88
C GLY A 35 -4.53 -8.56 22.90
N GLU A 36 -3.75 -9.62 22.65
CA GLU A 36 -2.29 -9.68 22.57
C GLU A 36 -1.90 -10.90 21.69
N VAL A 37 -0.77 -10.84 20.98
CA VAL A 37 -0.31 -11.93 20.10
C VAL A 37 1.22 -11.98 20.00
N ARG A 38 1.77 -13.00 19.31
CA ARG A 38 3.22 -13.23 19.10
C ARG A 38 3.98 -12.11 18.34
N ALA A 39 3.28 -11.11 17.83
CA ALA A 39 3.80 -9.94 17.09
C ALA A 39 4.68 -10.32 15.87
N CYS A 40 5.51 -9.38 15.42
CA CYS A 40 6.41 -9.45 14.26
C CYS A 40 7.57 -8.44 14.41
N SER A 41 8.34 -8.22 13.33
CA SER A 41 9.51 -7.33 13.27
C SER A 41 9.53 -6.38 12.06
N LEU A 42 8.45 -6.29 11.30
CA LEU A 42 8.31 -5.42 10.11
C LEU A 42 8.48 -3.93 10.51
N PRO A 43 9.54 -3.21 10.03
CA PRO A 43 9.88 -1.82 10.38
C PRO A 43 8.79 -0.76 10.66
N HIS A 44 7.65 -0.80 9.97
CA HIS A 44 6.59 0.23 10.08
C HIS A 44 5.18 -0.31 10.39
N CYS A 45 5.07 -1.54 10.90
CA CYS A 45 3.81 -2.16 11.30
C CYS A 45 3.00 -1.24 12.24
N ARG A 46 3.65 -0.76 13.32
CA ARG A 46 3.08 0.19 14.29
C ARG A 46 2.71 1.53 13.65
N THR A 47 3.49 2.00 12.67
CA THR A 47 3.27 3.28 11.98
C THR A 47 1.94 3.22 11.22
N MET A 48 1.75 2.14 10.46
CA MET A 48 0.55 1.87 9.69
C MET A 48 -0.68 1.63 10.58
N LYS A 49 -0.58 0.81 11.63
CA LYS A 49 -1.69 0.55 12.59
C LYS A 49 -2.25 1.86 13.17
N ASN A 50 -1.36 2.77 13.58
CA ASN A 50 -1.74 4.10 14.08
C ASN A 50 -2.48 4.94 13.01
N VAL A 51 -2.00 4.93 11.76
CA VAL A 51 -2.63 5.63 10.63
C VAL A 51 -3.97 5.00 10.23
N LEU A 52 -4.09 3.67 10.31
CA LEU A 52 -5.27 2.92 9.91
C LEU A 52 -6.42 3.15 10.88
N ASN A 53 -6.17 3.04 12.18
CA ASN A 53 -7.19 3.35 13.18
C ASN A 53 -7.64 4.83 13.10
N HIS A 54 -6.75 5.76 12.73
CA HIS A 54 -7.15 7.16 12.48
C HIS A 54 -8.07 7.24 11.26
N MET A 55 -7.66 6.61 10.14
CA MET A 55 -8.43 6.54 8.90
C MET A 55 -9.85 6.00 9.10
N THR A 56 -10.05 5.08 10.04
CA THR A 56 -11.38 4.50 10.35
C THR A 56 -12.40 5.50 10.92
N HIS A 57 -11.97 6.70 11.31
CA HIS A 57 -12.84 7.76 11.85
C HIS A 57 -12.67 9.11 11.12
N CYS A 58 -11.62 9.27 10.31
CA CYS A 58 -11.35 10.47 9.53
C CYS A 58 -12.43 10.74 8.45
N GLN A 59 -12.66 12.03 8.18
CA GLN A 59 -13.63 12.56 7.20
C GLN A 59 -13.04 13.76 6.41
N ALA A 60 -11.72 13.95 6.41
CA ALA A 60 -11.07 15.03 5.66
C ALA A 60 -10.72 14.67 4.19
N GLY A 61 -10.98 13.41 3.78
CA GLY A 61 -10.78 12.88 2.42
C GLY A 61 -9.35 13.04 1.85
N LYS A 62 -9.14 14.13 1.10
CA LYS A 62 -7.87 14.48 0.42
C LYS A 62 -7.19 15.75 0.97
N ALA A 63 -7.72 16.32 2.05
CA ALA A 63 -7.22 17.53 2.73
C ALA A 63 -6.82 17.27 4.20
N CYS A 64 -6.67 15.99 4.58
CA CYS A 64 -6.31 15.56 5.93
C CYS A 64 -4.94 16.11 6.40
N GLN A 65 -4.85 16.38 7.70
CA GLN A 65 -3.65 16.87 8.38
C GLN A 65 -2.68 15.73 8.75
N VAL A 66 -3.13 14.47 8.74
CA VAL A 66 -2.29 13.28 8.97
C VAL A 66 -1.69 12.89 7.61
N ALA A 67 -0.39 13.15 7.46
CA ALA A 67 0.36 12.98 6.21
C ALA A 67 0.18 11.62 5.48
N HIS A 68 0.02 10.53 6.22
CA HIS A 68 -0.17 9.19 5.66
C HIS A 68 -1.64 8.80 5.40
N CYS A 69 -2.61 9.39 6.09
CA CYS A 69 -4.05 9.08 5.97
C CYS A 69 -4.60 9.28 4.54
N ALA A 70 -4.64 10.53 4.06
CA ALA A 70 -5.16 10.85 2.73
C ALA A 70 -4.48 10.06 1.61
N SER A 71 -3.16 9.86 1.70
CA SER A 71 -2.42 9.07 0.72
C SER A 71 -2.82 7.59 0.78
N SER A 72 -2.87 6.98 1.97
CA SER A 72 -3.27 5.58 2.18
C SER A 72 -4.71 5.33 1.70
N ARG A 73 -5.64 6.21 2.06
CA ARG A 73 -7.06 6.21 1.65
C ARG A 73 -7.23 6.08 0.13
N GLN A 74 -6.35 6.72 -0.64
CA GLN A 74 -6.29 6.59 -2.12
C GLN A 74 -5.48 5.34 -2.56
N ILE A 75 -4.32 5.06 -1.95
CA ILE A 75 -3.44 3.93 -2.32
C ILE A 75 -4.15 2.56 -2.27
N ILE A 76 -5.01 2.35 -1.26
CA ILE A 76 -5.80 1.13 -1.07
C ILE A 76 -6.74 0.90 -2.27
N SER A 77 -7.46 1.94 -2.69
CA SER A 77 -8.40 1.89 -3.83
C SER A 77 -7.77 1.43 -5.14
N HIS A 78 -6.46 1.66 -5.37
CA HIS A 78 -5.77 1.21 -6.58
C HIS A 78 -5.67 -0.32 -6.62
N TRP A 79 -5.01 -0.93 -5.62
CA TRP A 79 -4.83 -2.39 -5.50
C TRP A 79 -6.16 -3.16 -5.46
N LYS A 80 -7.22 -2.58 -4.87
CA LYS A 80 -8.58 -3.13 -4.81
C LYS A 80 -9.24 -3.29 -6.20
N ASN A 81 -8.69 -2.70 -7.27
CA ASN A 81 -9.29 -2.70 -8.62
C ASN A 81 -8.33 -3.02 -9.79
N CYS A 82 -7.04 -2.67 -9.72
CA CYS A 82 -6.08 -2.87 -10.80
C CYS A 82 -5.84 -4.35 -11.15
N THR A 83 -5.79 -4.64 -12.46
CA THR A 83 -5.54 -5.97 -13.04
C THR A 83 -4.60 -5.94 -14.25
N ARG A 84 -3.93 -4.80 -14.53
CA ARG A 84 -2.95 -4.61 -15.61
C ARG A 84 -1.69 -5.44 -15.32
N HIS A 85 -1.36 -6.39 -16.20
CA HIS A 85 -0.20 -7.30 -16.04
C HIS A 85 1.19 -6.63 -16.04
N ASP A 86 1.28 -5.34 -16.37
CA ASP A 86 2.53 -4.56 -16.41
C ASP A 86 2.45 -3.23 -15.63
N CYS A 87 1.48 -3.12 -14.70
CA CYS A 87 1.34 -1.96 -13.80
C CYS A 87 2.69 -1.74 -13.07
N PRO A 88 3.31 -0.55 -13.14
CA PRO A 88 4.62 -0.34 -12.52
C PRO A 88 4.57 -0.45 -11.00
N VAL A 89 3.41 -0.16 -10.40
CA VAL A 89 3.21 -0.18 -8.96
C VAL A 89 2.61 -1.52 -8.51
N CYS A 90 1.57 -2.06 -9.16
CA CYS A 90 1.03 -3.35 -8.73
C CYS A 90 1.91 -4.55 -9.10
N LEU A 91 2.69 -4.57 -10.19
CA LEU A 91 3.46 -5.76 -10.61
C LEU A 91 4.12 -6.57 -9.48
N PRO A 92 4.93 -5.99 -8.56
CA PRO A 92 5.49 -6.75 -7.45
C PRO A 92 4.41 -7.37 -6.55
N LEU A 93 3.27 -6.70 -6.31
CA LEU A 93 2.15 -7.24 -5.54
C LEU A 93 1.37 -8.33 -6.32
N LYS A 94 1.13 -8.12 -7.62
CA LYS A 94 0.47 -9.11 -8.48
C LYS A 94 1.31 -10.38 -8.49
N ASN A 95 2.64 -10.26 -8.55
CA ASN A 95 3.61 -11.36 -8.44
C ASN A 95 3.59 -12.00 -7.02
N ALA A 96 3.58 -11.17 -5.96
CA ALA A 96 3.50 -11.56 -4.55
C ALA A 96 2.30 -12.47 -4.23
N SER A 97 1.28 -12.48 -5.10
CA SER A 97 0.07 -13.31 -4.96
C SER A 97 -0.31 -14.08 -6.23
N ASP A 98 0.71 -14.49 -6.99
CA ASP A 98 0.60 -15.32 -8.20
C ASP A 98 1.73 -16.37 -8.29
N LYS A 99 2.89 -16.13 -7.66
CA LYS A 99 4.05 -17.05 -7.63
C LYS A 99 3.73 -18.42 -7.02
N ARG A 100 2.73 -18.52 -6.14
CA ARG A 100 2.23 -19.74 -5.47
C ARG A 100 0.70 -19.79 -5.45
N GLY B 1 16.17 -3.92 -6.41
CA GLY B 1 17.52 -3.63 -6.91
C GLY B 1 18.34 -4.87 -7.33
N SER B 2 17.76 -6.07 -7.17
CA SER B 2 18.38 -7.36 -7.54
C SER B 2 18.55 -7.58 -9.05
N HIS B 3 17.86 -6.80 -9.89
CA HIS B 3 17.90 -6.87 -11.36
C HIS B 3 17.62 -5.48 -11.97
N MET B 4 18.01 -5.29 -13.24
CA MET B 4 17.81 -4.06 -14.03
C MET B 4 16.36 -3.91 -14.54
N VAL B 5 15.39 -3.99 -13.63
CA VAL B 5 13.94 -3.88 -13.90
C VAL B 5 13.55 -2.57 -14.61
N PRO B 6 12.53 -2.58 -15.50
CA PRO B 6 12.06 -1.38 -16.21
C PRO B 6 11.21 -0.47 -15.31
N GLU B 7 10.79 0.68 -15.86
CA GLU B 7 9.93 1.69 -15.20
C GLU B 7 8.67 2.04 -16.03
N PRO B 8 7.68 1.14 -16.09
CA PRO B 8 6.39 1.40 -16.75
C PRO B 8 5.74 2.70 -16.25
N ASP B 9 4.83 3.25 -17.05
CA ASP B 9 4.11 4.50 -16.78
C ASP B 9 3.28 4.47 -15.48
N LEU B 10 3.76 5.20 -14.45
CA LEU B 10 3.19 5.29 -13.09
C LEU B 10 1.70 5.69 -13.16
N PRO B 11 0.75 4.88 -12.59
CA PRO B 11 -0.68 5.19 -12.62
C PRO B 11 -1.02 6.60 -12.14
N HIS B 12 -1.70 7.39 -12.98
CA HIS B 12 -2.05 8.80 -12.72
C HIS B 12 -2.71 9.05 -11.36
N ASP B 13 -3.57 8.14 -10.89
CA ASP B 13 -4.23 8.23 -9.59
C ASP B 13 -3.23 8.07 -8.41
N LEU B 14 -2.12 7.37 -8.62
CA LEU B 14 -1.02 7.24 -7.66
C LEU B 14 0.06 8.33 -7.82
N ARG B 15 0.26 8.89 -9.03
CA ARG B 15 1.22 10.00 -9.27
C ARG B 15 0.96 11.20 -8.35
N HIS B 16 -0.32 11.51 -8.12
CA HIS B 16 -0.78 12.60 -7.26
C HIS B 16 -0.55 12.37 -5.75
N LEU B 17 -0.19 11.14 -5.31
CA LEU B 17 0.06 10.87 -3.89
C LEU B 17 1.33 11.55 -3.39
N ASN B 18 1.27 12.07 -2.16
CA ASN B 18 2.40 12.70 -1.49
C ASN B 18 3.40 11.62 -1.01
N THR B 19 4.49 11.44 -1.76
CA THR B 19 5.55 10.46 -1.47
C THR B 19 6.63 10.97 -0.53
N GLU B 20 6.67 12.27 -0.20
CA GLU B 20 7.67 12.82 0.74
C GLU B 20 7.64 12.18 2.15
N PRO B 21 6.48 11.98 2.81
CA PRO B 21 6.45 11.31 4.11
C PRO B 21 6.72 9.80 3.95
N MET B 22 6.46 9.22 2.77
CA MET B 22 6.74 7.81 2.46
C MET B 22 8.24 7.48 2.44
N GLU B 23 9.13 8.49 2.36
CA GLU B 23 10.58 8.32 2.32
C GLU B 23 11.17 7.45 3.46
N ILE B 24 10.45 7.31 4.59
CA ILE B 24 10.86 6.41 5.69
C ILE B 24 10.73 4.92 5.32
N PHE B 25 9.82 4.57 4.40
CA PHE B 25 9.57 3.20 3.91
C PHE B 25 10.51 2.76 2.76
N ARG B 26 11.26 3.70 2.17
CA ARG B 26 12.12 3.53 0.98
C ARG B 26 13.08 2.33 0.95
N ASN B 27 13.42 1.77 2.11
CA ASN B 27 14.28 0.60 2.27
C ASN B 27 13.85 -0.27 3.48
N SER B 28 12.54 -0.33 3.78
CA SER B 28 11.98 -0.98 4.98
C SER B 28 10.84 -1.98 4.72
N VAL B 29 10.71 -2.50 3.49
CA VAL B 29 9.61 -3.41 3.09
C VAL B 29 10.07 -4.51 2.11
N LYS B 30 9.38 -5.65 2.13
CA LYS B 30 9.55 -6.80 1.24
C LYS B 30 8.24 -7.03 0.47
N ILE B 31 8.08 -6.29 -0.62
CA ILE B 31 6.85 -6.23 -1.44
C ILE B 31 6.27 -7.63 -1.76
N GLU B 32 7.15 -8.58 -2.07
CA GLU B 32 6.79 -9.95 -2.44
C GLU B 32 6.64 -10.93 -1.27
N GLU B 33 7.20 -10.65 -0.09
CA GLU B 33 7.16 -11.59 1.06
C GLU B 33 6.03 -11.31 2.08
N ILE B 34 5.54 -10.07 2.17
CA ILE B 34 4.44 -9.65 3.07
C ILE B 34 3.14 -10.42 2.77
N MET B 35 2.82 -10.54 1.48
CA MET B 35 1.58 -11.11 0.93
C MET B 35 1.33 -12.59 1.33
N PRO B 36 0.07 -13.02 1.58
CA PRO B 36 -0.27 -14.43 1.88
C PRO B 36 -0.03 -15.40 0.70
N ASN B 37 0.26 -14.85 -0.49
CA ASN B 37 0.59 -15.53 -1.75
C ASN B 37 -0.39 -16.62 -2.23
N GLY B 38 -1.44 -16.20 -2.94
CA GLY B 38 -2.45 -17.10 -3.52
C GLY B 38 -3.31 -16.48 -4.64
N ASP B 39 -3.78 -15.25 -4.47
CA ASP B 39 -4.60 -14.49 -5.43
C ASP B 39 -4.47 -12.97 -5.18
N PRO B 40 -4.37 -12.10 -6.21
CA PRO B 40 -4.32 -10.66 -6.02
C PRO B 40 -5.72 -10.02 -5.87
N LEU B 41 -6.73 -10.47 -6.64
CA LEU B 41 -8.12 -9.95 -6.59
C LEU B 41 -8.82 -10.21 -5.23
N LEU B 42 -8.28 -11.15 -4.45
CA LEU B 42 -8.63 -11.52 -3.08
C LEU B 42 -8.52 -10.31 -2.13
N ALA B 43 -7.84 -9.22 -2.54
CA ALA B 43 -7.77 -7.93 -1.85
C ALA B 43 -9.13 -7.39 -1.37
N GLY B 44 -10.24 -7.73 -2.06
CA GLY B 44 -11.62 -7.33 -1.74
C GLY B 44 -11.99 -7.43 -0.25
N GLN B 45 -11.53 -8.47 0.45
CA GLN B 45 -11.76 -8.67 1.90
C GLN B 45 -10.48 -9.01 2.70
N ASN B 46 -9.37 -9.30 2.03
CA ASN B 46 -8.07 -9.60 2.66
C ASN B 46 -7.38 -8.38 3.31
N THR B 47 -7.82 -7.17 2.97
CA THR B 47 -7.21 -5.92 3.45
C THR B 47 -8.22 -4.77 3.60
N VAL B 48 -7.77 -3.65 4.17
CA VAL B 48 -8.46 -2.37 4.46
C VAL B 48 -9.71 -2.13 3.61
N ASP B 49 -10.89 -2.31 4.23
CA ASP B 49 -12.19 -2.33 3.54
C ASP B 49 -12.89 -0.99 3.28
N GLU B 50 -13.98 -1.00 2.50
CA GLU B 50 -14.84 0.15 2.16
C GLU B 50 -15.31 0.90 3.41
N VAL B 51 -15.69 0.15 4.45
CA VAL B 51 -16.12 0.63 5.78
C VAL B 51 -14.93 1.07 6.66
N TYR B 52 -13.70 0.94 6.15
CA TYR B 52 -12.43 1.23 6.81
C TYR B 52 -11.77 2.51 6.29
N VAL B 53 -11.80 2.72 4.97
CA VAL B 53 -11.30 3.93 4.29
C VAL B 53 -12.34 5.05 4.40
N SER B 54 -12.72 5.41 5.63
CA SER B 54 -13.74 6.42 5.94
C SER B 54 -13.46 7.78 5.28
N ARG B 55 -14.52 8.48 4.87
CA ARG B 55 -14.50 9.78 4.18
C ARG B 55 -15.80 10.58 4.49
N PRO B 56 -15.94 11.86 4.10
CA PRO B 56 -17.14 12.65 4.41
C PRO B 56 -18.37 12.21 3.59
N SER B 57 -19.57 12.59 4.06
CA SER B 57 -20.86 12.27 3.43
C SER B 57 -21.93 13.32 3.77
ZN ZN C . 2.99 -6.81 11.73
ZN ZN D . -7.26 11.50 8.17
ZN ZN E . -2.04 -1.18 -10.50
N ALA A 1 10.17 10.03 -24.16
CA ALA A 1 9.70 9.81 -25.53
C ALA A 1 8.83 8.55 -25.69
N THR A 2 8.69 7.75 -24.62
CA THR A 2 7.90 6.50 -24.59
C THR A 2 7.22 6.24 -23.22
N GLY A 3 7.78 6.78 -22.13
CA GLY A 3 7.24 6.66 -20.77
C GLY A 3 7.84 7.67 -19.77
N PRO A 4 7.80 8.99 -20.04
CA PRO A 4 8.39 10.02 -19.17
C PRO A 4 7.70 10.14 -17.79
N THR A 5 6.51 9.56 -17.62
CA THR A 5 5.76 9.54 -16.35
C THR A 5 6.34 8.59 -15.31
N ALA A 6 7.19 7.64 -15.72
CA ALA A 6 7.82 6.65 -14.84
C ALA A 6 8.98 7.23 -14.00
N ASP A 7 9.14 6.70 -12.78
CA ASP A 7 10.24 7.05 -11.86
C ASP A 7 10.44 5.88 -10.87
N PRO A 8 11.51 5.06 -11.01
CA PRO A 8 11.76 3.89 -10.17
C PRO A 8 11.78 4.16 -8.65
N GLU A 9 12.35 5.29 -8.22
CA GLU A 9 12.45 5.65 -6.79
C GLU A 9 11.09 6.04 -6.22
N LYS A 10 10.32 6.88 -6.93
CA LYS A 10 8.95 7.24 -6.52
C LYS A 10 8.06 6.01 -6.50
N ARG A 11 8.13 5.18 -7.55
CA ARG A 11 7.41 3.90 -7.68
C ARG A 11 7.61 3.03 -6.43
N LYS A 12 8.85 2.85 -5.98
CA LYS A 12 9.18 2.11 -4.74
C LYS A 12 8.51 2.69 -3.49
N LEU A 13 8.27 4.00 -3.43
CA LEU A 13 7.63 4.62 -2.27
C LEU A 13 6.13 4.35 -2.21
N ILE A 14 5.37 4.58 -3.30
CA ILE A 14 3.94 4.19 -3.28
C ILE A 14 3.80 2.66 -3.16
N GLN A 15 4.67 1.86 -3.79
CA GLN A 15 4.64 0.39 -3.63
C GLN A 15 4.75 -0.03 -2.16
N GLN A 16 5.74 0.52 -1.46
CA GLN A 16 6.03 0.16 -0.08
C GLN A 16 4.97 0.67 0.91
N GLN A 17 4.45 1.91 0.77
CA GLN A 17 3.36 2.38 1.65
C GLN A 17 2.10 1.51 1.46
N LEU A 18 1.75 1.19 0.21
CA LEU A 18 0.58 0.34 -0.11
C LEU A 18 0.69 -1.01 0.62
N VAL A 19 1.77 -1.75 0.37
CA VAL A 19 2.02 -3.06 1.00
C VAL A 19 2.04 -3.01 2.53
N LEU A 20 2.65 -1.98 3.13
CA LEU A 20 2.67 -1.81 4.57
C LEU A 20 1.25 -1.74 5.18
N LEU A 21 0.29 -1.10 4.48
CA LEU A 21 -1.12 -1.04 4.91
C LEU A 21 -1.76 -2.44 4.78
N LEU A 22 -1.51 -3.15 3.67
CA LEU A 22 -2.01 -4.52 3.46
C LEU A 22 -1.58 -5.44 4.62
N HIS A 23 -0.34 -5.31 5.08
CA HIS A 23 0.17 -6.08 6.22
C HIS A 23 -0.49 -5.63 7.53
N ALA A 24 -0.35 -4.35 7.88
CA ALA A 24 -0.86 -3.78 9.12
C ALA A 24 -2.35 -4.06 9.39
N HIS A 25 -3.20 -4.06 8.37
CA HIS A 25 -4.62 -4.39 8.52
C HIS A 25 -4.81 -5.82 9.08
N LYS A 26 -4.30 -6.85 8.38
CA LYS A 26 -4.40 -8.25 8.84
C LYS A 26 -3.61 -8.50 10.13
N CYS A 27 -2.51 -7.77 10.36
CA CYS A 27 -1.72 -7.84 11.57
C CYS A 27 -2.56 -7.36 12.78
N GLN A 28 -3.30 -6.25 12.63
CA GLN A 28 -4.21 -5.74 13.66
C GLN A 28 -5.33 -6.77 13.96
N ARG A 29 -5.76 -7.57 12.96
CA ARG A 29 -6.71 -8.67 13.18
C ARG A 29 -6.07 -9.83 13.94
N ARG A 30 -4.85 -10.27 13.60
CA ARG A 30 -4.13 -11.34 14.33
C ARG A 30 -3.81 -10.95 15.78
N GLU A 31 -3.56 -9.66 16.05
CA GLU A 31 -3.34 -9.10 17.40
C GLU A 31 -4.47 -9.46 18.37
N GLN A 32 -5.72 -9.57 17.88
CA GLN A 32 -6.89 -9.92 18.70
C GLN A 32 -6.75 -11.27 19.43
N ALA A 33 -5.91 -12.20 18.93
CA ALA A 33 -5.61 -13.48 19.57
C ALA A 33 -4.85 -13.33 20.91
N ASN A 34 -4.25 -12.16 21.17
CA ASN A 34 -3.49 -11.80 22.37
C ASN A 34 -3.99 -10.47 23.00
N GLY A 35 -5.13 -9.94 22.53
CA GLY A 35 -5.74 -8.68 22.97
C GLY A 35 -5.05 -7.44 22.40
N GLU A 36 -3.76 -7.26 22.74
CA GLU A 36 -2.91 -6.14 22.30
C GLU A 36 -1.45 -6.60 22.16
N VAL A 37 -0.82 -6.33 21.00
CA VAL A 37 0.58 -6.62 20.70
C VAL A 37 1.04 -5.85 19.46
N ARG A 38 2.19 -5.16 19.59
CA ARG A 38 2.84 -4.37 18.53
C ARG A 38 4.30 -4.78 18.31
N ALA A 39 4.67 -5.97 18.78
CA ALA A 39 6.01 -6.54 18.67
C ALA A 39 6.37 -6.82 17.19
N CYS A 40 5.57 -7.67 16.53
CA CYS A 40 5.65 -8.09 15.12
C CYS A 40 7.10 -8.25 14.57
N SER A 41 7.27 -7.95 13.28
CA SER A 41 8.52 -8.02 12.51
C SER A 41 8.67 -6.89 11.49
N LEU A 42 7.58 -6.21 11.09
CA LEU A 42 7.62 -5.12 10.12
C LEU A 42 8.10 -3.78 10.74
N PRO A 43 9.16 -3.12 10.19
CA PRO A 43 9.70 -1.83 10.65
C PRO A 43 8.69 -0.69 10.95
N HIS A 44 7.55 -0.68 10.26
CA HIS A 44 6.52 0.36 10.37
C HIS A 44 5.11 -0.18 10.63
N CYS A 45 4.99 -1.42 11.16
CA CYS A 45 3.71 -2.04 11.48
C CYS A 45 2.86 -1.13 12.40
N ARG A 46 3.47 -0.64 13.49
CA ARG A 46 2.84 0.31 14.43
C ARG A 46 2.51 1.66 13.79
N THR A 47 3.35 2.14 12.85
CA THR A 47 3.16 3.39 12.11
C THR A 47 1.85 3.31 11.32
N MET A 48 1.69 2.23 10.57
CA MET A 48 0.52 1.96 9.73
C MET A 48 -0.73 1.73 10.58
N LYS A 49 -0.66 0.93 11.67
CA LYS A 49 -1.79 0.69 12.59
C LYS A 49 -2.35 1.99 13.16
N ASN A 50 -1.47 2.93 13.55
CA ASN A 50 -1.86 4.26 14.03
C ASN A 50 -2.58 5.08 12.93
N VAL A 51 -2.06 5.06 11.70
CA VAL A 51 -2.65 5.75 10.54
C VAL A 51 -4.01 5.14 10.16
N LEU A 52 -4.13 3.81 10.18
CA LEU A 52 -5.34 3.05 9.85
C LEU A 52 -6.48 3.31 10.84
N ASN A 53 -6.17 3.26 12.14
CA ASN A 53 -7.15 3.60 13.18
C ASN A 53 -7.58 5.07 13.02
N HIS A 54 -6.64 6.01 12.80
CA HIS A 54 -6.97 7.42 12.54
C HIS A 54 -7.92 7.53 11.34
N MET A 55 -7.56 6.94 10.19
CA MET A 55 -8.33 6.91 8.94
C MET A 55 -9.78 6.47 9.13
N THR A 56 -9.99 5.50 10.03
CA THR A 56 -11.30 4.93 10.32
C THR A 56 -12.21 5.89 11.10
N HIS A 57 -11.65 6.82 11.87
CA HIS A 57 -12.39 7.86 12.62
C HIS A 57 -12.38 9.22 11.90
N CYS A 58 -11.44 9.43 10.98
CA CYS A 58 -11.27 10.60 10.13
C CYS A 58 -12.48 10.79 9.17
N GLN A 59 -12.63 11.99 8.61
CA GLN A 59 -13.72 12.41 7.71
C GLN A 59 -13.26 13.38 6.59
N ALA A 60 -11.97 13.74 6.53
CA ALA A 60 -11.42 14.70 5.56
C ALA A 60 -11.11 14.14 4.14
N GLY A 61 -11.38 12.86 3.88
CA GLY A 61 -11.16 12.22 2.57
C GLY A 61 -9.72 12.36 2.04
N LYS A 62 -9.57 12.59 0.73
CA LYS A 62 -8.28 12.74 0.02
C LYS A 62 -7.56 14.08 0.30
N ALA A 63 -7.94 14.82 1.34
CA ALA A 63 -7.41 16.14 1.71
C ALA A 63 -7.06 16.32 3.21
N CYS A 64 -6.99 15.23 3.99
CA CYS A 64 -6.65 15.25 5.41
C CYS A 64 -5.29 15.91 5.74
N GLN A 65 -5.19 16.48 6.94
CA GLN A 65 -3.97 17.09 7.48
C GLN A 65 -2.91 16.04 7.87
N VAL A 66 -3.30 14.80 8.15
CA VAL A 66 -2.36 13.70 8.47
C VAL A 66 -1.75 13.19 7.16
N ALA A 67 -0.45 13.38 6.99
CA ALA A 67 0.31 13.07 5.77
C ALA A 67 0.10 11.64 5.21
N HIS A 68 0.08 10.63 6.08
CA HIS A 68 -0.12 9.23 5.66
C HIS A 68 -1.59 8.84 5.50
N CYS A 69 -2.56 9.55 6.10
CA CYS A 69 -3.99 9.27 5.99
C CYS A 69 -4.51 9.49 4.56
N ALA A 70 -4.51 10.74 4.08
CA ALA A 70 -5.00 11.09 2.76
C ALA A 70 -4.33 10.30 1.62
N SER A 71 -3.03 10.00 1.76
CA SER A 71 -2.32 9.18 0.77
C SER A 71 -2.79 7.73 0.81
N SER A 72 -2.77 7.10 1.98
CA SER A 72 -3.24 5.72 2.20
C SER A 72 -4.67 5.52 1.69
N ARG A 73 -5.57 6.48 1.99
CA ARG A 73 -6.98 6.51 1.54
C ARG A 73 -7.12 6.37 0.02
N GLN A 74 -6.20 6.96 -0.75
CA GLN A 74 -6.10 6.85 -2.21
C GLN A 74 -5.33 5.59 -2.66
N ILE A 75 -4.21 5.25 -2.00
CA ILE A 75 -3.35 4.10 -2.37
C ILE A 75 -4.09 2.75 -2.33
N ILE A 76 -4.94 2.54 -1.32
CA ILE A 76 -5.77 1.34 -1.14
C ILE A 76 -6.74 1.16 -2.32
N SER A 77 -7.39 2.27 -2.73
CA SER A 77 -8.32 2.30 -3.86
C SER A 77 -7.71 1.86 -5.20
N HIS A 78 -6.40 2.01 -5.42
CA HIS A 78 -5.75 1.55 -6.65
C HIS A 78 -5.74 0.02 -6.73
N TRP A 79 -5.17 -0.66 -5.72
CA TRP A 79 -5.09 -2.12 -5.62
C TRP A 79 -6.48 -2.79 -5.64
N LYS A 80 -7.49 -2.11 -5.09
CA LYS A 80 -8.91 -2.52 -5.11
C LYS A 80 -9.54 -2.57 -6.51
N ASN A 81 -8.92 -1.99 -7.54
CA ASN A 81 -9.49 -1.90 -8.89
C ASN A 81 -8.56 -2.30 -10.06
N CYS A 82 -7.23 -2.14 -9.95
CA CYS A 82 -6.28 -2.46 -11.02
C CYS A 82 -6.20 -3.96 -11.33
N THR A 83 -6.03 -4.27 -12.63
CA THR A 83 -5.90 -5.63 -13.20
C THR A 83 -4.80 -5.75 -14.26
N ARG A 84 -4.17 -4.64 -14.66
CA ARG A 84 -3.09 -4.57 -15.66
C ARG A 84 -1.85 -5.35 -15.19
N HIS A 85 -1.47 -6.39 -15.92
CA HIS A 85 -0.32 -7.26 -15.61
C HIS A 85 1.07 -6.60 -15.70
N ASP A 86 1.16 -5.37 -16.22
CA ASP A 86 2.43 -4.61 -16.36
C ASP A 86 2.38 -3.22 -15.70
N CYS A 87 1.39 -2.98 -14.84
CA CYS A 87 1.29 -1.77 -14.02
C CYS A 87 2.60 -1.68 -13.19
N PRO A 88 3.35 -0.56 -13.21
CA PRO A 88 4.67 -0.50 -12.56
C PRO A 88 4.58 -0.65 -11.04
N VAL A 89 3.53 -0.09 -10.43
CA VAL A 89 3.33 -0.11 -8.98
C VAL A 89 2.74 -1.45 -8.54
N CYS A 90 1.70 -1.96 -9.20
CA CYS A 90 1.11 -3.24 -8.83
C CYS A 90 1.98 -4.46 -9.16
N LEU A 91 2.83 -4.44 -10.20
CA LEU A 91 3.61 -5.62 -10.63
C LEU A 91 4.23 -6.45 -9.48
N PRO A 92 5.02 -5.89 -8.53
CA PRO A 92 5.53 -6.67 -7.41
C PRO A 92 4.43 -7.29 -6.54
N LEU A 93 3.27 -6.64 -6.35
CA LEU A 93 2.11 -7.19 -5.59
C LEU A 93 1.40 -8.29 -6.39
N LYS A 94 1.21 -8.09 -7.70
CA LYS A 94 0.63 -9.07 -8.63
C LYS A 94 1.52 -10.31 -8.64
N ASN A 95 2.85 -10.14 -8.64
CA ASN A 95 3.83 -11.22 -8.53
C ASN A 95 3.80 -11.88 -7.12
N ALA A 96 3.68 -11.08 -6.05
CA ALA A 96 3.57 -11.53 -4.64
C ALA A 96 2.38 -12.49 -4.40
N SER A 97 1.34 -12.41 -5.24
CA SER A 97 0.09 -13.18 -5.10
C SER A 97 -0.14 -14.23 -6.20
N ASP A 98 0.42 -14.07 -7.40
CA ASP A 98 0.33 -15.03 -8.52
C ASP A 98 1.07 -16.37 -8.25
N LYS A 99 1.84 -16.47 -7.14
CA LYS A 99 2.61 -17.65 -6.72
C LYS A 99 1.79 -18.94 -6.61
N ARG A 100 0.47 -18.86 -6.35
CA ARG A 100 -0.45 -20.00 -6.24
C ARG A 100 -0.38 -20.94 -7.45
N GLY B 1 20.99 9.54 -24.42
CA GLY B 1 19.72 9.05 -24.96
C GLY B 1 19.80 7.65 -25.60
N SER B 2 20.99 7.04 -25.65
CA SER B 2 21.24 5.71 -26.22
C SER B 2 20.63 4.54 -25.40
N HIS B 3 20.26 4.78 -24.15
CA HIS B 3 19.65 3.81 -23.23
C HIS B 3 18.72 4.49 -22.20
N MET B 4 17.81 3.72 -21.61
CA MET B 4 16.86 4.17 -20.57
C MET B 4 16.51 2.98 -19.65
N VAL B 5 16.35 3.24 -18.34
CA VAL B 5 15.98 2.21 -17.35
C VAL B 5 14.60 1.57 -17.65
N PRO B 6 14.43 0.25 -17.48
CA PRO B 6 13.16 -0.43 -17.71
C PRO B 6 12.16 -0.15 -16.57
N GLU B 7 11.24 0.80 -16.79
CA GLU B 7 10.22 1.19 -15.80
C GLU B 7 8.89 1.57 -16.47
N PRO B 8 7.82 0.75 -16.36
CA PRO B 8 6.50 1.07 -16.89
C PRO B 8 5.94 2.43 -16.38
N ASP B 9 4.98 3.00 -17.11
CA ASP B 9 4.31 4.28 -16.83
C ASP B 9 3.53 4.31 -15.49
N LEU B 10 4.03 5.06 -14.50
CA LEU B 10 3.45 5.18 -13.14
C LEU B 10 1.97 5.62 -13.22
N PRO B 11 1.00 4.87 -12.64
CA PRO B 11 -0.42 5.23 -12.68
C PRO B 11 -0.66 6.65 -12.17
N HIS B 12 -1.24 7.52 -12.99
CA HIS B 12 -1.41 8.95 -12.68
C HIS B 12 -2.16 9.24 -11.36
N ASP B 13 -3.13 8.41 -10.98
CA ASP B 13 -3.84 8.51 -9.70
C ASP B 13 -2.89 8.31 -8.49
N LEU B 14 -1.81 7.54 -8.67
CA LEU B 14 -0.74 7.36 -7.68
C LEU B 14 0.37 8.42 -7.85
N ARG B 15 0.61 8.97 -9.07
CA ARG B 15 1.57 10.07 -9.28
C ARG B 15 1.21 11.30 -8.42
N HIS B 16 -0.09 11.54 -8.25
CA HIS B 16 -0.64 12.62 -7.41
C HIS B 16 -0.33 12.49 -5.91
N LEU B 17 -0.01 11.29 -5.41
CA LEU B 17 0.31 11.06 -4.00
C LEU B 17 1.64 11.71 -3.60
N ASN B 18 1.64 12.42 -2.46
CA ASN B 18 2.86 13.02 -1.90
C ASN B 18 3.75 11.91 -1.32
N THR B 19 4.85 11.59 -2.00
CA THR B 19 5.80 10.54 -1.64
C THR B 19 6.89 10.99 -0.67
N GLU B 20 7.04 12.29 -0.35
CA GLU B 20 8.07 12.76 0.60
C GLU B 20 7.95 12.13 2.01
N PRO B 21 6.76 12.06 2.65
CA PRO B 21 6.59 11.39 3.94
C PRO B 21 6.91 9.88 3.86
N MET B 22 6.63 9.27 2.71
CA MET B 22 6.85 7.84 2.45
C MET B 22 8.32 7.43 2.47
N GLU B 23 9.27 8.38 2.36
CA GLU B 23 10.72 8.10 2.35
C GLU B 23 11.20 7.25 3.53
N ILE B 24 10.47 7.20 4.65
CA ILE B 24 10.78 6.32 5.79
C ILE B 24 10.61 4.81 5.44
N PHE B 25 9.72 4.47 4.50
CA PHE B 25 9.43 3.11 4.03
C PHE B 25 10.34 2.61 2.91
N ARG B 26 11.13 3.49 2.27
CA ARG B 26 11.96 3.22 1.06
C ARG B 26 12.84 1.96 1.06
N ASN B 27 13.23 1.46 2.23
CA ASN B 27 14.03 0.25 2.41
C ASN B 27 13.60 -0.54 3.67
N SER B 28 12.30 -0.52 4.00
CA SER B 28 11.73 -1.12 5.23
C SER B 28 10.57 -2.10 4.98
N VAL B 29 10.46 -2.65 3.76
CA VAL B 29 9.36 -3.54 3.35
C VAL B 29 9.85 -4.63 2.39
N LYS B 30 9.11 -5.74 2.33
CA LYS B 30 9.31 -6.89 1.42
C LYS B 30 8.03 -7.08 0.60
N ILE B 31 7.94 -6.33 -0.51
CA ILE B 31 6.75 -6.24 -1.38
C ILE B 31 6.17 -7.63 -1.73
N GLU B 32 7.05 -8.60 -1.99
CA GLU B 32 6.66 -9.97 -2.36
C GLU B 32 6.43 -10.94 -1.19
N GLU B 33 6.96 -10.67 0.01
CA GLU B 33 6.82 -11.59 1.15
C GLU B 33 5.62 -11.29 2.07
N ILE B 34 5.14 -10.04 2.11
CA ILE B 34 4.00 -9.59 2.92
C ILE B 34 2.68 -10.30 2.52
N MET B 35 2.46 -10.43 1.21
CA MET B 35 1.23 -10.95 0.60
C MET B 35 0.87 -12.39 1.02
N PRO B 36 -0.42 -12.74 1.20
CA PRO B 36 -0.88 -14.10 1.53
C PRO B 36 -0.68 -15.14 0.39
N ASN B 37 0.04 -14.79 -0.68
CA ASN B 37 0.40 -15.61 -1.85
C ASN B 37 -0.74 -16.41 -2.53
N GLY B 38 -1.98 -15.93 -2.44
CA GLY B 38 -3.16 -16.62 -3.01
C GLY B 38 -3.67 -16.03 -4.33
N ASP B 39 -4.05 -14.75 -4.36
CA ASP B 39 -4.61 -14.07 -5.55
C ASP B 39 -4.49 -12.54 -5.47
N PRO B 40 -4.32 -11.80 -6.58
CA PRO B 40 -4.29 -10.34 -6.56
C PRO B 40 -5.71 -9.73 -6.48
N LEU B 41 -6.70 -10.34 -7.14
CA LEU B 41 -8.11 -9.90 -7.17
C LEU B 41 -8.80 -9.98 -5.79
N LEU B 42 -8.20 -10.78 -4.90
CA LEU B 42 -8.54 -11.00 -3.48
C LEU B 42 -8.33 -9.71 -2.63
N ALA B 43 -7.89 -8.60 -3.23
CA ALA B 43 -7.77 -7.27 -2.62
C ALA B 43 -9.01 -6.82 -1.82
N GLY B 44 -10.21 -7.32 -2.17
CA GLY B 44 -11.48 -7.08 -1.47
C GLY B 44 -11.51 -7.56 0.00
N GLN B 45 -10.66 -8.53 0.35
CA GLN B 45 -10.54 -9.14 1.69
C GLN B 45 -9.09 -9.11 2.24
N ASN B 46 -8.09 -8.85 1.38
CA ASN B 46 -6.67 -8.75 1.73
C ASN B 46 -6.36 -7.55 2.67
N THR B 47 -7.21 -6.53 2.63
CA THR B 47 -7.10 -5.28 3.37
C THR B 47 -8.49 -4.70 3.70
N VAL B 48 -8.56 -3.41 4.05
CA VAL B 48 -9.73 -2.62 4.46
C VAL B 48 -11.02 -2.80 3.65
N ASP B 49 -12.17 -2.46 4.26
CA ASP B 49 -13.52 -2.60 3.68
C ASP B 49 -14.48 -1.45 4.11
N GLU B 50 -15.78 -1.55 3.82
CA GLU B 50 -16.83 -0.55 4.10
C GLU B 50 -16.86 0.06 5.52
N VAL B 51 -16.29 -0.60 6.52
CA VAL B 51 -16.19 -0.11 7.92
C VAL B 51 -15.02 0.87 8.14
N TYR B 52 -13.96 0.76 7.32
CA TYR B 52 -12.75 1.60 7.36
C TYR B 52 -12.92 2.95 6.69
N VAL B 53 -13.60 2.95 5.54
CA VAL B 53 -13.79 4.15 4.71
C VAL B 53 -14.56 5.24 5.46
N SER B 54 -13.99 6.45 5.45
CA SER B 54 -14.44 7.65 6.16
C SER B 54 -15.73 8.33 5.66
N ARG B 55 -16.39 7.77 4.62
CA ARG B 55 -17.62 8.29 3.98
C ARG B 55 -17.59 9.82 3.71
N PRO B 56 -16.57 10.34 2.99
CA PRO B 56 -16.40 11.78 2.73
C PRO B 56 -17.42 12.37 1.73
N SER B 57 -18.15 11.54 0.97
CA SER B 57 -19.15 11.95 -0.02
C SER B 57 -20.20 12.92 0.52
ZN ZN C . 2.66 -6.83 11.51
ZN ZN D . -7.27 11.69 8.28
ZN ZN E . -2.14 -0.88 -10.82
N ALA A 1 14.55 14.86 -14.87
CA ALA A 1 13.62 15.37 -15.88
C ALA A 1 13.54 14.49 -17.15
N THR A 2 14.39 13.46 -17.27
CA THR A 2 14.45 12.52 -18.39
C THR A 2 13.28 11.52 -18.45
N GLY A 3 12.60 11.29 -17.31
CA GLY A 3 11.45 10.38 -17.20
C GLY A 3 10.77 10.38 -15.82
N PRO A 4 10.34 11.54 -15.28
CA PRO A 4 9.72 11.62 -13.95
C PRO A 4 8.40 10.83 -13.85
N THR A 5 7.71 10.61 -14.98
CA THR A 5 6.48 9.81 -15.08
C THR A 5 6.68 8.31 -14.82
N ALA A 6 7.93 7.83 -14.75
CA ALA A 6 8.31 6.45 -14.52
C ALA A 6 9.40 6.30 -13.43
N ASP A 7 9.74 7.39 -12.70
CA ASP A 7 10.78 7.45 -11.67
C ASP A 7 10.78 6.22 -10.72
N PRO A 8 11.76 5.30 -10.85
CA PRO A 8 11.83 4.06 -10.06
C PRO A 8 11.77 4.26 -8.54
N GLU A 9 12.40 5.32 -8.01
CA GLU A 9 12.43 5.58 -6.55
C GLU A 9 11.04 6.03 -6.05
N LYS A 10 10.35 6.93 -6.76
CA LYS A 10 8.97 7.33 -6.40
C LYS A 10 8.02 6.14 -6.55
N ARG A 11 8.12 5.42 -7.68
CA ARG A 11 7.35 4.20 -7.97
C ARG A 11 7.49 3.19 -6.83
N LYS A 12 8.72 2.98 -6.33
CA LYS A 12 9.02 2.15 -5.16
C LYS A 12 8.36 2.68 -3.89
N LEU A 13 8.37 3.99 -3.64
CA LEU A 13 7.75 4.58 -2.43
C LEU A 13 6.24 4.33 -2.31
N ILE A 14 5.41 4.55 -3.35
CA ILE A 14 3.98 4.21 -3.24
C ILE A 14 3.79 2.68 -3.08
N GLN A 15 4.58 1.86 -3.79
CA GLN A 15 4.53 0.39 -3.62
C GLN A 15 4.81 -0.04 -2.18
N GLN A 16 5.85 0.55 -1.56
CA GLN A 16 6.26 0.25 -0.19
C GLN A 16 5.18 0.65 0.83
N GLN A 17 4.60 1.86 0.75
CA GLN A 17 3.52 2.25 1.66
C GLN A 17 2.27 1.37 1.44
N LEU A 18 1.88 1.11 0.19
CA LEU A 18 0.74 0.26 -0.16
C LEU A 18 0.86 -1.11 0.52
N VAL A 19 2.00 -1.78 0.35
CA VAL A 19 2.27 -3.07 0.97
C VAL A 19 2.37 -2.99 2.50
N LEU A 20 2.96 -1.94 3.05
CA LEU A 20 3.00 -1.74 4.51
C LEU A 20 1.58 -1.64 5.11
N LEU A 21 0.63 -0.97 4.43
CA LEU A 21 -0.76 -0.91 4.85
C LEU A 21 -1.40 -2.30 4.77
N LEU A 22 -1.19 -3.04 3.67
CA LEU A 22 -1.69 -4.41 3.50
C LEU A 22 -1.19 -5.31 4.65
N HIS A 23 0.10 -5.24 4.98
CA HIS A 23 0.66 -5.98 6.11
C HIS A 23 -0.03 -5.57 7.41
N ALA A 24 0.01 -4.28 7.75
CA ALA A 24 -0.57 -3.75 8.97
C ALA A 24 -2.07 -4.04 9.13
N HIS A 25 -2.85 -4.10 8.06
CA HIS A 25 -4.26 -4.48 8.12
C HIS A 25 -4.38 -5.95 8.58
N LYS A 26 -3.71 -6.89 7.90
CA LYS A 26 -3.62 -8.32 8.30
C LYS A 26 -3.13 -8.44 9.74
N CYS A 27 -2.13 -7.66 10.10
CA CYS A 27 -1.49 -7.73 11.41
C CYS A 27 -2.42 -7.18 12.51
N GLN A 28 -3.18 -6.12 12.22
CA GLN A 28 -4.21 -5.56 13.12
C GLN A 28 -5.36 -6.56 13.29
N ARG A 29 -5.72 -7.33 12.24
CA ARG A 29 -6.72 -8.42 12.34
C ARG A 29 -6.32 -9.44 13.41
N ARG A 30 -5.02 -9.78 13.55
CA ARG A 30 -4.50 -10.70 14.59
C ARG A 30 -4.81 -10.15 15.99
N GLU A 31 -4.45 -8.89 16.23
CA GLU A 31 -4.64 -8.19 17.51
C GLU A 31 -6.13 -7.99 17.86
N GLN A 32 -6.99 -7.70 16.88
CA GLN A 32 -8.44 -7.56 17.08
C GLN A 32 -9.12 -8.91 17.35
N ALA A 33 -8.75 -9.97 16.63
CA ALA A 33 -9.29 -11.32 16.82
C ALA A 33 -8.86 -11.94 18.16
N ASN A 34 -7.60 -11.69 18.56
CA ASN A 34 -6.93 -12.13 19.79
C ASN A 34 -6.85 -13.66 20.01
N GLY A 35 -6.16 -14.10 21.07
CA GLY A 35 -5.98 -15.50 21.46
C GLY A 35 -4.71 -16.18 20.91
N GLU A 36 -4.12 -15.63 19.84
CA GLU A 36 -2.91 -16.14 19.17
C GLU A 36 -1.86 -15.03 18.91
N VAL A 37 -1.99 -13.89 19.59
CA VAL A 37 -1.08 -12.73 19.49
C VAL A 37 0.31 -13.07 20.05
N ARG A 38 1.35 -12.68 19.32
CA ARG A 38 2.77 -12.88 19.70
C ARG A 38 3.69 -11.77 19.17
N ALA A 39 3.17 -10.54 19.13
CA ALA A 39 3.82 -9.33 18.59
C ALA A 39 4.19 -9.45 17.10
N CYS A 40 4.98 -8.49 16.58
CA CYS A 40 5.44 -8.42 15.19
C CYS A 40 6.90 -7.92 15.10
N SER A 41 7.43 -7.87 13.87
CA SER A 41 8.81 -7.48 13.55
C SER A 41 8.98 -6.63 12.27
N LEU A 42 7.92 -6.40 11.48
CA LEU A 42 7.99 -5.61 10.24
C LEU A 42 8.29 -4.12 10.60
N PRO A 43 9.39 -3.50 10.09
CA PRO A 43 9.85 -2.14 10.42
C PRO A 43 8.87 -1.01 10.73
N HIS A 44 7.70 -0.93 10.08
CA HIS A 44 6.73 0.17 10.28
C HIS A 44 5.28 -0.32 10.54
N CYS A 45 5.12 -1.56 11.01
CA CYS A 45 3.83 -2.16 11.36
C CYS A 45 3.03 -1.25 12.31
N ARG A 46 3.65 -0.84 13.43
CA ARG A 46 3.06 0.08 14.42
C ARG A 46 2.70 1.45 13.84
N THR A 47 3.49 1.95 12.89
CA THR A 47 3.27 3.26 12.24
C THR A 47 1.98 3.21 11.42
N MET A 48 1.87 2.19 10.57
CA MET A 48 0.67 1.95 9.75
C MET A 48 -0.54 1.66 10.62
N LYS A 49 -0.43 0.85 11.69
CA LYS A 49 -1.54 0.55 12.61
C LYS A 49 -2.10 1.83 13.24
N ASN A 50 -1.24 2.77 13.64
CA ASN A 50 -1.67 4.08 14.16
C ASN A 50 -2.41 4.90 13.07
N VAL A 51 -1.90 4.92 11.84
CA VAL A 51 -2.53 5.62 10.70
C VAL A 51 -3.89 5.00 10.33
N LEU A 52 -3.98 3.66 10.34
CA LEU A 52 -5.18 2.89 10.02
C LEU A 52 -6.26 3.07 11.07
N ASN A 53 -5.89 2.98 12.35
CA ASN A 53 -6.79 3.25 13.47
C ASN A 53 -7.30 4.72 13.40
N HIS A 54 -6.42 5.69 13.07
CA HIS A 54 -6.82 7.10 12.85
C HIS A 54 -7.84 7.19 11.70
N MET A 55 -7.53 6.59 10.54
CA MET A 55 -8.39 6.53 9.35
C MET A 55 -9.79 6.00 9.68
N THR A 56 -9.87 5.04 10.61
CA THR A 56 -11.12 4.43 11.08
C THR A 56 -11.98 5.35 11.96
N HIS A 57 -11.53 6.59 12.21
CA HIS A 57 -12.26 7.63 12.95
C HIS A 57 -12.28 8.98 12.19
N CYS A 58 -11.33 9.21 11.29
CA CYS A 58 -11.20 10.39 10.44
C CYS A 58 -12.38 10.55 9.44
N GLN A 59 -12.55 11.78 8.93
CA GLN A 59 -13.62 12.20 8.00
C GLN A 59 -13.13 13.19 6.91
N ALA A 60 -11.84 13.54 6.88
CA ALA A 60 -11.28 14.54 5.95
C ALA A 60 -10.98 14.02 4.52
N GLY A 61 -11.25 12.76 4.21
CA GLY A 61 -11.02 12.16 2.89
C GLY A 61 -9.57 12.31 2.37
N LYS A 62 -9.42 12.53 1.06
CA LYS A 62 -8.12 12.70 0.38
C LYS A 62 -7.45 14.07 0.64
N ALA A 63 -7.82 14.78 1.71
CA ALA A 63 -7.33 16.11 2.08
C ALA A 63 -6.98 16.28 3.58
N CYS A 64 -6.88 15.19 4.34
CA CYS A 64 -6.54 15.17 5.77
C CYS A 64 -5.21 15.86 6.12
N GLN A 65 -5.12 16.38 7.35
CA GLN A 65 -3.93 16.99 7.92
C GLN A 65 -2.84 15.94 8.23
N VAL A 66 -3.21 14.66 8.44
CA VAL A 66 -2.28 13.55 8.66
C VAL A 66 -1.80 13.08 7.28
N ALA A 67 -0.54 13.33 6.96
CA ALA A 67 0.07 13.03 5.65
C ALA A 67 -0.16 11.59 5.15
N HIS A 68 -0.01 10.59 6.04
CA HIS A 68 -0.21 9.19 5.69
C HIS A 68 -1.68 8.79 5.51
N CYS A 69 -2.62 9.39 6.25
CA CYS A 69 -4.06 9.10 6.19
C CYS A 69 -4.65 9.31 4.78
N ALA A 70 -4.65 10.55 4.28
CA ALA A 70 -5.17 10.88 2.95
C ALA A 70 -4.46 10.10 1.83
N SER A 71 -3.13 9.93 1.94
CA SER A 71 -2.35 9.16 0.96
C SER A 71 -2.78 7.69 0.95
N SER A 72 -2.90 7.06 2.12
CA SER A 72 -3.36 5.68 2.30
C SER A 72 -4.78 5.47 1.76
N ARG A 73 -5.71 6.39 2.08
CA ARG A 73 -7.09 6.38 1.57
C ARG A 73 -7.12 6.30 0.03
N GLN A 74 -6.27 7.05 -0.65
CA GLN A 74 -6.12 6.99 -2.11
C GLN A 74 -5.37 5.72 -2.58
N ILE A 75 -4.28 5.33 -1.91
CA ILE A 75 -3.44 4.17 -2.30
C ILE A 75 -4.19 2.83 -2.26
N ILE A 76 -5.01 2.58 -1.22
CA ILE A 76 -5.82 1.37 -1.02
C ILE A 76 -6.72 1.11 -2.24
N SER A 77 -7.43 2.15 -2.68
CA SER A 77 -8.36 2.09 -3.82
C SER A 77 -7.73 1.62 -5.15
N HIS A 78 -6.40 1.76 -5.34
CA HIS A 78 -5.74 1.28 -6.55
C HIS A 78 -5.72 -0.27 -6.60
N TRP A 79 -5.12 -0.92 -5.59
CA TRP A 79 -5.04 -2.38 -5.49
C TRP A 79 -6.44 -3.05 -5.41
N LYS A 80 -7.44 -2.34 -4.86
CA LYS A 80 -8.85 -2.78 -4.81
C LYS A 80 -9.51 -2.93 -6.19
N ASN A 81 -8.99 -2.30 -7.24
CA ASN A 81 -9.62 -2.28 -8.57
C ASN A 81 -8.72 -2.70 -9.76
N CYS A 82 -7.40 -2.51 -9.68
CA CYS A 82 -6.47 -2.86 -10.75
C CYS A 82 -6.36 -4.39 -10.96
N THR A 83 -6.09 -4.81 -12.20
CA THR A 83 -5.97 -6.22 -12.61
C THR A 83 -4.83 -6.52 -13.61
N ARG A 84 -4.39 -5.53 -14.41
CA ARG A 84 -3.30 -5.71 -15.40
C ARG A 84 -1.99 -6.21 -14.78
N HIS A 85 -1.52 -7.37 -15.23
CA HIS A 85 -0.31 -8.07 -14.77
C HIS A 85 1.02 -7.34 -15.00
N ASP A 86 1.02 -6.21 -15.71
CA ASP A 86 2.21 -5.41 -16.06
C ASP A 86 2.18 -3.98 -15.45
N CYS A 87 1.21 -3.70 -14.59
CA CYS A 87 0.99 -2.41 -13.93
C CYS A 87 2.26 -1.83 -13.29
N PRO A 88 2.67 -0.58 -13.60
CA PRO A 88 3.87 0.05 -13.07
C PRO A 88 4.04 0.03 -11.54
N VAL A 89 2.93 -0.09 -10.78
CA VAL A 89 2.96 -0.13 -9.31
C VAL A 89 2.46 -1.47 -8.79
N CYS A 90 1.36 -2.05 -9.28
CA CYS A 90 0.95 -3.36 -8.78
C CYS A 90 1.88 -4.51 -9.17
N LEU A 91 2.68 -4.44 -10.25
CA LEU A 91 3.52 -5.55 -10.74
C LEU A 91 4.21 -6.37 -9.62
N PRO A 92 5.00 -5.79 -8.69
CA PRO A 92 5.58 -6.55 -7.59
C PRO A 92 4.54 -7.22 -6.67
N LEU A 93 3.34 -6.65 -6.45
CA LEU A 93 2.26 -7.26 -5.65
C LEU A 93 1.57 -8.40 -6.44
N LYS A 94 1.32 -8.17 -7.73
CA LYS A 94 0.74 -9.16 -8.65
C LYS A 94 1.68 -10.38 -8.74
N ASN A 95 2.99 -10.14 -8.72
CA ASN A 95 4.03 -11.16 -8.63
C ASN A 95 4.04 -11.82 -7.23
N ALA A 96 4.04 -11.04 -6.15
CA ALA A 96 4.00 -11.46 -4.72
C ALA A 96 2.92 -12.52 -4.41
N SER A 97 1.83 -12.53 -5.18
CA SER A 97 0.70 -13.45 -5.01
C SER A 97 0.41 -14.31 -6.24
N ASP A 98 1.40 -14.51 -7.12
CA ASP A 98 1.30 -15.37 -8.32
C ASP A 98 2.64 -16.07 -8.64
N LYS A 99 3.37 -16.51 -7.59
CA LYS A 99 4.67 -17.22 -7.69
C LYS A 99 4.58 -18.61 -8.36
N ARG A 100 3.35 -19.08 -8.67
CA ARG A 100 3.01 -20.36 -9.33
C ARG A 100 3.86 -20.63 -10.59
N GLY B 1 12.61 4.55 -27.55
CA GLY B 1 11.33 4.91 -28.19
C GLY B 1 10.78 3.85 -29.15
N SER B 2 11.53 2.75 -29.36
CA SER B 2 11.19 1.63 -30.26
C SER B 2 11.38 0.24 -29.61
N HIS B 3 11.57 0.20 -28.29
CA HIS B 3 11.79 -1.02 -27.50
C HIS B 3 11.30 -0.86 -26.05
N MET B 4 11.25 -1.97 -25.29
CA MET B 4 10.87 -2.01 -23.88
C MET B 4 11.90 -1.25 -23.00
N VAL B 5 11.47 -0.77 -21.84
CA VAL B 5 12.30 -0.04 -20.85
C VAL B 5 12.05 -0.57 -19.42
N PRO B 6 13.05 -0.53 -18.52
CA PRO B 6 12.94 -1.09 -17.16
C PRO B 6 12.05 -0.37 -16.14
N GLU B 7 11.29 0.61 -16.61
CA GLU B 7 10.30 1.37 -15.82
C GLU B 7 9.08 1.82 -16.65
N PRO B 8 7.91 1.16 -16.49
CA PRO B 8 6.65 1.59 -17.07
C PRO B 8 6.22 2.92 -16.42
N ASP B 9 5.33 3.68 -17.07
CA ASP B 9 4.86 4.98 -16.56
C ASP B 9 3.79 4.86 -15.46
N LEU B 10 4.21 5.15 -14.21
CA LEU B 10 3.48 5.17 -12.92
C LEU B 10 1.98 5.48 -13.07
N PRO B 11 1.02 4.71 -12.51
CA PRO B 11 -0.41 4.99 -12.66
C PRO B 11 -0.82 6.42 -12.26
N HIS B 12 -1.52 7.12 -13.16
CA HIS B 12 -1.96 8.52 -13.02
C HIS B 12 -2.62 8.87 -11.67
N ASP B 13 -3.49 8.00 -11.15
CA ASP B 13 -4.15 8.19 -9.86
C ASP B 13 -3.18 8.15 -8.66
N LEU B 14 -2.06 7.42 -8.78
CA LEU B 14 -1.00 7.37 -7.76
C LEU B 14 0.08 8.46 -7.98
N ARG B 15 0.23 9.06 -9.18
CA ARG B 15 1.16 10.19 -9.41
C ARG B 15 0.87 11.36 -8.48
N HIS B 16 -0.41 11.56 -8.16
CA HIS B 16 -0.93 12.60 -7.28
C HIS B 16 -0.54 12.42 -5.79
N LEU B 17 -0.12 11.22 -5.37
CA LEU B 17 0.34 10.96 -4.00
C LEU B 17 1.75 11.55 -3.80
N ASN B 18 1.88 12.54 -2.90
CA ASN B 18 3.19 13.12 -2.57
C ASN B 18 3.98 12.09 -1.75
N THR B 19 5.10 11.60 -2.28
CA THR B 19 5.94 10.54 -1.67
C THR B 19 6.92 11.00 -0.58
N GLU B 20 7.06 12.30 -0.31
CA GLU B 20 7.98 12.79 0.75
C GLU B 20 7.75 12.13 2.13
N PRO B 21 6.50 11.96 2.64
CA PRO B 21 6.26 11.26 3.91
C PRO B 21 6.69 9.80 3.84
N MET B 22 6.46 9.15 2.69
CA MET B 22 6.80 7.75 2.45
C MET B 22 8.30 7.45 2.52
N GLU B 23 9.19 8.45 2.44
CA GLU B 23 10.64 8.23 2.51
C GLU B 23 11.11 7.45 3.76
N ILE B 24 10.34 7.45 4.85
CA ILE B 24 10.66 6.63 6.04
C ILE B 24 10.63 5.12 5.73
N PHE B 25 9.82 4.70 4.73
CA PHE B 25 9.66 3.32 4.25
C PHE B 25 10.64 2.92 3.13
N ARG B 26 11.38 3.88 2.56
CA ARG B 26 12.26 3.75 1.37
C ARG B 26 13.19 2.54 1.28
N ASN B 27 13.56 1.94 2.42
CA ASN B 27 14.41 0.74 2.51
C ASN B 27 13.96 -0.22 3.64
N SER B 28 12.65 -0.28 3.92
CA SER B 28 12.09 -1.03 5.07
C SER B 28 10.95 -2.00 4.73
N VAL B 29 10.79 -2.41 3.46
CA VAL B 29 9.69 -3.30 3.03
C VAL B 29 10.14 -4.32 1.98
N LYS B 30 9.48 -5.48 1.98
CA LYS B 30 9.66 -6.60 1.04
C LYS B 30 8.34 -6.79 0.28
N ILE B 31 8.16 -6.05 -0.81
CA ILE B 31 6.93 -6.04 -1.63
C ILE B 31 6.43 -7.46 -1.95
N GLU B 32 7.36 -8.39 -2.20
CA GLU B 32 7.06 -9.78 -2.54
C GLU B 32 6.93 -10.78 -1.37
N GLU B 33 7.46 -10.49 -0.17
CA GLU B 33 7.40 -11.43 0.96
C GLU B 33 6.34 -11.11 2.03
N ILE B 34 5.77 -9.89 2.04
CA ILE B 34 4.67 -9.50 2.93
C ILE B 34 3.38 -10.28 2.60
N MET B 35 3.11 -10.46 1.31
CA MET B 35 1.90 -11.05 0.73
C MET B 35 1.64 -12.52 1.17
N PRO B 36 0.36 -12.95 1.36
CA PRO B 36 -0.01 -14.34 1.64
C PRO B 36 0.40 -15.38 0.57
N ASN B 37 0.95 -14.92 -0.58
CA ASN B 37 1.41 -15.71 -1.73
C ASN B 37 0.43 -16.78 -2.26
N GLY B 38 -0.78 -16.36 -2.65
CA GLY B 38 -1.82 -17.26 -3.17
C GLY B 38 -2.54 -16.77 -4.43
N ASP B 39 -3.06 -15.54 -4.42
CA ASP B 39 -3.73 -14.89 -5.56
C ASP B 39 -3.70 -13.35 -5.43
N PRO B 40 -3.69 -12.56 -6.51
CA PRO B 40 -3.79 -11.10 -6.39
C PRO B 40 -5.25 -10.65 -6.16
N LEU B 41 -6.23 -11.39 -6.70
CA LEU B 41 -7.68 -11.16 -6.52
C LEU B 41 -8.15 -11.37 -5.08
N LEU B 42 -7.30 -11.98 -4.24
CA LEU B 42 -7.41 -12.24 -2.81
C LEU B 42 -7.72 -10.94 -2.02
N ALA B 43 -7.37 -9.78 -2.60
CA ALA B 43 -7.67 -8.44 -2.10
C ALA B 43 -9.14 -8.26 -1.68
N GLY B 44 -10.07 -8.93 -2.37
CA GLY B 44 -11.52 -8.92 -2.06
C GLY B 44 -11.88 -9.31 -0.62
N GLN B 45 -10.98 -10.03 0.08
CA GLN B 45 -11.13 -10.47 1.47
C GLN B 45 -9.93 -10.11 2.36
N ASN B 46 -8.85 -9.53 1.80
CA ASN B 46 -7.62 -9.17 2.51
C ASN B 46 -7.30 -7.66 2.49
N THR B 47 -8.30 -6.81 2.21
CA THR B 47 -8.19 -5.34 2.23
C THR B 47 -9.28 -4.71 3.10
N VAL B 48 -9.15 -3.40 3.35
CA VAL B 48 -10.04 -2.59 4.19
C VAL B 48 -11.49 -2.50 3.67
N ASP B 49 -12.37 -1.76 4.38
CA ASP B 49 -13.78 -1.60 4.02
C ASP B 49 -14.34 -0.19 4.32
N GLU B 50 -15.61 0.08 3.97
CA GLU B 50 -16.30 1.36 4.23
C GLU B 50 -16.26 1.75 5.72
N VAL B 51 -16.30 0.76 6.61
CA VAL B 51 -16.20 0.90 8.08
C VAL B 51 -14.75 1.16 8.55
N TYR B 52 -13.79 1.23 7.63
CA TYR B 52 -12.35 1.38 7.84
C TYR B 52 -11.78 2.72 7.38
N VAL B 53 -12.24 3.17 6.21
CA VAL B 53 -11.81 4.43 5.57
C VAL B 53 -12.42 5.67 6.25
N SER B 54 -13.38 5.46 7.16
CA SER B 54 -14.09 6.48 7.92
C SER B 54 -14.67 5.90 9.22
N ARG B 55 -15.22 6.76 10.08
CA ARG B 55 -15.93 6.43 11.33
C ARG B 55 -17.17 5.54 11.08
N PRO B 56 -17.62 4.74 12.07
CA PRO B 56 -18.79 3.88 11.93
C PRO B 56 -20.12 4.67 11.84
N SER B 57 -21.18 3.99 11.42
CA SER B 57 -22.55 4.55 11.26
C SER B 57 -23.11 5.15 12.56
ZN ZN C . 2.86 -6.88 11.54
ZN ZN D . -7.20 11.50 8.62
ZN ZN E . -2.39 -1.20 -10.73
N ALA A 1 13.00 8.83 -12.11
CA ALA A 1 12.72 9.94 -13.02
C ALA A 1 13.17 9.65 -14.47
N THR A 2 13.19 8.38 -14.87
CA THR A 2 13.63 7.89 -16.20
C THR A 2 12.85 8.44 -17.39
N GLY A 3 11.61 8.91 -17.21
CA GLY A 3 10.79 9.48 -18.29
C GLY A 3 9.67 10.42 -17.81
N PRO A 4 8.87 10.99 -18.73
CA PRO A 4 7.77 11.91 -18.41
C PRO A 4 6.57 11.23 -17.72
N THR A 5 6.49 9.89 -17.76
CA THR A 5 5.41 9.08 -17.19
C THR A 5 5.87 7.92 -16.30
N ALA A 6 7.18 7.76 -16.05
CA ALA A 6 7.72 6.71 -15.20
C ALA A 6 8.85 7.24 -14.30
N ASP A 7 8.91 6.77 -13.05
CA ASP A 7 9.88 7.19 -12.03
C ASP A 7 10.17 6.04 -11.05
N PRO A 8 11.23 5.24 -11.26
CA PRO A 8 11.59 4.10 -10.42
C PRO A 8 11.67 4.40 -8.91
N GLU A 9 12.21 5.57 -8.54
CA GLU A 9 12.37 6.00 -7.14
C GLU A 9 11.01 6.23 -6.48
N LYS A 10 10.18 7.06 -7.10
CA LYS A 10 8.83 7.39 -6.61
C LYS A 10 7.92 6.16 -6.63
N ARG A 11 8.00 5.33 -7.68
CA ARG A 11 7.29 4.05 -7.82
C ARG A 11 7.53 3.13 -6.61
N LYS A 12 8.79 2.94 -6.22
CA LYS A 12 9.16 2.11 -5.05
C LYS A 12 8.56 2.65 -3.75
N LEU A 13 8.42 3.97 -3.60
CA LEU A 13 7.80 4.58 -2.42
C LEU A 13 6.30 4.28 -2.32
N ILE A 14 5.49 4.50 -3.38
CA ILE A 14 4.07 4.09 -3.30
C ILE A 14 3.95 2.57 -3.13
N GLN A 15 4.74 1.76 -3.84
CA GLN A 15 4.74 0.30 -3.67
C GLN A 15 4.93 -0.13 -2.21
N GLN A 16 5.96 0.41 -1.56
CA GLN A 16 6.31 0.05 -0.18
C GLN A 16 5.29 0.57 0.86
N GLN A 17 4.73 1.79 0.72
CA GLN A 17 3.67 2.24 1.63
C GLN A 17 2.41 1.37 1.49
N LEU A 18 1.98 1.07 0.25
CA LEU A 18 0.80 0.24 -0.03
C LEU A 18 0.91 -1.11 0.70
N VAL A 19 2.02 -1.82 0.50
CA VAL A 19 2.29 -3.10 1.16
C VAL A 19 2.38 -2.98 2.68
N LEU A 20 2.99 -1.91 3.22
CA LEU A 20 3.05 -1.73 4.67
C LEU A 20 1.64 -1.60 5.30
N LEU A 21 0.70 -0.91 4.64
CA LEU A 21 -0.70 -0.83 5.10
C LEU A 21 -1.35 -2.23 5.09
N LEU A 22 -1.14 -2.99 4.00
CA LEU A 22 -1.64 -4.36 3.87
C LEU A 22 -1.11 -5.26 5.00
N HIS A 23 0.19 -5.19 5.32
CA HIS A 23 0.76 -5.94 6.45
C HIS A 23 0.11 -5.52 7.76
N ALA A 24 0.18 -4.22 8.07
CA ALA A 24 -0.34 -3.62 9.28
C ALA A 24 -1.82 -3.95 9.56
N HIS A 25 -2.67 -4.01 8.53
CA HIS A 25 -4.07 -4.40 8.68
C HIS A 25 -4.19 -5.84 9.19
N LYS A 26 -3.55 -6.81 8.51
CA LYS A 26 -3.51 -8.23 8.94
C LYS A 26 -2.85 -8.39 10.32
N CYS A 27 -1.83 -7.59 10.60
CA CYS A 27 -1.11 -7.57 11.86
C CYS A 27 -1.99 -7.01 13.01
N GLN A 28 -2.86 -6.03 12.71
CA GLN A 28 -3.85 -5.48 13.66
C GLN A 28 -4.94 -6.53 13.95
N ARG A 29 -5.37 -7.32 12.94
CA ARG A 29 -6.34 -8.43 13.11
C ARG A 29 -5.92 -9.45 14.18
N ARG A 30 -4.61 -9.57 14.51
CA ARG A 30 -4.11 -10.43 15.59
C ARG A 30 -4.75 -10.09 16.94
N GLU A 31 -5.13 -8.84 17.18
CA GLU A 31 -5.80 -8.43 18.41
C GLU A 31 -7.23 -9.02 18.52
N GLN A 32 -7.87 -9.36 17.40
CA GLN A 32 -9.19 -9.99 17.34
C GLN A 32 -9.06 -11.53 17.35
N ALA A 33 -8.08 -12.06 16.62
CA ALA A 33 -7.81 -13.50 16.51
C ALA A 33 -7.07 -14.12 17.72
N ASN A 34 -6.39 -13.30 18.54
CA ASN A 34 -5.59 -13.74 19.70
C ASN A 34 -5.69 -12.79 20.91
N GLY A 35 -5.52 -11.48 20.67
CA GLY A 35 -5.47 -10.47 21.73
C GLY A 35 -4.07 -10.37 22.37
N GLU A 36 -3.95 -9.53 23.41
CA GLU A 36 -2.72 -9.29 24.20
C GLU A 36 -1.46 -8.92 23.37
N VAL A 37 -1.63 -8.30 22.20
CA VAL A 37 -0.52 -7.84 21.32
C VAL A 37 0.10 -6.55 21.87
N ARG A 38 1.42 -6.37 21.68
CA ARG A 38 2.18 -5.17 22.10
C ARG A 38 3.08 -4.59 21.00
N ALA A 39 3.68 -5.44 20.15
CA ALA A 39 4.58 -5.03 19.06
C ALA A 39 4.67 -6.10 17.94
N CYS A 40 5.47 -5.79 16.91
CA CYS A 40 5.77 -6.63 15.74
C CYS A 40 7.30 -6.65 15.48
N SER A 41 7.69 -7.10 14.29
CA SER A 41 9.07 -7.23 13.80
C SER A 41 9.28 -6.59 12.42
N LEU A 42 8.20 -6.39 11.64
CA LEU A 42 8.24 -5.71 10.35
C LEU A 42 8.45 -4.19 10.58
N PRO A 43 9.48 -3.56 9.99
CA PRO A 43 9.68 -2.11 10.11
C PRO A 43 8.41 -1.28 9.86
N HIS A 44 8.23 -0.19 10.61
CA HIS A 44 7.10 0.75 10.49
C HIS A 44 5.68 0.15 10.68
N CYS A 45 5.52 -1.11 11.11
CA CYS A 45 4.20 -1.70 11.37
C CYS A 45 3.34 -0.83 12.31
N ARG A 46 3.94 -0.32 13.40
CA ARG A 46 3.30 0.60 14.35
C ARG A 46 2.92 1.96 13.74
N THR A 47 3.67 2.41 12.72
CA THR A 47 3.44 3.67 11.99
C THR A 47 2.12 3.57 11.23
N MET A 48 1.95 2.46 10.51
CA MET A 48 0.76 2.13 9.75
C MET A 48 -0.44 1.87 10.68
N LYS A 49 -0.30 1.07 11.74
CA LYS A 49 -1.39 0.80 12.72
C LYS A 49 -1.99 2.08 13.30
N ASN A 50 -1.15 3.07 13.60
CA ASN A 50 -1.58 4.39 14.08
C ASN A 50 -2.40 5.15 12.99
N VAL A 51 -1.90 5.18 11.75
CA VAL A 51 -2.56 5.83 10.60
C VAL A 51 -3.87 5.12 10.24
N LEU A 52 -3.92 3.80 10.31
CA LEU A 52 -5.06 2.95 9.97
C LEU A 52 -6.22 3.11 10.95
N ASN A 53 -5.94 3.05 12.24
CA ASN A 53 -6.94 3.31 13.28
C ASN A 53 -7.51 4.74 13.14
N HIS A 54 -6.65 5.72 12.84
CA HIS A 54 -7.08 7.10 12.56
C HIS A 54 -8.01 7.13 11.33
N MET A 55 -7.58 6.56 10.19
CA MET A 55 -8.33 6.47 8.94
C MET A 55 -9.73 5.87 9.09
N THR A 56 -9.89 4.92 10.00
CA THR A 56 -11.15 4.23 10.27
C THR A 56 -12.23 5.14 10.89
N HIS A 57 -11.83 6.30 11.42
CA HIS A 57 -12.74 7.31 12.00
C HIS A 57 -12.66 8.67 11.26
N CYS A 58 -11.53 8.96 10.61
CA CYS A 58 -11.34 10.11 9.75
C CYS A 58 -12.27 10.03 8.52
N GLN A 59 -12.79 11.17 8.07
CA GLN A 59 -13.70 11.29 6.93
C GLN A 59 -13.48 12.60 6.14
N ALA A 60 -12.23 13.09 6.12
CA ALA A 60 -11.82 14.33 5.43
C ALA A 60 -11.96 14.31 3.90
N GLY A 61 -12.11 13.13 3.27
CA GLY A 61 -12.26 13.00 1.81
C GLY A 61 -10.96 13.19 1.03
N LYS A 62 -9.91 12.43 1.36
CA LYS A 62 -8.56 12.49 0.74
C LYS A 62 -7.92 13.89 0.80
N ALA A 63 -8.16 14.61 1.89
CA ALA A 63 -7.67 15.98 2.14
C ALA A 63 -7.28 16.25 3.62
N CYS A 64 -7.08 15.19 4.41
CA CYS A 64 -6.73 15.25 5.83
C CYS A 64 -5.36 15.92 6.11
N GLN A 65 -5.19 16.40 7.34
CA GLN A 65 -3.96 17.01 7.85
C GLN A 65 -2.87 15.97 8.18
N VAL A 66 -3.24 14.71 8.41
CA VAL A 66 -2.29 13.62 8.69
C VAL A 66 -1.62 13.19 7.38
N ALA A 67 -0.29 13.36 7.30
CA ALA A 67 0.52 13.14 6.10
C ALA A 67 0.34 11.78 5.39
N HIS A 68 0.19 10.69 6.14
CA HIS A 68 0.00 9.35 5.57
C HIS A 68 -1.45 8.96 5.31
N CYS A 69 -2.42 9.54 6.03
CA CYS A 69 -3.86 9.26 5.93
C CYS A 69 -4.43 9.45 4.50
N ALA A 70 -4.43 10.68 3.99
CA ALA A 70 -4.98 11.00 2.67
C ALA A 70 -4.32 10.18 1.55
N SER A 71 -2.99 9.97 1.63
CA SER A 71 -2.28 9.17 0.66
C SER A 71 -2.69 7.69 0.73
N SER A 72 -2.74 7.11 1.93
CA SER A 72 -3.15 5.73 2.17
C SER A 72 -4.58 5.45 1.66
N ARG A 73 -5.52 6.38 1.92
CA ARG A 73 -6.91 6.35 1.46
C ARG A 73 -7.01 6.07 -0.05
N GLN A 74 -6.17 6.74 -0.85
CA GLN A 74 -6.08 6.59 -2.30
C GLN A 74 -5.21 5.39 -2.72
N ILE A 75 -4.07 5.15 -2.05
CA ILE A 75 -3.14 4.02 -2.37
C ILE A 75 -3.85 2.66 -2.31
N ILE A 76 -4.70 2.47 -1.29
CA ILE A 76 -5.53 1.27 -1.09
C ILE A 76 -6.54 1.14 -2.25
N SER A 77 -7.26 2.23 -2.55
CA SER A 77 -8.28 2.27 -3.60
C SER A 77 -7.74 1.88 -4.99
N HIS A 78 -6.47 2.14 -5.30
CA HIS A 78 -5.84 1.71 -6.56
C HIS A 78 -5.77 0.17 -6.62
N TRP A 79 -5.12 -0.45 -5.64
CA TRP A 79 -4.96 -1.91 -5.51
C TRP A 79 -6.31 -2.66 -5.50
N LYS A 80 -7.36 -2.05 -4.93
CA LYS A 80 -8.74 -2.59 -4.92
C LYS A 80 -9.42 -2.64 -6.29
N ASN A 81 -8.88 -1.98 -7.32
CA ASN A 81 -9.52 -1.87 -8.65
C ASN A 81 -8.62 -2.16 -9.88
N CYS A 82 -7.29 -2.05 -9.78
CA CYS A 82 -6.37 -2.29 -10.90
C CYS A 82 -6.42 -3.74 -11.44
N THR A 83 -6.19 -3.90 -12.74
CA THR A 83 -6.20 -5.19 -13.47
C THR A 83 -4.98 -5.41 -14.38
N ARG A 84 -4.19 -4.37 -14.69
CA ARG A 84 -2.97 -4.49 -15.52
C ARG A 84 -1.89 -5.27 -14.79
N HIS A 85 -1.47 -6.42 -15.33
CA HIS A 85 -0.36 -7.18 -14.75
C HIS A 85 0.95 -6.38 -14.82
N ASP A 86 1.14 -5.60 -15.88
CA ASP A 86 2.32 -4.75 -16.12
C ASP A 86 2.28 -3.38 -15.44
N CYS A 87 1.26 -3.09 -14.62
CA CYS A 87 1.16 -1.85 -13.83
C CYS A 87 2.48 -1.72 -13.03
N PRO A 88 3.22 -0.59 -13.11
CA PRO A 88 4.54 -0.46 -12.49
C PRO A 88 4.48 -0.58 -10.97
N VAL A 89 3.39 -0.09 -10.36
CA VAL A 89 3.19 -0.09 -8.91
C VAL A 89 2.57 -1.40 -8.43
N CYS A 90 1.52 -1.92 -9.09
CA CYS A 90 0.91 -3.17 -8.67
C CYS A 90 1.73 -4.43 -8.98
N LEU A 91 2.53 -4.50 -10.06
CA LEU A 91 3.26 -5.70 -10.48
C LEU A 91 3.90 -6.51 -9.33
N PRO A 92 4.71 -5.95 -8.42
CA PRO A 92 5.26 -6.72 -7.31
C PRO A 92 4.16 -7.29 -6.38
N LEU A 93 3.04 -6.62 -6.15
CA LEU A 93 1.91 -7.13 -5.37
C LEU A 93 1.15 -8.23 -6.13
N LYS A 94 0.95 -8.02 -7.44
CA LYS A 94 0.32 -9.00 -8.36
C LYS A 94 1.17 -10.27 -8.46
N ASN A 95 2.50 -10.16 -8.32
CA ASN A 95 3.43 -11.29 -8.21
C ASN A 95 3.30 -11.94 -6.82
N ALA A 96 3.30 -11.13 -5.75
CA ALA A 96 3.17 -11.54 -4.34
C ALA A 96 1.91 -12.36 -4.04
N SER A 97 0.89 -12.24 -4.90
CA SER A 97 -0.41 -12.92 -4.78
C SER A 97 -0.77 -13.77 -6.02
N ASP A 98 0.21 -14.09 -6.85
CA ASP A 98 0.06 -14.95 -8.04
C ASP A 98 -0.32 -16.40 -7.65
N LYS A 99 -1.41 -16.92 -8.23
CA LYS A 99 -1.91 -18.31 -8.03
C LYS A 99 -0.91 -19.38 -8.51
N ARG A 100 -0.01 -19.05 -9.44
CA ARG A 100 1.03 -19.92 -10.04
C ARG A 100 0.57 -21.36 -10.30
N GLY B 1 12.73 -2.25 -24.02
CA GLY B 1 13.76 -1.21 -23.93
C GLY B 1 14.12 -0.56 -25.27
N SER B 2 13.66 -1.13 -26.39
CA SER B 2 13.91 -0.64 -27.76
C SER B 2 13.10 0.61 -28.15
N HIS B 3 12.00 0.88 -27.45
CA HIS B 3 11.05 1.97 -27.73
C HIS B 3 10.40 2.59 -26.46
N MET B 4 10.84 2.19 -25.26
CA MET B 4 10.33 2.65 -23.96
C MET B 4 11.40 2.59 -22.87
N VAL B 5 11.21 3.32 -21.77
CA VAL B 5 12.16 3.39 -20.64
C VAL B 5 12.08 2.15 -19.72
N PRO B 6 13.12 1.79 -18.94
CA PRO B 6 13.16 0.62 -18.04
C PRO B 6 12.16 0.55 -16.85
N GLU B 7 11.05 1.26 -16.94
CA GLU B 7 9.99 1.36 -15.91
C GLU B 7 8.62 1.63 -16.57
N PRO B 8 7.59 0.77 -16.40
CA PRO B 8 6.25 1.00 -16.92
C PRO B 8 5.65 2.36 -16.45
N ASP B 9 4.64 2.84 -17.17
CA ASP B 9 3.93 4.11 -16.91
C ASP B 9 3.18 4.16 -15.56
N LEU B 10 3.68 4.98 -14.63
CA LEU B 10 3.17 5.16 -13.27
C LEU B 10 1.71 5.66 -13.29
N PRO B 11 0.73 4.94 -12.69
CA PRO B 11 -0.67 5.36 -12.67
C PRO B 11 -0.86 6.79 -12.17
N HIS B 12 -1.49 7.65 -12.97
CA HIS B 12 -1.67 9.09 -12.68
C HIS B 12 -2.33 9.36 -11.30
N ASP B 13 -3.28 8.51 -10.89
CA ASP B 13 -3.93 8.60 -9.58
C ASP B 13 -2.95 8.32 -8.41
N LEU B 14 -1.87 7.57 -8.66
CA LEU B 14 -0.76 7.36 -7.72
C LEU B 14 0.35 8.42 -7.88
N ARG B 15 0.56 9.00 -9.08
CA ARG B 15 1.53 10.11 -9.28
C ARG B 15 1.20 11.28 -8.37
N HIS B 16 -0.10 11.54 -8.19
CA HIS B 16 -0.70 12.55 -7.32
C HIS B 16 -0.34 12.39 -5.83
N LEU B 17 -0.08 11.16 -5.35
CA LEU B 17 0.24 10.89 -3.94
C LEU B 17 1.54 11.55 -3.49
N ASN B 18 1.54 12.12 -2.29
CA ASN B 18 2.72 12.74 -1.68
C ASN B 18 3.67 11.65 -1.16
N THR B 19 4.76 11.42 -1.89
CA THR B 19 5.80 10.42 -1.58
C THR B 19 6.93 10.96 -0.68
N GLU B 20 7.00 12.26 -0.38
CA GLU B 20 8.03 12.80 0.52
C GLU B 20 8.00 12.18 1.94
N PRO B 21 6.84 12.04 2.63
CA PRO B 21 6.81 11.38 3.94
C PRO B 21 7.02 9.85 3.81
N MET B 22 6.76 9.26 2.63
CA MET B 22 7.00 7.85 2.34
C MET B 22 8.47 7.46 2.32
N GLU B 23 9.39 8.41 2.21
CA GLU B 23 10.85 8.17 2.16
C GLU B 23 11.39 7.29 3.30
N ILE B 24 10.69 7.20 4.43
CA ILE B 24 11.06 6.30 5.54
C ILE B 24 10.92 4.80 5.17
N PHE B 25 9.99 4.45 4.26
CA PHE B 25 9.71 3.07 3.81
C PHE B 25 10.67 2.54 2.73
N ARG B 26 11.42 3.43 2.06
CA ARG B 26 12.33 3.20 0.91
C ARG B 26 13.31 2.02 0.96
N ASN B 27 13.58 1.46 2.14
CA ASN B 27 14.50 0.32 2.34
C ASN B 27 14.02 -0.59 3.50
N SER B 28 12.70 -0.68 3.72
CA SER B 28 12.11 -1.34 4.90
C SER B 28 10.97 -2.34 4.64
N VAL B 29 10.71 -2.73 3.38
CA VAL B 29 9.54 -3.57 3.04
C VAL B 29 9.79 -4.57 1.92
N LYS B 30 9.50 -5.85 2.19
CA LYS B 30 9.55 -6.97 1.23
C LYS B 30 8.21 -7.07 0.49
N ILE B 31 8.05 -6.31 -0.59
CA ILE B 31 6.81 -6.20 -1.38
C ILE B 31 6.20 -7.58 -1.73
N GLU B 32 7.06 -8.57 -2.02
CA GLU B 32 6.68 -9.93 -2.41
C GLU B 32 6.52 -10.94 -1.26
N GLU B 33 7.09 -10.71 -0.07
CA GLU B 33 7.00 -11.65 1.07
C GLU B 33 5.97 -11.28 2.16
N ILE B 34 5.49 -10.03 2.21
CA ILE B 34 4.44 -9.58 3.16
C ILE B 34 3.09 -10.30 2.89
N MET B 35 2.71 -10.40 1.61
CA MET B 35 1.42 -10.90 1.11
C MET B 35 1.07 -12.33 1.55
N PRO B 36 -0.22 -12.65 1.88
CA PRO B 36 -0.67 -14.01 2.22
C PRO B 36 -0.73 -14.99 1.02
N ASN B 37 -0.28 -14.57 -0.16
CA ASN B 37 -0.19 -15.34 -1.42
C ASN B 37 -1.52 -15.94 -1.95
N GLY B 38 -2.66 -15.29 -1.69
CA GLY B 38 -3.98 -15.75 -2.14
C GLY B 38 -4.27 -15.47 -3.62
N ASP B 39 -4.79 -14.27 -3.91
CA ASP B 39 -5.10 -13.74 -5.25
C ASP B 39 -5.09 -12.20 -5.22
N PRO B 40 -4.77 -11.48 -6.31
CA PRO B 40 -4.72 -10.02 -6.27
C PRO B 40 -6.10 -9.34 -6.20
N LEU B 41 -7.03 -9.72 -7.10
CA LEU B 41 -8.38 -9.13 -7.21
C LEU B 41 -9.24 -9.32 -5.95
N LEU B 42 -8.94 -10.38 -5.19
CA LEU B 42 -9.53 -10.77 -3.92
C LEU B 42 -9.37 -9.67 -2.84
N ALA B 43 -8.36 -8.80 -2.95
CA ALA B 43 -8.11 -7.68 -2.03
C ALA B 43 -9.25 -6.65 -1.92
N GLY B 44 -10.27 -6.69 -2.78
CA GLY B 44 -11.44 -5.81 -2.71
C GLY B 44 -12.13 -5.83 -1.34
N GLN B 45 -12.18 -6.99 -0.68
CA GLN B 45 -12.76 -7.18 0.67
C GLN B 45 -11.87 -8.00 1.63
N ASN B 46 -10.79 -8.64 1.15
CA ASN B 46 -9.88 -9.43 2.01
C ASN B 46 -9.09 -8.61 3.05
N THR B 47 -8.99 -7.30 2.82
CA THR B 47 -8.18 -6.35 3.61
C THR B 47 -8.74 -4.93 3.52
N VAL B 48 -8.46 -4.07 4.51
CA VAL B 48 -8.85 -2.64 4.60
C VAL B 48 -10.21 -2.32 3.92
N ASP B 49 -11.26 -2.92 4.47
CA ASP B 49 -12.65 -2.86 3.98
C ASP B 49 -13.27 -1.45 3.86
N GLU B 50 -14.43 -1.32 3.21
CA GLU B 50 -15.14 -0.05 2.99
C GLU B 50 -15.29 0.82 4.25
N VAL B 51 -15.64 0.22 5.39
CA VAL B 51 -15.74 0.92 6.69
C VAL B 51 -14.38 1.41 7.20
N TYR B 52 -13.31 0.70 6.86
CA TYR B 52 -11.91 1.02 7.16
C TYR B 52 -11.42 2.28 6.44
N VAL B 53 -12.02 2.57 5.29
CA VAL B 53 -11.63 3.66 4.38
C VAL B 53 -12.75 4.69 4.17
N SER B 54 -13.60 4.85 5.18
CA SER B 54 -14.74 5.78 5.27
C SER B 54 -15.68 5.80 4.04
N ARG B 55 -15.91 4.63 3.42
CA ARG B 55 -16.74 4.43 2.21
C ARG B 55 -17.83 3.33 2.32
N PRO B 56 -18.44 3.03 3.50
CA PRO B 56 -19.46 1.98 3.62
C PRO B 56 -20.82 2.35 2.99
N SER B 57 -21.05 3.62 2.66
CA SER B 57 -22.31 4.15 2.08
C SER B 57 -22.03 5.23 1.03
ZN ZN C . 3.24 -6.44 11.77
ZN ZN D . -7.25 11.56 8.30
ZN ZN E . -2.22 -0.81 -10.62
N ALA A 1 19.19 7.46 -14.79
CA ALA A 1 18.72 6.59 -13.72
C ALA A 1 17.24 6.81 -13.33
N THR A 2 16.57 7.79 -13.96
CA THR A 2 15.16 8.15 -13.75
C THR A 2 14.60 8.95 -14.95
N GLY A 3 13.31 9.27 -14.93
CA GLY A 3 12.63 10.06 -15.96
C GLY A 3 11.18 10.40 -15.57
N PRO A 4 10.52 11.35 -16.28
CA PRO A 4 9.14 11.74 -16.00
C PRO A 4 8.17 10.56 -16.24
N THR A 5 7.09 10.55 -15.46
CA THR A 5 6.00 9.53 -15.43
C THR A 5 6.45 8.06 -15.26
N ALA A 6 7.73 7.81 -14.98
CA ALA A 6 8.32 6.48 -14.82
C ALA A 6 9.41 6.45 -13.70
N ASP A 7 9.42 7.42 -12.78
CA ASP A 7 10.44 7.53 -11.71
C ASP A 7 10.56 6.24 -10.85
N PRO A 8 11.64 5.45 -10.98
CA PRO A 8 11.82 4.19 -10.27
C PRO A 8 11.75 4.27 -8.74
N GLU A 9 12.35 5.31 -8.13
CA GLU A 9 12.35 5.47 -6.67
C GLU A 9 10.97 5.88 -6.14
N LYS A 10 10.28 6.81 -6.81
CA LYS A 10 8.91 7.18 -6.44
C LYS A 10 7.98 5.96 -6.59
N ARG A 11 8.10 5.23 -7.70
CA ARG A 11 7.36 3.98 -7.95
C ARG A 11 7.52 3.01 -6.77
N LYS A 12 8.75 2.85 -6.25
CA LYS A 12 9.01 2.02 -5.07
C LYS A 12 8.34 2.59 -3.80
N LEU A 13 8.35 3.90 -3.58
CA LEU A 13 7.71 4.53 -2.42
C LEU A 13 6.20 4.27 -2.31
N ILE A 14 5.39 4.50 -3.36
CA ILE A 14 3.95 4.17 -3.27
C ILE A 14 3.75 2.66 -3.05
N GLN A 15 4.51 1.79 -3.73
CA GLN A 15 4.43 0.33 -3.50
C GLN A 15 4.67 -0.03 -2.03
N GLN A 16 5.72 0.52 -1.44
CA GLN A 16 6.13 0.25 -0.07
C GLN A 16 5.06 0.70 0.94
N GLN A 17 4.49 1.93 0.83
CA GLN A 17 3.40 2.36 1.73
C GLN A 17 2.15 1.49 1.53
N LEU A 18 1.76 1.20 0.27
CA LEU A 18 0.60 0.37 -0.05
C LEU A 18 0.70 -0.99 0.64
N VAL A 19 1.81 -1.71 0.44
CA VAL A 19 2.07 -3.01 1.06
C VAL A 19 2.15 -2.93 2.58
N LEU A 20 2.74 -1.89 3.16
CA LEU A 20 2.78 -1.70 4.60
C LEU A 20 1.36 -1.65 5.22
N LEU A 21 0.40 -1.02 4.54
CA LEU A 21 -1.01 -1.00 4.97
C LEU A 21 -1.63 -2.40 4.84
N LEU A 22 -1.38 -3.09 3.73
CA LEU A 22 -1.86 -4.47 3.52
C LEU A 22 -1.37 -5.41 4.63
N HIS A 23 -0.10 -5.27 5.05
CA HIS A 23 0.45 -6.04 6.16
C HIS A 23 -0.28 -5.69 7.46
N ALA A 24 -0.22 -4.41 7.86
CA ALA A 24 -0.82 -3.90 9.08
C ALA A 24 -2.31 -4.24 9.25
N HIS A 25 -3.10 -4.23 8.16
CA HIS A 25 -4.52 -4.58 8.18
C HIS A 25 -4.76 -5.99 8.76
N LYS A 26 -4.17 -7.04 8.16
CA LYS A 26 -4.29 -8.42 8.66
C LYS A 26 -3.50 -8.65 9.95
N CYS A 27 -2.38 -7.96 10.15
CA CYS A 27 -1.58 -8.05 11.36
C CYS A 27 -2.38 -7.57 12.59
N GLN A 28 -3.09 -6.43 12.48
CA GLN A 28 -3.95 -5.89 13.54
C GLN A 28 -5.02 -6.90 13.96
N ARG A 29 -5.65 -7.59 13.01
CA ARG A 29 -6.67 -8.63 13.26
C ARG A 29 -6.11 -9.76 14.15
N ARG A 30 -4.91 -10.25 13.85
CA ARG A 30 -4.22 -11.29 14.65
C ARG A 30 -3.73 -10.76 16.00
N GLU A 31 -3.13 -9.57 16.01
CA GLU A 31 -2.61 -8.89 17.22
C GLU A 31 -3.71 -8.65 18.27
N GLN A 32 -4.91 -8.23 17.83
CA GLN A 32 -6.07 -8.04 18.71
C GLN A 32 -6.64 -9.39 19.22
N ALA A 33 -6.66 -10.42 18.37
CA ALA A 33 -7.16 -11.76 18.73
C ALA A 33 -6.23 -12.53 19.70
N ASN A 34 -4.92 -12.28 19.66
CA ASN A 34 -3.91 -12.93 20.50
C ASN A 34 -4.15 -12.66 22.01
N GLY A 35 -4.20 -13.73 22.82
CA GLY A 35 -4.45 -13.68 24.28
C GLY A 35 -3.40 -12.94 25.12
N GLU A 36 -2.22 -12.65 24.56
CA GLU A 36 -1.10 -11.93 25.21
C GLU A 36 -0.49 -10.86 24.28
N VAL A 37 -1.31 -10.36 23.35
CA VAL A 37 -1.08 -9.37 22.25
C VAL A 37 0.02 -9.71 21.24
N ARG A 38 1.20 -10.15 21.70
CA ARG A 38 2.40 -10.55 20.94
C ARG A 38 2.64 -9.71 19.67
N ALA A 39 2.80 -8.40 19.85
CA ALA A 39 2.99 -7.40 18.80
C ALA A 39 4.11 -7.75 17.77
N CYS A 40 3.93 -7.25 16.55
CA CYS A 40 4.79 -7.47 15.38
C CYS A 40 6.22 -6.89 15.46
N SER A 41 6.98 -7.10 14.38
CA SER A 41 8.37 -6.68 14.15
C SER A 41 8.63 -6.10 12.74
N LEU A 42 7.65 -6.07 11.83
CA LEU A 42 7.80 -5.45 10.50
C LEU A 42 8.14 -3.94 10.72
N PRO A 43 9.21 -3.38 10.14
CA PRO A 43 9.73 -2.03 10.38
C PRO A 43 8.78 -0.84 10.68
N HIS A 44 7.57 -0.80 10.11
CA HIS A 44 6.59 0.29 10.33
C HIS A 44 5.18 -0.21 10.66
N CYS A 45 5.02 -1.45 11.12
CA CYS A 45 3.75 -2.05 11.48
C CYS A 45 2.90 -1.14 12.40
N ARG A 46 3.50 -0.68 13.51
CA ARG A 46 2.85 0.24 14.48
C ARG A 46 2.46 1.58 13.86
N THR A 47 3.24 2.08 12.90
CA THR A 47 2.99 3.35 12.19
C THR A 47 1.70 3.23 11.39
N MET A 48 1.59 2.17 10.60
CA MET A 48 0.40 1.86 9.80
C MET A 48 -0.81 1.56 10.70
N LYS A 49 -0.67 0.75 11.76
CA LYS A 49 -1.76 0.43 12.70
C LYS A 49 -2.40 1.69 13.29
N ASN A 50 -1.57 2.68 13.67
CA ASN A 50 -2.04 3.98 14.16
C ASN A 50 -2.78 4.79 13.06
N VAL A 51 -2.23 4.83 11.84
CA VAL A 51 -2.84 5.53 10.68
C VAL A 51 -4.17 4.89 10.27
N LEU A 52 -4.25 3.56 10.26
CA LEU A 52 -5.42 2.76 9.91
C LEU A 52 -6.57 2.99 10.91
N ASN A 53 -6.27 2.95 12.21
CA ASN A 53 -7.26 3.26 13.25
C ASN A 53 -7.79 4.70 13.08
N HIS A 54 -6.91 5.68 12.83
CA HIS A 54 -7.31 7.07 12.55
C HIS A 54 -8.24 7.14 11.31
N MET A 55 -7.83 6.52 10.21
CA MET A 55 -8.57 6.41 8.94
C MET A 55 -9.99 5.86 9.12
N THR A 56 -10.16 4.94 10.08
CA THR A 56 -11.44 4.32 10.42
C THR A 56 -12.43 5.28 11.11
N HIS A 57 -12.03 6.53 11.37
CA HIS A 57 -12.86 7.58 11.94
C HIS A 57 -12.80 8.88 11.11
N CYS A 58 -11.67 9.14 10.43
CA CYS A 58 -11.44 10.28 9.55
C CYS A 58 -12.38 10.25 8.31
N GLN A 59 -12.68 11.45 7.77
CA GLN A 59 -13.52 11.67 6.59
C GLN A 59 -12.99 12.82 5.70
N ALA A 60 -11.77 13.30 5.93
CA ALA A 60 -11.16 14.43 5.18
C ALA A 60 -10.66 14.08 3.76
N GLY A 61 -10.96 12.88 3.24
CA GLY A 61 -10.58 12.43 1.89
C GLY A 61 -9.07 12.55 1.62
N LYS A 62 -8.72 13.06 0.44
CA LYS A 62 -7.32 13.27 -0.02
C LYS A 62 -6.71 14.60 0.48
N ALA A 63 -7.29 15.24 1.49
CA ALA A 63 -6.87 16.54 2.03
C ALA A 63 -6.66 16.57 3.57
N CYS A 64 -6.60 15.41 4.23
CA CYS A 64 -6.38 15.28 5.68
C CYS A 64 -5.07 15.94 6.18
N GLN A 65 -5.10 16.37 7.45
CA GLN A 65 -3.96 16.94 8.17
C GLN A 65 -2.90 15.85 8.48
N VAL A 66 -3.29 14.58 8.60
CA VAL A 66 -2.38 13.45 8.83
C VAL A 66 -1.83 13.00 7.46
N ALA A 67 -0.53 13.26 7.24
CA ALA A 67 0.17 12.99 5.99
C ALA A 67 -0.03 11.57 5.41
N HIS A 68 -0.03 10.55 6.27
CA HIS A 68 -0.22 9.16 5.85
C HIS A 68 -1.69 8.75 5.65
N CYS A 69 -2.66 9.43 6.27
CA CYS A 69 -4.09 9.14 6.11
C CYS A 69 -4.56 9.40 4.66
N ALA A 70 -4.49 10.66 4.21
CA ALA A 70 -4.92 11.06 2.87
C ALA A 70 -4.24 10.27 1.74
N SER A 71 -2.94 9.96 1.88
CA SER A 71 -2.23 9.16 0.89
C SER A 71 -2.73 7.72 0.91
N SER A 72 -2.74 7.06 2.07
CA SER A 72 -3.25 5.69 2.26
C SER A 72 -4.66 5.52 1.72
N ARG A 73 -5.57 6.45 2.06
CA ARG A 73 -6.97 6.51 1.63
C ARG A 73 -7.11 6.40 0.10
N GLN A 74 -6.20 7.04 -0.65
CA GLN A 74 -6.09 6.95 -2.12
C GLN A 74 -5.33 5.68 -2.59
N ILE A 75 -4.21 5.32 -1.94
CA ILE A 75 -3.35 4.19 -2.31
C ILE A 75 -4.09 2.84 -2.31
N ILE A 76 -4.93 2.60 -1.29
CA ILE A 76 -5.76 1.39 -1.15
C ILE A 76 -6.71 1.24 -2.34
N SER A 77 -7.39 2.32 -2.72
CA SER A 77 -8.32 2.37 -3.85
C SER A 77 -7.72 1.93 -5.19
N HIS A 78 -6.39 2.00 -5.36
CA HIS A 78 -5.75 1.53 -6.59
C HIS A 78 -5.69 -0.02 -6.63
N TRP A 79 -5.11 -0.65 -5.61
CA TRP A 79 -5.01 -2.12 -5.52
C TRP A 79 -6.40 -2.79 -5.50
N LYS A 80 -7.40 -2.11 -4.91
CA LYS A 80 -8.81 -2.50 -4.88
C LYS A 80 -9.51 -2.46 -6.26
N ASN A 81 -8.88 -1.89 -7.31
CA ASN A 81 -9.50 -1.71 -8.63
C ASN A 81 -8.67 -2.14 -9.87
N CYS A 82 -7.34 -2.01 -9.83
CA CYS A 82 -6.45 -2.34 -10.95
C CYS A 82 -6.44 -3.84 -11.31
N THR A 83 -6.20 -4.14 -12.59
CA THR A 83 -6.11 -5.48 -13.19
C THR A 83 -5.01 -5.63 -14.24
N ARG A 84 -4.33 -4.53 -14.63
CA ARG A 84 -3.24 -4.51 -15.63
C ARG A 84 -2.03 -5.34 -15.16
N HIS A 85 -1.69 -6.39 -15.89
CA HIS A 85 -0.58 -7.31 -15.59
C HIS A 85 0.84 -6.69 -15.69
N ASP A 86 0.97 -5.47 -16.21
CA ASP A 86 2.26 -4.76 -16.36
C ASP A 86 2.26 -3.36 -15.71
N CYS A 87 1.28 -3.09 -14.83
CA CYS A 87 1.19 -1.88 -14.03
C CYS A 87 2.52 -1.78 -13.23
N PRO A 88 3.28 -0.66 -13.29
CA PRO A 88 4.59 -0.57 -12.65
C PRO A 88 4.49 -0.75 -11.14
N VAL A 89 3.45 -0.15 -10.54
CA VAL A 89 3.21 -0.18 -9.10
C VAL A 89 2.64 -1.53 -8.68
N CYS A 90 1.55 -2.04 -9.27
CA CYS A 90 0.98 -3.31 -8.85
C CYS A 90 1.82 -4.55 -9.15
N LEU A 91 2.64 -4.59 -10.21
CA LEU A 91 3.39 -5.80 -10.62
C LEU A 91 4.01 -6.61 -9.46
N PRO A 92 4.83 -6.04 -8.55
CA PRO A 92 5.35 -6.81 -7.42
C PRO A 92 4.24 -7.44 -6.56
N LEU A 93 3.11 -6.77 -6.31
CA LEU A 93 1.97 -7.31 -5.56
C LEU A 93 1.22 -8.40 -6.34
N LYS A 94 0.96 -8.16 -7.64
CA LYS A 94 0.34 -9.11 -8.58
C LYS A 94 1.18 -10.40 -8.68
N ASN A 95 2.49 -10.31 -8.46
CA ASN A 95 3.46 -11.40 -8.43
C ASN A 95 3.63 -12.03 -7.01
N ALA A 96 3.44 -11.25 -5.93
CA ALA A 96 3.56 -11.65 -4.52
C ALA A 96 2.47 -12.61 -4.04
N SER A 97 1.22 -12.43 -4.49
CA SER A 97 0.11 -13.24 -3.99
C SER A 97 -0.08 -14.59 -4.69
N ASP A 98 1.00 -15.37 -4.83
CA ASP A 98 1.01 -16.71 -5.42
C ASP A 98 2.14 -17.58 -4.84
N LYS A 99 1.91 -18.90 -4.71
CA LYS A 99 2.86 -19.89 -4.18
C LYS A 99 3.87 -20.34 -5.24
N ARG A 100 4.62 -19.38 -5.79
CA ARG A 100 5.64 -19.57 -6.86
C ARG A 100 6.63 -20.70 -6.58
N GLY B 1 12.46 12.42 -21.88
CA GLY B 1 13.08 11.51 -20.91
C GLY B 1 12.16 10.38 -20.42
N SER B 2 10.90 10.34 -20.88
CA SER B 2 9.86 9.35 -20.51
C SER B 2 10.22 7.88 -20.76
N HIS B 3 11.34 7.61 -21.46
CA HIS B 3 11.85 6.29 -21.81
C HIS B 3 13.33 6.07 -21.38
N MET B 4 13.88 6.97 -20.54
CA MET B 4 15.26 6.92 -20.03
C MET B 4 15.55 5.73 -19.08
N VAL B 5 14.49 5.04 -18.65
CA VAL B 5 14.49 3.86 -17.76
C VAL B 5 13.46 2.82 -18.24
N PRO B 6 13.67 1.51 -17.99
CA PRO B 6 12.75 0.44 -18.39
C PRO B 6 11.49 0.27 -17.50
N GLU B 7 11.32 1.21 -16.59
CA GLU B 7 10.22 1.33 -15.64
C GLU B 7 8.90 1.67 -16.36
N PRO B 8 7.85 0.83 -16.28
CA PRO B 8 6.54 1.12 -16.86
C PRO B 8 5.94 2.46 -16.36
N ASP B 9 4.96 2.99 -17.09
CA ASP B 9 4.27 4.25 -16.82
C ASP B 9 3.46 4.26 -15.51
N LEU B 10 3.96 5.00 -14.49
CA LEU B 10 3.38 5.12 -13.14
C LEU B 10 1.89 5.54 -13.23
N PRO B 11 0.93 4.80 -12.63
CA PRO B 11 -0.49 5.14 -12.72
C PRO B 11 -0.83 6.57 -12.27
N HIS B 12 -1.52 7.32 -13.14
CA HIS B 12 -1.89 8.73 -12.97
C HIS B 12 -2.50 9.07 -11.60
N ASP B 13 -3.38 8.23 -11.07
CA ASP B 13 -4.02 8.42 -9.76
C ASP B 13 -3.04 8.30 -8.58
N LEU B 14 -1.93 7.56 -8.73
CA LEU B 14 -0.86 7.43 -7.73
C LEU B 14 0.25 8.49 -7.91
N ARG B 15 0.45 9.06 -9.11
CA ARG B 15 1.45 10.14 -9.35
C ARG B 15 1.23 11.33 -8.41
N HIS B 16 -0.05 11.66 -8.17
CA HIS B 16 -0.50 12.75 -7.32
C HIS B 16 -0.28 12.53 -5.82
N LEU B 17 0.05 11.31 -5.36
CA LEU B 17 0.33 11.04 -3.94
C LEU B 17 1.65 11.68 -3.52
N ASN B 18 1.65 12.40 -2.39
CA ASN B 18 2.85 13.00 -1.81
C ASN B 18 3.74 11.89 -1.22
N THR B 19 4.86 11.58 -1.90
CA THR B 19 5.81 10.54 -1.51
C THR B 19 6.89 11.01 -0.53
N GLU B 20 7.00 12.31 -0.22
CA GLU B 20 8.01 12.81 0.74
C GLU B 20 7.85 12.17 2.15
N PRO B 21 6.65 12.09 2.76
CA PRO B 21 6.47 11.39 4.04
C PRO B 21 6.80 9.89 3.94
N MET B 22 6.56 9.27 2.77
CA MET B 22 6.81 7.86 2.52
C MET B 22 8.30 7.48 2.56
N GLU B 23 9.22 8.44 2.48
CA GLU B 23 10.66 8.16 2.51
C GLU B 23 11.12 7.35 3.74
N ILE B 24 10.39 7.36 4.85
CA ILE B 24 10.72 6.51 6.01
C ILE B 24 10.63 5.00 5.66
N PHE B 25 9.76 4.62 4.70
CA PHE B 25 9.55 3.25 4.21
C PHE B 25 10.52 2.84 3.08
N ARG B 26 11.29 3.79 2.51
CA ARG B 26 12.15 3.62 1.31
C ARG B 26 13.03 2.36 1.25
N ASN B 27 13.45 1.80 2.37
CA ASN B 27 14.25 0.57 2.45
C ASN B 27 13.79 -0.32 3.62
N SER B 28 12.47 -0.38 3.88
CA SER B 28 11.88 -1.05 5.06
C SER B 28 10.75 -2.05 4.77
N VAL B 29 10.58 -2.51 3.52
CA VAL B 29 9.46 -3.39 3.14
C VAL B 29 9.87 -4.45 2.10
N LYS B 30 9.26 -5.63 2.19
CA LYS B 30 9.40 -6.77 1.28
C LYS B 30 8.09 -6.96 0.51
N ILE B 31 7.94 -6.22 -0.61
CA ILE B 31 6.72 -6.18 -1.43
C ILE B 31 6.20 -7.59 -1.77
N GLU B 32 7.12 -8.52 -1.99
CA GLU B 32 6.83 -9.91 -2.37
C GLU B 32 6.66 -10.90 -1.21
N GLU B 33 7.14 -10.61 0.01
CA GLU B 33 7.04 -11.54 1.15
C GLU B 33 5.97 -11.17 2.18
N ILE B 34 5.49 -9.92 2.21
CA ILE B 34 4.41 -9.45 3.10
C ILE B 34 3.08 -10.18 2.82
N MET B 35 2.78 -10.34 1.52
CA MET B 35 1.53 -10.85 0.95
C MET B 35 1.13 -12.25 1.43
N PRO B 36 -0.18 -12.55 1.60
CA PRO B 36 -0.67 -13.89 2.00
C PRO B 36 -0.41 -15.00 0.96
N ASN B 37 0.24 -14.67 -0.18
CA ASN B 37 0.66 -15.59 -1.24
C ASN B 37 -0.41 -16.62 -1.65
N GLY B 38 -1.58 -16.12 -2.05
CA GLY B 38 -2.72 -16.96 -2.48
C GLY B 38 -3.74 -16.31 -3.42
N ASP B 39 -4.02 -15.00 -3.30
CA ASP B 39 -4.96 -14.28 -4.18
C ASP B 39 -4.61 -12.79 -4.41
N PRO B 40 -4.22 -12.40 -5.64
CA PRO B 40 -3.86 -11.03 -6.02
C PRO B 40 -5.05 -10.05 -6.28
N LEU B 41 -5.62 -10.02 -7.48
CA LEU B 41 -6.65 -9.06 -7.96
C LEU B 41 -7.96 -9.01 -7.14
N LEU B 42 -8.16 -10.03 -6.31
CA LEU B 42 -9.29 -10.31 -5.44
C LEU B 42 -9.42 -9.30 -4.28
N ALA B 43 -8.43 -8.41 -4.13
CA ALA B 43 -8.33 -7.35 -3.13
C ALA B 43 -9.63 -6.58 -2.84
N GLY B 44 -10.49 -6.38 -3.86
CA GLY B 44 -11.82 -5.74 -3.74
C GLY B 44 -12.63 -6.27 -2.55
N GLN B 45 -12.50 -7.56 -2.22
CA GLN B 45 -13.15 -8.24 -1.09
C GLN B 45 -12.15 -9.01 -0.19
N ASN B 46 -10.85 -8.64 -0.23
CA ASN B 46 -9.81 -9.34 0.53
C ASN B 46 -8.92 -8.44 1.43
N THR B 47 -9.22 -7.14 1.55
CA THR B 47 -8.45 -6.19 2.38
C THR B 47 -9.29 -4.93 2.75
N VAL B 48 -8.63 -3.85 3.21
CA VAL B 48 -9.16 -2.53 3.63
C VAL B 48 -10.35 -2.06 2.78
N ASP B 49 -11.37 -1.43 3.40
CA ASP B 49 -12.65 -1.12 2.73
C ASP B 49 -13.35 0.22 3.09
N GLU B 50 -14.53 0.49 2.54
CA GLU B 50 -15.31 1.72 2.80
C GLU B 50 -15.58 1.96 4.28
N VAL B 51 -15.89 0.89 5.03
CA VAL B 51 -16.09 0.87 6.50
C VAL B 51 -14.79 1.10 7.31
N TYR B 52 -13.68 1.27 6.60
CA TYR B 52 -12.32 1.40 7.10
C TYR B 52 -11.67 2.77 6.80
N VAL B 53 -12.25 3.51 5.85
CA VAL B 53 -11.78 4.85 5.43
C VAL B 53 -12.78 5.95 5.80
N SER B 54 -13.76 5.58 6.64
CA SER B 54 -14.84 6.40 7.19
C SER B 54 -15.38 5.76 8.47
N ARG B 55 -16.03 6.55 9.34
CA ARG B 55 -16.63 6.09 10.61
C ARG B 55 -17.69 4.98 10.42
N PRO B 56 -17.84 4.06 11.39
CA PRO B 56 -18.83 2.97 11.31
C PRO B 56 -20.28 3.48 11.44
N SER B 57 -21.26 2.61 11.15
CA SER B 57 -22.70 2.91 11.24
C SER B 57 -23.15 3.21 12.67
ZN ZN C . 2.84 -6.83 11.52
ZN ZN D . -7.33 11.48 8.30
ZN ZN E . -2.26 -0.87 -10.85
N ALA A 1 18.20 8.53 -18.12
CA ALA A 1 18.10 7.36 -17.25
C ALA A 1 16.93 7.44 -16.23
N THR A 2 16.21 8.57 -16.21
CA THR A 2 15.05 8.84 -15.34
C THR A 2 14.04 9.78 -16.01
N GLY A 3 12.82 9.88 -15.45
CA GLY A 3 11.75 10.76 -15.92
C GLY A 3 10.58 10.79 -14.92
N PRO A 4 9.86 11.92 -14.77
CA PRO A 4 8.78 12.06 -13.78
C PRO A 4 7.56 11.16 -14.03
N THR A 5 7.37 10.69 -15.27
CA THR A 5 6.27 9.78 -15.67
C THR A 5 6.51 8.32 -15.30
N ALA A 6 7.72 7.93 -14.86
CA ALA A 6 8.06 6.57 -14.49
C ALA A 6 8.81 6.43 -13.15
N ASP A 7 9.66 7.41 -12.83
CA ASP A 7 10.49 7.58 -11.62
C ASP A 7 10.64 6.32 -10.73
N PRO A 8 11.63 5.46 -11.00
CA PRO A 8 11.87 4.21 -10.28
C PRO A 8 11.80 4.29 -8.74
N GLU A 9 12.39 5.31 -8.12
CA GLU A 9 12.38 5.46 -6.66
C GLU A 9 11.02 5.92 -6.13
N LYS A 10 10.35 6.88 -6.80
CA LYS A 10 9.00 7.32 -6.41
C LYS A 10 8.00 6.16 -6.60
N ARG A 11 8.12 5.40 -7.69
CA ARG A 11 7.35 4.18 -7.98
C ARG A 11 7.50 3.18 -6.84
N LYS A 12 8.74 2.96 -6.34
CA LYS A 12 9.02 2.09 -5.19
C LYS A 12 8.33 2.58 -3.92
N LEU A 13 8.28 3.89 -3.66
CA LEU A 13 7.63 4.46 -2.48
C LEU A 13 6.13 4.16 -2.39
N ILE A 14 5.32 4.38 -3.45
CA ILE A 14 3.89 4.00 -3.37
C ILE A 14 3.73 2.49 -3.19
N GLN A 15 4.54 1.66 -3.87
CA GLN A 15 4.52 0.20 -3.66
C GLN A 15 4.78 -0.19 -2.20
N GLN A 16 5.81 0.42 -1.60
CA GLN A 16 6.21 0.16 -0.22
C GLN A 16 5.12 0.55 0.79
N GLN A 17 4.50 1.74 0.69
CA GLN A 17 3.39 2.14 1.57
C GLN A 17 2.17 1.23 1.37
N LEU A 18 1.79 0.95 0.11
CA LEU A 18 0.65 0.07 -0.23
C LEU A 18 0.79 -1.30 0.44
N VAL A 19 1.98 -1.91 0.33
CA VAL A 19 2.27 -3.21 0.98
C VAL A 19 2.32 -3.12 2.50
N LEU A 20 2.87 -2.05 3.07
CA LEU A 20 2.88 -1.85 4.52
C LEU A 20 1.45 -1.78 5.08
N LEU A 21 0.52 -1.10 4.39
CA LEU A 21 -0.90 -1.06 4.76
C LEU A 21 -1.51 -2.48 4.66
N LEU A 22 -1.25 -3.19 3.55
CA LEU A 22 -1.71 -4.57 3.34
C LEU A 22 -1.25 -5.51 4.47
N HIS A 23 -0.02 -5.37 4.96
CA HIS A 23 0.50 -6.15 6.09
C HIS A 23 -0.29 -5.80 7.36
N ALA A 24 -0.29 -4.52 7.74
CA ALA A 24 -0.96 -3.99 8.92
C ALA A 24 -2.47 -4.29 8.98
N HIS A 25 -3.17 -4.31 7.84
CA HIS A 25 -4.60 -4.64 7.73
C HIS A 25 -4.95 -5.97 8.42
N LYS A 26 -4.13 -7.01 8.22
CA LYS A 26 -4.25 -8.34 8.87
C LYS A 26 -3.48 -8.41 10.18
N CYS A 27 -2.31 -7.76 10.29
CA CYS A 27 -1.53 -7.76 11.52
C CYS A 27 -2.29 -7.14 12.71
N GLN A 28 -3.09 -6.10 12.47
CA GLN A 28 -3.97 -5.50 13.49
C GLN A 28 -4.98 -6.56 14.01
N ARG A 29 -5.44 -7.47 13.13
CA ARG A 29 -6.33 -8.60 13.47
C ARG A 29 -5.60 -9.64 14.33
N ARG A 30 -4.32 -9.92 14.04
CA ARG A 30 -3.48 -10.84 14.85
C ARG A 30 -3.39 -10.36 16.30
N GLU A 31 -3.13 -9.07 16.49
CA GLU A 31 -3.08 -8.44 17.82
C GLU A 31 -4.47 -8.41 18.48
N GLN A 32 -5.51 -7.96 17.76
CA GLN A 32 -6.90 -7.90 18.24
C GLN A 32 -7.42 -9.25 18.77
N ALA A 33 -7.04 -10.36 18.11
CA ALA A 33 -7.43 -11.72 18.46
C ALA A 33 -6.67 -12.35 19.66
N ASN A 34 -5.60 -11.72 20.17
CA ASN A 34 -4.76 -12.29 21.25
C ASN A 34 -4.38 -11.33 22.38
N GLY A 35 -4.10 -10.05 22.09
CA GLY A 35 -3.74 -9.01 23.07
C GLY A 35 -2.32 -9.11 23.66
N GLU A 36 -1.49 -10.07 23.23
CA GLU A 36 -0.12 -10.30 23.76
C GLU A 36 0.90 -10.80 22.71
N VAL A 37 0.65 -10.55 21.43
CA VAL A 37 1.50 -10.99 20.30
C VAL A 37 2.95 -10.50 20.38
N ARG A 38 3.88 -11.40 20.05
CA ARG A 38 5.33 -11.19 19.93
C ARG A 38 5.88 -11.94 18.69
N ALA A 39 5.09 -11.89 17.61
CA ALA A 39 5.30 -12.59 16.34
C ALA A 39 5.33 -11.64 15.11
N CYS A 40 5.89 -10.44 15.28
CA CYS A 40 6.02 -9.42 14.23
C CYS A 40 7.38 -8.70 14.31
N SER A 41 7.85 -8.19 13.17
CA SER A 41 9.14 -7.50 12.99
C SER A 41 9.12 -6.38 11.93
N LEU A 42 7.97 -6.06 11.32
CA LEU A 42 7.88 -5.02 10.28
C LEU A 42 8.27 -3.62 10.82
N PRO A 43 9.30 -2.95 10.24
CA PRO A 43 9.80 -1.63 10.66
C PRO A 43 8.77 -0.51 10.96
N HIS A 44 7.61 -0.53 10.30
CA HIS A 44 6.56 0.49 10.41
C HIS A 44 5.15 -0.07 10.64
N CYS A 45 5.04 -1.30 11.15
CA CYS A 45 3.75 -1.95 11.44
C CYS A 45 2.86 -1.05 12.33
N ARG A 46 3.42 -0.52 13.43
CA ARG A 46 2.76 0.41 14.36
C ARG A 46 2.31 1.70 13.68
N THR A 47 3.09 2.21 12.72
CA THR A 47 2.80 3.43 11.96
C THR A 47 1.53 3.23 11.13
N MET A 48 1.48 2.13 10.38
CA MET A 48 0.32 1.74 9.57
C MET A 48 -0.90 1.45 10.43
N LYS A 49 -0.76 0.69 11.53
CA LYS A 49 -1.87 0.37 12.47
C LYS A 49 -2.52 1.65 13.03
N ASN A 50 -1.72 2.64 13.40
CA ASN A 50 -2.22 3.95 13.85
C ASN A 50 -2.94 4.70 12.71
N VAL A 51 -2.36 4.74 11.51
CA VAL A 51 -2.94 5.39 10.32
C VAL A 51 -4.29 4.74 9.94
N LEU A 52 -4.37 3.41 9.94
CA LEU A 52 -5.58 2.63 9.61
C LEU A 52 -6.70 2.84 10.63
N ASN A 53 -6.38 2.77 11.93
CA ASN A 53 -7.35 3.05 12.99
C ASN A 53 -7.90 4.49 12.89
N HIS A 54 -7.02 5.46 12.59
CA HIS A 54 -7.40 6.85 12.35
C HIS A 54 -8.32 6.97 11.12
N MET A 55 -7.89 6.43 9.97
CA MET A 55 -8.60 6.41 8.69
C MET A 55 -10.05 5.92 8.81
N THR A 56 -10.24 4.91 9.65
CA THR A 56 -11.52 4.28 9.91
C THR A 56 -12.59 5.23 10.48
N HIS A 57 -12.19 6.33 11.13
CA HIS A 57 -13.10 7.33 11.71
C HIS A 57 -12.80 8.80 11.33
N CYS A 58 -11.85 9.05 10.41
CA CYS A 58 -11.46 10.40 9.95
C CYS A 58 -12.65 11.19 9.35
N GLN A 59 -12.55 12.53 9.35
CA GLN A 59 -13.59 13.44 8.85
C GLN A 59 -13.05 14.62 8.01
N ALA A 60 -11.73 14.86 7.99
CA ALA A 60 -11.10 15.95 7.24
C ALA A 60 -10.66 15.54 5.81
N GLY A 61 -10.51 14.24 5.55
CA GLY A 61 -10.13 13.62 4.26
C GLY A 61 -9.10 14.39 3.44
N LYS A 62 -9.55 15.04 2.35
CA LYS A 62 -8.72 15.86 1.43
C LYS A 62 -7.92 17.00 2.07
N ALA A 63 -8.23 17.35 3.32
CA ALA A 63 -7.61 18.42 4.11
C ALA A 63 -7.07 17.94 5.48
N CYS A 64 -7.02 16.62 5.71
CA CYS A 64 -6.54 16.00 6.95
C CYS A 64 -5.07 16.35 7.30
N GLN A 65 -4.80 16.48 8.60
CA GLN A 65 -3.47 16.76 9.15
C GLN A 65 -2.55 15.53 9.16
N VAL A 66 -3.11 14.30 9.05
CA VAL A 66 -2.33 13.05 9.01
C VAL A 66 -1.80 12.85 7.59
N ALA A 67 -0.49 13.08 7.41
CA ALA A 67 0.19 13.00 6.12
C ALA A 67 0.00 11.68 5.34
N HIS A 68 -0.22 10.56 6.06
CA HIS A 68 -0.43 9.23 5.47
C HIS A 68 -1.90 8.89 5.17
N CYS A 69 -2.88 9.49 5.86
CA CYS A 69 -4.32 9.23 5.70
C CYS A 69 -4.81 9.39 4.25
N ALA A 70 -4.82 10.62 3.74
CA ALA A 70 -5.30 10.91 2.39
C ALA A 70 -4.57 10.09 1.29
N SER A 71 -3.25 9.90 1.43
CA SER A 71 -2.48 9.09 0.49
C SER A 71 -2.87 7.62 0.54
N SER A 72 -2.97 7.03 1.73
CA SER A 72 -3.41 5.65 1.95
C SER A 72 -4.81 5.40 1.40
N ARG A 73 -5.76 6.29 1.71
CA ARG A 73 -7.14 6.27 1.20
C ARG A 73 -7.20 6.15 -0.33
N GLN A 74 -6.30 6.81 -1.05
CA GLN A 74 -6.19 6.70 -2.52
C GLN A 74 -5.39 5.46 -2.96
N ILE A 75 -4.28 5.12 -2.28
CA ILE A 75 -3.42 3.97 -2.63
C ILE A 75 -4.20 2.64 -2.64
N ILE A 76 -5.05 2.43 -1.62
CA ILE A 76 -5.94 1.26 -1.48
C ILE A 76 -6.88 1.11 -2.69
N SER A 77 -7.49 2.21 -3.13
CA SER A 77 -8.40 2.24 -4.29
C SER A 77 -7.78 1.74 -5.60
N HIS A 78 -6.46 1.87 -5.78
CA HIS A 78 -5.79 1.36 -6.98
C HIS A 78 -5.74 -0.18 -6.98
N TRP A 79 -5.17 -0.79 -5.94
CA TRP A 79 -5.06 -2.25 -5.80
C TRP A 79 -6.45 -2.92 -5.81
N LYS A 80 -7.47 -2.25 -5.27
CA LYS A 80 -8.89 -2.66 -5.29
C LYS A 80 -9.50 -2.81 -6.70
N ASN A 81 -8.87 -2.26 -7.74
CA ASN A 81 -9.41 -2.25 -9.11
C ASN A 81 -8.43 -2.71 -10.22
N CYS A 82 -7.12 -2.58 -10.03
CA CYS A 82 -6.10 -2.98 -11.02
C CYS A 82 -6.00 -4.51 -11.18
N THR A 83 -6.02 -4.98 -12.43
CA THR A 83 -5.98 -6.42 -12.82
C THR A 83 -4.92 -6.77 -13.87
N ARG A 84 -4.07 -5.80 -14.27
CA ARG A 84 -2.98 -5.99 -15.25
C ARG A 84 -1.90 -6.97 -14.80
N HIS A 85 -1.10 -7.41 -15.76
CA HIS A 85 0.08 -8.27 -15.57
C HIS A 85 1.40 -7.49 -15.76
N ASP A 86 1.32 -6.18 -16.03
CA ASP A 86 2.46 -5.30 -16.35
C ASP A 86 2.39 -3.88 -15.73
N CYS A 87 1.44 -3.62 -14.81
CA CYS A 87 1.30 -2.34 -14.09
C CYS A 87 2.64 -2.01 -13.38
N PRO A 88 3.26 -0.83 -13.59
CA PRO A 88 4.55 -0.49 -12.99
C PRO A 88 4.55 -0.65 -11.47
N VAL A 89 3.47 -0.19 -10.82
CA VAL A 89 3.30 -0.26 -9.37
C VAL A 89 2.77 -1.63 -8.92
N CYS A 90 1.68 -2.17 -9.47
CA CYS A 90 1.18 -3.44 -8.97
C CYS A 90 2.04 -4.67 -9.29
N LEU A 91 2.83 -4.72 -10.37
CA LEU A 91 3.62 -5.91 -10.76
C LEU A 91 4.25 -6.70 -9.58
N PRO A 92 5.05 -6.11 -8.66
CA PRO A 92 5.57 -6.84 -7.51
C PRO A 92 4.48 -7.47 -6.62
N LEU A 93 3.33 -6.81 -6.42
CA LEU A 93 2.19 -7.36 -5.65
C LEU A 93 1.45 -8.45 -6.43
N LYS A 94 1.20 -8.23 -7.72
CA LYS A 94 0.55 -9.19 -8.65
C LYS A 94 1.38 -10.49 -8.66
N ASN A 95 2.72 -10.36 -8.58
CA ASN A 95 3.68 -11.47 -8.47
C ASN A 95 3.67 -12.08 -7.05
N ALA A 96 3.71 -11.26 -5.99
CA ALA A 96 3.62 -11.66 -4.57
C ALA A 96 2.39 -12.52 -4.25
N SER A 97 1.33 -12.39 -5.04
CA SER A 97 0.05 -13.12 -4.89
C SER A 97 -0.34 -13.99 -6.10
N ASP A 98 0.59 -14.24 -7.03
CA ASP A 98 0.37 -15.10 -8.21
C ASP A 98 0.08 -16.57 -7.82
N LYS A 99 -0.52 -17.33 -8.73
CA LYS A 99 -0.89 -18.75 -8.55
C LYS A 99 -0.76 -19.56 -9.86
N ARG A 100 0.36 -19.36 -10.57
CA ARG A 100 0.70 -19.97 -11.87
C ARG A 100 2.11 -20.56 -11.87
N GLY B 1 22.88 5.02 -24.23
CA GLY B 1 22.68 4.06 -23.13
C GLY B 1 21.76 4.55 -22.01
N SER B 2 21.32 5.81 -22.07
CA SER B 2 20.45 6.48 -21.08
C SER B 2 19.24 7.20 -21.71
N HIS B 3 19.04 7.06 -23.03
CA HIS B 3 17.96 7.69 -23.81
C HIS B 3 16.56 7.11 -23.53
N MET B 4 16.48 5.94 -22.89
CA MET B 4 15.25 5.20 -22.53
C MET B 4 15.39 4.60 -21.13
N VAL B 5 14.29 4.09 -20.55
CA VAL B 5 14.23 3.48 -19.21
C VAL B 5 13.40 2.19 -19.19
N PRO B 6 13.75 1.19 -18.35
CA PRO B 6 13.02 -0.08 -18.21
C PRO B 6 11.83 -0.02 -17.24
N GLU B 7 11.44 1.19 -16.90
CA GLU B 7 10.39 1.55 -15.94
C GLU B 7 9.06 1.93 -16.65
N PRO B 8 8.00 1.10 -16.55
CA PRO B 8 6.69 1.42 -17.14
C PRO B 8 6.10 2.74 -16.59
N ASP B 9 5.17 3.35 -17.34
CA ASP B 9 4.51 4.62 -16.99
C ASP B 9 3.62 4.52 -15.73
N LEU B 10 4.11 5.08 -14.62
CA LEU B 10 3.49 5.13 -13.28
C LEU B 10 2.01 5.58 -13.36
N PRO B 11 1.02 4.82 -12.83
CA PRO B 11 -0.40 5.16 -12.92
C PRO B 11 -0.73 6.61 -12.56
N HIS B 12 -1.47 7.28 -13.44
CA HIS B 12 -1.85 8.70 -13.32
C HIS B 12 -2.53 9.06 -11.99
N ASP B 13 -3.28 8.12 -11.40
CA ASP B 13 -3.94 8.29 -10.10
C ASP B 13 -2.97 8.14 -8.91
N LEU B 14 -1.89 7.36 -9.05
CA LEU B 14 -0.85 7.20 -8.01
C LEU B 14 0.30 8.21 -8.11
N ARG B 15 0.70 8.67 -9.30
CA ARG B 15 1.84 9.61 -9.47
C ARG B 15 1.68 10.90 -8.67
N HIS B 16 0.43 11.33 -8.45
CA HIS B 16 0.06 12.51 -7.67
C HIS B 16 0.08 12.31 -6.15
N LEU B 17 0.22 11.07 -5.64
CA LEU B 17 0.32 10.80 -4.20
C LEU B 17 1.58 11.43 -3.60
N ASN B 18 1.45 12.04 -2.42
CA ASN B 18 2.57 12.66 -1.71
C ASN B 18 3.50 11.58 -1.14
N THR B 19 4.62 11.35 -1.81
CA THR B 19 5.64 10.35 -1.44
C THR B 19 6.71 10.88 -0.47
N GLU B 20 6.76 12.18 -0.16
CA GLU B 20 7.76 12.71 0.80
C GLU B 20 7.62 12.07 2.20
N PRO B 21 6.43 11.96 2.83
CA PRO B 21 6.26 11.24 4.09
C PRO B 21 6.63 9.76 3.97
N MET B 22 6.39 9.16 2.80
CA MET B 22 6.68 7.75 2.51
C MET B 22 8.19 7.43 2.54
N GLU B 23 9.09 8.42 2.47
CA GLU B 23 10.54 8.17 2.50
C GLU B 23 11.02 7.38 3.73
N ILE B 24 10.28 7.39 4.85
CA ILE B 24 10.62 6.55 6.01
C ILE B 24 10.57 5.05 5.66
N PHE B 25 9.69 4.65 4.73
CA PHE B 25 9.51 3.28 4.23
C PHE B 25 10.49 2.88 3.10
N ARG B 26 11.25 3.85 2.53
CA ARG B 26 12.13 3.69 1.35
C ARG B 26 13.08 2.48 1.33
N ASN B 27 13.43 1.93 2.49
CA ASN B 27 14.29 0.75 2.64
C ASN B 27 13.81 -0.18 3.78
N SER B 28 12.49 -0.25 4.01
CA SER B 28 11.89 -0.96 5.16
C SER B 28 10.75 -1.94 4.83
N VAL B 29 10.64 -2.42 3.59
CA VAL B 29 9.56 -3.33 3.15
C VAL B 29 10.03 -4.40 2.16
N LYS B 30 9.31 -5.52 2.12
CA LYS B 30 9.49 -6.66 1.21
C LYS B 30 8.21 -6.88 0.41
N ILE B 31 8.05 -6.14 -0.69
CA ILE B 31 6.85 -6.13 -1.55
C ILE B 31 6.35 -7.55 -1.89
N GLU B 32 7.29 -8.47 -2.10
CA GLU B 32 7.04 -9.86 -2.50
C GLU B 32 6.89 -10.87 -1.35
N GLU B 33 7.37 -10.59 -0.12
CA GLU B 33 7.30 -11.55 1.00
C GLU B 33 6.23 -11.22 2.07
N ILE B 34 5.69 -9.99 2.10
CA ILE B 34 4.59 -9.59 3.00
C ILE B 34 3.30 -10.38 2.69
N MET B 35 3.00 -10.50 1.40
CA MET B 35 1.78 -11.10 0.85
C MET B 35 1.55 -12.56 1.29
N PRO B 36 0.31 -12.97 1.63
CA PRO B 36 -0.02 -14.36 1.99
C PRO B 36 -0.01 -15.33 0.78
N ASN B 37 0.40 -14.86 -0.41
CA ASN B 37 0.49 -15.60 -1.67
C ASN B 37 -0.79 -16.37 -2.04
N GLY B 38 -1.96 -15.73 -1.90
CA GLY B 38 -3.27 -16.33 -2.24
C GLY B 38 -3.72 -16.03 -3.66
N ASP B 39 -4.12 -14.78 -3.92
CA ASP B 39 -4.63 -14.28 -5.21
C ASP B 39 -4.49 -12.75 -5.31
N PRO B 40 -4.27 -12.15 -6.50
CA PRO B 40 -4.23 -10.69 -6.64
C PRO B 40 -5.64 -10.08 -6.78
N LEU B 41 -6.55 -10.74 -7.53
CA LEU B 41 -7.94 -10.29 -7.78
C LEU B 41 -8.77 -10.22 -6.49
N LEU B 42 -8.36 -11.00 -5.48
CA LEU B 42 -8.86 -11.08 -4.11
C LEU B 42 -8.82 -9.70 -3.41
N ALA B 43 -8.02 -8.74 -3.91
CA ALA B 43 -7.98 -7.35 -3.43
C ALA B 43 -9.38 -6.71 -3.31
N GLY B 44 -10.32 -7.08 -4.20
CA GLY B 44 -11.72 -6.63 -4.18
C GLY B 44 -12.44 -6.91 -2.85
N GLN B 45 -12.05 -7.98 -2.15
CA GLN B 45 -12.58 -8.44 -0.87
C GLN B 45 -11.56 -8.35 0.29
N ASN B 46 -10.42 -7.69 0.07
CA ASN B 46 -9.36 -7.52 1.05
C ASN B 46 -9.04 -6.02 1.26
N THR B 47 -7.94 -5.69 1.96
CA THR B 47 -7.39 -4.35 2.29
C THR B 47 -8.30 -3.39 3.08
N VAL B 48 -9.53 -3.16 2.64
CA VAL B 48 -10.57 -2.33 3.29
C VAL B 48 -11.97 -2.73 2.83
N ASP B 49 -12.99 -2.17 3.47
CA ASP B 49 -14.38 -2.26 3.05
C ASP B 49 -15.22 -1.18 3.78
N GLU B 50 -16.55 -1.33 3.91
CA GLU B 50 -17.42 -0.40 4.65
C GLU B 50 -16.93 -0.13 6.09
N VAL B 51 -16.34 -1.14 6.73
CA VAL B 51 -15.75 -1.07 8.09
C VAL B 51 -14.45 -0.25 8.19
N TYR B 52 -14.04 0.43 7.11
CA TYR B 52 -12.80 1.23 7.00
C TYR B 52 -12.95 2.62 6.40
N VAL B 53 -13.99 2.87 5.59
CA VAL B 53 -14.20 4.14 4.88
C VAL B 53 -14.83 5.24 5.75
N SER B 54 -14.08 5.68 6.77
CA SER B 54 -14.41 6.78 7.70
C SER B 54 -15.78 6.73 8.42
N ARG B 55 -16.47 5.58 8.44
CA ARG B 55 -17.79 5.40 9.08
C ARG B 55 -17.75 5.66 10.61
N PRO B 56 -18.85 6.15 11.22
CA PRO B 56 -18.90 6.43 12.67
C PRO B 56 -18.89 5.18 13.56
N SER B 57 -19.20 4.01 13.00
CA SER B 57 -19.24 2.70 13.70
C SER B 57 -19.03 1.51 12.75
ZN ZN C . 2.88 -6.79 11.53
ZN ZN D . -7.36 11.56 8.24
ZN ZN E . -2.00 -1.28 -10.77
N ALA A 1 12.16 5.14 -15.84
CA ALA A 1 13.44 5.83 -15.93
C ALA A 1 13.50 6.87 -17.09
N THR A 2 12.49 6.91 -17.95
CA THR A 2 12.38 7.83 -19.10
C THR A 2 12.08 9.29 -18.71
N GLY A 3 11.61 9.53 -17.49
CA GLY A 3 11.27 10.86 -16.95
C GLY A 3 10.63 10.80 -15.56
N PRO A 4 10.23 11.94 -14.98
CA PRO A 4 9.59 12.00 -13.65
C PRO A 4 8.26 11.23 -13.59
N THR A 5 7.58 11.08 -14.74
CA THR A 5 6.34 10.29 -14.91
C THR A 5 6.56 8.78 -14.75
N ALA A 6 7.81 8.32 -14.63
CA ALA A 6 8.22 6.93 -14.46
C ALA A 6 9.41 6.80 -13.48
N ASP A 7 9.58 7.74 -12.54
CA ASP A 7 10.69 7.75 -11.58
C ASP A 7 10.82 6.41 -10.81
N PRO A 8 11.87 5.59 -11.06
CA PRO A 8 12.08 4.29 -10.41
C PRO A 8 12.09 4.31 -8.88
N GLU A 9 12.55 5.39 -8.24
CA GLU A 9 12.61 5.50 -6.78
C GLU A 9 11.25 5.89 -6.19
N LYS A 10 10.54 6.85 -6.82
CA LYS A 10 9.16 7.22 -6.42
C LYS A 10 8.25 6.00 -6.52
N ARG A 11 8.34 5.24 -7.61
CA ARG A 11 7.59 4.00 -7.87
C ARG A 11 7.66 3.05 -6.67
N LYS A 12 8.84 2.86 -6.07
CA LYS A 12 9.00 2.01 -4.87
C LYS A 12 8.29 2.60 -3.66
N LEU A 13 8.41 3.90 -3.42
CA LEU A 13 7.78 4.57 -2.27
C LEU A 13 6.26 4.36 -2.19
N ILE A 14 5.51 4.48 -3.30
CA ILE A 14 4.07 4.14 -3.23
C ILE A 14 3.87 2.62 -3.07
N GLN A 15 4.65 1.75 -3.75
CA GLN A 15 4.52 0.28 -3.57
C GLN A 15 4.70 -0.16 -2.11
N GLN A 16 5.79 0.30 -1.50
CA GLN A 16 6.19 -0.01 -0.14
C GLN A 16 5.12 0.41 0.89
N GLN A 17 4.57 1.64 0.80
CA GLN A 17 3.49 2.06 1.70
C GLN A 17 2.21 1.22 1.48
N LEU A 18 1.82 0.97 0.22
CA LEU A 18 0.64 0.17 -0.12
C LEU A 18 0.70 -1.20 0.57
N VAL A 19 1.80 -1.93 0.39
CA VAL A 19 2.01 -3.24 1.02
C VAL A 19 2.09 -3.16 2.54
N LEU A 20 2.75 -2.16 3.11
CA LEU A 20 2.81 -1.97 4.57
C LEU A 20 1.40 -1.82 5.17
N LEU A 21 0.49 -1.10 4.50
CA LEU A 21 -0.91 -0.96 4.94
C LEU A 21 -1.66 -2.30 4.85
N LEU A 22 -1.50 -3.03 3.73
CA LEU A 22 -2.10 -4.35 3.52
C LEU A 22 -1.70 -5.32 4.64
N HIS A 23 -0.42 -5.31 5.05
CA HIS A 23 0.06 -6.12 6.17
C HIS A 23 -0.62 -5.66 7.47
N ALA A 24 -0.43 -4.39 7.82
CA ALA A 24 -0.88 -3.77 9.06
C ALA A 24 -2.37 -3.90 9.41
N HIS A 25 -3.31 -3.77 8.47
CA HIS A 25 -4.74 -3.85 8.83
C HIS A 25 -5.11 -5.25 9.38
N LYS A 26 -4.73 -6.32 8.69
CA LYS A 26 -4.94 -7.70 9.18
C LYS A 26 -4.01 -8.03 10.35
N CYS A 27 -2.84 -7.40 10.44
CA CYS A 27 -1.94 -7.57 11.58
C CYS A 27 -2.54 -6.92 12.85
N GLN A 28 -3.31 -5.82 12.71
CA GLN A 28 -4.04 -5.23 13.84
C GLN A 28 -5.03 -6.25 14.39
N ARG A 29 -5.76 -6.96 13.52
CA ARG A 29 -6.69 -8.05 13.89
C ARG A 29 -5.95 -9.18 14.62
N ARG A 30 -4.77 -9.63 14.11
CA ARG A 30 -3.90 -10.63 14.73
C ARG A 30 -3.47 -10.20 16.14
N GLU A 31 -2.95 -8.98 16.27
CA GLU A 31 -2.48 -8.37 17.51
C GLU A 31 -3.61 -8.25 18.54
N GLN A 32 -4.79 -7.79 18.12
CA GLN A 32 -6.00 -7.66 18.93
C GLN A 32 -6.53 -9.02 19.43
N ALA A 33 -6.59 -10.02 18.54
CA ALA A 33 -7.06 -11.37 18.85
C ALA A 33 -6.18 -12.12 19.87
N ASN A 34 -4.87 -11.91 19.84
CA ASN A 34 -3.93 -12.52 20.80
C ASN A 34 -4.10 -11.96 22.23
N GLY A 35 -4.47 -10.68 22.36
CA GLY A 35 -4.73 -9.99 23.64
C GLY A 35 -3.57 -9.93 24.66
N GLU A 36 -2.34 -10.23 24.23
CA GLU A 36 -1.13 -10.27 25.08
C GLU A 36 0.11 -9.70 24.36
N VAL A 37 -0.11 -8.90 23.31
CA VAL A 37 0.93 -8.27 22.46
C VAL A 37 0.42 -6.94 21.88
N ARG A 38 1.35 -6.01 21.65
CA ARG A 38 1.12 -4.67 21.07
C ARG A 38 2.17 -4.29 20.00
N ALA A 39 2.79 -5.31 19.41
CA ALA A 39 3.87 -5.17 18.42
C ALA A 39 3.90 -6.29 17.36
N CYS A 40 4.83 -6.15 16.40
CA CYS A 40 5.09 -7.05 15.28
C CYS A 40 6.59 -7.05 14.92
N SER A 41 6.93 -7.66 13.78
CA SER A 41 8.29 -7.76 13.21
C SER A 41 8.51 -6.83 12.01
N LEU A 42 7.45 -6.31 11.38
CA LEU A 42 7.55 -5.35 10.27
C LEU A 42 8.09 -4.00 10.80
N PRO A 43 9.16 -3.41 10.22
CA PRO A 43 9.78 -2.15 10.67
C PRO A 43 8.86 -0.96 10.98
N HIS A 44 7.69 -0.87 10.33
CA HIS A 44 6.72 0.22 10.48
C HIS A 44 5.27 -0.27 10.72
N CYS A 45 5.09 -1.50 11.21
CA CYS A 45 3.77 -2.07 11.50
C CYS A 45 2.94 -1.14 12.40
N ARG A 46 3.54 -0.67 13.51
CA ARG A 46 2.92 0.29 14.45
C ARG A 46 2.56 1.63 13.80
N THR A 47 3.36 2.09 12.83
CA THR A 47 3.13 3.35 12.10
C THR A 47 1.85 3.23 11.27
N MET A 48 1.75 2.16 10.50
CA MET A 48 0.58 1.84 9.68
C MET A 48 -0.67 1.58 10.53
N LYS A 49 -0.56 0.81 11.62
CA LYS A 49 -1.68 0.53 12.55
C LYS A 49 -2.26 1.83 13.12
N ASN A 50 -1.42 2.78 13.51
CA ASN A 50 -1.86 4.11 13.99
C ASN A 50 -2.53 4.93 12.86
N VAL A 51 -1.98 4.92 11.63
CA VAL A 51 -2.55 5.63 10.47
C VAL A 51 -3.92 5.06 10.10
N LEU A 52 -4.05 3.73 10.03
CA LEU A 52 -5.30 3.03 9.71
C LEU A 52 -6.35 3.26 10.79
N ASN A 53 -5.97 3.15 12.07
CA ASN A 53 -6.88 3.43 13.20
C ASN A 53 -7.43 4.87 13.10
N HIS A 54 -6.58 5.85 12.77
CA HIS A 54 -6.99 7.23 12.52
C HIS A 54 -7.98 7.28 11.33
N MET A 55 -7.60 6.75 10.17
CA MET A 55 -8.42 6.70 8.94
C MET A 55 -9.81 6.11 9.16
N THR A 56 -9.89 5.07 10.00
CA THR A 56 -11.12 4.35 10.33
C THR A 56 -12.15 5.20 11.10
N HIS A 57 -11.76 6.39 11.58
CA HIS A 57 -12.64 7.35 12.27
C HIS A 57 -12.56 8.78 11.67
N CYS A 58 -11.55 9.07 10.85
CA CYS A 58 -11.37 10.32 10.13
C CYS A 58 -12.42 10.49 9.01
N GLN A 59 -13.07 11.65 8.95
CA GLN A 59 -14.12 11.97 7.96
C GLN A 59 -13.65 12.89 6.83
N ALA A 60 -12.39 13.36 6.83
CA ALA A 60 -11.84 14.24 5.79
C ALA A 60 -11.48 13.53 4.48
N GLY A 61 -11.53 12.20 4.43
CA GLY A 61 -11.24 11.39 3.23
C GLY A 61 -9.87 11.66 2.61
N LYS A 62 -9.80 11.66 1.27
CA LYS A 62 -8.59 11.94 0.47
C LYS A 62 -8.08 13.40 0.56
N ALA A 63 -8.51 14.18 1.56
CA ALA A 63 -8.13 15.58 1.77
C ALA A 63 -7.71 15.89 3.24
N CYS A 64 -7.52 14.87 4.09
CA CYS A 64 -7.06 15.02 5.47
C CYS A 64 -5.70 15.72 5.60
N GLN A 65 -5.48 16.34 6.76
CA GLN A 65 -4.25 17.03 7.13
C GLN A 65 -3.14 16.06 7.59
N VAL A 66 -3.48 14.83 8.01
CA VAL A 66 -2.49 13.80 8.38
C VAL A 66 -1.86 13.25 7.10
N ALA A 67 -0.54 13.41 6.96
CA ALA A 67 0.23 13.08 5.76
C ALA A 67 0.01 11.66 5.19
N HIS A 68 0.04 10.62 6.04
CA HIS A 68 -0.16 9.25 5.60
C HIS A 68 -1.63 8.87 5.39
N CYS A 69 -2.59 9.49 6.10
CA CYS A 69 -4.02 9.19 6.04
C CYS A 69 -4.62 9.28 4.62
N ALA A 70 -4.74 10.49 4.08
CA ALA A 70 -5.31 10.72 2.76
C ALA A 70 -4.55 9.96 1.66
N SER A 71 -3.22 9.87 1.79
CA SER A 71 -2.37 9.13 0.86
C SER A 71 -2.72 7.65 0.85
N SER A 72 -2.82 7.02 2.03
CA SER A 72 -3.20 5.62 2.24
C SER A 72 -4.60 5.32 1.70
N ARG A 73 -5.57 6.19 1.98
CA ARG A 73 -6.97 6.09 1.50
C ARG A 73 -7.05 6.04 -0.04
N GLN A 74 -6.13 6.72 -0.73
CA GLN A 74 -5.98 6.68 -2.19
C GLN A 74 -5.18 5.45 -2.65
N ILE A 75 -4.04 5.16 -2.03
CA ILE A 75 -3.12 4.07 -2.39
C ILE A 75 -3.76 2.66 -2.39
N ILE A 76 -4.56 2.35 -1.37
CA ILE A 76 -5.25 1.06 -1.20
C ILE A 76 -6.20 0.78 -2.37
N SER A 77 -7.05 1.76 -2.69
CA SER A 77 -8.03 1.63 -3.78
C SER A 77 -7.42 1.40 -5.18
N HIS A 78 -6.21 1.90 -5.47
CA HIS A 78 -5.56 1.65 -6.77
C HIS A 78 -5.39 0.15 -7.02
N TRP A 79 -4.69 -0.53 -6.10
CA TRP A 79 -4.42 -1.96 -6.18
C TRP A 79 -5.69 -2.82 -6.27
N LYS A 80 -6.75 -2.42 -5.57
CA LYS A 80 -8.07 -3.08 -5.60
C LYS A 80 -8.83 -2.94 -6.93
N ASN A 81 -8.39 -2.08 -7.86
CA ASN A 81 -9.07 -1.81 -9.13
C ASN A 81 -8.20 -1.97 -10.39
N CYS A 82 -6.88 -1.85 -10.31
CA CYS A 82 -5.95 -1.98 -11.44
C CYS A 82 -5.93 -3.41 -12.00
N THR A 83 -6.50 -3.60 -13.20
CA THR A 83 -6.56 -4.89 -13.91
C THR A 83 -5.29 -5.24 -14.70
N ARG A 84 -4.37 -4.28 -14.87
CA ARG A 84 -3.10 -4.44 -15.62
C ARG A 84 -2.15 -5.43 -14.98
N HIS A 85 -1.74 -6.46 -15.72
CA HIS A 85 -0.70 -7.39 -15.30
C HIS A 85 0.71 -6.79 -15.42
N ASP A 86 0.83 -5.55 -15.92
CA ASP A 86 2.10 -4.84 -16.18
C ASP A 86 2.17 -3.41 -15.61
N CYS A 87 1.28 -3.06 -14.66
CA CYS A 87 1.30 -1.77 -13.97
C CYS A 87 2.68 -1.57 -13.29
N PRO A 88 3.32 -0.38 -13.41
CA PRO A 88 4.63 -0.14 -12.80
C PRO A 88 4.60 -0.28 -11.27
N VAL A 89 3.42 -0.11 -10.65
CA VAL A 89 3.23 -0.16 -9.19
C VAL A 89 2.65 -1.50 -8.77
N CYS A 90 1.55 -1.99 -9.35
CA CYS A 90 0.98 -3.25 -8.90
C CYS A 90 1.81 -4.51 -9.22
N LEU A 91 2.64 -4.52 -10.27
CA LEU A 91 3.42 -5.69 -10.71
C LEU A 91 3.99 -6.56 -9.56
N PRO A 92 4.79 -6.03 -8.61
CA PRO A 92 5.25 -6.83 -7.47
C PRO A 92 4.12 -7.41 -6.61
N LEU A 93 3.04 -6.67 -6.34
CA LEU A 93 1.89 -7.20 -5.59
C LEU A 93 1.17 -8.31 -6.38
N LYS A 94 1.09 -8.14 -7.71
CA LYS A 94 0.51 -9.12 -8.64
C LYS A 94 1.40 -10.39 -8.65
N ASN A 95 2.72 -10.25 -8.59
CA ASN A 95 3.67 -11.37 -8.39
C ASN A 95 3.54 -11.99 -6.99
N ALA A 96 3.17 -11.19 -5.98
CA ALA A 96 3.00 -11.59 -4.58
C ALA A 96 1.78 -12.50 -4.37
N SER A 97 0.81 -12.51 -5.31
CA SER A 97 -0.43 -13.29 -5.18
C SER A 97 -0.90 -14.04 -6.44
N ASP A 98 -0.06 -14.11 -7.48
CA ASP A 98 -0.29 -14.86 -8.73
C ASP A 98 1.05 -15.25 -9.37
N LYS A 99 1.04 -16.30 -10.21
CA LYS A 99 2.23 -16.87 -10.91
C LYS A 99 3.44 -17.13 -9.97
N ARG A 100 3.15 -17.58 -8.74
CA ARG A 100 4.12 -17.85 -7.65
C ARG A 100 3.83 -19.20 -6.97
N GLY B 1 24.90 -10.39 -10.29
CA GLY B 1 23.91 -10.88 -11.27
C GLY B 1 22.70 -9.96 -11.47
N SER B 2 22.65 -8.81 -10.78
CA SER B 2 21.57 -7.82 -10.88
C SER B 2 21.43 -7.23 -12.29
N HIS B 3 20.18 -6.96 -12.69
CA HIS B 3 19.78 -6.39 -13.99
C HIS B 3 18.62 -5.40 -13.82
N MET B 4 18.43 -4.51 -14.81
CA MET B 4 17.39 -3.47 -14.82
C MET B 4 16.83 -3.24 -16.25
N VAL B 5 15.62 -2.68 -16.32
CA VAL B 5 14.88 -2.32 -17.55
C VAL B 5 14.08 -1.02 -17.34
N PRO B 6 13.70 -0.28 -18.39
CA PRO B 6 12.91 0.95 -18.26
C PRO B 6 11.62 0.76 -17.46
N GLU B 7 11.34 1.69 -16.54
CA GLU B 7 10.15 1.70 -15.69
C GLU B 7 8.89 2.13 -16.46
N PRO B 8 7.79 1.35 -16.42
CA PRO B 8 6.52 1.74 -17.01
C PRO B 8 5.99 3.08 -16.44
N ASP B 9 5.10 3.75 -17.17
CA ASP B 9 4.50 5.04 -16.79
C ASP B 9 3.63 4.95 -15.52
N LEU B 10 4.14 5.49 -14.41
CA LEU B 10 3.54 5.50 -13.06
C LEU B 10 2.07 6.01 -13.12
N PRO B 11 1.08 5.25 -12.61
CA PRO B 11 -0.34 5.63 -12.66
C PRO B 11 -0.62 7.05 -12.16
N HIS B 12 -1.30 7.86 -12.98
CA HIS B 12 -1.63 9.27 -12.70
C HIS B 12 -2.23 9.51 -11.30
N ASP B 13 -3.16 8.65 -10.88
CA ASP B 13 -3.80 8.72 -9.56
C ASP B 13 -2.83 8.46 -8.39
N LEU B 14 -1.73 7.72 -8.62
CA LEU B 14 -0.65 7.52 -7.66
C LEU B 14 0.45 8.59 -7.78
N ARG B 15 0.68 9.19 -8.97
CA ARG B 15 1.64 10.31 -9.12
C ARG B 15 1.21 11.52 -8.27
N HIS B 16 -0.10 11.69 -8.09
CA HIS B 16 -0.71 12.72 -7.24
C HIS B 16 -0.39 12.55 -5.75
N LEU B 17 -0.04 11.34 -5.29
CA LEU B 17 0.34 11.08 -3.89
C LEU B 17 1.71 11.72 -3.58
N ASN B 18 1.78 12.55 -2.53
CA ASN B 18 3.05 13.10 -2.08
C ASN B 18 3.85 11.95 -1.42
N THR B 19 5.01 11.61 -1.98
CA THR B 19 5.89 10.51 -1.55
C THR B 19 6.96 10.90 -0.52
N GLU B 20 7.08 12.18 -0.14
CA GLU B 20 8.04 12.63 0.90
C GLU B 20 7.82 11.93 2.26
N PRO B 21 6.58 11.77 2.78
CA PRO B 21 6.34 11.03 4.02
C PRO B 21 6.77 9.56 3.90
N MET B 22 6.53 8.96 2.72
CA MET B 22 6.87 7.56 2.43
C MET B 22 8.37 7.26 2.48
N GLU B 23 9.26 8.26 2.40
CA GLU B 23 10.72 8.05 2.44
C GLU B 23 11.22 7.21 3.63
N ILE B 24 10.46 7.14 4.72
CA ILE B 24 10.77 6.29 5.89
C ILE B 24 10.66 4.78 5.56
N PHE B 25 9.83 4.40 4.58
CA PHE B 25 9.57 3.02 4.13
C PHE B 25 10.54 2.49 3.05
N ARG B 26 11.38 3.36 2.47
CA ARG B 26 12.25 3.07 1.31
C ARG B 26 13.16 1.83 1.38
N ASN B 27 13.47 1.31 2.56
CA ASN B 27 14.32 0.13 2.76
C ASN B 27 13.81 -0.80 3.90
N SER B 28 12.50 -0.84 4.12
CA SER B 28 11.84 -1.55 5.24
C SER B 28 10.66 -2.47 4.85
N VAL B 29 10.54 -2.86 3.58
CA VAL B 29 9.42 -3.71 3.10
C VAL B 29 9.86 -4.75 2.06
N LYS B 30 9.18 -5.90 2.06
CA LYS B 30 9.32 -7.01 1.11
C LYS B 30 7.98 -7.18 0.38
N ILE B 31 7.79 -6.38 -0.67
CA ILE B 31 6.55 -6.23 -1.45
C ILE B 31 5.90 -7.59 -1.78
N GLU B 32 6.74 -8.55 -2.18
CA GLU B 32 6.31 -9.88 -2.59
C GLU B 32 6.11 -10.92 -1.46
N GLU B 33 6.69 -10.71 -0.28
CA GLU B 33 6.64 -11.67 0.84
C GLU B 33 5.58 -11.37 1.92
N ILE B 34 5.07 -10.13 2.01
CA ILE B 34 3.98 -9.72 2.93
C ILE B 34 2.68 -10.49 2.61
N MET B 35 2.39 -10.64 1.31
CA MET B 35 1.19 -11.31 0.79
C MET B 35 1.19 -12.82 1.11
N PRO B 36 0.05 -13.43 1.54
CA PRO B 36 -0.07 -14.86 1.81
C PRO B 36 -0.06 -15.73 0.53
N ASN B 37 -0.05 -15.11 -0.65
CA ASN B 37 -0.02 -15.68 -2.00
C ASN B 37 -1.20 -16.62 -2.35
N GLY B 38 -2.19 -16.11 -3.10
CA GLY B 38 -3.33 -16.89 -3.58
C GLY B 38 -4.19 -16.23 -4.66
N ASP B 39 -4.45 -14.92 -4.54
CA ASP B 39 -5.24 -14.12 -5.49
C ASP B 39 -5.00 -12.61 -5.26
N PRO B 40 -4.98 -11.75 -6.29
CA PRO B 40 -4.84 -10.31 -6.08
C PRO B 40 -6.11 -9.69 -5.47
N LEU B 41 -7.30 -10.18 -5.84
CA LEU B 41 -8.59 -9.76 -5.27
C LEU B 41 -8.74 -10.13 -3.77
N LEU B 42 -7.84 -10.99 -3.27
CA LEU B 42 -7.73 -11.45 -1.89
C LEU B 42 -6.82 -10.51 -1.05
N ALA B 43 -6.08 -9.58 -1.66
CA ALA B 43 -5.26 -8.52 -1.04
C ALA B 43 -4.79 -8.72 0.42
N GLY B 44 -4.02 -9.75 0.72
CA GLY B 44 -3.53 -9.99 2.09
C GLY B 44 -4.55 -10.51 3.11
N GLN B 45 -5.84 -10.39 2.75
CA GLN B 45 -7.12 -10.70 3.41
C GLN B 45 -8.26 -9.82 2.82
N ASN B 46 -7.89 -8.71 2.16
CA ASN B 46 -8.78 -7.68 1.61
C ASN B 46 -9.80 -7.15 2.63
N THR B 47 -9.27 -6.97 3.83
CA THR B 47 -9.93 -6.46 5.03
C THR B 47 -10.25 -4.95 4.90
N VAL B 48 -9.39 -4.20 4.22
CA VAL B 48 -9.50 -2.77 3.92
C VAL B 48 -10.56 -2.49 2.84
N ASP B 49 -11.83 -2.82 3.13
CA ASP B 49 -12.93 -2.73 2.16
C ASP B 49 -14.31 -2.28 2.69
N GLU B 50 -14.73 -2.78 3.86
CA GLU B 50 -16.05 -2.47 4.45
C GLU B 50 -15.95 -2.18 5.97
N VAL B 51 -14.76 -1.74 6.40
CA VAL B 51 -14.43 -1.46 7.81
C VAL B 51 -13.46 -0.29 7.97
N TYR B 52 -12.35 -0.26 7.21
CA TYR B 52 -11.37 0.83 7.28
C TYR B 52 -11.87 2.18 6.69
N VAL B 53 -12.95 2.12 5.90
CA VAL B 53 -13.59 3.25 5.17
C VAL B 53 -14.35 4.25 6.06
N SER B 54 -13.61 5.01 6.87
CA SER B 54 -14.11 6.09 7.75
C SER B 54 -15.08 5.71 8.88
N ARG B 55 -15.56 4.46 8.95
CA ARG B 55 -16.47 3.95 9.97
C ARG B 55 -16.38 2.41 10.07
N PRO B 56 -16.09 1.83 11.25
CA PRO B 56 -15.98 0.38 11.41
C PRO B 56 -17.34 -0.34 11.32
N SER B 57 -17.31 -1.66 11.10
CA SER B 57 -18.48 -2.53 11.00
C SER B 57 -18.17 -3.99 11.37
ZN ZN C . 2.55 -6.86 11.51
ZN ZN D . -7.38 11.62 8.35
ZN ZN E . -1.83 -0.63 -10.83
N ALA A 1 12.87 15.60 -16.30
CA ALA A 1 13.80 14.48 -16.10
C ALA A 1 13.82 13.50 -17.30
N THR A 2 14.57 12.41 -17.18
CA THR A 2 14.69 11.34 -18.19
C THR A 2 13.41 10.50 -18.35
N GLY A 3 12.48 10.55 -17.38
CA GLY A 3 11.22 9.81 -17.38
C GLY A 3 10.26 10.21 -16.25
N PRO A 4 9.80 11.47 -16.16
CA PRO A 4 8.90 11.94 -15.08
C PRO A 4 7.55 11.20 -15.04
N THR A 5 7.15 10.53 -16.13
CA THR A 5 5.95 9.70 -16.24
C THR A 5 6.11 8.32 -15.60
N ALA A 6 7.34 7.91 -15.24
CA ALA A 6 7.65 6.62 -14.63
C ALA A 6 8.41 6.73 -13.29
N ASP A 7 9.14 7.82 -13.09
CA ASP A 7 9.96 8.21 -11.92
C ASP A 7 10.36 7.01 -11.01
N PRO A 8 11.39 6.24 -11.42
CA PRO A 8 11.85 5.02 -10.74
C PRO A 8 11.97 5.10 -9.21
N GLU A 9 12.53 6.18 -8.66
CA GLU A 9 12.69 6.36 -7.21
C GLU A 9 11.32 6.46 -6.50
N LYS A 10 10.40 7.21 -7.09
CA LYS A 10 9.03 7.43 -6.59
C LYS A 10 8.16 6.19 -6.72
N ARG A 11 8.31 5.40 -7.79
CA ARG A 11 7.56 4.15 -8.05
C ARG A 11 7.65 3.17 -6.88
N LYS A 12 8.83 2.99 -6.28
CA LYS A 12 8.99 2.12 -5.10
C LYS A 12 8.35 2.72 -3.85
N LEU A 13 8.37 4.04 -3.66
CA LEU A 13 7.76 4.69 -2.48
C LEU A 13 6.24 4.44 -2.33
N ILE A 14 5.43 4.57 -3.39
CA ILE A 14 4.00 4.21 -3.26
C ILE A 14 3.84 2.69 -3.03
N GLN A 15 4.60 1.84 -3.73
CA GLN A 15 4.54 0.39 -3.50
C GLN A 15 4.80 0.00 -2.05
N GLN A 16 5.84 0.61 -1.45
CA GLN A 16 6.28 0.31 -0.09
C GLN A 16 5.24 0.73 0.95
N GLN A 17 4.66 1.94 0.90
CA GLN A 17 3.58 2.32 1.85
C GLN A 17 2.35 1.43 1.65
N LEU A 18 1.95 1.16 0.40
CA LEU A 18 0.81 0.31 0.07
C LEU A 18 0.95 -1.07 0.74
N VAL A 19 2.06 -1.76 0.52
CA VAL A 19 2.33 -3.07 1.13
C VAL A 19 2.38 -3.00 2.67
N LEU A 20 2.98 -1.94 3.22
CA LEU A 20 3.03 -1.75 4.67
C LEU A 20 1.62 -1.67 5.29
N LEU A 21 0.68 -0.97 4.64
CA LEU A 21 -0.73 -0.90 5.09
C LEU A 21 -1.42 -2.26 5.00
N LEU A 22 -1.27 -2.95 3.86
CA LEU A 22 -1.83 -4.28 3.63
C LEU A 22 -1.37 -5.28 4.71
N HIS A 23 -0.10 -5.22 5.11
CA HIS A 23 0.44 -6.02 6.22
C HIS A 23 -0.21 -5.62 7.55
N ALA A 24 -0.03 -4.36 7.93
CA ALA A 24 -0.48 -3.77 9.19
C ALA A 24 -1.95 -4.02 9.52
N HIS A 25 -2.86 -4.03 8.53
CA HIS A 25 -4.27 -4.35 8.77
C HIS A 25 -4.45 -5.81 9.21
N LYS A 26 -3.91 -6.79 8.47
CA LYS A 26 -3.96 -8.24 8.82
C LYS A 26 -3.25 -8.50 10.15
N CYS A 27 -2.20 -7.73 10.46
CA CYS A 27 -1.45 -7.80 11.71
C CYS A 27 -2.28 -7.20 12.88
N GLN A 28 -2.99 -6.08 12.66
CA GLN A 28 -3.90 -5.48 13.64
C GLN A 28 -5.05 -6.45 14.00
N ARG A 29 -5.54 -7.23 13.01
CA ARG A 29 -6.55 -8.29 13.22
C ARG A 29 -6.15 -9.34 14.27
N ARG A 30 -4.86 -9.45 14.67
CA ARG A 30 -4.44 -10.36 15.75
C ARG A 30 -5.14 -10.01 17.07
N GLU A 31 -5.57 -8.76 17.28
CA GLU A 31 -6.33 -8.38 18.47
C GLU A 31 -7.73 -9.05 18.53
N GLN A 32 -8.31 -9.40 17.37
CA GLN A 32 -9.58 -10.13 17.27
C GLN A 32 -9.35 -11.65 17.27
N ALA A 33 -8.29 -12.12 16.59
CA ALA A 33 -7.93 -13.54 16.48
C ALA A 33 -7.24 -14.13 17.74
N ASN A 34 -6.69 -13.29 18.62
CA ASN A 34 -5.96 -13.69 19.83
C ASN A 34 -6.26 -12.82 21.07
N GLY A 35 -6.16 -11.49 20.93
CA GLY A 35 -6.45 -10.52 22.02
C GLY A 35 -5.25 -10.06 22.85
N GLU A 36 -4.08 -10.69 22.72
CA GLU A 36 -2.85 -10.39 23.46
C GLU A 36 -1.65 -10.08 22.54
N VAL A 37 -1.91 -9.77 21.26
CA VAL A 37 -0.91 -9.45 20.23
C VAL A 37 -1.34 -8.24 19.40
N ARG A 38 -0.41 -7.30 19.20
CA ARG A 38 -0.61 -6.04 18.43
C ARG A 38 0.34 -5.88 17.25
N ALA A 39 1.57 -6.41 17.30
CA ALA A 39 2.56 -6.33 16.22
C ALA A 39 3.66 -7.41 16.33
N CYS A 40 4.38 -7.61 15.23
CA CYS A 40 5.43 -8.61 15.05
C CYS A 40 6.86 -8.00 15.08
N SER A 41 7.37 -7.57 13.93
CA SER A 41 8.72 -7.02 13.73
C SER A 41 8.92 -6.13 12.49
N LEU A 42 7.89 -5.91 11.64
CA LEU A 42 7.99 -5.03 10.45
C LEU A 42 8.42 -3.61 10.91
N PRO A 43 9.49 -3.00 10.33
CA PRO A 43 10.00 -1.66 10.68
C PRO A 43 8.98 -0.54 10.94
N HIS A 44 7.82 -0.57 10.26
CA HIS A 44 6.77 0.44 10.35
C HIS A 44 5.38 -0.15 10.63
N CYS A 45 5.31 -1.37 11.19
CA CYS A 45 4.04 -2.03 11.56
C CYS A 45 3.21 -1.09 12.46
N ARG A 46 3.84 -0.53 13.50
CA ARG A 46 3.24 0.46 14.42
C ARG A 46 2.88 1.78 13.74
N THR A 47 3.70 2.25 12.79
CA THR A 47 3.47 3.51 12.05
C THR A 47 2.16 3.41 11.28
N MET A 48 2.01 2.30 10.54
CA MET A 48 0.82 2.00 9.75
C MET A 48 -0.39 1.77 10.65
N LYS A 49 -0.28 1.01 11.75
CA LYS A 49 -1.40 0.76 12.68
C LYS A 49 -1.97 2.05 13.28
N ASN A 50 -1.10 3.01 13.63
CA ASN A 50 -1.51 4.34 14.09
C ASN A 50 -2.29 5.10 12.99
N VAL A 51 -1.81 5.07 11.75
CA VAL A 51 -2.47 5.71 10.59
C VAL A 51 -3.79 5.02 10.25
N LEU A 52 -3.84 3.69 10.31
CA LEU A 52 -5.00 2.85 10.00
C LEU A 52 -6.14 3.04 11.01
N ASN A 53 -5.84 2.98 12.30
CA ASN A 53 -6.82 3.25 13.35
C ASN A 53 -7.39 4.68 13.20
N HIS A 54 -6.53 5.66 12.89
CA HIS A 54 -6.95 7.05 12.61
C HIS A 54 -7.91 7.08 11.39
N MET A 55 -7.49 6.52 10.25
CA MET A 55 -8.25 6.42 9.00
C MET A 55 -9.65 5.83 9.19
N THR A 56 -9.77 4.83 10.06
CA THR A 56 -11.02 4.13 10.36
C THR A 56 -12.08 5.05 11.02
N HIS A 57 -11.68 6.23 11.51
CA HIS A 57 -12.55 7.23 12.13
C HIS A 57 -12.49 8.61 11.43
N CYS A 58 -11.42 8.90 10.69
CA CYS A 58 -11.22 10.13 9.91
C CYS A 58 -12.26 10.23 8.76
N GLN A 59 -12.62 11.46 8.38
CA GLN A 59 -13.61 11.77 7.34
C GLN A 59 -13.15 12.89 6.37
N ALA A 60 -11.88 13.33 6.45
CA ALA A 60 -11.32 14.38 5.59
C ALA A 60 -10.94 13.91 4.17
N GLY A 61 -11.19 12.64 3.82
CA GLY A 61 -10.92 12.06 2.50
C GLY A 61 -9.49 12.30 1.99
N LYS A 62 -9.38 12.81 0.75
CA LYS A 62 -8.12 13.13 0.06
C LYS A 62 -7.42 14.41 0.54
N ALA A 63 -7.91 15.09 1.58
CA ALA A 63 -7.41 16.37 2.07
C ALA A 63 -7.06 16.41 3.59
N CYS A 64 -6.91 15.24 4.24
CA CYS A 64 -6.56 15.14 5.66
C CYS A 64 -5.21 15.80 6.02
N GLN A 65 -5.11 16.30 7.25
CA GLN A 65 -3.89 16.88 7.82
C GLN A 65 -2.82 15.82 8.16
N VAL A 66 -3.21 14.55 8.33
CA VAL A 66 -2.27 13.44 8.58
C VAL A 66 -1.72 12.97 7.22
N ALA A 67 -0.43 13.23 6.99
CA ALA A 67 0.26 12.96 5.72
C ALA A 67 0.04 11.56 5.13
N HIS A 68 0.09 10.51 5.97
CA HIS A 68 -0.11 9.13 5.51
C HIS A 68 -1.59 8.73 5.34
N CYS A 69 -2.54 9.35 6.06
CA CYS A 69 -3.98 9.03 6.01
C CYS A 69 -4.61 9.20 4.61
N ALA A 70 -4.68 10.44 4.12
CA ALA A 70 -5.26 10.74 2.80
C ALA A 70 -4.54 9.99 1.68
N SER A 71 -3.21 9.83 1.81
CA SER A 71 -2.41 9.08 0.84
C SER A 71 -2.80 7.61 0.84
N SER A 72 -2.93 6.98 2.02
CA SER A 72 -3.36 5.59 2.20
C SER A 72 -4.74 5.33 1.61
N ARG A 73 -5.71 6.20 1.89
CA ARG A 73 -7.08 6.13 1.34
C ARG A 73 -7.09 5.99 -0.19
N GLN A 74 -6.25 6.76 -0.88
CA GLN A 74 -6.06 6.66 -2.35
C GLN A 74 -5.22 5.43 -2.74
N ILE A 75 -4.08 5.17 -2.07
CA ILE A 75 -3.16 4.07 -2.38
C ILE A 75 -3.84 2.69 -2.35
N ILE A 76 -4.64 2.41 -1.31
CA ILE A 76 -5.39 1.16 -1.14
C ILE A 76 -6.35 0.95 -2.30
N SER A 77 -7.20 1.94 -2.56
CA SER A 77 -8.21 1.89 -3.61
C SER A 77 -7.67 1.61 -5.01
N HIS A 78 -6.41 1.97 -5.30
CA HIS A 78 -5.77 1.64 -6.58
C HIS A 78 -5.63 0.11 -6.71
N TRP A 79 -4.83 -0.51 -5.83
CA TRP A 79 -4.56 -1.96 -5.81
C TRP A 79 -5.83 -2.83 -5.71
N LYS A 80 -6.81 -2.40 -4.91
CA LYS A 80 -8.09 -3.12 -4.75
C LYS A 80 -8.96 -3.16 -6.03
N ASN A 81 -8.61 -2.39 -7.08
CA ASN A 81 -9.38 -2.32 -8.33
C ASN A 81 -8.54 -2.51 -9.63
N CYS A 82 -7.22 -2.29 -9.61
CA CYS A 82 -6.34 -2.40 -10.76
C CYS A 82 -6.25 -3.82 -11.34
N THR A 83 -6.82 -4.03 -12.53
CA THR A 83 -6.81 -5.31 -13.27
C THR A 83 -5.58 -5.49 -14.16
N ARG A 84 -4.77 -4.43 -14.36
CA ARG A 84 -3.55 -4.43 -15.18
C ARG A 84 -2.46 -5.32 -14.60
N HIS A 85 -2.24 -6.49 -15.21
CA HIS A 85 -1.19 -7.43 -14.82
C HIS A 85 0.24 -6.89 -15.08
N ASP A 86 0.37 -5.73 -15.72
CA ASP A 86 1.64 -5.07 -16.07
C ASP A 86 1.78 -3.64 -15.51
N CYS A 87 0.88 -3.23 -14.60
CA CYS A 87 0.96 -1.95 -13.89
C CYS A 87 2.35 -1.83 -13.19
N PRO A 88 3.09 -0.71 -13.33
CA PRO A 88 4.42 -0.57 -12.73
C PRO A 88 4.35 -0.75 -11.21
N VAL A 89 3.37 -0.09 -10.57
CA VAL A 89 3.19 -0.12 -9.12
C VAL A 89 2.64 -1.46 -8.65
N CYS A 90 1.53 -1.96 -9.18
CA CYS A 90 0.97 -3.21 -8.71
C CYS A 90 1.78 -4.48 -9.02
N LEU A 91 2.55 -4.55 -10.11
CA LEU A 91 3.26 -5.78 -10.52
C LEU A 91 3.94 -6.57 -9.37
N PRO A 92 4.81 -5.99 -8.52
CA PRO A 92 5.39 -6.74 -7.40
C PRO A 92 4.33 -7.33 -6.46
N LEU A 93 3.20 -6.65 -6.20
CA LEU A 93 2.09 -7.17 -5.39
C LEU A 93 1.30 -8.26 -6.14
N LYS A 94 1.04 -8.06 -7.43
CA LYS A 94 0.37 -9.03 -8.32
C LYS A 94 1.20 -10.32 -8.45
N ASN A 95 2.51 -10.23 -8.22
CA ASN A 95 3.44 -11.35 -8.16
C ASN A 95 3.44 -11.98 -6.73
N ALA A 96 3.53 -11.14 -5.68
CA ALA A 96 3.47 -11.50 -4.25
C ALA A 96 2.21 -12.32 -3.89
N SER A 97 1.07 -11.93 -4.46
CA SER A 97 -0.23 -12.57 -4.27
C SER A 97 -0.44 -13.82 -5.16
N ASP A 98 0.54 -14.20 -5.98
CA ASP A 98 0.48 -15.34 -6.91
C ASP A 98 1.78 -16.19 -6.93
N LYS A 99 2.46 -16.32 -5.78
CA LYS A 99 3.71 -17.11 -5.59
C LYS A 99 3.49 -18.64 -5.69
N ARG A 100 2.45 -19.11 -6.39
CA ARG A 100 2.07 -20.52 -6.62
C ARG A 100 3.23 -21.35 -7.21
N GLY B 1 24.02 -3.32 -20.24
CA GLY B 1 24.55 -2.05 -19.71
C GLY B 1 24.57 -0.90 -20.73
N SER B 2 24.15 -1.14 -21.98
CA SER B 2 24.09 -0.15 -23.07
C SER B 2 23.14 1.03 -22.78
N HIS B 3 22.10 0.80 -21.99
CA HIS B 3 21.09 1.78 -21.55
C HIS B 3 20.53 1.42 -20.16
N MET B 4 19.88 2.38 -19.49
CA MET B 4 19.25 2.19 -18.17
C MET B 4 18.11 1.16 -18.19
N VAL B 5 17.80 0.58 -17.02
CA VAL B 5 16.69 -0.39 -16.85
C VAL B 5 15.31 0.25 -17.11
N PRO B 6 14.33 -0.49 -17.65
CA PRO B 6 12.99 0.04 -17.92
C PRO B 6 12.15 0.24 -16.64
N GLU B 7 11.15 1.12 -16.73
CA GLU B 7 10.19 1.46 -15.66
C GLU B 7 8.86 1.84 -16.35
N PRO B 8 7.80 1.02 -16.26
CA PRO B 8 6.50 1.32 -16.88
C PRO B 8 5.88 2.65 -16.41
N ASP B 9 5.00 3.22 -17.23
CA ASP B 9 4.30 4.49 -16.96
C ASP B 9 3.41 4.43 -15.70
N LEU B 10 3.84 5.13 -14.65
CA LEU B 10 3.23 5.17 -13.32
C LEU B 10 1.74 5.58 -13.37
N PRO B 11 0.82 4.83 -12.74
CA PRO B 11 -0.60 5.18 -12.73
C PRO B 11 -0.80 6.60 -12.19
N HIS B 12 -1.40 7.46 -13.00
CA HIS B 12 -1.53 8.89 -12.70
C HIS B 12 -2.30 9.22 -11.41
N ASP B 13 -3.23 8.37 -10.96
CA ASP B 13 -3.90 8.53 -9.65
C ASP B 13 -2.92 8.33 -8.48
N LEU B 14 -1.83 7.57 -8.68
CA LEU B 14 -0.73 7.40 -7.72
C LEU B 14 0.39 8.44 -7.92
N ARG B 15 0.59 8.98 -9.13
CA ARG B 15 1.58 10.07 -9.38
C ARG B 15 1.26 11.30 -8.50
N HIS B 16 -0.03 11.58 -8.31
CA HIS B 16 -0.54 12.68 -7.48
C HIS B 16 -0.34 12.47 -5.97
N LEU B 17 -0.06 11.25 -5.48
CA LEU B 17 0.23 11.00 -4.06
C LEU B 17 1.57 11.65 -3.70
N ASN B 18 1.60 12.52 -2.69
CA ASN B 18 2.83 13.13 -2.20
C ASN B 18 3.69 12.04 -1.54
N THR B 19 4.81 11.68 -2.19
CA THR B 19 5.73 10.61 -1.74
C THR B 19 6.83 11.07 -0.77
N GLU B 20 6.96 12.36 -0.46
CA GLU B 20 7.94 12.83 0.52
C GLU B 20 7.81 12.13 1.90
N PRO B 21 6.60 11.98 2.48
CA PRO B 21 6.44 11.28 3.76
C PRO B 21 6.88 9.81 3.67
N MET B 22 6.64 9.16 2.52
CA MET B 22 6.98 7.75 2.28
C MET B 22 8.49 7.48 2.32
N GLU B 23 9.36 8.49 2.20
CA GLU B 23 10.82 8.31 2.22
C GLU B 23 11.34 7.50 3.42
N ILE B 24 10.61 7.47 4.55
CA ILE B 24 10.97 6.64 5.72
C ILE B 24 10.85 5.12 5.43
N PHE B 25 10.00 4.73 4.47
CA PHE B 25 9.74 3.35 4.02
C PHE B 25 10.69 2.86 2.89
N ARG B 26 11.48 3.76 2.27
CA ARG B 26 12.34 3.49 1.10
C ARG B 26 13.23 2.22 1.17
N ASN B 27 13.60 1.77 2.36
CA ASN B 27 14.43 0.59 2.58
C ASN B 27 13.95 -0.25 3.79
N SER B 28 12.64 -0.27 4.04
CA SER B 28 12.02 -0.91 5.23
C SER B 28 10.89 -1.90 4.92
N VAL B 29 10.78 -2.39 3.68
CA VAL B 29 9.70 -3.29 3.21
C VAL B 29 10.19 -4.31 2.19
N LYS B 30 9.51 -5.47 2.13
CA LYS B 30 9.72 -6.57 1.17
C LYS B 30 8.41 -6.85 0.44
N ILE B 31 8.18 -6.12 -0.66
CA ILE B 31 6.93 -6.10 -1.44
C ILE B 31 6.37 -7.51 -1.70
N GLU B 32 7.24 -8.47 -2.01
CA GLU B 32 6.85 -9.86 -2.33
C GLU B 32 6.72 -10.82 -1.14
N GLU B 33 7.31 -10.52 0.02
CA GLU B 33 7.28 -11.42 1.19
C GLU B 33 6.10 -11.14 2.15
N ILE B 34 5.57 -9.91 2.18
CA ILE B 34 4.45 -9.50 3.05
C ILE B 34 3.14 -10.25 2.71
N MET B 35 2.81 -10.38 1.42
CA MET B 35 1.55 -10.95 0.94
C MET B 35 1.38 -12.45 1.27
N PRO B 36 0.18 -12.92 1.70
CA PRO B 36 -0.10 -14.33 2.00
C PRO B 36 -0.31 -15.21 0.74
N ASN B 37 0.14 -14.75 -0.44
CA ASN B 37 0.06 -15.42 -1.76
C ASN B 37 -1.31 -16.02 -2.16
N GLY B 38 -2.42 -15.38 -1.77
CA GLY B 38 -3.78 -15.82 -2.11
C GLY B 38 -4.14 -15.51 -3.56
N ASP B 39 -4.47 -14.25 -3.86
CA ASP B 39 -4.77 -13.71 -5.20
C ASP B 39 -4.95 -12.18 -5.15
N PRO B 40 -4.64 -11.42 -6.23
CA PRO B 40 -4.82 -9.97 -6.24
C PRO B 40 -6.30 -9.55 -6.10
N LEU B 41 -7.21 -10.27 -6.76
CA LEU B 41 -8.66 -10.00 -6.75
C LEU B 41 -9.27 -10.24 -5.35
N LEU B 42 -8.76 -11.27 -4.66
CA LEU B 42 -9.10 -11.66 -3.29
C LEU B 42 -8.73 -10.53 -2.31
N ALA B 43 -7.62 -9.82 -2.55
CA ALA B 43 -7.19 -8.67 -1.74
C ALA B 43 -8.22 -7.53 -1.68
N GLY B 44 -9.18 -7.48 -2.62
CA GLY B 44 -10.29 -6.53 -2.63
C GLY B 44 -11.13 -6.58 -1.35
N GLN B 45 -11.23 -7.75 -0.72
CA GLN B 45 -12.00 -7.99 0.53
C GLN B 45 -11.17 -8.63 1.66
N ASN B 46 -9.98 -9.19 1.38
CA ASN B 46 -9.10 -9.80 2.38
C ASN B 46 -8.60 -8.80 3.44
N THR B 47 -8.51 -7.51 3.10
CA THR B 47 -7.93 -6.45 3.93
C THR B 47 -8.52 -5.06 3.63
N VAL B 48 -8.29 -4.11 4.54
CA VAL B 48 -8.68 -2.68 4.51
C VAL B 48 -10.03 -2.40 3.82
N ASP B 49 -11.13 -2.74 4.50
CA ASP B 49 -12.50 -2.60 4.02
C ASP B 49 -12.98 -1.16 3.74
N GLU B 50 -14.07 -0.99 2.99
CA GLU B 50 -14.62 0.32 2.62
C GLU B 50 -14.94 1.22 3.82
N VAL B 51 -15.36 0.63 4.95
CA VAL B 51 -15.58 1.35 6.23
C VAL B 51 -14.24 1.66 6.92
N TYR B 52 -13.23 0.81 6.70
CA TYR B 52 -11.85 0.97 7.18
C TYR B 52 -11.18 2.19 6.58
N VAL B 53 -11.57 2.51 5.34
CA VAL B 53 -11.07 3.63 4.54
C VAL B 53 -12.12 4.75 4.38
N SER B 54 -13.10 4.75 5.30
CA SER B 54 -14.20 5.69 5.52
C SER B 54 -14.87 6.34 4.29
N ARG B 55 -15.24 5.53 3.28
CA ARG B 55 -15.94 6.04 2.08
C ARG B 55 -17.29 6.69 2.43
N PRO B 56 -17.73 7.75 1.70
CA PRO B 56 -19.01 8.42 1.94
C PRO B 56 -20.24 7.61 1.47
N SER B 57 -20.04 6.60 0.63
CA SER B 57 -21.09 5.71 0.10
C SER B 57 -21.74 4.80 1.17
ZN ZN C . 3.06 -6.89 11.60
ZN ZN D . -7.18 11.39 8.37
ZN ZN E . -2.17 -0.71 -10.69
N ALA A 1 12.24 6.41 -15.36
CA ALA A 1 13.50 6.92 -15.90
C ALA A 1 13.60 6.76 -17.43
N THR A 2 12.89 5.77 -17.99
CA THR A 2 12.81 5.49 -19.44
C THR A 2 11.79 6.39 -20.18
N GLY A 3 11.11 7.28 -19.44
CA GLY A 3 10.14 8.28 -19.92
C GLY A 3 9.68 9.20 -18.78
N PRO A 4 9.08 10.37 -19.08
CA PRO A 4 8.62 11.32 -18.04
C PRO A 4 7.48 10.77 -17.17
N THR A 5 6.74 9.79 -17.67
CA THR A 5 5.64 9.09 -17.00
C THR A 5 6.12 8.04 -15.99
N ALA A 6 7.42 7.78 -15.87
CA ALA A 6 7.98 6.75 -14.99
C ALA A 6 9.16 7.26 -14.12
N ASP A 7 9.32 6.71 -12.91
CA ASP A 7 10.43 7.02 -11.99
C ASP A 7 10.62 5.86 -10.97
N PRO A 8 11.68 5.03 -11.09
CA PRO A 8 11.90 3.85 -10.24
C PRO A 8 11.84 4.09 -8.73
N GLU A 9 12.45 5.16 -8.21
CA GLU A 9 12.47 5.43 -6.77
C GLU A 9 11.10 5.87 -6.25
N LYS A 10 10.44 6.84 -6.92
CA LYS A 10 9.10 7.29 -6.53
C LYS A 10 8.11 6.12 -6.63
N ARG A 11 8.21 5.31 -7.69
CA ARG A 11 7.42 4.09 -7.90
C ARG A 11 7.54 3.12 -6.72
N LYS A 12 8.75 2.87 -6.21
CA LYS A 12 8.95 2.03 -5.01
C LYS A 12 8.27 2.63 -3.78
N LEU A 13 8.37 3.95 -3.57
CA LEU A 13 7.75 4.60 -2.40
C LEU A 13 6.23 4.35 -2.29
N ILE A 14 5.43 4.53 -3.35
CA ILE A 14 3.99 4.17 -3.26
C ILE A 14 3.80 2.67 -3.04
N GLN A 15 4.55 1.79 -3.73
CA GLN A 15 4.44 0.33 -3.51
C GLN A 15 4.67 -0.06 -2.04
N GLN A 16 5.72 0.52 -1.44
CA GLN A 16 6.14 0.24 -0.08
C GLN A 16 5.07 0.67 0.94
N GLN A 17 4.50 1.89 0.85
CA GLN A 17 3.40 2.29 1.76
C GLN A 17 2.16 1.41 1.53
N LEU A 18 1.77 1.13 0.28
CA LEU A 18 0.62 0.29 -0.06
C LEU A 18 0.72 -1.08 0.64
N VAL A 19 1.84 -1.79 0.45
CA VAL A 19 2.08 -3.09 1.08
C VAL A 19 2.17 -3.03 2.60
N LEU A 20 2.78 -1.98 3.16
CA LEU A 20 2.83 -1.82 4.62
C LEU A 20 1.41 -1.73 5.22
N LEU A 21 0.48 -1.03 4.54
CA LEU A 21 -0.93 -0.98 4.96
C LEU A 21 -1.58 -2.37 4.86
N LEU A 22 -1.35 -3.09 3.75
CA LEU A 22 -1.86 -4.46 3.55
C LEU A 22 -1.41 -5.40 4.69
N HIS A 23 -0.14 -5.32 5.10
CA HIS A 23 0.39 -6.10 6.23
C HIS A 23 -0.33 -5.71 7.53
N ALA A 24 -0.23 -4.43 7.90
CA ALA A 24 -0.80 -3.87 9.11
C ALA A 24 -2.32 -4.08 9.27
N HIS A 25 -3.09 -4.07 8.18
CA HIS A 25 -4.54 -4.33 8.20
C HIS A 25 -4.86 -5.69 8.86
N LYS A 26 -4.16 -6.76 8.45
CA LYS A 26 -4.32 -8.10 9.05
C LYS A 26 -3.55 -8.23 10.36
N CYS A 27 -2.36 -7.63 10.48
CA CYS A 27 -1.57 -7.67 11.71
C CYS A 27 -2.32 -7.02 12.90
N GLN A 28 -3.11 -5.97 12.63
CA GLN A 28 -3.99 -5.33 13.61
C GLN A 28 -5.04 -6.33 14.11
N ARG A 29 -5.58 -7.18 13.22
CA ARG A 29 -6.49 -8.28 13.57
C ARG A 29 -5.78 -9.36 14.40
N ARG A 30 -4.51 -9.70 14.08
CA ARG A 30 -3.70 -10.66 14.87
C ARG A 30 -3.57 -10.21 16.33
N GLU A 31 -3.29 -8.92 16.55
CA GLU A 31 -3.19 -8.35 17.90
C GLU A 31 -4.56 -8.24 18.58
N GLN A 32 -5.59 -7.73 17.90
CA GLN A 32 -6.94 -7.59 18.45
C GLN A 32 -7.56 -8.94 18.91
N ALA A 33 -7.18 -10.06 18.29
CA ALA A 33 -7.63 -11.40 18.64
C ALA A 33 -7.11 -11.94 20.00
N ASN A 34 -6.13 -11.27 20.63
CA ASN A 34 -5.51 -11.70 21.90
C ASN A 34 -5.17 -10.56 22.89
N GLY A 35 -5.00 -9.33 22.41
CA GLY A 35 -4.62 -8.13 23.18
C GLY A 35 -3.14 -7.73 23.00
N GLU A 36 -2.30 -8.69 22.62
CA GLU A 36 -0.86 -8.58 22.38
C GLU A 36 -0.34 -9.77 21.54
N VAL A 37 0.85 -9.66 20.94
CA VAL A 37 1.47 -10.72 20.12
C VAL A 37 3.01 -10.64 20.15
N ARG A 38 3.68 -11.73 19.77
CA ARG A 38 5.15 -11.87 19.67
C ARG A 38 5.55 -12.66 18.40
N ALA A 39 4.85 -12.35 17.30
CA ALA A 39 4.98 -13.00 16.00
C ALA A 39 5.09 -11.99 14.82
N CYS A 40 5.72 -10.83 15.07
CA CYS A 40 5.92 -9.76 14.08
C CYS A 40 7.32 -9.11 14.19
N SER A 41 7.70 -8.36 13.16
CA SER A 41 8.98 -7.67 13.01
C SER A 41 9.01 -6.53 11.97
N LEU A 42 7.89 -6.20 11.32
CA LEU A 42 7.84 -5.15 10.28
C LEU A 42 8.28 -3.76 10.84
N PRO A 43 9.31 -3.09 10.26
CA PRO A 43 9.82 -1.77 10.68
C PRO A 43 8.79 -0.66 10.95
N HIS A 44 7.64 -0.69 10.27
CA HIS A 44 6.59 0.33 10.36
C HIS A 44 5.20 -0.24 10.66
N CYS A 45 5.10 -1.45 11.21
CA CYS A 45 3.83 -2.07 11.58
C CYS A 45 3.00 -1.13 12.49
N ARG A 46 3.61 -0.63 13.58
CA ARG A 46 2.98 0.33 14.50
C ARG A 46 2.63 1.68 13.85
N THR A 47 3.42 2.12 12.86
CA THR A 47 3.21 3.37 12.10
C THR A 47 1.91 3.25 11.31
N MET A 48 1.75 2.15 10.57
CA MET A 48 0.56 1.85 9.79
C MET A 48 -0.66 1.58 10.68
N LYS A 49 -0.54 0.79 11.75
CA LYS A 49 -1.66 0.50 12.70
C LYS A 49 -2.27 1.79 13.27
N ASN A 50 -1.44 2.78 13.59
CA ASN A 50 -1.90 4.10 14.05
C ASN A 50 -2.68 4.84 12.94
N VAL A 51 -2.15 4.87 11.71
CA VAL A 51 -2.78 5.50 10.53
C VAL A 51 -4.10 4.81 10.15
N LEU A 52 -4.13 3.47 10.22
CA LEU A 52 -5.29 2.63 9.91
C LEU A 52 -6.42 2.83 10.92
N ASN A 53 -6.11 2.78 12.22
CA ASN A 53 -7.10 3.06 13.27
C ASN A 53 -7.69 4.48 13.10
N HIS A 54 -6.85 5.47 12.79
CA HIS A 54 -7.28 6.84 12.50
C HIS A 54 -8.23 6.87 11.28
N MET A 55 -7.80 6.28 10.15
CA MET A 55 -8.57 6.17 8.90
C MET A 55 -9.95 5.54 9.07
N THR A 56 -10.06 4.57 9.98
CA THR A 56 -11.30 3.86 10.29
C THR A 56 -12.39 4.77 10.93
N HIS A 57 -12.01 5.99 11.35
CA HIS A 57 -12.92 6.98 11.93
C HIS A 57 -12.86 8.35 11.23
N CYS A 58 -11.75 8.67 10.54
CA CYS A 58 -11.55 9.91 9.79
C CYS A 58 -12.52 10.04 8.59
N GLN A 59 -13.02 11.25 8.35
CA GLN A 59 -13.95 11.59 7.26
C GLN A 59 -13.40 12.66 6.28
N ALA A 60 -12.17 13.15 6.48
CA ALA A 60 -11.56 14.15 5.60
C ALA A 60 -11.06 13.58 4.25
N GLY A 61 -11.00 12.25 4.11
CA GLY A 61 -10.58 11.56 2.88
C GLY A 61 -9.18 11.96 2.38
N LYS A 62 -9.02 12.04 1.05
CA LYS A 62 -7.78 12.42 0.34
C LYS A 62 -7.37 13.91 0.51
N ALA A 63 -7.69 14.52 1.66
CA ALA A 63 -7.40 15.90 2.02
C ALA A 63 -7.10 16.10 3.53
N CYS A 64 -7.03 15.01 4.33
CA CYS A 64 -6.74 15.05 5.77
C CYS A 64 -5.38 15.70 6.12
N GLN A 65 -5.29 16.26 7.33
CA GLN A 65 -4.09 16.87 7.90
C GLN A 65 -3.01 15.81 8.22
N VAL A 66 -3.39 14.55 8.45
CA VAL A 66 -2.45 13.45 8.71
C VAL A 66 -1.84 13.00 7.38
N ALA A 67 -0.54 13.22 7.20
CA ALA A 67 0.20 12.95 5.97
C ALA A 67 0.01 11.55 5.37
N HIS A 68 -0.03 10.51 6.22
CA HIS A 68 -0.22 9.13 5.76
C HIS A 68 -1.70 8.72 5.58
N CYS A 69 -2.67 9.42 6.18
CA CYS A 69 -4.10 9.13 6.03
C CYS A 69 -4.55 9.40 4.58
N ALA A 70 -4.47 10.67 4.14
CA ALA A 70 -4.88 11.09 2.81
C ALA A 70 -4.20 10.29 1.69
N SER A 71 -2.92 9.93 1.85
CA SER A 71 -2.21 9.09 0.88
C SER A 71 -2.75 7.67 0.89
N SER A 72 -2.80 7.03 2.07
CA SER A 72 -3.34 5.67 2.24
C SER A 72 -4.74 5.51 1.63
N ARG A 73 -5.61 6.48 1.90
CA ARG A 73 -6.99 6.58 1.38
C ARG A 73 -7.06 6.40 -0.14
N GLN A 74 -6.09 6.96 -0.88
CA GLN A 74 -5.98 6.84 -2.34
C GLN A 74 -5.14 5.61 -2.77
N ILE A 75 -4.03 5.31 -2.08
CA ILE A 75 -3.14 4.19 -2.39
C ILE A 75 -3.90 2.85 -2.39
N ILE A 76 -4.78 2.65 -1.41
CA ILE A 76 -5.65 1.49 -1.27
C ILE A 76 -6.58 1.39 -2.50
N SER A 77 -7.31 2.46 -2.80
CA SER A 77 -8.24 2.54 -3.94
C SER A 77 -7.66 2.11 -5.29
N HIS A 78 -6.33 2.19 -5.49
CA HIS A 78 -5.71 1.71 -6.72
C HIS A 78 -5.67 0.17 -6.76
N TRP A 79 -5.06 -0.49 -5.76
CA TRP A 79 -5.00 -1.96 -5.66
C TRP A 79 -6.40 -2.60 -5.63
N LYS A 80 -7.38 -1.89 -5.04
CA LYS A 80 -8.80 -2.27 -4.98
C LYS A 80 -9.52 -2.22 -6.35
N ASN A 81 -8.90 -1.67 -7.40
CA ASN A 81 -9.51 -1.47 -8.72
C ASN A 81 -8.67 -1.93 -9.94
N CYS A 82 -7.34 -1.91 -9.85
CA CYS A 82 -6.44 -2.31 -10.94
C CYS A 82 -6.55 -3.80 -11.31
N THR A 83 -5.94 -4.15 -12.44
CA THR A 83 -5.92 -5.49 -13.06
C THR A 83 -4.81 -5.65 -14.11
N ARG A 84 -4.34 -4.55 -14.73
CA ARG A 84 -3.25 -4.49 -15.72
C ARG A 84 -2.02 -5.29 -15.28
N HIS A 85 -1.68 -6.34 -16.02
CA HIS A 85 -0.56 -7.24 -15.75
C HIS A 85 0.86 -6.62 -15.85
N ASP A 86 0.98 -5.38 -16.33
CA ASP A 86 2.26 -4.65 -16.46
C ASP A 86 2.24 -3.27 -15.79
N CYS A 87 1.25 -3.02 -14.93
CA CYS A 87 1.17 -1.82 -14.09
C CYS A 87 2.49 -1.73 -13.30
N PRO A 88 3.23 -0.60 -13.34
CA PRO A 88 4.54 -0.52 -12.69
C PRO A 88 4.44 -0.72 -11.17
N VAL A 89 3.41 -0.11 -10.57
CA VAL A 89 3.18 -0.15 -9.13
C VAL A 89 2.61 -1.50 -8.70
N CYS A 90 1.53 -1.99 -9.31
CA CYS A 90 0.96 -3.26 -8.90
C CYS A 90 1.80 -4.50 -9.22
N LEU A 91 2.63 -4.53 -10.26
CA LEU A 91 3.38 -5.73 -10.68
C LEU A 91 3.99 -6.56 -9.53
N PRO A 92 4.79 -6.01 -8.60
CA PRO A 92 5.31 -6.78 -7.47
C PRO A 92 4.19 -7.40 -6.61
N LEU A 93 3.04 -6.74 -6.41
CA LEU A 93 1.88 -7.31 -5.68
C LEU A 93 1.19 -8.40 -6.51
N LYS A 94 1.00 -8.14 -7.82
CA LYS A 94 0.45 -9.08 -8.81
C LYS A 94 1.36 -10.33 -8.96
N ASN A 95 2.61 -10.24 -8.51
CA ASN A 95 3.58 -11.33 -8.39
C ASN A 95 3.49 -12.00 -6.99
N ALA A 96 3.43 -11.18 -5.92
CA ALA A 96 3.30 -11.59 -4.50
C ALA A 96 2.11 -12.53 -4.23
N SER A 97 1.01 -12.38 -4.97
CA SER A 97 -0.19 -13.23 -4.89
C SER A 97 -0.72 -13.59 -6.29
N ASP A 98 -1.39 -14.74 -6.39
CA ASP A 98 -1.92 -15.29 -7.65
C ASP A 98 -3.24 -16.06 -7.40
N LYS A 99 -3.97 -16.41 -8.47
CA LYS A 99 -5.24 -17.15 -8.44
C LYS A 99 -5.28 -18.35 -9.41
N ARG A 100 -4.24 -18.53 -10.25
CA ARG A 100 -4.05 -19.64 -11.22
C ARG A 100 -5.35 -20.08 -11.90
N GLY B 1 24.82 -11.88 -16.19
CA GLY B 1 24.86 -11.20 -17.47
C GLY B 1 24.60 -9.68 -17.41
N SER B 2 24.51 -9.11 -16.20
CA SER B 2 24.27 -7.68 -15.92
C SER B 2 23.04 -7.09 -16.64
N HIS B 3 21.99 -7.90 -16.82
CA HIS B 3 20.74 -7.54 -17.49
C HIS B 3 19.97 -6.40 -16.77
N MET B 4 19.07 -5.74 -17.50
CA MET B 4 18.20 -4.65 -17.01
C MET B 4 16.86 -4.61 -17.75
N VAL B 5 15.90 -3.84 -17.22
CA VAL B 5 14.53 -3.67 -17.77
C VAL B 5 14.05 -2.20 -17.63
N PRO B 6 13.13 -1.73 -18.49
CA PRO B 6 12.59 -0.37 -18.42
C PRO B 6 11.61 -0.20 -17.22
N GLU B 7 11.15 1.03 -16.99
CA GLU B 7 10.19 1.37 -15.94
C GLU B 7 8.83 1.73 -16.56
N PRO B 8 7.78 0.89 -16.40
CA PRO B 8 6.45 1.18 -16.94
C PRO B 8 5.87 2.52 -16.43
N ASP B 9 4.91 3.07 -17.16
CA ASP B 9 4.22 4.35 -16.88
C ASP B 9 3.42 4.34 -15.56
N LEU B 10 3.92 5.08 -14.56
CA LEU B 10 3.36 5.19 -13.21
C LEU B 10 1.91 5.72 -13.26
N PRO B 11 0.90 5.01 -12.70
CA PRO B 11 -0.49 5.44 -12.72
C PRO B 11 -0.69 6.88 -12.22
N HIS B 12 -1.34 7.73 -13.02
CA HIS B 12 -1.54 9.16 -12.72
C HIS B 12 -2.17 9.43 -11.34
N ASP B 13 -3.14 8.60 -10.94
CA ASP B 13 -3.79 8.68 -9.63
C ASP B 13 -2.81 8.43 -8.46
N LEU B 14 -1.74 7.65 -8.70
CA LEU B 14 -0.63 7.45 -7.74
C LEU B 14 0.50 8.48 -7.92
N ARG B 15 0.74 9.02 -9.13
CA ARG B 15 1.72 10.12 -9.34
C ARG B 15 1.36 11.34 -8.48
N HIS B 16 0.05 11.58 -8.34
CA HIS B 16 -0.53 12.64 -7.50
C HIS B 16 -0.21 12.49 -6.00
N LEU B 17 0.01 11.27 -5.50
CA LEU B 17 0.34 11.04 -4.08
C LEU B 17 1.69 11.66 -3.71
N ASN B 18 1.72 12.45 -2.62
CA ASN B 18 2.95 13.03 -2.09
C ASN B 18 3.80 11.92 -1.46
N THR B 19 4.92 11.58 -2.09
CA THR B 19 5.85 10.53 -1.66
C THR B 19 6.90 10.98 -0.65
N GLU B 20 7.02 12.28 -0.32
CA GLU B 20 7.97 12.78 0.67
C GLU B 20 7.82 12.12 2.06
N PRO B 21 6.61 12.01 2.66
CA PRO B 21 6.46 11.34 3.94
C PRO B 21 6.85 9.84 3.87
N MET B 22 6.64 9.22 2.70
CA MET B 22 6.93 7.81 2.45
C MET B 22 8.42 7.47 2.47
N GLU B 23 9.32 8.44 2.37
CA GLU B 23 10.78 8.23 2.37
C GLU B 23 11.29 7.38 3.56
N ILE B 24 10.55 7.31 4.67
CA ILE B 24 10.88 6.45 5.81
C ILE B 24 10.76 4.94 5.48
N PHE B 25 9.88 4.57 4.53
CA PHE B 25 9.63 3.20 4.08
C PHE B 25 10.58 2.70 2.97
N ARG B 26 11.37 3.59 2.36
CA ARG B 26 12.23 3.32 1.19
C ARG B 26 13.15 2.09 1.25
N ASN B 27 13.50 1.61 2.44
CA ASN B 27 14.34 0.42 2.66
C ASN B 27 13.82 -0.42 3.86
N SER B 28 12.49 -0.46 4.05
CA SER B 28 11.85 -1.10 5.22
C SER B 28 10.69 -2.06 4.89
N VAL B 29 10.60 -2.55 3.65
CA VAL B 29 9.50 -3.44 3.19
C VAL B 29 9.99 -4.50 2.19
N LYS B 30 9.26 -5.62 2.10
CA LYS B 30 9.46 -6.75 1.17
C LYS B 30 8.15 -7.02 0.43
N ILE B 31 7.92 -6.26 -0.64
CA ILE B 31 6.68 -6.21 -1.44
C ILE B 31 6.09 -7.61 -1.74
N GLU B 32 6.95 -8.56 -2.09
CA GLU B 32 6.57 -9.94 -2.43
C GLU B 32 6.44 -10.91 -1.26
N GLU B 33 7.05 -10.63 -0.09
CA GLU B 33 7.03 -11.54 1.06
C GLU B 33 5.92 -11.25 2.09
N ILE B 34 5.42 -10.01 2.16
CA ILE B 34 4.33 -9.60 3.06
C ILE B 34 3.03 -10.35 2.77
N MET B 35 2.72 -10.48 1.48
CA MET B 35 1.47 -11.04 0.96
C MET B 35 1.20 -12.50 1.39
N PRO B 36 -0.05 -12.87 1.76
CA PRO B 36 -0.43 -14.25 2.10
C PRO B 36 -0.50 -15.17 0.87
N ASN B 37 -0.16 -14.67 -0.33
CA ASN B 37 -0.12 -15.30 -1.66
C ASN B 37 -1.46 -15.84 -2.24
N GLY B 38 -2.42 -16.20 -1.39
CA GLY B 38 -3.71 -16.79 -1.76
C GLY B 38 -4.62 -16.05 -2.75
N ASP B 39 -4.75 -14.71 -2.67
CA ASP B 39 -5.66 -13.95 -3.54
C ASP B 39 -5.21 -12.49 -3.83
N PRO B 40 -4.94 -12.14 -5.10
CA PRO B 40 -4.54 -10.81 -5.55
C PRO B 40 -5.68 -9.78 -5.72
N LEU B 41 -6.28 -9.68 -6.92
CA LEU B 41 -7.27 -8.67 -7.33
C LEU B 41 -8.60 -8.70 -6.57
N LEU B 42 -8.74 -9.64 -5.64
CA LEU B 42 -9.90 -9.88 -4.79
C LEU B 42 -10.04 -8.82 -3.68
N ALA B 43 -9.04 -7.93 -3.61
CA ALA B 43 -8.86 -6.84 -2.67
C ALA B 43 -10.13 -6.03 -2.35
N GLY B 44 -11.07 -5.91 -3.32
CA GLY B 44 -12.38 -5.27 -3.16
C GLY B 44 -13.09 -5.63 -1.85
N GLN B 45 -12.97 -6.89 -1.41
CA GLN B 45 -13.47 -7.39 -0.12
C GLN B 45 -12.44 -8.21 0.68
N ASN B 46 -11.32 -8.65 0.06
CA ASN B 46 -10.26 -9.40 0.75
C ASN B 46 -9.45 -8.55 1.78
N THR B 47 -9.49 -7.22 1.67
CA THR B 47 -8.74 -6.30 2.55
C THR B 47 -9.39 -4.90 2.63
N VAL B 48 -9.00 -4.10 3.63
CA VAL B 48 -9.41 -2.70 3.91
C VAL B 48 -10.74 -2.26 3.28
N ASP B 49 -11.83 -2.63 3.96
CA ASP B 49 -13.23 -2.40 3.54
C ASP B 49 -13.72 -0.93 3.63
N GLU B 50 -14.92 -0.64 3.13
CA GLU B 50 -15.52 0.71 3.17
C GLU B 50 -15.60 1.30 4.59
N VAL B 51 -15.86 0.47 5.60
CA VAL B 51 -15.86 0.89 7.02
C VAL B 51 -14.45 1.25 7.51
N TYR B 52 -13.43 0.64 6.90
CA TYR B 52 -12.01 0.80 7.18
C TYR B 52 -11.42 2.12 6.64
N VAL B 53 -11.91 2.54 5.48
CA VAL B 53 -11.42 3.73 4.75
C VAL B 53 -12.43 4.89 4.77
N SER B 54 -13.58 4.68 5.38
CA SER B 54 -14.71 5.60 5.54
C SER B 54 -15.53 5.83 4.24
N ARG B 55 -16.76 6.30 4.42
CA ARG B 55 -17.72 6.63 3.35
C ARG B 55 -18.58 7.84 3.77
N PRO B 56 -18.01 9.06 3.77
CA PRO B 56 -18.68 10.31 4.17
C PRO B 56 -20.00 10.57 3.42
N SER B 57 -20.91 11.32 4.05
CA SER B 57 -22.22 11.70 3.50
C SER B 57 -22.75 13.01 4.11
ZN ZN C . 2.84 -6.87 11.63
ZN ZN D . -7.47 11.42 8.34
ZN ZN E . -2.28 -0.83 -10.90
N ALA A 1 17.11 8.77 -22.56
CA ALA A 1 17.39 8.11 -21.28
C ALA A 1 16.53 8.63 -20.11
N THR A 2 15.71 9.67 -20.35
CA THR A 2 14.82 10.29 -19.35
C THR A 2 13.50 9.50 -19.17
N GLY A 3 12.79 9.74 -18.06
CA GLY A 3 11.51 9.08 -17.76
C GLY A 3 10.84 9.51 -16.45
N PRO A 4 10.56 10.81 -16.21
CA PRO A 4 9.92 11.28 -14.98
C PRO A 4 8.50 10.72 -14.79
N THR A 5 7.83 10.34 -15.88
CA THR A 5 6.51 9.68 -15.92
C THR A 5 6.55 8.25 -15.36
N ALA A 6 7.74 7.70 -15.11
CA ALA A 6 7.99 6.34 -14.63
C ALA A 6 9.12 6.28 -13.57
N ASP A 7 9.37 7.36 -12.82
CA ASP A 7 10.44 7.47 -11.82
C ASP A 7 10.56 6.23 -10.89
N PRO A 8 11.61 5.38 -11.05
CA PRO A 8 11.81 4.15 -10.28
C PRO A 8 11.78 4.33 -8.75
N GLU A 9 12.39 5.39 -8.22
CA GLU A 9 12.44 5.67 -6.78
C GLU A 9 11.05 6.01 -6.23
N LYS A 10 10.31 6.90 -6.91
CA LYS A 10 8.93 7.23 -6.52
C LYS A 10 8.04 5.99 -6.58
N ARG A 11 8.13 5.21 -7.66
CA ARG A 11 7.42 3.94 -7.86
C ARG A 11 7.61 2.99 -6.66
N LYS A 12 8.83 2.85 -6.14
CA LYS A 12 9.13 2.04 -4.94
C LYS A 12 8.56 2.61 -3.65
N LEU A 13 8.29 3.91 -3.55
CA LEU A 13 7.70 4.51 -2.34
C LEU A 13 6.20 4.22 -2.23
N ILE A 14 5.40 4.49 -3.27
CA ILE A 14 3.96 4.13 -3.23
C ILE A 14 3.80 2.60 -3.08
N GLN A 15 4.62 1.80 -3.75
CA GLN A 15 4.60 0.32 -3.59
C GLN A 15 4.74 -0.10 -2.12
N GLN A 16 5.79 0.41 -1.47
CA GLN A 16 6.10 0.05 -0.09
C GLN A 16 5.04 0.53 0.92
N GLN A 17 4.49 1.74 0.78
CA GLN A 17 3.39 2.18 1.67
C GLN A 17 2.13 1.31 1.47
N LEU A 18 1.76 0.99 0.22
CA LEU A 18 0.59 0.17 -0.10
C LEU A 18 0.69 -1.20 0.61
N VAL A 19 1.82 -1.91 0.42
CA VAL A 19 2.06 -3.21 1.05
C VAL A 19 2.11 -3.13 2.57
N LEU A 20 2.72 -2.08 3.14
CA LEU A 20 2.75 -1.89 4.59
C LEU A 20 1.35 -1.77 5.19
N LEU A 21 0.42 -1.06 4.53
CA LEU A 21 -0.98 -0.97 4.97
C LEU A 21 -1.67 -2.35 4.91
N LEU A 22 -1.47 -3.09 3.80
CA LEU A 22 -1.99 -4.45 3.63
C LEU A 22 -1.52 -5.38 4.76
N HIS A 23 -0.23 -5.32 5.14
CA HIS A 23 0.31 -6.10 6.26
C HIS A 23 -0.35 -5.68 7.58
N ALA A 24 -0.29 -4.39 7.89
CA ALA A 24 -0.81 -3.81 9.13
C ALA A 24 -2.28 -4.13 9.41
N HIS A 25 -3.14 -4.19 8.39
CA HIS A 25 -4.55 -4.56 8.58
C HIS A 25 -4.66 -5.98 9.18
N LYS A 26 -4.09 -6.99 8.49
CA LYS A 26 -4.01 -8.39 8.95
C LYS A 26 -3.35 -8.46 10.33
N CYS A 27 -2.30 -7.67 10.54
CA CYS A 27 -1.56 -7.69 11.79
C CYS A 27 -2.42 -7.15 12.97
N GLN A 28 -3.25 -6.14 12.73
CA GLN A 28 -4.17 -5.62 13.76
C GLN A 28 -5.24 -6.70 14.05
N ARG A 29 -5.73 -7.41 13.02
CA ARG A 29 -6.63 -8.57 13.16
C ARG A 29 -5.98 -9.66 14.05
N ARG A 30 -4.69 -9.98 13.83
CA ARG A 30 -3.93 -10.95 14.66
C ARG A 30 -3.75 -10.50 16.10
N GLU A 31 -3.58 -9.19 16.35
CA GLU A 31 -3.50 -8.64 17.71
C GLU A 31 -4.80 -8.88 18.48
N GLN A 32 -5.96 -8.69 17.83
CA GLN A 32 -7.29 -8.96 18.40
C GLN A 32 -7.53 -10.46 18.65
N ALA A 33 -6.96 -11.33 17.81
CA ALA A 33 -7.06 -12.79 17.89
C ALA A 33 -6.24 -13.43 19.04
N ASN A 34 -5.38 -12.65 19.71
CA ASN A 34 -4.49 -13.11 20.80
C ASN A 34 -4.71 -12.33 22.11
N GLY A 35 -4.19 -12.86 23.22
CA GLY A 35 -4.32 -12.24 24.56
C GLY A 35 -3.44 -11.00 24.77
N GLU A 36 -2.23 -10.99 24.19
CA GLU A 36 -1.27 -9.88 24.26
C GLU A 36 -0.27 -9.92 23.10
N VAL A 37 0.13 -8.73 22.61
CA VAL A 37 1.18 -8.50 21.60
C VAL A 37 1.92 -7.22 22.00
N ARG A 38 3.26 -7.22 21.86
CA ARG A 38 4.12 -6.07 22.21
C ARG A 38 5.06 -5.62 21.08
N ALA A 39 5.22 -6.40 20.01
CA ALA A 39 6.04 -6.08 18.84
C ALA A 39 5.68 -6.94 17.60
N CYS A 40 6.21 -6.53 16.43
CA CYS A 40 6.09 -7.19 15.14
C CYS A 40 7.41 -7.01 14.34
N SER A 41 7.71 -7.93 13.44
CA SER A 41 8.92 -7.94 12.60
C SER A 41 8.98 -6.82 11.56
N LEU A 42 7.86 -6.21 11.18
CA LEU A 42 7.81 -5.15 10.17
C LEU A 42 8.21 -3.76 10.74
N PRO A 43 9.25 -3.09 10.20
CA PRO A 43 9.73 -1.76 10.60
C PRO A 43 8.69 -0.64 10.83
N HIS A 44 7.52 -0.73 10.19
CA HIS A 44 6.45 0.28 10.25
C HIS A 44 5.05 -0.29 10.52
N CYS A 45 4.94 -1.51 11.04
CA CYS A 45 3.64 -2.12 11.38
C CYS A 45 2.83 -1.19 12.31
N ARG A 46 3.47 -0.75 13.41
CA ARG A 46 2.95 0.25 14.37
C ARG A 46 2.59 1.58 13.72
N THR A 47 3.39 2.03 12.75
CA THR A 47 3.17 3.30 12.02
C THR A 47 1.86 3.23 11.25
N MET A 48 1.69 2.15 10.49
CA MET A 48 0.50 1.87 9.67
C MET A 48 -0.74 1.62 10.54
N LYS A 49 -0.65 0.86 11.64
CA LYS A 49 -1.77 0.62 12.57
C LYS A 49 -2.31 1.94 13.13
N ASN A 50 -1.42 2.86 13.50
CA ASN A 50 -1.80 4.21 13.95
C ASN A 50 -2.44 5.04 12.83
N VAL A 51 -1.95 4.95 11.59
CA VAL A 51 -2.49 5.65 10.42
C VAL A 51 -3.88 5.13 10.07
N LEU A 52 -4.08 3.81 10.04
CA LEU A 52 -5.37 3.16 9.76
C LEU A 52 -6.39 3.49 10.84
N ASN A 53 -6.01 3.40 12.12
CA ASN A 53 -6.89 3.77 13.23
C ASN A 53 -7.33 5.24 13.12
N HIS A 54 -6.40 6.16 12.77
CA HIS A 54 -6.74 7.57 12.52
C HIS A 54 -7.75 7.66 11.37
N MET A 55 -7.45 7.07 10.21
CA MET A 55 -8.31 7.05 9.01
C MET A 55 -9.72 6.56 9.31
N THR A 56 -9.82 5.50 10.14
CA THR A 56 -11.08 4.88 10.58
C THR A 56 -11.88 5.73 11.58
N HIS A 57 -11.34 6.88 12.01
CA HIS A 57 -12.00 7.86 12.89
C HIS A 57 -11.98 9.29 12.29
N CYS A 58 -11.37 9.44 11.12
CA CYS A 58 -11.27 10.66 10.31
C CYS A 58 -12.46 10.72 9.33
N GLN A 59 -12.74 11.91 8.80
CA GLN A 59 -13.84 12.20 7.87
C GLN A 59 -13.42 13.14 6.71
N ALA A 60 -12.16 13.58 6.65
CA ALA A 60 -11.64 14.49 5.64
C ALA A 60 -11.32 13.83 4.27
N GLY A 61 -11.50 12.51 4.16
CA GLY A 61 -11.28 11.74 2.93
C GLY A 61 -9.89 11.95 2.29
N LYS A 62 -9.85 12.08 0.97
CA LYS A 62 -8.64 12.30 0.16
C LYS A 62 -8.02 13.72 0.31
N ALA A 63 -8.43 14.49 1.31
CA ALA A 63 -7.99 15.86 1.59
C ALA A 63 -7.54 16.09 3.06
N CYS A 64 -7.40 15.03 3.86
CA CYS A 64 -6.94 15.12 5.26
C CYS A 64 -5.55 15.79 5.39
N GLN A 65 -5.35 16.45 6.53
CA GLN A 65 -4.11 17.13 6.90
C GLN A 65 -3.01 16.16 7.39
N VAL A 66 -3.37 14.94 7.84
CA VAL A 66 -2.40 13.90 8.24
C VAL A 66 -1.75 13.31 6.98
N ALA A 67 -0.43 13.47 6.86
CA ALA A 67 0.38 13.11 5.70
C ALA A 67 0.15 11.70 5.11
N HIS A 68 0.01 10.67 5.97
CA HIS A 68 -0.20 9.30 5.52
C HIS A 68 -1.68 8.92 5.35
N CYS A 69 -2.63 9.60 6.00
CA CYS A 69 -4.07 9.31 5.96
C CYS A 69 -4.69 9.39 4.54
N ALA A 70 -4.81 10.61 3.98
CA ALA A 70 -5.37 10.83 2.66
C ALA A 70 -4.61 10.05 1.56
N SER A 71 -3.28 9.93 1.72
CA SER A 71 -2.44 9.17 0.81
C SER A 71 -2.80 7.68 0.83
N SER A 72 -2.90 7.08 2.01
CA SER A 72 -3.29 5.68 2.23
C SER A 72 -4.69 5.38 1.70
N ARG A 73 -5.66 6.27 1.93
CA ARG A 73 -7.04 6.16 1.40
C ARG A 73 -7.02 5.95 -0.13
N GLN A 74 -6.26 6.77 -0.85
CA GLN A 74 -6.07 6.67 -2.31
C GLN A 74 -5.24 5.43 -2.69
N ILE A 75 -4.14 5.13 -1.99
CA ILE A 75 -3.25 4.01 -2.31
C ILE A 75 -3.96 2.63 -2.26
N ILE A 76 -4.77 2.39 -1.22
CA ILE A 76 -5.56 1.15 -1.05
C ILE A 76 -6.60 1.05 -2.18
N SER A 77 -7.25 2.18 -2.50
CA SER A 77 -8.24 2.26 -3.59
C SER A 77 -7.69 1.90 -4.98
N HIS A 78 -6.39 2.07 -5.25
CA HIS A 78 -5.79 1.66 -6.54
C HIS A 78 -5.80 0.13 -6.68
N TRP A 79 -5.26 -0.59 -5.67
CA TRP A 79 -5.20 -2.06 -5.65
C TRP A 79 -6.60 -2.69 -5.74
N LYS A 80 -7.63 -2.05 -5.16
CA LYS A 80 -9.04 -2.48 -5.25
C LYS A 80 -9.64 -2.41 -6.66
N ASN A 81 -8.99 -1.76 -7.63
CA ASN A 81 -9.52 -1.56 -8.98
C ASN A 81 -8.58 -1.99 -10.14
N CYS A 82 -7.26 -1.92 -9.97
CA CYS A 82 -6.30 -2.28 -11.02
C CYS A 82 -6.26 -3.80 -11.32
N THR A 83 -6.08 -4.12 -12.60
CA THR A 83 -5.98 -5.50 -13.16
C THR A 83 -4.88 -5.65 -14.23
N ARG A 84 -4.23 -4.54 -14.64
CA ARG A 84 -3.15 -4.48 -15.64
C ARG A 84 -1.91 -5.25 -15.16
N HIS A 85 -1.55 -6.31 -15.87
CA HIS A 85 -0.39 -7.16 -15.55
C HIS A 85 1.00 -6.48 -15.66
N ASP A 86 1.07 -5.26 -16.20
CA ASP A 86 2.32 -4.49 -16.37
C ASP A 86 2.29 -3.09 -15.70
N CYS A 87 1.30 -2.84 -14.83
CA CYS A 87 1.23 -1.63 -14.00
C CYS A 87 2.54 -1.58 -13.17
N PRO A 88 3.32 -0.50 -13.16
CA PRO A 88 4.63 -0.49 -12.50
C PRO A 88 4.53 -0.66 -10.99
N VAL A 89 3.51 -0.06 -10.37
CA VAL A 89 3.31 -0.09 -8.92
C VAL A 89 2.74 -1.44 -8.51
N CYS A 90 1.71 -1.95 -9.17
CA CYS A 90 1.14 -3.24 -8.83
C CYS A 90 2.05 -4.44 -9.15
N LEU A 91 2.90 -4.42 -10.18
CA LEU A 91 3.73 -5.56 -10.62
C LEU A 91 4.30 -6.40 -9.46
N PRO A 92 5.08 -5.87 -8.49
CA PRO A 92 5.58 -6.66 -7.37
C PRO A 92 4.46 -7.28 -6.51
N LEU A 93 3.31 -6.62 -6.32
CA LEU A 93 2.15 -7.20 -5.59
C LEU A 93 1.50 -8.30 -6.43
N LYS A 94 1.37 -8.08 -7.75
CA LYS A 94 0.83 -9.04 -8.73
C LYS A 94 1.72 -10.29 -8.76
N ASN A 95 3.04 -10.16 -8.58
CA ASN A 95 3.95 -11.30 -8.39
C ASN A 95 3.69 -11.98 -7.03
N ALA A 96 3.68 -11.18 -5.95
CA ALA A 96 3.48 -11.59 -4.55
C ALA A 96 2.21 -12.43 -4.32
N SER A 97 1.22 -12.31 -5.19
CA SER A 97 -0.07 -13.01 -5.11
C SER A 97 -0.40 -13.90 -6.32
N ASP A 98 0.53 -14.11 -7.25
CA ASP A 98 0.37 -15.01 -8.40
C ASP A 98 1.46 -16.10 -8.47
N LYS A 99 2.52 -16.02 -7.65
CA LYS A 99 3.56 -17.06 -7.53
C LYS A 99 2.93 -18.41 -7.13
N ARG A 100 1.91 -18.34 -6.28
CA ARG A 100 1.00 -19.40 -5.80
C ARG A 100 1.68 -20.78 -5.60
N GLY B 1 4.53 2.71 -21.20
CA GLY B 1 4.36 4.03 -21.82
C GLY B 1 5.66 4.73 -22.23
N SER B 2 6.81 4.05 -22.11
CA SER B 2 8.15 4.55 -22.46
C SER B 2 9.07 3.41 -22.92
N HIS B 3 10.14 3.78 -23.62
CA HIS B 3 11.20 2.91 -24.14
C HIS B 3 12.61 3.44 -23.79
N MET B 4 12.70 4.44 -22.91
CA MET B 4 13.94 5.12 -22.50
C MET B 4 14.36 4.81 -21.06
N VAL B 5 13.56 4.04 -20.32
CA VAL B 5 13.80 3.59 -18.93
C VAL B 5 13.26 2.16 -18.71
N PRO B 6 13.87 1.37 -17.81
CA PRO B 6 13.45 -0.02 -17.51
C PRO B 6 12.27 -0.14 -16.53
N GLU B 7 11.46 0.89 -16.47
CA GLU B 7 10.32 1.06 -15.55
C GLU B 7 9.03 1.47 -16.28
N PRO B 8 7.91 0.72 -16.15
CA PRO B 8 6.62 1.09 -16.74
C PRO B 8 6.06 2.44 -16.25
N ASP B 9 5.09 3.02 -16.99
CA ASP B 9 4.40 4.30 -16.73
C ASP B 9 3.61 4.32 -15.40
N LEU B 10 4.05 5.13 -14.42
CA LEU B 10 3.46 5.25 -13.07
C LEU B 10 1.97 5.70 -13.14
N PRO B 11 1.00 4.95 -12.57
CA PRO B 11 -0.43 5.31 -12.62
C PRO B 11 -0.71 6.74 -12.16
N HIS B 12 -1.40 7.52 -13.00
CA HIS B 12 -1.74 8.94 -12.80
C HIS B 12 -2.36 9.25 -11.43
N ASP B 13 -3.25 8.39 -10.93
CA ASP B 13 -3.89 8.54 -9.62
C ASP B 13 -2.92 8.32 -8.43
N LEU B 14 -1.83 7.56 -8.63
CA LEU B 14 -0.75 7.38 -7.64
C LEU B 14 0.36 8.44 -7.80
N ARG B 15 0.58 9.01 -9.00
CA ARG B 15 1.57 10.08 -9.22
C ARG B 15 1.30 11.29 -8.31
N HIS B 16 0.03 11.59 -8.07
CA HIS B 16 -0.44 12.69 -7.23
C HIS B 16 -0.25 12.46 -5.71
N LEU B 17 0.09 11.24 -5.27
CA LEU B 17 0.35 10.95 -3.85
C LEU B 17 1.66 11.60 -3.39
N ASN B 18 1.65 12.17 -2.19
CA ASN B 18 2.84 12.78 -1.58
C ASN B 18 3.81 11.69 -1.09
N THR B 19 4.89 11.46 -1.84
CA THR B 19 5.92 10.44 -1.54
C THR B 19 7.03 10.94 -0.62
N GLU B 20 7.14 12.24 -0.34
CA GLU B 20 8.16 12.77 0.60
C GLU B 20 8.08 12.15 2.01
N PRO B 21 6.90 12.05 2.68
CA PRO B 21 6.80 11.41 3.99
C PRO B 21 6.97 9.88 3.88
N MET B 22 6.71 9.29 2.71
CA MET B 22 6.88 7.85 2.44
C MET B 22 8.35 7.41 2.46
N GLU B 23 9.32 8.32 2.37
CA GLU B 23 10.74 7.99 2.36
C GLU B 23 11.22 7.12 3.54
N ILE B 24 10.50 7.12 4.66
CA ILE B 24 10.80 6.22 5.80
C ILE B 24 10.63 4.73 5.42
N PHE B 25 9.74 4.43 4.46
CA PHE B 25 9.46 3.08 3.95
C PHE B 25 10.41 2.62 2.83
N ARG B 26 11.21 3.52 2.23
CA ARG B 26 12.06 3.28 1.04
C ARG B 26 12.93 2.01 1.06
N ASN B 27 13.34 1.53 2.23
CA ASN B 27 14.15 0.32 2.41
C ASN B 27 13.70 -0.49 3.66
N SER B 28 12.40 -0.48 3.96
CA SER B 28 11.82 -1.10 5.18
C SER B 28 10.67 -2.09 4.92
N VAL B 29 10.55 -2.64 3.71
CA VAL B 29 9.44 -3.53 3.30
C VAL B 29 9.91 -4.64 2.34
N LYS B 30 9.14 -5.73 2.29
CA LYS B 30 9.31 -6.89 1.39
C LYS B 30 8.03 -7.09 0.59
N ILE B 31 7.90 -6.32 -0.50
CA ILE B 31 6.71 -6.25 -1.37
C ILE B 31 6.18 -7.65 -1.74
N GLU B 32 7.09 -8.59 -1.99
CA GLU B 32 6.80 -9.96 -2.41
C GLU B 32 6.61 -10.98 -1.27
N GLU B 33 7.09 -10.71 -0.05
CA GLU B 33 6.97 -11.66 1.09
C GLU B 33 5.84 -11.35 2.09
N ILE B 34 5.34 -10.11 2.15
CA ILE B 34 4.22 -9.69 3.01
C ILE B 34 2.90 -10.42 2.65
N MET B 35 2.64 -10.55 1.34
CA MET B 35 1.40 -11.05 0.75
C MET B 35 1.01 -12.50 1.11
N PRO B 36 -0.28 -12.82 1.36
CA PRO B 36 -0.76 -14.19 1.60
C PRO B 36 -0.55 -15.21 0.45
N ASN B 37 -0.09 -14.75 -0.73
CA ASN B 37 0.19 -15.55 -1.93
C ASN B 37 -0.99 -16.42 -2.44
N GLY B 38 -2.16 -15.79 -2.65
CA GLY B 38 -3.39 -16.46 -3.14
C GLY B 38 -3.78 -16.05 -4.57
N ASP B 39 -4.20 -14.79 -4.77
CA ASP B 39 -4.60 -14.22 -6.06
C ASP B 39 -4.53 -12.68 -6.05
N PRO B 40 -4.12 -11.99 -7.14
CA PRO B 40 -4.09 -10.52 -7.18
C PRO B 40 -5.45 -9.89 -7.53
N LEU B 41 -6.17 -10.44 -8.54
CA LEU B 41 -7.48 -9.94 -9.01
C LEU B 41 -8.57 -9.98 -7.91
N LEU B 42 -8.35 -10.85 -6.93
CA LEU B 42 -9.11 -11.04 -5.70
C LEU B 42 -9.21 -9.72 -4.89
N ALA B 43 -8.28 -8.77 -5.07
CA ALA B 43 -8.29 -7.46 -4.42
C ALA B 43 -9.61 -6.68 -4.57
N GLY B 44 -10.35 -6.89 -5.67
CA GLY B 44 -11.68 -6.29 -5.91
C GLY B 44 -12.77 -6.72 -4.91
N GLN B 45 -12.48 -7.75 -4.10
CA GLN B 45 -13.34 -8.32 -3.06
C GLN B 45 -12.53 -8.64 -1.78
N ASN B 46 -11.37 -8.02 -1.60
CA ASN B 46 -10.49 -8.24 -0.44
C ASN B 46 -10.06 -6.90 0.19
N THR B 47 -8.91 -6.85 0.88
CA THR B 47 -8.38 -5.68 1.60
C THR B 47 -9.46 -5.01 2.49
N VAL B 48 -9.66 -3.69 2.43
CA VAL B 48 -10.59 -2.94 3.28
C VAL B 48 -11.39 -1.86 2.53
N ASP B 49 -12.60 -1.57 3.01
CA ASP B 49 -13.51 -0.55 2.44
C ASP B 49 -14.29 0.21 3.55
N GLU B 50 -15.53 -0.13 3.84
CA GLU B 50 -16.32 0.53 4.91
C GLU B 50 -15.68 0.39 6.31
N VAL B 51 -14.90 -0.67 6.51
CA VAL B 51 -14.19 -1.01 7.77
C VAL B 51 -12.96 -0.13 8.08
N TYR B 52 -12.51 0.74 7.15
CA TYR B 52 -11.33 1.61 7.37
C TYR B 52 -11.44 3.05 6.83
N VAL B 53 -12.25 3.28 5.78
CA VAL B 53 -12.27 4.57 5.07
C VAL B 53 -12.59 5.79 5.92
N SER B 54 -13.50 5.68 6.90
CA SER B 54 -13.89 6.81 7.76
C SER B 54 -14.60 6.37 9.04
N ARG B 55 -14.91 7.33 9.94
CA ARG B 55 -15.66 7.10 11.19
C ARG B 55 -17.05 6.48 10.92
N PRO B 56 -17.49 5.42 11.63
CA PRO B 56 -18.79 4.76 11.45
C PRO B 56 -20.06 5.65 11.43
N SER B 57 -20.00 6.86 12.01
CA SER B 57 -21.13 7.82 12.07
C SER B 57 -20.66 9.28 12.00
ZN ZN C . 2.76 -6.80 11.62
ZN ZN D . -7.33 11.78 8.32
ZN ZN E . -2.13 -0.79 -10.79
N ALA A 1 16.20 8.45 -21.23
CA ALA A 1 15.65 9.64 -20.57
C ALA A 1 15.57 9.47 -19.04
N THR A 2 15.21 10.54 -18.32
CA THR A 2 15.06 10.52 -16.84
C THR A 2 13.76 9.84 -16.37
N GLY A 3 12.88 9.44 -17.28
CA GLY A 3 11.61 8.75 -17.01
C GLY A 3 10.65 9.53 -16.09
N PRO A 4 10.27 10.80 -16.41
CA PRO A 4 9.39 11.62 -15.56
C PRO A 4 7.98 11.02 -15.38
N THR A 5 7.53 10.18 -16.31
CA THR A 5 6.23 9.47 -16.30
C THR A 5 6.34 8.03 -15.76
N ALA A 6 7.51 7.62 -15.27
CA ALA A 6 7.77 6.27 -14.75
C ALA A 6 8.41 6.22 -13.36
N ASP A 7 9.27 7.19 -13.04
CA ASP A 7 10.01 7.44 -11.80
C ASP A 7 10.18 6.21 -10.86
N PRO A 8 11.21 5.37 -11.12
CA PRO A 8 11.50 4.16 -10.33
C PRO A 8 11.51 4.35 -8.81
N GLU A 9 12.11 5.46 -8.34
CA GLU A 9 12.22 5.77 -6.91
C GLU A 9 10.85 6.08 -6.28
N LYS A 10 10.04 6.94 -6.93
CA LYS A 10 8.69 7.27 -6.47
C LYS A 10 7.78 6.04 -6.52
N ARG A 11 7.85 5.27 -7.62
CA ARG A 11 7.12 4.02 -7.83
C ARG A 11 7.40 3.04 -6.69
N LYS A 12 8.65 2.91 -6.25
CA LYS A 12 9.03 2.11 -5.07
C LYS A 12 8.39 2.67 -3.80
N LEU A 13 8.45 3.98 -3.56
CA LEU A 13 7.84 4.62 -2.37
C LEU A 13 6.32 4.41 -2.24
N ILE A 14 5.51 4.60 -3.29
CA ILE A 14 4.07 4.30 -3.18
C ILE A 14 3.82 2.79 -2.97
N GLN A 15 4.52 1.92 -3.71
CA GLN A 15 4.42 0.44 -3.50
C GLN A 15 4.68 0.05 -2.05
N GLN A 16 5.75 0.59 -1.46
CA GLN A 16 6.17 0.28 -0.10
C GLN A 16 5.11 0.69 0.94
N GLN A 17 4.54 1.91 0.86
CA GLN A 17 3.45 2.31 1.76
C GLN A 17 2.20 1.44 1.55
N LEU A 18 1.83 1.15 0.28
CA LEU A 18 0.68 0.29 -0.06
C LEU A 18 0.80 -1.07 0.66
N VAL A 19 1.90 -1.78 0.45
CA VAL A 19 2.16 -3.09 1.07
C VAL A 19 2.25 -3.02 2.60
N LEU A 20 2.86 -1.98 3.17
CA LEU A 20 2.92 -1.82 4.62
C LEU A 20 1.51 -1.72 5.23
N LEU A 21 0.58 -1.00 4.58
CA LEU A 21 -0.83 -0.92 5.02
C LEU A 21 -1.51 -2.31 4.92
N LEU A 22 -1.28 -3.03 3.80
CA LEU A 22 -1.81 -4.39 3.59
C LEU A 22 -1.36 -5.34 4.70
N HIS A 23 -0.09 -5.25 5.12
CA HIS A 23 0.42 -6.06 6.23
C HIS A 23 -0.25 -5.66 7.55
N ALA A 24 -0.15 -4.37 7.90
CA ALA A 24 -0.65 -3.79 9.13
C ALA A 24 -2.12 -4.09 9.42
N HIS A 25 -3.02 -4.06 8.43
CA HIS A 25 -4.43 -4.39 8.65
C HIS A 25 -4.57 -5.86 9.13
N LYS A 26 -3.99 -6.82 8.38
CA LYS A 26 -4.01 -8.24 8.75
C LYS A 26 -3.29 -8.50 10.09
N CYS A 27 -2.22 -7.75 10.37
CA CYS A 27 -1.50 -7.81 11.63
C CYS A 27 -2.39 -7.31 12.80
N GLN A 28 -3.21 -6.28 12.56
CA GLN A 28 -4.20 -5.81 13.53
C GLN A 28 -5.30 -6.88 13.73
N ARG A 29 -5.70 -7.61 12.67
CA ARG A 29 -6.65 -8.75 12.80
C ARG A 29 -6.04 -9.86 13.67
N ARG A 30 -4.76 -10.20 13.47
CA ARG A 30 -4.01 -11.17 14.30
C ARG A 30 -3.94 -10.71 15.76
N GLU A 31 -3.75 -9.41 16.00
CA GLU A 31 -3.76 -8.81 17.34
C GLU A 31 -5.15 -8.92 17.98
N GLN A 32 -6.21 -8.54 17.27
CA GLN A 32 -7.60 -8.60 17.74
C GLN A 32 -8.05 -10.01 18.17
N ALA A 33 -7.47 -11.06 17.57
CA ALA A 33 -7.72 -12.47 17.92
C ALA A 33 -7.19 -12.87 19.32
N ASN A 34 -6.39 -12.03 19.98
CA ASN A 34 -5.80 -12.26 21.30
C ASN A 34 -6.00 -11.09 22.29
N GLY A 35 -5.84 -9.86 21.82
CA GLY A 35 -6.01 -8.60 22.58
C GLY A 35 -4.72 -7.99 23.14
N GLU A 36 -3.65 -8.77 23.32
CA GLU A 36 -2.37 -8.33 23.90
C GLU A 36 -1.13 -8.92 23.18
N VAL A 37 -1.26 -9.35 21.93
CA VAL A 37 -0.16 -9.96 21.16
C VAL A 37 1.02 -8.98 20.98
N ARG A 38 2.26 -9.52 21.01
CA ARG A 38 3.49 -8.76 20.78
C ARG A 38 3.74 -8.58 19.27
N ALA A 39 4.49 -7.54 18.90
CA ALA A 39 4.79 -7.23 17.50
C ALA A 39 5.50 -8.37 16.74
N CYS A 40 5.28 -8.42 15.43
CA CYS A 40 5.81 -9.37 14.47
C CYS A 40 7.30 -9.14 14.16
N SER A 41 7.59 -8.26 13.18
CA SER A 41 8.93 -7.88 12.71
C SER A 41 8.96 -6.69 11.74
N LEU A 42 7.83 -6.24 11.18
CA LEU A 42 7.78 -5.13 10.21
C LEU A 42 8.25 -3.79 10.82
N PRO A 43 9.28 -3.13 10.25
CA PRO A 43 9.85 -1.84 10.70
C PRO A 43 8.87 -0.70 11.06
N HIS A 44 7.70 -0.65 10.39
CA HIS A 44 6.70 0.42 10.55
C HIS A 44 5.27 -0.10 10.78
N CYS A 45 5.11 -1.33 11.26
CA CYS A 45 3.81 -1.95 11.52
C CYS A 45 2.92 -1.05 12.42
N ARG A 46 3.48 -0.55 13.53
CA ARG A 46 2.82 0.38 14.46
C ARG A 46 2.42 1.71 13.81
N THR A 47 3.24 2.21 12.88
CA THR A 47 3.00 3.46 12.13
C THR A 47 1.72 3.32 11.30
N MET A 48 1.64 2.22 10.54
CA MET A 48 0.49 1.88 9.71
C MET A 48 -0.78 1.60 10.53
N LYS A 49 -0.69 0.83 11.62
CA LYS A 49 -1.83 0.54 12.52
C LYS A 49 -2.44 1.84 13.08
N ASN A 50 -1.60 2.78 13.51
CA ASN A 50 -2.04 4.10 13.99
C ASN A 50 -2.68 4.94 12.87
N VAL A 51 -2.12 4.91 11.65
CA VAL A 51 -2.65 5.63 10.48
C VAL A 51 -4.02 5.08 10.06
N LEU A 52 -4.16 3.76 10.00
CA LEU A 52 -5.42 3.08 9.66
C LEU A 52 -6.50 3.36 10.71
N ASN A 53 -6.16 3.24 11.99
CA ASN A 53 -7.08 3.56 13.09
C ASN A 53 -7.56 5.02 13.00
N HIS A 54 -6.65 5.97 12.70
CA HIS A 54 -7.01 7.38 12.48
C HIS A 54 -7.97 7.49 11.28
N MET A 55 -7.63 6.93 10.13
CA MET A 55 -8.44 6.92 8.90
C MET A 55 -9.85 6.38 9.13
N THR A 56 -9.98 5.35 9.98
CA THR A 56 -11.25 4.72 10.38
C THR A 56 -12.14 5.59 11.28
N HIS A 57 -11.71 6.82 11.60
CA HIS A 57 -12.46 7.83 12.37
C HIS A 57 -12.46 9.20 11.65
N CYS A 58 -11.42 9.48 10.86
CA CYS A 58 -11.26 10.67 10.04
C CYS A 58 -12.29 10.71 8.89
N GLN A 59 -12.82 11.91 8.60
CA GLN A 59 -13.83 12.17 7.57
C GLN A 59 -13.34 13.14 6.48
N ALA A 60 -12.06 13.56 6.52
CA ALA A 60 -11.46 14.46 5.53
C ALA A 60 -11.12 13.79 4.17
N GLY A 61 -11.28 12.47 4.07
CA GLY A 61 -11.06 11.64 2.87
C GLY A 61 -9.66 11.72 2.26
N LYS A 62 -9.44 12.69 1.37
CA LYS A 62 -8.16 12.94 0.66
C LYS A 62 -7.63 14.37 0.84
N ALA A 63 -8.11 15.09 1.85
CA ALA A 63 -7.74 16.47 2.18
C ALA A 63 -7.32 16.66 3.66
N CYS A 64 -7.02 15.57 4.38
CA CYS A 64 -6.61 15.57 5.78
C CYS A 64 -5.27 16.30 6.05
N GLN A 65 -5.05 16.66 7.31
CA GLN A 65 -3.82 17.28 7.82
C GLN A 65 -2.74 16.22 8.16
N VAL A 66 -3.13 14.96 8.40
CA VAL A 66 -2.21 13.85 8.68
C VAL A 66 -1.62 13.36 7.34
N ALA A 67 -0.30 13.52 7.17
CA ALA A 67 0.42 13.21 5.92
C ALA A 67 0.20 11.79 5.37
N HIS A 68 0.18 10.77 6.23
CA HIS A 68 -0.02 9.38 5.81
C HIS A 68 -1.49 8.99 5.61
N CYS A 69 -2.46 9.69 6.22
CA CYS A 69 -3.90 9.39 6.13
C CYS A 69 -4.44 9.47 4.69
N ALA A 70 -4.48 10.68 4.11
CA ALA A 70 -5.01 10.91 2.78
C ALA A 70 -4.27 10.13 1.69
N SER A 71 -2.94 9.98 1.81
CA SER A 71 -2.15 9.20 0.86
C SER A 71 -2.55 7.73 0.92
N SER A 72 -2.55 7.15 2.11
CA SER A 72 -2.98 5.76 2.36
C SER A 72 -4.40 5.49 1.85
N ARG A 73 -5.35 6.40 2.12
CA ARG A 73 -6.75 6.29 1.66
C ARG A 73 -6.85 6.16 0.12
N GLN A 74 -6.00 6.88 -0.61
CA GLN A 74 -5.88 6.79 -2.08
C GLN A 74 -5.13 5.53 -2.53
N ILE A 75 -4.01 5.19 -1.88
CA ILE A 75 -3.12 4.07 -2.23
C ILE A 75 -3.82 2.69 -2.18
N ILE A 76 -4.61 2.43 -1.12
CA ILE A 76 -5.35 1.18 -0.92
C ILE A 76 -6.33 0.93 -2.07
N SER A 77 -7.06 1.97 -2.48
CA SER A 77 -8.03 1.92 -3.60
C SER A 77 -7.44 1.54 -4.96
N HIS A 78 -6.14 1.71 -5.21
CA HIS A 78 -5.53 1.30 -6.49
C HIS A 78 -5.53 -0.24 -6.62
N TRP A 79 -4.95 -0.94 -5.63
CA TRP A 79 -4.87 -2.42 -5.57
C TRP A 79 -6.25 -3.10 -5.62
N LYS A 80 -7.27 -2.45 -5.04
CA LYS A 80 -8.68 -2.91 -5.05
C LYS A 80 -9.37 -2.88 -6.43
N ASN A 81 -8.79 -2.22 -7.44
CA ASN A 81 -9.40 -2.03 -8.76
C ASN A 81 -8.52 -2.41 -9.96
N CYS A 82 -7.19 -2.27 -9.88
CA CYS A 82 -6.27 -2.58 -10.98
C CYS A 82 -6.18 -4.10 -11.27
N THR A 83 -6.11 -4.44 -12.56
CA THR A 83 -6.00 -5.81 -13.10
C THR A 83 -4.94 -5.97 -14.19
N ARG A 84 -4.30 -4.87 -14.63
CA ARG A 84 -3.24 -4.83 -15.64
C ARG A 84 -2.00 -5.62 -15.17
N HIS A 85 -1.64 -6.67 -15.91
CA HIS A 85 -0.51 -7.56 -15.61
C HIS A 85 0.89 -6.91 -15.72
N ASP A 86 1.00 -5.69 -16.25
CA ASP A 86 2.26 -4.94 -16.41
C ASP A 86 2.23 -3.54 -15.77
N CYS A 87 1.25 -3.28 -14.89
CA CYS A 87 1.17 -2.07 -14.09
C CYS A 87 2.49 -1.92 -13.30
N PRO A 88 3.19 -0.77 -13.37
CA PRO A 88 4.49 -0.62 -12.71
C PRO A 88 4.40 -0.81 -11.20
N VAL A 89 3.33 -0.28 -10.59
CA VAL A 89 3.10 -0.33 -9.15
C VAL A 89 2.58 -1.70 -8.71
N CYS A 90 1.53 -2.22 -9.32
CA CYS A 90 0.98 -3.51 -8.90
C CYS A 90 1.87 -4.72 -9.22
N LEU A 91 2.69 -4.72 -10.27
CA LEU A 91 3.48 -5.91 -10.67
C LEU A 91 4.13 -6.69 -9.51
N PRO A 92 4.92 -6.09 -8.59
CA PRO A 92 5.46 -6.83 -7.46
C PRO A 92 4.37 -7.46 -6.57
N LEU A 93 3.20 -6.83 -6.36
CA LEU A 93 2.08 -7.39 -5.60
C LEU A 93 1.37 -8.51 -6.40
N LYS A 94 1.16 -8.31 -7.70
CA LYS A 94 0.58 -9.29 -8.64
C LYS A 94 1.48 -10.54 -8.71
N ASN A 95 2.79 -10.37 -8.54
CA ASN A 95 3.78 -11.45 -8.42
C ASN A 95 3.73 -12.08 -7.01
N ALA A 96 3.70 -11.26 -5.94
CA ALA A 96 3.58 -11.67 -4.52
C ALA A 96 2.35 -12.56 -4.25
N SER A 97 1.33 -12.47 -5.10
CA SER A 97 0.07 -13.19 -5.00
C SER A 97 -0.14 -14.27 -6.08
N ASP A 98 0.92 -14.59 -6.82
CA ASP A 98 0.96 -15.64 -7.86
C ASP A 98 2.35 -16.32 -7.94
N LYS A 99 3.13 -16.26 -6.84
CA LYS A 99 4.50 -16.78 -6.73
C LYS A 99 4.53 -18.32 -6.65
N ARG A 100 5.45 -18.95 -7.39
CA ARG A 100 5.67 -20.40 -7.44
C ARG A 100 5.91 -21.00 -6.04
N GLY B 1 13.89 6.72 -14.89
CA GLY B 1 15.23 6.13 -14.97
C GLY B 1 15.50 5.36 -16.27
N SER B 2 14.67 5.58 -17.31
CA SER B 2 14.72 4.93 -18.64
C SER B 2 16.11 4.79 -19.27
N HIS B 3 17.02 5.75 -19.02
CA HIS B 3 18.40 5.75 -19.50
C HIS B 3 19.29 4.64 -18.91
N MET B 4 18.88 3.98 -17.83
CA MET B 4 19.66 2.92 -17.13
C MET B 4 18.86 1.69 -16.70
N VAL B 5 17.55 1.82 -16.51
CA VAL B 5 16.63 0.75 -16.09
C VAL B 5 15.24 0.85 -16.73
N PRO B 6 14.59 -0.29 -17.09
CA PRO B 6 13.23 -0.28 -17.63
C PRO B 6 12.21 0.00 -16.51
N GLU B 7 11.19 0.80 -16.80
CA GLU B 7 10.14 1.18 -15.83
C GLU B 7 8.82 1.54 -16.55
N PRO B 8 7.74 0.73 -16.40
CA PRO B 8 6.44 1.03 -17.00
C PRO B 8 5.83 2.39 -16.59
N ASP B 9 4.86 2.86 -17.37
CA ASP B 9 4.12 4.12 -17.18
C ASP B 9 3.34 4.19 -15.84
N LEU B 10 3.79 5.02 -14.90
CA LEU B 10 3.23 5.14 -13.54
C LEU B 10 1.75 5.61 -13.55
N PRO B 11 0.88 5.04 -12.69
CA PRO B 11 -0.54 5.34 -12.68
C PRO B 11 -0.86 6.76 -12.18
N HIS B 12 -1.53 7.55 -13.02
CA HIS B 12 -1.89 8.96 -12.75
C HIS B 12 -2.60 9.18 -11.41
N ASP B 13 -3.46 8.26 -10.98
CA ASP B 13 -4.16 8.35 -9.69
C ASP B 13 -3.20 8.28 -8.48
N LEU B 14 -2.08 7.56 -8.60
CA LEU B 14 -1.02 7.51 -7.57
C LEU B 14 0.04 8.59 -7.77
N ARG B 15 0.31 9.06 -9.00
CA ARG B 15 1.32 10.12 -9.28
C ARG B 15 1.08 11.39 -8.47
N HIS B 16 -0.19 11.70 -8.16
CA HIS B 16 -0.60 12.84 -7.34
C HIS B 16 -0.30 12.68 -5.84
N LEU B 17 0.06 11.49 -5.35
CA LEU B 17 0.40 11.24 -3.95
C LEU B 17 1.72 11.92 -3.57
N ASN B 18 1.75 12.65 -2.45
CA ASN B 18 2.98 13.23 -1.91
C ASN B 18 3.83 12.09 -1.32
N THR B 19 4.97 11.78 -1.93
CA THR B 19 5.88 10.70 -1.52
C THR B 19 6.95 11.09 -0.50
N GLU B 20 7.10 12.37 -0.15
CA GLU B 20 8.07 12.80 0.86
C GLU B 20 7.87 12.11 2.23
N PRO B 21 6.64 11.95 2.78
CA PRO B 21 6.43 11.20 4.01
C PRO B 21 6.85 9.73 3.89
N MET B 22 6.59 9.11 2.71
CA MET B 22 6.93 7.71 2.44
C MET B 22 8.43 7.41 2.48
N GLU B 23 9.31 8.41 2.41
CA GLU B 23 10.77 8.20 2.46
C GLU B 23 11.24 7.39 3.68
N ILE B 24 10.48 7.36 4.79
CA ILE B 24 10.82 6.52 5.95
C ILE B 24 10.71 5.01 5.62
N PHE B 25 9.86 4.62 4.67
CA PHE B 25 9.63 3.25 4.20
C PHE B 25 10.58 2.78 3.09
N ARG B 26 11.37 3.69 2.51
CA ARG B 26 12.24 3.48 1.34
C ARG B 26 13.17 2.25 1.35
N ASN B 27 13.53 1.73 2.52
CA ASN B 27 14.36 0.54 2.69
C ASN B 27 13.87 -0.35 3.87
N SER B 28 12.54 -0.42 4.07
CA SER B 28 11.91 -1.10 5.22
C SER B 28 10.76 -2.06 4.88
N VAL B 29 10.67 -2.53 3.63
CA VAL B 29 9.57 -3.40 3.16
C VAL B 29 10.05 -4.45 2.15
N LYS B 30 9.35 -5.59 2.10
CA LYS B 30 9.57 -6.71 1.17
C LYS B 30 8.25 -6.98 0.42
N ILE B 31 8.04 -6.23 -0.67
CA ILE B 31 6.80 -6.19 -1.47
C ILE B 31 6.25 -7.60 -1.78
N GLU B 32 7.15 -8.55 -2.08
CA GLU B 32 6.81 -9.93 -2.44
C GLU B 32 6.64 -10.90 -1.26
N GLU B 33 7.16 -10.61 -0.06
CA GLU B 33 7.09 -11.51 1.10
C GLU B 33 5.91 -11.24 2.04
N ILE B 34 5.38 -10.01 2.08
CA ILE B 34 4.25 -9.60 2.93
C ILE B 34 2.94 -10.33 2.57
N MET B 35 2.69 -10.52 1.27
CA MET B 35 1.45 -11.10 0.72
C MET B 35 1.21 -12.56 1.16
N PRO B 36 -0.06 -12.98 1.41
CA PRO B 36 -0.39 -14.37 1.76
C PRO B 36 -0.26 -15.37 0.58
N ASN B 37 0.19 -14.92 -0.59
CA ASN B 37 0.42 -15.66 -1.83
C ASN B 37 -0.69 -16.65 -2.24
N GLY B 38 -1.83 -16.11 -2.68
CA GLY B 38 -3.00 -16.88 -3.14
C GLY B 38 -3.59 -16.34 -4.46
N ASP B 39 -4.00 -15.07 -4.47
CA ASP B 39 -4.56 -14.35 -5.63
C ASP B 39 -4.50 -12.82 -5.41
N PRO B 40 -4.49 -11.98 -6.46
CA PRO B 40 -4.63 -10.53 -6.28
C PRO B 40 -6.11 -10.14 -6.06
N LEU B 41 -7.05 -10.95 -6.60
CA LEU B 41 -8.51 -10.80 -6.47
C LEU B 41 -9.03 -11.07 -5.04
N LEU B 42 -8.14 -11.60 -4.18
CA LEU B 42 -8.29 -11.90 -2.76
C LEU B 42 -8.55 -10.63 -1.92
N ALA B 43 -8.47 -9.44 -2.54
CA ALA B 43 -8.65 -8.10 -1.96
C ALA B 43 -9.88 -7.96 -1.04
N GLY B 44 -10.95 -8.74 -1.26
CA GLY B 44 -12.14 -8.79 -0.38
C GLY B 44 -11.82 -9.13 1.09
N GLN B 45 -10.71 -9.84 1.32
CA GLN B 45 -10.19 -10.25 2.64
C GLN B 45 -8.73 -9.84 2.87
N ASN B 46 -7.94 -9.62 1.80
CA ASN B 46 -6.54 -9.19 1.87
C ASN B 46 -6.35 -7.70 2.23
N THR B 47 -7.40 -6.89 2.09
CA THR B 47 -7.40 -5.44 2.38
C THR B 47 -8.77 -4.97 2.92
N VAL B 48 -9.07 -3.68 2.86
CA VAL B 48 -10.22 -3.02 3.50
C VAL B 48 -11.03 -2.06 2.61
N ASP B 49 -12.33 -1.91 2.91
CA ASP B 49 -13.24 -1.02 2.20
C ASP B 49 -14.29 -0.38 3.13
N GLU B 50 -15.43 -1.03 3.38
CA GLU B 50 -16.52 -0.55 4.27
C GLU B 50 -16.18 -0.66 5.78
N VAL B 51 -14.90 -0.79 6.12
CA VAL B 51 -14.37 -1.02 7.48
C VAL B 51 -13.15 -0.14 7.84
N TYR B 52 -12.75 0.80 6.97
CA TYR B 52 -11.60 1.70 7.21
C TYR B 52 -11.73 3.13 6.61
N VAL B 53 -12.56 3.29 5.58
CA VAL B 53 -12.63 4.53 4.78
C VAL B 53 -13.22 5.76 5.49
N SER B 54 -14.00 5.57 6.56
CA SER B 54 -14.64 6.64 7.34
C SER B 54 -15.02 6.16 8.75
N ARG B 55 -15.60 7.05 9.57
CA ARG B 55 -16.07 6.80 10.94
C ARG B 55 -17.02 5.60 11.09
N PRO B 56 -17.04 4.92 12.26
CA PRO B 56 -17.99 3.83 12.50
C PRO B 56 -19.41 4.37 12.64
N SER B 57 -20.36 3.78 11.91
CA SER B 57 -21.79 4.20 11.88
C SER B 57 -22.71 3.00 11.64
ZN ZN C . 2.88 -6.76 11.54
ZN ZN D . -7.21 11.89 8.38
ZN ZN E . -2.15 -1.08 -10.81
#